data_6ZH8
#
_entry.id   6ZH8
#
_cell.length_a   1.00
_cell.length_b   1.00
_cell.length_c   1.00
_cell.angle_alpha   90.00
_cell.angle_beta   90.00
_cell.angle_gamma   90.00
#
_symmetry.space_group_name_H-M   'P 1'
#
loop_
_entity.id
_entity.type
_entity.pdbx_description
1 polymer 'DNA-dependent protein kinase catalytic subunit,DNA-PKcs'
2 polymer "DNA (5'-D(P*AP*GP*TP*TP*TP*TP*TP*AP*GP*TP*T)-3')"
3 polymer "DNA (5'-D(P*AP*CP*TP*AP*AP*AP*AP*A)-3')"
#
loop_
_entity_poly.entity_id
_entity_poly.type
_entity_poly.pdbx_seq_one_letter_code
_entity_poly.pdbx_strand_id
1 'polypeptide(L)'
;MAGSGAGVRCSLLRLQETLSAADRCGAALAGHQLIRGLGQECVLSSSPAVLALQTSLVFSRDFGLLVFVRKSLNSIEFRE
CREEILKFLCIFLEKMGQKIAPYSVEIKNTCTSVYTKDRAAKCKIPALDLLIKLLQTFRSSRLMDEFKIGELFSKFYGEL
ALKKKIPDTVLEKVYELLGLLGEVHPSEMINNAENLFRAFLGELKTQMTSAVREPKLPVLAGCLKGLSSLLCNFTKSMEE
DPQTSREIFNFVLKAIRPQIDLKRYAVPSAGLRLFALHASQFSTCLLDNYVSLFEVLLKWCAHTNVELKKAALSALESFL
KQVSNMVAKNAEMHKNKLQYFMEQFYGIIRNVDSNNKELSIAIRGYGLFAGPCKVINAKDVDFMYVELIQRCKQMFLTQT
DTGDDRVYQMPSFLQSVASVLLYLDTVPEVYTPVLEHLVVMQIDSFPQYSPKMQLVCCRAIVKVFLALAAKGPVLRNCIS
TVVHQGLIRICSKPVVLPKGPESESEDHRASGEVRTGKWKVPTYKDYVDLFRHLLSSDQMMDSILADEAFFSVNSSSESL
NHLLYDEFVKSVLKIVEKLDLTLEIQTVGEQENGDEAPGVWMIPTSDPAANLHPAKPKDFSAFINLVEFCREILPEKQAE
FFEPWVYSFSYELILQSTRLPLISGFYKLLSITVRNAKKIKYFEGVSPKSLKHSPEDPEKYSCFALFVKFGKEVAVKMKQ
YKDELLASCLTFLLSLPHNIIELDVRAYVPALQMAFKLGLSYTPLAEVGLNALEEWSIYIDRHVMQPYYKDILPCLDGYL
KTSALSDETKNNWEVSALSRAAQKGFNKVVLKHLKKTKNLSSNEAISLEEIRIRVVQMLGSLGGQINKNLLTVTSSDEMM
KSYVAWDREKRLSFAVPFREMKPVIFLDVFLPRVTELALTASDRQTKVAACELLHSMVMFMLGKATQMPEGGQGAPPMYQ
LYKRTFPVLLRLACDVDQVTRQLYEPLVMQLIHWFTNNKKFESQDTVALLEAILDGIVDPVDSTLRDFCGRCIREFLKWS
IKQITPQQQEKSPVNTKSLFKRLYSLALHPNAFKRLGASLAFNNIYREFREEESLVEQFVFEALVIYMESLALAHADEKS
LGTIQQCCDAIDHLCRIIEKKHVSLNKAKKRRLPRGFPPSASLCLLDLVKWLLAHCGRPQTECRHKSIELFYKFVPLLPG
NRSPNLWLKDVLKEEGVSFLINTFEGGGCGQPSGILAQPTLLYLRGPFSLQATLCWLDLLLAALECYNTFIGERTVGALQ
VLGTEAQSSLLKAVAFFLESIAMHDIIAAEKCFGTGAAGNRTSPQEGERYNYSKCTVVVRIMEFTTTLLNTSPEGWKLLK
KDLCNTHLMRVLVQTLCEPASIGFNIGDVQVMAHLPDVCVNLMKALKMSPYKDILETHLREKITAQSIEELCAVNLYGPD
AQVDRSRLAAVVSACKQLHRAGLLHNILPSQSTDLHHSVGTELLSLVYKGIAPGDERQCLPSLDLSCKQLASGLLELAFA
FGGLCERLVSLLLNPAVLSTASLGSSQGSVIHFSHGEYFYSLFSETINTELLKNLDLAVLELMQSSVDNTKMVSAVLNGM
LDQSFRERANQKHQGLKLATTILQHWKKCDSWWAKDSPLETKMAVLALLAKILQIDSSVSFNTSHGSFPEVFTTYISLLA
DTKLDLHLKGQAVTLLPFFTSLTGGSLEELRRVLEQLIVAHFPMQSREFPPGTPRFNNYVDCMKKFLDALELSQSPMLLE
LMTEVLCREQQHVMEELFQSSFRRIARRGSCVTQVGLLESVYEMFRKDDPRLSFTRQSFVDRSLLTLLWHCSLDALREFF
STIVVDAIDVLKSRFTKLNESTFDTQITKKMGYYKILDVMYSRLPKDDVHAKESKINQVFHGSCITEGNELTKTLIKLCY
DAFTENMAGENQLLERRRLYHCAAYNCAISVICCVFNELKFYQGFLFSEKPEKNLLIFENLIDLKRRYNFPVEVEVPMER
KKKYIEIRKEAREAANGDSDGPSYMSSLSYLADSTLSEEMSQFDFSTGVQSYSYSSQDPRPATGRFRRREQRDPTVHDDV
LELEMDELNRHECMAPLTALVKHMHRSLGPPQGEEDSVPRDLPSWMKFLHGKLGNPIVPLNIRLFLAKLVINTEEVFRPY
AKHWLSPLLQLAASENNGGEGIHYMVVEIVATILSWTGLATPTGVPKDEVLANRLLNFLMKHVFHPKRAVFRHNLEIIKT
LVECWKDCLSIPYRLIFEKFSGKDPNSKDNSVGIQLLGIVMANDLPPYDPQCGIQSSEYFQALVNNMSFVRYKEVYAAAA
EVLGLILRYVMERKNILEESLCELVAKQLKQHQNTMEDKFIVCLNKVTKSFPPLADRFMNAVFFLLPKFHGVLKTLCLEV
VLCRVEGMTELYFQLKSKDFVQVMRHRDDERQKVCLDIIYKMMPKLKPVELRELLNPVVEFVSHPSTTCREQMYNILMWI
HDNYRDPESETDNDSQEIFKLAKDVLIQGLIDENPGLQLIIRNFWSHETRLPSNTLDRLLALNSLYSPKIEVHFLSLATN
FLLEMTSMSPDYPNPMFEHPLSECEFQEYTIDSDWRFRSTVLTPMFVETQASQGTLQTRTQEGSLSARWPVAGQIRATQQ
QHDFTLTQTADGRSSFDWLTGSSTDPLVDHTSPSSDSLLFAHKRSERLQRAPLKSVGPDFGKKRLGLPGDEVDNKVKGAA
GRTDLLRLRRRFMRDQEKLSLMYARKGVAEQKREKEIKSELKMKQDAQVVLYRSYRHGDLPDIQIKHSSLITPLQAVAQR
DPIIAKQLFSSLFSGILKEMDKFKTLSEKNNITQKLLQDFNRFLNTTFSFFPPFVSCIQDISCQHAALLSLDPAAVSAGC
LASLQQPVGIRLLEEALLRLLPAELPAKRVRGKARLPPDVLRWVELAKLYRSIGEYDVLRGIFTSEIGTKQITQSALLAE
ARSDYSEAAKQYDEALNKQDWVDGEPTEAEKDFWELASLDCYNHLAEWKSLEYCSTASIDSENPPDLNKIWSEPFYQETY
LPYMIRSKLKLLLQGEADQSLLTFIDKAMHGELQKAILELHYSQELSLLYLLQDDVDRAKYYIQNGIQSFMQNYSSIDVL
LHQSRLTKLQSVQALTEIQEFISFISKQGNLSSQVPLKRLLNTWTNRYPDAKMDPMNIWDDIITNRCFFLSKIEEKLTPL
PEDNSMNVDQDGDPSDRMEVQEQEEDISSLIRSCKFSMKMKMIDSARKQNNFSLAMKLLKELHKESKTRDDWLVSWVQSY
CRLSHCRSRSQGCSEQVLTVLKTVSLLDENNVSSYLSKNILAFRDQNILLGTTYRIIANALSSEPACLAEIEEDKARRIL
ELSGSSSEDSEKVIAGLYQRAFQHLSEAVQAAEEEAQPPSWSCGPAAGVIDAYMTLADFCDQQLRKEEENASVIDSAELQ
AYPALVVEKMLKALKLNSNEARLKFPRLLQIIERYPEETLSLMTKEISSVPCWQFISWISHMVALLDKDQAVAVQHSVEE
ITDNYPQAIVYPFIISSESYSFKDTSTGHKNKEFVARIKSKLDQGGVIQDFINALDQLSNPELLFKDWSNDVRAELAKTP
VNKKNIEKMYERMYAALGDPKAPGLGAFRRKFIQTFGKEFDKHFGKGGSKLLRMKLSDFNDITNMLLLKMNKDSKPPGNL
KECSPWMSDFKVEFLRNELEIPGQYDGRGKPLPEYHVRIAGFDERVTVMASLRRPKRIIIRGHDEREHPFLVKGGEDLRQ
DQRVEQLFQVMNGILAQDSACSQRALQLRTYSVVPMTSRLGLIEWLENTVTLKDLLLNTMSQEEKAAYLSDPRAPPCEYK
DWLTKMSGKHDVGAYMLMYKGANRTETVTSFRKRESKVPADLLKRAFVRMSTSPEAFLALRSHFASSHALICISHWILGI
GDRHLNNFMVAMETGGVIGIDFGHAFGSATQFLPVPELMPFRLTRQFINLMLPMKETGLMYSIMVHALRAFRSDPGLLTN
TMDVFVKEPSFDWKNFEQKMLKKGGSWIQEINVAEKNWYPRQKICYAKRKLAGANPAVITCDELLLGHEKAPAFRDYVAV
ARGSKDHNIRAQEPESGLSEETQVKCLMDQATDPNILGRTWEGWEPWM(UNK)(UNK)(UNK)(UNK)(UNK)(UNK)
(UNK)(UNK)(UNK)(UNK)(UNK)(UNK)(UNK)(UNK)(UNK)(UNK)(UNK)(UNK)(UNK)(UNK)(UNK)(UNK)
(UNK)(UNK)(UNK)(UNK)(UNK)(UNK)
;
A
2 'polydeoxyribonucleotide' (DA)(DG)(DT)(DT)(DT)(DT)(DT)(DA)(DG)(DT)(DT) B
3 'polydeoxyribonucleotide' (DA)(DC)(DT)(DA)(DA)(DA)(DA)(DA) C
#
# COMPACT_ATOMS: atom_id res chain seq x y z
N ARG A 9 -4.39 -39.12 15.61
CA ARG A 9 -5.07 -40.39 15.83
C ARG A 9 -4.67 -41.02 17.15
N CYS A 10 -5.65 -41.29 18.01
CA CYS A 10 -5.41 -41.91 19.30
C CYS A 10 -5.22 -43.42 19.20
N SER A 11 -5.01 -43.95 17.99
CA SER A 11 -4.75 -45.39 17.84
C SER A 11 -3.47 -45.80 18.54
N LEU A 12 -2.44 -44.95 18.52
CA LEU A 12 -1.22 -45.25 19.25
C LEU A 12 -1.49 -45.35 20.75
N LEU A 13 -2.29 -44.41 21.29
CA LEU A 13 -2.63 -44.46 22.70
C LEU A 13 -3.44 -45.72 23.02
N ARG A 14 -4.39 -46.06 22.17
CA ARG A 14 -5.19 -47.25 22.39
C ARG A 14 -4.34 -48.51 22.37
N LEU A 15 -3.42 -48.61 21.41
CA LEU A 15 -2.57 -49.79 21.33
C LEU A 15 -1.60 -49.85 22.49
N GLN A 16 -1.11 -48.69 22.95
CA GLN A 16 -0.25 -48.68 24.13
C GLN A 16 -1.01 -49.12 25.37
N GLU A 17 -2.26 -48.67 25.51
CA GLU A 17 -3.08 -49.11 26.64
C GLU A 17 -3.35 -50.60 26.59
N THR A 18 -3.61 -51.14 25.38
CA THR A 18 -3.79 -52.58 25.24
C THR A 18 -2.51 -53.32 25.60
N LEU A 19 -1.35 -52.80 25.17
CA LEU A 19 -0.09 -53.41 25.52
C LEU A 19 0.12 -53.43 27.02
N SER A 20 -0.18 -52.30 27.68
CA SER A 20 -0.06 -52.22 29.13
C SER A 20 -0.99 -53.22 29.81
N ALA A 21 -2.23 -53.30 29.35
CA ALA A 21 -3.20 -54.21 29.95
C ALA A 21 -2.79 -55.67 29.76
N ALA A 22 -2.19 -55.98 28.60
CA ALA A 22 -1.75 -57.35 28.34
C ALA A 22 -0.70 -57.77 29.34
N ASP A 23 0.23 -56.87 29.68
CA ASP A 23 1.19 -57.12 30.73
C ASP A 23 0.66 -56.77 32.11
N ARG A 24 -0.48 -56.08 32.19
CA ARG A 24 -1.09 -55.77 33.48
C ARG A 24 -1.65 -57.00 34.17
N CYS A 25 -1.83 -58.11 33.45
CA CYS A 25 -2.48 -59.30 33.98
C CYS A 25 -1.50 -60.47 33.99
N GLY A 26 -1.42 -61.13 35.15
CA GLY A 26 -0.61 -62.32 35.29
C GLY A 26 0.89 -62.07 35.23
N ALA A 27 1.67 -63.11 35.51
CA ALA A 27 3.12 -63.06 35.45
C ALA A 27 3.71 -64.10 34.52
N ALA A 28 3.18 -65.32 34.54
CA ALA A 28 3.65 -66.38 33.64
C ALA A 28 3.21 -66.05 32.22
N LEU A 29 4.18 -65.81 31.34
CA LEU A 29 3.98 -65.56 29.92
C LEU A 29 3.32 -64.21 29.64
N ALA A 30 3.13 -63.37 30.67
CA ALA A 30 2.52 -62.06 30.46
C ALA A 30 3.45 -61.09 29.77
N GLY A 31 4.75 -61.40 29.72
CA GLY A 31 5.71 -60.61 28.99
C GLY A 31 6.68 -61.50 28.23
N HIS A 32 6.25 -62.73 27.97
CA HIS A 32 7.13 -63.69 27.30
C HIS A 32 7.51 -63.24 25.90
N GLN A 33 6.54 -62.72 25.14
CA GLN A 33 6.80 -62.31 23.76
C GLN A 33 6.38 -60.86 23.52
N LEU A 34 6.23 -60.08 24.57
CA LEU A 34 5.80 -58.69 24.44
C LEU A 34 6.91 -57.78 23.95
N ILE A 35 8.14 -58.30 23.79
CA ILE A 35 9.22 -57.48 23.28
C ILE A 35 8.88 -56.93 21.91
N ARG A 36 8.25 -57.75 21.06
CA ARG A 36 7.70 -57.22 19.82
C ARG A 36 6.53 -56.29 20.10
N GLY A 37 5.71 -56.62 21.08
CA GLY A 37 4.62 -55.74 21.47
C GLY A 37 5.11 -54.40 21.98
N LEU A 38 6.17 -54.41 22.79
CA LEU A 38 6.77 -53.16 23.23
C LEU A 38 7.39 -52.40 22.07
N GLY A 39 8.22 -53.09 21.28
CA GLY A 39 8.90 -52.42 20.18
C GLY A 39 7.95 -51.87 19.13
N GLN A 40 6.75 -52.44 19.03
CA GLN A 40 5.77 -51.95 18.07
C GLN A 40 5.44 -50.49 18.34
N GLU A 41 5.21 -50.14 19.60
CA GLU A 41 4.97 -48.74 19.97
C GLU A 41 6.27 -47.98 20.20
N CYS A 42 7.36 -48.68 20.50
CA CYS A 42 8.65 -48.00 20.66
C CYS A 42 9.08 -47.35 19.33
N VAL A 43 9.04 -48.12 18.25
CA VAL A 43 9.40 -47.57 16.95
C VAL A 43 8.37 -46.53 16.51
N LEU A 44 7.11 -46.71 16.90
CA LEU A 44 6.10 -45.72 16.56
C LEU A 44 6.39 -44.36 17.18
N SER A 45 7.20 -44.31 18.23
CA SER A 45 7.52 -43.05 18.90
C SER A 45 8.43 -42.25 17.99
N SER A 46 7.81 -41.63 16.98
CA SER A 46 8.50 -40.71 16.07
C SER A 46 7.48 -39.65 15.69
N SER A 47 7.49 -38.55 16.45
CA SER A 47 6.49 -37.49 16.33
C SER A 47 7.22 -36.16 16.16
N PRO A 48 7.67 -35.86 14.95
CA PRO A 48 8.32 -34.55 14.72
C PRO A 48 7.40 -33.37 14.92
N ALA A 49 6.08 -33.59 14.92
CA ALA A 49 5.15 -32.50 15.17
C ALA A 49 5.35 -31.93 16.57
N VAL A 50 5.31 -30.60 16.67
CA VAL A 50 5.65 -29.93 17.92
C VAL A 50 4.63 -30.19 19.01
N LEU A 51 3.36 -30.43 18.64
CA LEU A 51 2.31 -30.63 19.62
C LEU A 51 1.75 -32.06 19.64
N ALA A 52 2.00 -32.87 18.61
CA ALA A 52 1.66 -34.27 18.70
C ALA A 52 2.47 -35.00 19.76
N LEU A 53 3.54 -34.38 20.26
CA LEU A 53 4.28 -34.93 21.38
C LEU A 53 3.40 -35.04 22.62
N GLN A 54 2.55 -34.03 22.85
CA GLN A 54 1.69 -34.05 24.03
C GLN A 54 0.79 -35.28 24.06
N THR A 55 0.41 -35.79 22.88
CA THR A 55 -0.41 -36.99 22.81
C THR A 55 0.23 -38.15 23.57
N SER A 56 1.53 -38.30 23.44
CA SER A 56 2.25 -39.32 24.18
C SER A 56 2.71 -38.84 25.56
N LEU A 57 2.90 -37.53 25.71
CA LEU A 57 3.35 -36.99 27.00
C LEU A 57 2.29 -37.18 28.07
N VAL A 58 1.02 -37.01 27.71
CA VAL A 58 -0.05 -37.19 28.68
C VAL A 58 -0.12 -38.64 29.15
N PHE A 59 0.03 -39.59 28.23
CA PHE A 59 0.02 -40.99 28.62
C PHE A 59 1.31 -41.42 29.28
N SER A 60 2.37 -40.62 29.14
CA SER A 60 3.57 -40.88 29.92
C SER A 60 3.27 -40.85 31.41
N ARG A 61 2.35 -39.97 31.83
CA ARG A 61 1.94 -39.92 33.23
C ARG A 61 1.33 -41.24 33.69
N ASP A 62 0.39 -41.79 32.91
CA ASP A 62 -0.18 -43.08 33.24
C ASP A 62 0.88 -44.17 33.21
N PHE A 63 1.76 -44.12 32.23
CA PHE A 63 2.86 -45.06 32.17
C PHE A 63 3.74 -44.95 33.42
N GLY A 64 3.76 -43.77 34.04
CA GLY A 64 4.39 -43.61 35.34
C GLY A 64 3.72 -44.42 36.44
N LEU A 65 2.44 -44.77 36.28
CA LEU A 65 1.83 -45.75 37.16
C LEU A 65 2.12 -47.18 36.68
N LEU A 66 2.22 -47.35 35.37
CA LEU A 66 2.55 -48.67 34.82
C LEU A 66 3.93 -49.14 35.26
N VAL A 67 4.85 -48.21 35.51
CA VAL A 67 6.17 -48.62 35.99
C VAL A 67 6.07 -49.18 37.40
N PHE A 68 5.22 -48.60 38.24
CA PHE A 68 4.96 -49.20 39.54
C PHE A 68 4.23 -50.54 39.39
N VAL A 69 3.35 -50.64 38.39
CA VAL A 69 2.69 -51.90 38.11
C VAL A 69 3.72 -52.98 37.82
N ARG A 70 4.70 -52.67 36.98
CA ARG A 70 5.72 -53.65 36.62
C ARG A 70 6.78 -53.83 37.69
N LYS A 71 6.93 -52.87 38.60
CA LYS A 71 7.81 -53.11 39.74
C LYS A 71 7.14 -54.03 40.75
N SER A 72 5.82 -53.90 40.92
CA SER A 72 5.09 -54.72 41.87
C SER A 72 5.24 -56.20 41.56
N LEU A 73 5.39 -56.56 40.29
CA LEU A 73 5.49 -57.93 39.86
C LEU A 73 6.91 -58.23 39.39
N ASN A 74 7.36 -59.45 39.66
CA ASN A 74 8.74 -59.84 39.40
C ASN A 74 8.76 -61.18 38.68
N SER A 75 9.23 -61.18 37.44
CA SER A 75 9.45 -62.40 36.68
C SER A 75 10.49 -62.10 35.61
N ILE A 76 11.20 -63.14 35.17
CA ILE A 76 12.36 -62.94 34.30
C ILE A 76 11.95 -62.28 33.00
N GLU A 77 10.92 -62.82 32.33
CA GLU A 77 10.38 -62.15 31.16
C GLU A 77 9.71 -60.85 31.54
N PHE A 78 9.14 -60.78 32.75
CA PHE A 78 8.54 -59.55 33.22
C PHE A 78 9.61 -58.54 33.59
N ARG A 79 10.73 -59.00 34.14
CA ARG A 79 11.89 -58.13 34.29
C ARG A 79 12.38 -57.66 32.93
N GLU A 80 12.30 -58.53 31.91
CA GLU A 80 12.68 -58.13 30.56
C GLU A 80 11.80 -57.00 30.05
N CYS A 81 10.48 -57.13 30.23
CA CYS A 81 9.59 -56.07 29.78
C CYS A 81 9.84 -54.79 30.56
N ARG A 82 10.10 -54.92 31.87
CA ARG A 82 10.39 -53.76 32.68
C ARG A 82 11.63 -53.03 32.16
N GLU A 83 12.72 -53.77 31.94
CA GLU A 83 13.95 -53.11 31.51
C GLU A 83 13.80 -52.51 30.12
N GLU A 84 13.12 -53.21 29.20
CA GLU A 84 12.98 -52.65 27.87
C GLU A 84 12.09 -51.42 27.87
N ILE A 85 11.07 -51.38 28.73
CA ILE A 85 10.24 -50.19 28.77
C ILE A 85 10.96 -49.05 29.50
N LEU A 86 11.86 -49.39 30.43
CA LEU A 86 12.75 -48.38 30.98
C LEU A 86 13.65 -47.80 29.91
N LYS A 87 14.18 -48.66 29.05
CA LYS A 87 14.97 -48.19 27.92
C LYS A 87 14.15 -47.27 27.03
N PHE A 88 12.90 -47.65 26.78
CA PHE A 88 12.03 -46.83 25.94
C PHE A 88 11.77 -45.46 26.57
N LEU A 89 11.48 -45.43 27.87
CA LEU A 89 11.23 -44.14 28.50
C LEU A 89 12.50 -43.30 28.48
N CYS A 90 13.65 -43.93 28.67
CA CYS A 90 14.91 -43.19 28.67
C CYS A 90 15.18 -42.59 27.29
N ILE A 91 14.99 -43.37 26.23
CA ILE A 91 15.23 -42.83 24.90
C ILE A 91 14.18 -41.79 24.54
N PHE A 92 12.94 -41.99 25.00
CA PHE A 92 11.90 -41.00 24.78
C PHE A 92 12.26 -39.66 25.40
N LEU A 93 12.70 -39.69 26.65
CA LEU A 93 13.04 -38.44 27.33
C LEU A 93 14.31 -37.84 26.74
N GLU A 94 15.29 -38.66 26.37
CA GLU A 94 16.52 -38.10 25.82
C GLU A 94 16.28 -37.48 24.46
N LYS A 95 15.32 -38.00 23.68
CA LYS A 95 15.04 -37.46 22.36
C LYS A 95 13.83 -36.52 22.37
N MET A 96 12.68 -37.00 22.83
CA MET A 96 11.48 -36.17 22.86
C MET A 96 11.29 -35.45 24.17
N GLY A 97 11.82 -35.98 25.27
CA GLY A 97 11.45 -35.43 26.55
C GLY A 97 12.31 -34.25 26.98
N GLN A 98 11.81 -33.05 26.70
CA GLN A 98 12.50 -31.83 27.05
C GLN A 98 11.56 -30.82 27.68
N LYS A 99 10.37 -31.26 28.09
CA LYS A 99 9.33 -30.36 28.57
C LYS A 99 8.65 -30.92 29.82
N ILE A 100 9.32 -31.79 30.57
CA ILE A 100 8.69 -32.51 31.67
C ILE A 100 8.86 -31.64 32.91
N ALA A 101 7.99 -30.64 33.04
CA ALA A 101 7.97 -29.85 34.26
C ALA A 101 7.20 -30.59 35.35
N PRO A 102 5.98 -31.09 35.09
CA PRO A 102 5.42 -32.11 35.96
C PRO A 102 5.76 -33.47 35.39
N TYR A 103 5.50 -34.52 36.19
CA TYR A 103 5.88 -35.88 35.86
C TYR A 103 7.39 -36.08 35.95
N SER A 104 8.12 -35.00 36.22
CA SER A 104 9.56 -35.09 36.41
C SER A 104 9.89 -35.66 37.78
N VAL A 105 9.15 -35.25 38.81
CA VAL A 105 9.48 -35.64 40.17
C VAL A 105 9.28 -37.13 40.38
N GLU A 106 8.28 -37.72 39.72
CA GLU A 106 7.97 -39.13 39.93
C GLU A 106 9.13 -40.01 39.52
N ILE A 107 9.75 -39.72 38.38
CA ILE A 107 10.78 -40.60 37.83
C ILE A 107 11.94 -40.72 38.81
N LYS A 108 12.17 -39.70 39.63
CA LYS A 108 13.21 -39.78 40.65
C LYS A 108 12.99 -40.99 41.55
N ASN A 109 11.75 -41.38 41.76
CA ASN A 109 11.42 -42.52 42.60
C ASN A 109 11.37 -43.81 41.81
N THR A 110 10.77 -43.77 40.62
CA THR A 110 10.65 -44.97 39.80
C THR A 110 12.02 -45.52 39.44
N CYS A 111 12.94 -44.64 39.06
CA CYS A 111 14.26 -45.09 38.61
C CYS A 111 15.05 -45.71 39.75
N THR A 112 15.02 -45.12 40.94
CA THR A 112 15.74 -45.74 42.05
C THR A 112 15.05 -47.02 42.49
N SER A 113 13.73 -47.10 42.38
CA SER A 113 13.04 -48.34 42.72
C SER A 113 13.46 -49.46 41.77
N VAL A 114 13.51 -49.18 40.48
CA VAL A 114 13.93 -50.22 39.53
C VAL A 114 15.41 -50.51 39.71
N TYR A 115 16.19 -49.54 40.17
CA TYR A 115 17.57 -49.82 40.55
C TYR A 115 17.64 -50.83 41.68
N THR A 116 16.74 -50.69 42.65
CA THR A 116 16.80 -51.52 43.85
C THR A 116 16.90 -53.00 43.52
N LYS A 117 16.11 -53.47 42.56
CA LYS A 117 16.17 -54.87 42.16
C LYS A 117 17.50 -55.19 41.50
N ASP A 118 17.89 -54.41 40.50
CA ASP A 118 19.12 -54.66 39.77
C ASP A 118 19.44 -53.48 38.86
N LEU A 128 20.46 -54.16 34.04
CA LEU A 128 21.79 -53.58 33.86
C LEU A 128 21.75 -52.42 32.87
N ASP A 129 20.54 -52.07 32.44
CA ASP A 129 20.33 -50.88 31.60
C ASP A 129 20.04 -49.64 32.42
N LEU A 130 19.59 -49.82 33.66
CA LEU A 130 19.28 -48.72 34.57
C LEU A 130 20.37 -47.65 34.64
N LEU A 131 21.60 -47.98 34.31
CA LEU A 131 22.73 -47.08 34.50
C LEU A 131 22.54 -45.79 33.72
N ILE A 132 22.58 -45.88 32.39
CA ILE A 132 22.42 -44.69 31.56
C ILE A 132 21.06 -44.07 31.77
N LYS A 133 20.06 -44.87 32.14
CA LYS A 133 18.76 -44.34 32.51
C LYS A 133 18.90 -43.27 33.58
N LEU A 134 19.47 -43.64 34.73
CA LEU A 134 19.64 -42.68 35.81
C LEU A 134 20.56 -41.54 35.40
N LEU A 135 21.66 -41.86 34.71
CA LEU A 135 22.56 -40.80 34.25
C LEU A 135 21.81 -39.72 33.47
N GLN A 136 21.19 -40.11 32.36
CA GLN A 136 20.56 -39.13 31.50
C GLN A 136 19.40 -38.44 32.19
N THR A 137 18.60 -39.20 32.95
CA THR A 137 17.48 -38.60 33.65
C THR A 137 17.95 -37.50 34.58
N PHE A 138 18.92 -37.81 35.43
CA PHE A 138 19.40 -36.82 36.40
C PHE A 138 20.06 -35.64 35.70
N ARG A 139 20.88 -35.91 34.68
CA ARG A 139 21.55 -34.83 33.98
C ARG A 139 20.54 -33.86 33.38
N SER A 140 19.63 -34.39 32.56
CA SER A 140 18.63 -33.57 31.92
C SER A 140 17.79 -32.83 32.94
N SER A 141 17.29 -33.56 33.96
CA SER A 141 16.38 -32.96 34.92
C SER A 141 17.06 -31.84 35.69
N ARG A 142 18.23 -32.12 36.27
CA ARG A 142 18.90 -31.10 37.06
C ARG A 142 19.21 -29.88 36.21
N LEU A 143 19.58 -30.09 34.95
CA LEU A 143 19.94 -28.92 34.15
C LEU A 143 18.72 -28.14 33.69
N MET A 144 17.58 -28.80 33.46
CA MET A 144 16.46 -28.10 32.86
C MET A 144 15.64 -27.29 33.86
N ASP A 145 15.49 -27.78 35.11
CA ASP A 145 14.73 -27.02 36.11
C ASP A 145 15.53 -26.61 37.32
N GLU A 146 16.69 -27.21 37.58
CA GLU A 146 17.46 -26.97 38.80
C GLU A 146 16.57 -27.23 40.03
N PHE A 147 16.21 -28.51 40.17
CA PHE A 147 15.26 -28.96 41.19
C PHE A 147 15.50 -28.30 42.54
N LYS A 148 14.41 -27.92 43.17
CA LYS A 148 14.42 -27.54 44.58
C LYS A 148 13.98 -28.68 45.48
N ILE A 149 13.44 -29.77 44.90
CA ILE A 149 13.07 -30.96 45.64
C ILE A 149 13.82 -32.19 45.14
N GLY A 150 13.93 -32.35 43.83
CA GLY A 150 14.79 -33.39 43.30
C GLY A 150 16.25 -33.18 43.65
N GLU A 151 16.61 -31.97 44.10
CA GLU A 151 17.97 -31.67 44.50
C GLU A 151 18.40 -32.41 45.75
N LEU A 152 17.48 -33.00 46.51
CA LEU A 152 17.87 -33.71 47.71
C LEU A 152 18.79 -34.88 47.35
N PHE A 153 19.90 -34.98 48.06
CA PHE A 153 20.94 -35.96 47.78
C PHE A 153 21.02 -37.05 48.83
N SER A 154 20.07 -37.09 49.78
CA SER A 154 20.09 -38.14 50.79
C SER A 154 19.94 -39.50 50.15
N LYS A 155 19.07 -39.62 49.15
CA LYS A 155 18.97 -40.87 48.40
C LYS A 155 20.30 -41.22 47.74
N PHE A 156 20.95 -40.23 47.15
CA PHE A 156 22.15 -40.50 46.38
C PHE A 156 23.37 -40.67 47.26
N TYR A 157 23.46 -39.95 48.38
CA TYR A 157 24.47 -40.30 49.35
C TYR A 157 24.20 -41.67 49.97
N GLY A 158 22.92 -42.06 50.04
CA GLY A 158 22.62 -43.43 50.40
C GLY A 158 23.15 -44.42 49.38
N GLU A 159 23.01 -44.10 48.09
CA GLU A 159 23.60 -44.93 47.06
C GLU A 159 25.11 -45.02 47.22
N LEU A 160 25.74 -43.87 47.49
CA LEU A 160 27.14 -43.84 47.90
C LEU A 160 27.45 -44.87 48.96
N ALA A 161 26.79 -44.74 50.11
CA ALA A 161 27.12 -45.58 51.26
C ALA A 161 26.87 -47.04 50.96
N LEU A 162 25.66 -47.37 50.50
CA LEU A 162 25.27 -48.77 50.35
C LEU A 162 26.09 -49.46 49.26
N LYS A 163 26.29 -48.80 48.13
CA LYS A 163 26.85 -49.47 46.96
C LYS A 163 28.32 -49.16 46.86
N LYS A 164 29.14 -50.04 47.44
CA LYS A 164 30.57 -50.09 47.16
C LYS A 164 31.01 -51.55 47.35
N LYS A 165 30.97 -52.29 46.24
CA LYS A 165 31.16 -53.74 46.28
C LYS A 165 31.88 -54.18 45.02
N ILE A 166 32.89 -55.02 45.18
CA ILE A 166 33.70 -55.52 44.06
C ILE A 166 33.02 -56.63 43.25
N PRO A 167 32.28 -57.60 43.86
CA PRO A 167 31.95 -58.80 43.09
C PRO A 167 30.78 -58.61 42.13
N ASP A 168 30.42 -57.37 41.84
CA ASP A 168 29.25 -57.08 41.03
C ASP A 168 29.65 -56.82 39.57
N THR A 169 28.63 -56.56 38.75
CA THR A 169 28.78 -56.28 37.34
C THR A 169 29.20 -54.81 37.17
N VAL A 170 29.26 -54.33 35.92
CA VAL A 170 29.57 -52.94 35.62
C VAL A 170 28.55 -52.04 36.33
N LEU A 171 29.04 -51.25 37.28
CA LEU A 171 28.20 -50.43 38.15
C LEU A 171 28.55 -48.96 38.07
N GLU A 172 29.32 -48.57 37.05
CA GLU A 172 30.04 -47.30 37.07
C GLU A 172 29.10 -46.11 37.16
N LYS A 173 27.83 -46.27 36.79
CA LYS A 173 26.83 -45.21 36.88
C LYS A 173 27.01 -44.37 38.14
N VAL A 174 27.07 -45.05 39.30
CA VAL A 174 26.97 -44.37 40.58
C VAL A 174 28.02 -43.27 40.68
N TYR A 175 29.20 -43.51 40.12
CA TYR A 175 30.27 -42.54 40.26
C TYR A 175 29.96 -41.27 39.49
N GLU A 176 29.51 -41.40 38.24
CA GLU A 176 29.26 -40.22 37.43
C GLU A 176 28.15 -39.36 38.05
N LEU A 177 27.01 -39.97 38.34
CA LEU A 177 25.97 -39.27 39.09
C LEU A 177 26.53 -38.73 40.39
N LEU A 178 27.39 -39.51 41.05
CA LEU A 178 28.13 -39.02 42.20
C LEU A 178 28.77 -37.67 41.89
N GLY A 179 29.64 -37.65 40.89
CA GLY A 179 30.23 -36.39 40.47
C GLY A 179 29.18 -35.42 39.99
N LEU A 180 28.11 -35.94 39.38
CA LEU A 180 27.04 -35.07 38.90
C LEU A 180 26.22 -34.53 40.06
N LEU A 181 26.31 -35.15 41.23
CA LEU A 181 25.81 -34.50 42.45
C LEU A 181 26.55 -33.20 42.68
N GLY A 182 27.86 -33.20 42.45
CA GLY A 182 28.63 -31.97 42.48
C GLY A 182 28.13 -30.96 41.47
N GLU A 183 27.40 -31.40 40.45
CA GLU A 183 26.73 -30.46 39.56
C GLU A 183 25.77 -29.59 40.35
N VAL A 184 24.98 -30.20 41.22
CA VAL A 184 24.08 -29.46 42.10
C VAL A 184 24.85 -28.53 43.01
N HIS A 185 26.16 -28.77 43.16
CA HIS A 185 27.04 -27.99 44.01
C HIS A 185 26.53 -28.01 45.45
N PRO A 186 26.66 -29.14 46.14
CA PRO A 186 26.22 -29.18 47.53
C PRO A 186 27.15 -28.36 48.42
N SER A 187 26.72 -27.15 48.77
CA SER A 187 27.50 -26.34 49.69
C SER A 187 27.45 -26.90 51.10
N GLU A 188 26.48 -27.78 51.37
CA GLU A 188 26.38 -28.41 52.68
C GLU A 188 27.63 -29.25 52.99
N MET A 189 28.09 -30.01 52.00
CA MET A 189 29.30 -30.79 52.16
C MET A 189 30.07 -30.79 50.84
N ILE A 190 31.35 -30.43 50.92
CA ILE A 190 32.25 -30.51 49.79
C ILE A 190 33.42 -31.38 50.22
N ASN A 191 33.70 -31.38 51.52
CA ASN A 191 34.70 -32.29 52.08
C ASN A 191 34.35 -33.75 51.78
N ASN A 192 33.06 -34.08 51.78
CA ASN A 192 32.66 -35.42 51.36
C ASN A 192 33.07 -35.67 49.92
N ALA A 193 32.88 -34.67 49.05
CA ALA A 193 33.31 -34.81 47.66
C ALA A 193 34.81 -35.02 47.57
N GLU A 194 35.59 -34.33 48.40
CA GLU A 194 37.03 -34.53 48.40
C GLU A 194 37.38 -35.94 48.89
N ASN A 195 36.62 -36.45 49.85
CA ASN A 195 36.84 -37.82 50.30
C ASN A 195 36.55 -38.81 49.18
N LEU A 196 35.49 -38.57 48.41
CA LEU A 196 35.23 -39.40 47.24
C LEU A 196 36.36 -39.27 46.23
N PHE A 197 36.91 -38.07 46.10
CA PHE A 197 38.00 -37.82 45.15
C PHE A 197 39.23 -38.64 45.52
N ARG A 198 39.64 -38.58 46.79
CA ARG A 198 40.77 -39.39 47.22
C ARG A 198 40.45 -40.87 47.19
N ALA A 199 39.18 -41.24 47.37
CA ALA A 199 38.79 -42.63 47.17
C ALA A 199 39.01 -43.04 45.72
N PHE A 200 38.69 -42.15 44.78
CA PHE A 200 38.97 -42.41 43.37
C PHE A 200 40.46 -42.53 43.14
N LEU A 201 41.25 -41.69 43.81
CA LEU A 201 42.70 -41.83 43.76
C LEU A 201 43.13 -43.22 44.19
N GLY A 202 42.57 -43.70 45.30
CA GLY A 202 42.88 -45.04 45.75
C GLY A 202 42.47 -46.10 44.74
N GLU A 203 41.33 -45.91 44.09
CA GLU A 203 40.91 -46.85 43.07
C GLU A 203 41.89 -46.86 41.90
N LEU A 204 42.35 -45.69 41.46
CA LEU A 204 43.21 -45.62 40.29
C LEU A 204 44.60 -46.17 40.60
N LYS A 205 45.08 -45.98 41.82
CA LYS A 205 46.40 -46.52 42.13
C LYS A 205 46.39 -48.04 42.14
N THR A 206 45.26 -48.66 42.50
CA THR A 206 45.11 -50.09 42.31
C THR A 206 45.23 -50.45 40.84
N GLN A 207 44.59 -49.66 39.98
CA GLN A 207 44.80 -49.80 38.55
C GLN A 207 46.27 -49.58 38.22
N MET A 208 46.82 -50.46 37.39
CA MET A 208 48.23 -50.36 37.05
C MET A 208 48.53 -49.09 36.27
N LEU A 217 39.57 -53.92 34.59
CA LEU A 217 40.09 -52.68 35.16
C LEU A 217 39.95 -51.41 34.30
N PRO A 218 39.97 -51.52 32.96
CA PRO A 218 39.77 -50.29 32.17
C PRO A 218 38.42 -49.64 32.39
N VAL A 219 37.39 -50.41 32.76
CA VAL A 219 36.06 -49.84 32.91
C VAL A 219 36.06 -48.78 34.01
N LEU A 220 36.55 -49.11 35.20
CA LEU A 220 36.58 -48.10 36.25
C LEU A 220 37.71 -47.11 36.04
N ALA A 221 38.77 -47.51 35.33
CA ALA A 221 39.86 -46.60 35.01
C ALA A 221 39.36 -45.44 34.16
N GLY A 222 38.42 -45.71 33.25
CA GLY A 222 37.77 -44.62 32.56
C GLY A 222 36.64 -44.00 33.35
N CYS A 223 36.03 -44.79 34.24
CA CYS A 223 34.93 -44.29 35.04
C CYS A 223 35.35 -43.12 35.93
N LEU A 224 36.47 -43.26 36.62
CA LEU A 224 36.67 -42.29 37.70
C LEU A 224 37.00 -40.90 37.21
N LYS A 225 36.93 -40.66 35.90
CA LYS A 225 37.16 -39.31 35.39
C LYS A 225 36.08 -38.35 35.88
N GLY A 226 34.83 -38.82 35.99
CA GLY A 226 33.71 -37.91 36.11
C GLY A 226 33.77 -37.05 37.36
N LEU A 227 34.21 -37.64 38.48
CA LEU A 227 34.30 -36.88 39.72
C LEU A 227 35.19 -35.66 39.51
N SER A 228 36.45 -35.90 39.16
CA SER A 228 37.38 -34.82 38.86
C SER A 228 36.79 -33.87 37.83
N SER A 229 36.12 -34.42 36.81
CA SER A 229 35.50 -33.57 35.80
C SER A 229 34.53 -32.59 36.42
N LEU A 230 33.86 -32.99 37.50
CA LEU A 230 32.96 -32.10 38.20
C LEU A 230 33.47 -31.73 39.58
N LEU A 231 34.60 -32.29 40.02
CA LEU A 231 35.24 -31.80 41.24
C LEU A 231 35.66 -30.35 41.08
N CYS A 232 36.29 -30.03 39.95
CA CYS A 232 36.84 -28.70 39.74
C CYS A 232 35.79 -27.67 39.38
N ASN A 233 34.51 -28.01 39.50
CA ASN A 233 33.48 -26.98 39.45
C ASN A 233 33.71 -25.96 40.57
N PHE A 234 34.11 -26.45 41.73
CA PHE A 234 34.62 -25.61 42.81
C PHE A 234 36.15 -25.63 42.76
N THR A 235 36.76 -24.96 43.74
CA THR A 235 38.20 -24.76 43.71
C THR A 235 38.96 -26.02 44.10
N LYS A 236 39.97 -26.35 43.30
CA LYS A 236 41.00 -27.32 43.65
C LYS A 236 42.35 -26.79 43.23
N SER A 237 42.53 -25.48 43.30
CA SER A 237 43.71 -24.83 42.78
C SER A 237 44.95 -25.23 43.60
N MET A 238 46.11 -24.77 43.13
CA MET A 238 47.39 -25.19 43.71
C MET A 238 47.65 -24.41 44.99
N GLU A 239 46.84 -24.69 46.01
CA GLU A 239 47.20 -24.43 47.39
C GLU A 239 47.61 -25.71 48.09
N GLU A 240 47.52 -26.84 47.38
CA GLU A 240 47.80 -28.16 47.91
C GLU A 240 48.65 -28.89 46.88
N ASP A 241 49.65 -29.61 47.35
CA ASP A 241 50.49 -30.35 46.42
C ASP A 241 49.86 -31.59 45.78
N PRO A 242 48.91 -32.32 46.40
CA PRO A 242 48.55 -33.64 45.85
C PRO A 242 47.88 -33.56 44.49
N GLN A 243 47.46 -32.38 44.05
CA GLN A 243 46.92 -32.24 42.70
C GLN A 243 47.95 -32.60 41.66
N THR A 244 49.23 -32.40 41.97
CA THR A 244 50.30 -32.91 41.12
C THR A 244 50.14 -34.40 40.89
N SER A 245 49.83 -35.14 41.97
CA SER A 245 49.48 -36.55 41.83
C SER A 245 48.39 -36.72 40.79
N ARG A 246 47.33 -35.92 40.87
CA ARG A 246 46.34 -35.88 39.80
C ARG A 246 46.98 -35.44 38.50
N GLU A 247 47.75 -34.35 38.54
CA GLU A 247 48.55 -33.94 37.39
C GLU A 247 49.50 -35.04 36.94
N ILE A 248 49.62 -36.12 37.70
CA ILE A 248 50.31 -37.32 37.27
C ILE A 248 49.34 -38.29 36.62
N PHE A 249 48.26 -38.63 37.34
CA PHE A 249 47.37 -39.68 36.86
C PHE A 249 46.78 -39.33 35.51
N ASN A 250 46.50 -38.05 35.29
CA ASN A 250 46.00 -37.56 34.02
C ASN A 250 46.74 -38.16 32.84
N PHE A 251 48.06 -38.31 32.96
CA PHE A 251 48.82 -38.83 31.84
C PHE A 251 49.27 -40.26 32.01
N VAL A 252 49.03 -40.89 33.17
CA VAL A 252 49.51 -42.25 33.38
C VAL A 252 48.77 -43.19 32.46
N LEU A 253 47.82 -42.67 31.69
CA LEU A 253 47.07 -43.46 30.74
C LEU A 253 47.12 -42.89 29.32
N LYS A 254 47.97 -41.90 29.06
CA LYS A 254 48.07 -41.39 27.69
C LYS A 254 48.76 -42.39 26.78
N ALA A 255 49.87 -42.97 27.21
CA ALA A 255 50.50 -44.05 26.45
C ALA A 255 51.06 -45.07 27.43
N ILE A 256 50.21 -46.01 27.84
CA ILE A 256 50.69 -47.26 28.42
C ILE A 256 50.05 -48.42 27.67
N ARG A 257 48.73 -48.56 27.84
CA ARG A 257 47.88 -49.43 27.05
C ARG A 257 47.37 -48.78 25.75
N PRO A 258 46.81 -47.56 25.80
CA PRO A 258 46.02 -47.09 24.65
C PRO A 258 46.80 -46.97 23.37
N GLN A 259 48.08 -46.60 23.43
CA GLN A 259 48.84 -46.33 22.23
C GLN A 259 49.41 -47.60 21.60
N ILE A 260 49.05 -48.78 22.11
CA ILE A 260 49.50 -50.04 21.53
C ILE A 260 48.31 -50.89 21.14
N ASP A 261 47.20 -50.75 21.85
CA ASP A 261 46.03 -51.59 21.58
C ASP A 261 45.08 -50.97 20.56
N LEU A 262 44.89 -49.65 20.63
CA LEU A 262 44.06 -48.91 19.67
C LEU A 262 42.63 -49.42 19.61
N LYS A 263 42.07 -49.86 20.72
CA LYS A 263 40.68 -50.29 20.73
C LYS A 263 39.80 -49.46 21.65
N ARG A 264 40.18 -49.29 22.90
CA ARG A 264 39.35 -48.56 23.85
C ARG A 264 39.75 -47.09 23.85
N TYR A 265 38.81 -46.24 23.43
CA TYR A 265 39.07 -44.82 23.25
C TYR A 265 38.33 -43.97 24.27
N ALA A 266 37.85 -44.57 25.35
CA ALA A 266 37.09 -43.85 26.36
C ALA A 266 38.00 -43.28 27.44
N VAL A 267 38.79 -44.14 28.08
CA VAL A 267 39.70 -43.68 29.13
C VAL A 267 40.65 -42.60 28.61
N PRO A 268 41.35 -42.78 27.49
CA PRO A 268 42.19 -41.68 27.00
C PRO A 268 41.39 -40.43 26.72
N SER A 269 40.24 -40.56 26.06
CA SER A 269 39.40 -39.40 25.81
C SER A 269 38.92 -38.78 27.10
N ALA A 270 38.59 -39.61 28.08
CA ALA A 270 38.15 -39.08 29.37
C ALA A 270 39.23 -38.22 30.00
N GLY A 271 40.46 -38.74 30.05
CA GLY A 271 41.56 -37.94 30.59
C GLY A 271 41.78 -36.68 29.80
N LEU A 272 41.75 -36.78 28.47
CA LEU A 272 41.98 -35.62 27.62
C LEU A 272 40.95 -34.54 27.90
N ARG A 273 39.67 -34.91 27.92
CA ARG A 273 38.62 -33.90 28.09
C ARG A 273 38.64 -33.31 29.49
N LEU A 274 38.88 -34.14 30.51
CA LEU A 274 38.93 -33.61 31.86
C LEU A 274 40.08 -32.62 32.01
N PHE A 275 41.24 -32.95 31.45
CA PHE A 275 42.32 -31.98 31.47
C PHE A 275 41.99 -30.78 30.60
N ALA A 276 41.20 -30.98 29.55
CA ALA A 276 40.85 -29.89 28.65
C ALA A 276 40.05 -28.82 29.36
N LEU A 277 38.84 -29.17 29.81
CA LEU A 277 38.04 -28.17 30.50
C LEU A 277 38.66 -27.80 31.84
N HIS A 278 39.12 -28.79 32.59
CA HIS A 278 39.83 -28.54 33.83
C HIS A 278 41.33 -28.49 33.52
N ALA A 279 41.76 -27.32 33.08
CA ALA A 279 43.15 -27.10 32.71
C ALA A 279 43.86 -26.12 33.63
N SER A 280 43.25 -24.97 33.91
CA SER A 280 43.89 -23.97 34.76
C SER A 280 44.20 -24.50 36.14
N GLN A 281 43.52 -25.55 36.57
CA GLN A 281 43.76 -26.14 37.89
C GLN A 281 45.21 -26.53 38.05
N PHE A 282 45.74 -27.30 37.11
CA PHE A 282 47.18 -27.53 37.00
C PHE A 282 47.75 -26.42 36.13
N SER A 283 48.48 -25.48 36.72
CA SER A 283 49.07 -24.40 35.95
C SER A 283 50.59 -24.45 35.94
N THR A 284 51.22 -24.35 37.11
CA THR A 284 52.67 -24.39 37.16
C THR A 284 53.21 -25.81 37.03
N CYS A 285 52.47 -26.79 37.56
CA CYS A 285 52.94 -28.17 37.59
C CYS A 285 53.16 -28.76 36.21
N LEU A 286 52.75 -28.07 35.15
CA LEU A 286 52.89 -28.62 33.81
C LEU A 286 54.33 -28.67 33.35
N LEU A 287 55.24 -28.04 34.07
CA LEU A 287 56.66 -28.18 33.79
C LEU A 287 57.26 -29.40 34.44
N ASP A 288 56.43 -30.27 35.00
CA ASP A 288 56.89 -31.58 35.42
C ASP A 288 57.68 -32.24 34.29
N ASN A 289 57.04 -32.38 33.14
CA ASN A 289 57.74 -32.75 31.91
C ASN A 289 56.95 -32.10 30.77
N TYR A 290 57.31 -30.86 30.44
CA TYR A 290 56.52 -30.10 29.48
C TYR A 290 56.55 -30.75 28.11
N VAL A 291 57.74 -31.16 27.65
CA VAL A 291 57.82 -31.80 26.35
C VAL A 291 56.96 -33.05 26.32
N SER A 292 57.29 -34.06 27.14
CA SER A 292 56.68 -35.38 26.98
C SER A 292 55.17 -35.27 26.85
N LEU A 293 54.55 -34.51 27.76
CA LEU A 293 53.12 -34.29 27.66
C LEU A 293 52.76 -33.55 26.39
N PHE A 294 53.58 -32.57 25.99
CA PHE A 294 53.28 -31.82 24.78
C PHE A 294 53.24 -32.73 23.56
N GLU A 295 54.26 -33.57 23.41
CA GLU A 295 54.27 -34.45 22.24
C GLU A 295 53.24 -35.55 22.35
N VAL A 296 52.89 -36.01 23.55
CA VAL A 296 51.84 -37.03 23.61
C VAL A 296 50.50 -36.42 23.21
N LEU A 297 50.27 -35.16 23.59
CA LEU A 297 49.11 -34.45 23.07
C LEU A 297 49.20 -34.32 21.56
N LEU A 298 50.41 -34.08 21.05
CA LEU A 298 50.59 -34.01 19.61
C LEU A 298 50.23 -35.33 18.95
N LYS A 299 50.59 -36.45 19.57
CA LYS A 299 50.24 -37.76 19.02
C LYS A 299 48.74 -37.95 19.03
N TRP A 300 48.08 -37.56 20.13
CA TRP A 300 46.65 -37.78 20.23
C TRP A 300 45.88 -36.92 19.24
N CYS A 301 46.27 -35.66 19.09
CA CYS A 301 45.74 -34.87 17.99
C CYS A 301 46.12 -35.48 16.64
N ALA A 302 47.25 -36.17 16.59
CA ALA A 302 47.67 -36.85 15.38
C ALA A 302 47.04 -38.23 15.25
N HIS A 303 46.52 -38.78 16.35
CA HIS A 303 45.82 -40.05 16.30
C HIS A 303 44.42 -39.81 15.78
N THR A 304 44.11 -40.33 14.60
CA THR A 304 42.81 -40.12 14.00
C THR A 304 41.77 -41.01 14.66
N ASN A 305 40.65 -40.42 15.05
CA ASN A 305 39.55 -41.13 15.67
C ASN A 305 38.40 -40.15 15.87
N VAL A 306 37.19 -40.68 16.00
CA VAL A 306 36.03 -39.85 16.20
C VAL A 306 36.08 -39.24 17.60
N GLU A 307 35.96 -37.91 17.66
CA GLU A 307 35.83 -37.17 18.91
C GLU A 307 37.08 -37.22 19.75
N LEU A 308 38.06 -38.03 19.34
CA LEU A 308 39.37 -37.96 19.97
C LEU A 308 40.16 -36.80 19.38
N LYS A 309 39.96 -36.51 18.10
CA LYS A 309 40.59 -35.36 17.49
C LYS A 309 40.19 -34.07 18.19
N LYS A 310 38.88 -33.87 18.33
CA LYS A 310 38.38 -32.61 18.89
C LYS A 310 38.81 -32.46 20.34
N ALA A 311 38.63 -33.52 21.13
CA ALA A 311 39.02 -33.47 22.53
C ALA A 311 40.52 -33.23 22.65
N ALA A 312 41.31 -33.92 21.85
CA ALA A 312 42.76 -33.79 21.94
C ALA A 312 43.20 -32.37 21.60
N LEU A 313 42.68 -31.82 20.49
CA LEU A 313 43.09 -30.47 20.11
C LEU A 313 42.61 -29.44 21.12
N SER A 314 41.41 -29.62 21.67
CA SER A 314 40.92 -28.69 22.67
C SER A 314 41.79 -28.73 23.91
N ALA A 315 42.13 -29.93 24.37
CA ALA A 315 43.02 -30.04 25.52
C ALA A 315 44.36 -29.39 25.23
N LEU A 316 44.87 -29.61 24.02
CA LEU A 316 46.16 -29.05 23.64
C LEU A 316 46.12 -27.52 23.66
N GLU A 317 45.09 -26.94 23.09
CA GLU A 317 45.02 -25.48 23.07
C GLU A 317 44.80 -24.92 24.46
N SER A 318 44.03 -25.62 25.29
CA SER A 318 43.89 -25.20 26.68
C SER A 318 45.24 -25.22 27.38
N PHE A 319 46.01 -26.28 27.15
CA PHE A 319 47.38 -26.33 27.64
C PHE A 319 48.19 -25.13 27.21
N LEU A 320 48.20 -24.85 25.93
CA LEU A 320 49.05 -23.76 25.45
C LEU A 320 48.58 -22.43 26.00
N LYS A 321 47.27 -22.26 26.16
CA LYS A 321 46.76 -21.05 26.80
C LYS A 321 47.31 -20.92 28.21
N GLN A 322 47.21 -22.00 29.00
CA GLN A 322 47.70 -21.96 30.36
C GLN A 322 49.20 -21.68 30.40
N VAL A 323 49.94 -22.27 29.46
CA VAL A 323 51.38 -22.05 29.39
C VAL A 323 51.67 -20.58 29.11
N SER A 324 50.93 -20.00 28.17
CA SER A 324 51.08 -18.58 27.89
C SER A 324 50.81 -17.75 29.13
N ASN A 325 49.75 -18.10 29.87
CA ASN A 325 49.42 -17.36 31.07
C ASN A 325 50.56 -17.42 32.08
N MET A 326 51.10 -18.63 32.30
CA MET A 326 52.11 -18.79 33.33
C MET A 326 53.47 -18.28 32.91
N VAL A 327 53.73 -18.16 31.60
CA VAL A 327 54.96 -17.51 31.16
C VAL A 327 54.78 -15.99 31.07
N ALA A 328 53.54 -15.50 31.08
CA ALA A 328 53.32 -14.07 31.04
C ALA A 328 53.93 -13.36 32.23
N LYS A 329 54.17 -14.07 33.33
CA LYS A 329 54.78 -13.44 34.50
C LYS A 329 56.19 -12.95 34.17
N ASN A 330 56.94 -13.71 33.38
CA ASN A 330 58.31 -13.35 33.07
C ASN A 330 58.77 -14.14 31.85
N ALA A 331 59.51 -13.49 30.97
CA ALA A 331 60.15 -14.20 29.88
C ALA A 331 61.38 -14.95 30.33
N GLU A 332 62.11 -14.41 31.31
CA GLU A 332 63.35 -15.04 31.75
C GLU A 332 63.08 -16.42 32.32
N MET A 333 62.08 -16.53 33.20
CA MET A 333 61.66 -17.85 33.66
C MET A 333 61.17 -18.65 32.46
N HIS A 334 61.60 -19.91 32.40
CA HIS A 334 61.10 -20.86 31.42
C HIS A 334 61.41 -20.45 29.99
N LYS A 335 62.39 -19.58 29.80
CA LYS A 335 62.70 -19.09 28.47
C LYS A 335 63.07 -20.22 27.53
N ASN A 336 63.74 -21.25 28.05
CA ASN A 336 64.13 -22.36 27.19
C ASN A 336 62.92 -23.13 26.69
N LYS A 337 61.89 -23.25 27.52
CA LYS A 337 60.68 -23.97 27.10
C LYS A 337 60.01 -23.27 25.93
N LEU A 338 59.84 -21.95 26.03
CA LEU A 338 59.25 -21.22 24.91
C LEU A 338 60.18 -21.23 23.70
N GLN A 339 61.49 -21.21 23.92
CA GLN A 339 62.41 -21.38 22.81
C GLN A 339 62.14 -22.67 22.07
N TYR A 340 61.98 -23.77 22.83
CA TYR A 340 61.71 -25.07 22.23
C TYR A 340 60.39 -25.05 21.46
N PHE A 341 59.36 -24.46 22.06
CA PHE A 341 58.06 -24.42 21.39
C PHE A 341 58.13 -23.63 20.10
N MET A 342 58.78 -22.47 20.15
CA MET A 342 58.85 -21.61 18.97
C MET A 342 59.67 -22.26 17.86
N GLU A 343 60.79 -22.90 18.20
CA GLU A 343 61.56 -23.58 17.17
C GLU A 343 60.79 -24.79 16.64
N GLN A 344 60.05 -25.47 17.51
CA GLN A 344 59.18 -26.55 17.07
C GLN A 344 58.23 -26.08 16.00
N PHE A 345 57.56 -24.96 16.26
CA PHE A 345 56.59 -24.46 15.29
C PHE A 345 57.29 -23.88 14.07
N TYR A 346 58.50 -23.35 14.25
CA TYR A 346 59.31 -22.96 13.11
C TYR A 346 59.44 -24.13 12.15
N GLY A 347 59.86 -25.27 12.67
CA GLY A 347 59.92 -26.47 11.85
C GLY A 347 58.55 -26.81 11.27
N ILE A 348 57.50 -26.67 12.08
CA ILE A 348 56.15 -27.01 11.65
C ILE A 348 55.80 -26.28 10.36
N ILE A 349 55.77 -24.95 10.43
CA ILE A 349 55.33 -24.16 9.28
C ILE A 349 56.34 -24.23 8.16
N ARG A 350 57.63 -24.22 8.47
CA ARG A 350 58.63 -24.29 7.41
C ARG A 350 58.52 -25.58 6.60
N ASN A 351 57.89 -26.61 7.15
CA ASN A 351 57.65 -27.84 6.41
C ASN A 351 56.18 -27.92 6.03
N VAL A 352 55.88 -28.85 5.15
CA VAL A 352 54.50 -29.20 4.85
C VAL A 352 53.99 -30.16 5.91
N ASP A 353 52.73 -29.98 6.33
CA ASP A 353 52.11 -30.84 7.32
C ASP A 353 51.11 -31.76 6.64
N SER A 354 51.19 -33.05 6.94
CA SER A 354 50.24 -34.01 6.39
C SER A 354 48.81 -33.64 6.77
N ASN A 355 48.59 -33.40 8.06
CA ASN A 355 47.31 -32.88 8.51
C ASN A 355 47.21 -31.42 8.12
N ASN A 356 46.18 -31.06 7.39
CA ASN A 356 45.92 -29.65 7.16
C ASN A 356 45.17 -29.02 8.32
N LYS A 357 45.60 -29.35 9.53
CA LYS A 357 45.20 -28.68 10.77
C LYS A 357 46.35 -28.54 11.73
N GLU A 358 47.47 -29.24 11.53
CA GLU A 358 48.63 -29.05 12.38
C GLU A 358 49.08 -27.60 12.33
N LEU A 359 49.10 -27.02 11.13
CA LEU A 359 49.38 -25.61 11.00
C LEU A 359 48.41 -24.78 11.82
N SER A 360 47.16 -25.22 11.92
CA SER A 360 46.21 -24.52 12.76
C SER A 360 46.66 -24.55 14.22
N ILE A 361 47.14 -25.70 14.66
CA ILE A 361 47.65 -25.80 16.03
C ILE A 361 48.82 -24.85 16.22
N ALA A 362 49.74 -24.85 15.26
CA ALA A 362 50.93 -24.03 15.38
C ALA A 362 50.59 -22.55 15.41
N ILE A 363 49.63 -22.13 14.57
CA ILE A 363 49.27 -20.72 14.59
C ILE A 363 48.51 -20.38 15.85
N ARG A 364 47.74 -21.33 16.40
CA ARG A 364 47.18 -21.12 17.72
C ARG A 364 48.28 -20.82 18.71
N GLY A 365 49.36 -21.61 18.66
CA GLY A 365 50.48 -21.36 19.56
C GLY A 365 51.10 -20.00 19.35
N TYR A 366 51.33 -19.63 18.10
CA TYR A 366 51.83 -18.30 17.78
C TYR A 366 50.97 -17.21 18.39
N GLY A 367 49.68 -17.27 18.16
CA GLY A 367 48.78 -16.29 18.74
C GLY A 367 48.88 -16.28 20.26
N LEU A 368 49.02 -17.46 20.86
CA LEU A 368 49.13 -17.54 22.31
C LEU A 368 50.45 -16.97 22.81
N PHE A 369 51.53 -17.19 22.06
CA PHE A 369 52.85 -16.71 22.45
C PHE A 369 53.25 -15.59 21.49
N ALA A 370 52.91 -14.36 21.87
CA ALA A 370 53.36 -13.17 21.18
C ALA A 370 54.15 -12.25 22.08
N GLY A 371 53.60 -11.87 23.23
CA GLY A 371 54.23 -10.93 24.13
C GLY A 371 55.59 -11.38 24.62
N PRO A 372 55.62 -12.46 25.39
CA PRO A 372 56.92 -13.06 25.72
C PRO A 372 57.68 -13.43 24.47
N CYS A 373 56.97 -13.92 23.46
CA CYS A 373 57.60 -14.19 22.17
C CYS A 373 58.15 -12.92 21.55
N LYS A 374 57.55 -11.77 21.84
CA LYS A 374 58.13 -10.52 21.41
C LYS A 374 59.42 -10.24 22.16
N VAL A 375 59.38 -10.37 23.47
CA VAL A 375 60.47 -9.89 24.31
C VAL A 375 61.50 -10.99 24.48
N ILE A 376 61.43 -12.02 23.62
CA ILE A 376 62.46 -13.06 23.65
C ILE A 376 63.83 -12.43 23.57
N ASN A 377 64.16 -11.79 22.45
CA ASN A 377 65.24 -10.83 22.40
C ASN A 377 64.69 -9.41 22.32
N ALA A 378 64.15 -9.01 21.17
CA ALA A 378 63.19 -7.91 21.07
C ALA A 378 62.20 -8.20 19.95
N LYS A 379 62.63 -8.98 18.98
CA LYS A 379 62.14 -8.97 17.60
C LYS A 379 62.20 -10.38 17.05
N ASP A 380 62.21 -10.48 15.72
CA ASP A 380 62.16 -11.67 14.87
C ASP A 380 60.73 -12.16 14.73
N VAL A 381 59.78 -11.52 15.41
CA VAL A 381 58.37 -11.74 15.13
C VAL A 381 58.02 -11.26 13.73
N ASP A 382 58.83 -10.37 13.16
CA ASP A 382 58.61 -9.95 11.78
C ASP A 382 58.62 -11.14 10.84
N PHE A 383 59.59 -12.04 11.00
CA PHE A 383 59.60 -13.26 10.20
C PHE A 383 58.43 -14.14 10.56
N MET A 384 58.14 -14.27 11.85
CA MET A 384 56.91 -14.90 12.30
C MET A 384 55.72 -14.40 11.51
N TYR A 385 55.50 -13.09 11.57
CA TYR A 385 54.38 -12.44 10.90
C TYR A 385 54.38 -12.75 9.41
N VAL A 386 55.54 -12.61 8.78
CA VAL A 386 55.63 -12.75 7.34
C VAL A 386 55.28 -14.16 6.93
N GLU A 387 55.88 -15.15 7.58
CA GLU A 387 55.60 -16.54 7.27
C GLU A 387 54.11 -16.83 7.45
N LEU A 388 53.54 -16.35 8.54
CA LEU A 388 52.11 -16.52 8.78
C LEU A 388 51.31 -15.96 7.62
N ILE A 389 51.62 -14.74 7.21
CA ILE A 389 50.85 -14.08 6.17
C ILE A 389 50.95 -14.84 4.87
N GLN A 390 52.17 -15.26 4.50
CA GLN A 390 52.33 -16.00 3.26
C GLN A 390 51.53 -17.28 3.31
N ARG A 391 51.61 -18.01 4.42
CA ARG A 391 50.88 -19.26 4.54
C ARG A 391 49.38 -19.04 4.33
N CYS A 392 48.80 -18.10 5.08
CA CYS A 392 47.37 -17.87 4.97
C CYS A 392 46.99 -17.44 3.56
N LYS A 393 47.78 -16.54 2.98
CA LYS A 393 47.47 -16.02 1.67
C LYS A 393 47.45 -17.14 0.64
N GLN A 394 48.53 -17.91 0.56
CA GLN A 394 48.55 -18.96 -0.45
C GLN A 394 47.67 -20.14 -0.08
N MET A 395 47.09 -20.16 1.11
CA MET A 395 45.95 -21.04 1.35
C MET A 395 44.66 -20.49 0.73
N PHE A 396 44.18 -19.35 1.20
CA PHE A 396 42.76 -19.02 1.03
C PHE A 396 42.47 -18.03 -0.07
N LEU A 397 43.45 -17.62 -0.87
CA LEU A 397 43.22 -16.50 -1.76
C LEU A 397 42.77 -16.91 -3.16
N THR A 398 42.53 -18.19 -3.42
CA THR A 398 41.93 -18.58 -4.69
C THR A 398 41.12 -19.85 -4.51
N GLN A 399 39.90 -19.83 -5.06
CA GLN A 399 38.99 -20.96 -5.00
C GLN A 399 38.92 -21.58 -6.39
N THR A 400 39.33 -22.83 -6.51
CA THR A 400 39.17 -23.55 -7.78
C THR A 400 38.23 -24.74 -7.65
N ASP A 401 38.54 -25.72 -6.81
CA ASP A 401 37.63 -26.83 -6.53
C ASP A 401 37.57 -27.25 -5.08
N THR A 402 38.53 -26.84 -4.24
CA THR A 402 38.60 -27.29 -2.86
C THR A 402 39.45 -26.28 -2.10
N GLY A 403 39.25 -26.23 -0.77
CA GLY A 403 39.93 -25.29 0.10
C GLY A 403 38.97 -24.42 0.89
N ASP A 404 37.81 -24.11 0.32
CA ASP A 404 36.77 -23.41 1.06
C ASP A 404 36.16 -24.26 2.15
N ASP A 405 36.41 -25.58 2.15
CA ASP A 405 36.03 -26.38 3.30
C ASP A 405 36.75 -25.93 4.55
N ARG A 406 37.88 -25.25 4.40
CA ARG A 406 38.65 -24.73 5.52
C ARG A 406 38.16 -23.38 6.01
N VAL A 407 37.13 -22.81 5.38
CA VAL A 407 36.62 -21.54 5.88
C VAL A 407 36.16 -21.69 7.32
N TYR A 408 35.75 -22.91 7.70
CA TYR A 408 35.42 -23.19 9.09
C TYR A 408 36.49 -22.67 10.04
N GLN A 409 37.73 -22.56 9.55
CA GLN A 409 38.85 -22.23 10.40
C GLN A 409 39.37 -20.82 10.18
N MET A 410 38.74 -20.05 9.29
CA MET A 410 39.22 -18.69 9.01
C MET A 410 39.44 -17.84 10.25
N PRO A 411 38.48 -17.73 11.18
CA PRO A 411 38.66 -16.79 12.28
C PRO A 411 39.93 -17.07 13.07
N SER A 412 40.04 -18.30 13.56
CA SER A 412 41.19 -18.72 14.34
C SER A 412 42.47 -18.18 13.74
N PHE A 413 42.71 -18.50 12.46
CA PHE A 413 43.89 -18.02 11.77
C PHE A 413 44.06 -16.53 11.98
N LEU A 414 43.12 -15.76 11.44
CA LEU A 414 43.23 -14.31 11.54
C LEU A 414 43.20 -13.88 12.99
N GLN A 415 42.49 -14.63 13.84
CA GLN A 415 42.53 -14.37 15.27
C GLN A 415 43.97 -14.25 15.74
N SER A 416 44.75 -15.31 15.54
CA SER A 416 46.15 -15.26 15.93
C SER A 416 46.86 -14.15 15.19
N VAL A 417 46.51 -13.92 13.93
CA VAL A 417 47.11 -12.85 13.16
C VAL A 417 46.95 -11.53 13.89
N ALA A 418 45.77 -11.29 14.44
CA ALA A 418 45.55 -10.07 15.19
C ALA A 418 46.54 -9.95 16.34
N SER A 419 46.74 -11.05 17.08
CA SER A 419 47.73 -11.05 18.13
C SER A 419 49.08 -10.60 17.60
N VAL A 420 49.45 -11.10 16.43
CA VAL A 420 50.66 -10.64 15.75
C VAL A 420 50.69 -9.12 15.70
N LEU A 421 49.67 -8.54 15.07
CA LEU A 421 49.63 -7.09 14.91
C LEU A 421 49.69 -6.38 16.25
N LEU A 422 49.26 -7.05 17.32
CA LEU A 422 49.25 -6.42 18.63
C LEU A 422 50.63 -5.99 19.07
N TYR A 423 51.69 -6.60 18.53
CA TYR A 423 53.03 -6.26 18.97
C TYR A 423 53.97 -5.87 17.86
N LEU A 424 53.65 -6.13 16.60
CA LEU A 424 54.45 -5.56 15.52
C LEU A 424 54.35 -4.06 15.55
N ASP A 425 55.47 -3.40 15.27
CA ASP A 425 55.54 -1.95 15.31
C ASP A 425 55.58 -1.32 13.92
N THR A 426 56.12 -2.03 12.94
CA THR A 426 56.02 -1.63 11.55
C THR A 426 55.54 -2.82 10.75
N VAL A 427 54.97 -2.54 9.58
CA VAL A 427 54.40 -3.59 8.75
C VAL A 427 54.81 -3.39 7.30
N PRO A 428 55.39 -4.39 6.65
CA PRO A 428 55.59 -4.29 5.19
C PRO A 428 54.26 -4.12 4.50
N GLU A 429 54.07 -2.95 3.91
CA GLU A 429 52.79 -2.59 3.30
C GLU A 429 52.40 -3.53 2.19
N VAL A 430 53.31 -4.40 1.76
CA VAL A 430 53.05 -5.38 0.72
C VAL A 430 52.09 -6.45 1.24
N TYR A 431 51.68 -6.33 2.49
CA TYR A 431 50.76 -7.29 3.08
C TYR A 431 49.47 -6.68 3.59
N THR A 432 49.43 -5.37 3.83
CA THR A 432 48.19 -4.73 4.24
C THR A 432 47.04 -5.01 3.28
N PRO A 433 47.18 -4.88 1.96
CA PRO A 433 46.06 -5.26 1.09
C PRO A 433 45.71 -6.72 1.22
N VAL A 434 46.71 -7.55 1.50
CA VAL A 434 46.46 -8.98 1.63
C VAL A 434 45.54 -9.26 2.80
N LEU A 435 45.89 -8.73 3.97
CA LEU A 435 45.03 -8.94 5.13
C LEU A 435 43.68 -8.28 4.94
N GLU A 436 43.65 -7.16 4.20
CA GLU A 436 42.36 -6.55 3.90
C GLU A 436 41.49 -7.49 3.08
N HIS A 437 42.09 -8.15 2.09
CA HIS A 437 41.37 -9.17 1.34
C HIS A 437 40.91 -10.28 2.27
N LEU A 438 41.76 -10.67 3.22
CA LEU A 438 41.38 -11.69 4.18
C LEU A 438 40.11 -11.29 4.91
N VAL A 439 40.07 -10.07 5.43
CA VAL A 439 38.90 -9.61 6.15
C VAL A 439 37.69 -9.58 5.22
N VAL A 440 37.90 -9.14 3.98
CA VAL A 440 36.80 -9.05 3.02
C VAL A 440 36.17 -10.43 2.82
N MET A 441 36.98 -11.39 2.39
CA MET A 441 36.45 -12.73 2.16
C MET A 441 35.87 -13.31 3.44
N GLN A 442 36.46 -12.98 4.59
CA GLN A 442 35.88 -13.39 5.86
C GLN A 442 34.44 -12.92 5.96
N ILE A 443 34.21 -11.63 5.70
CA ILE A 443 32.86 -11.10 5.71
C ILE A 443 32.00 -11.86 4.72
N ASP A 444 32.52 -12.10 3.53
CA ASP A 444 31.80 -12.91 2.56
C ASP A 444 31.60 -14.34 3.08
N SER A 445 32.54 -14.84 3.87
CA SER A 445 32.46 -16.20 4.38
C SER A 445 31.58 -16.31 5.62
N PHE A 446 31.05 -15.20 6.11
CA PHE A 446 30.23 -15.25 7.32
C PHE A 446 29.01 -16.14 7.21
N PRO A 447 28.16 -16.05 6.18
CA PRO A 447 26.89 -16.78 6.24
C PRO A 447 27.04 -18.28 6.35
N GLN A 448 28.02 -18.86 5.66
CA GLN A 448 28.13 -20.32 5.60
C GLN A 448 28.38 -20.92 6.97
N TYR A 449 28.84 -20.13 7.92
CA TYR A 449 29.16 -20.67 9.23
C TYR A 449 27.89 -20.99 10.01
N SER A 450 27.99 -21.99 10.87
CA SER A 450 26.90 -22.28 11.79
C SER A 450 26.77 -21.14 12.79
N PRO A 451 25.55 -20.84 13.23
CA PRO A 451 25.37 -19.74 14.18
C PRO A 451 26.18 -19.91 15.44
N LYS A 452 26.48 -21.15 15.80
CA LYS A 452 27.31 -21.42 16.97
C LYS A 452 28.60 -20.62 16.94
N MET A 453 29.45 -20.88 15.94
CA MET A 453 30.76 -20.25 15.91
C MET A 453 30.78 -18.95 15.15
N GLN A 454 29.64 -18.50 14.61
CA GLN A 454 29.62 -17.16 14.05
C GLN A 454 29.89 -16.10 15.12
N LEU A 455 29.55 -16.40 16.37
CA LEU A 455 29.96 -15.53 17.46
C LEU A 455 31.46 -15.46 17.57
N VAL A 456 32.13 -16.61 17.47
CA VAL A 456 33.59 -16.62 17.47
C VAL A 456 34.12 -15.85 16.28
N CYS A 457 33.45 -15.96 15.14
CA CYS A 457 33.87 -15.27 13.94
C CYS A 457 33.83 -13.77 14.14
N CYS A 458 32.71 -13.25 14.61
CA CYS A 458 32.62 -11.81 14.83
C CYS A 458 33.57 -11.37 15.93
N ARG A 459 33.78 -12.23 16.93
CA ARG A 459 34.81 -11.96 17.93
C ARG A 459 36.16 -11.74 17.27
N ALA A 460 36.55 -12.65 16.38
CA ALA A 460 37.84 -12.54 15.73
C ALA A 460 37.90 -11.29 14.85
N ILE A 461 36.79 -10.96 14.20
CA ILE A 461 36.79 -9.82 13.30
C ILE A 461 36.95 -8.52 14.07
N VAL A 462 36.18 -8.35 15.15
CA VAL A 462 36.37 -7.15 15.95
C VAL A 462 37.74 -7.19 16.60
N LYS A 463 38.29 -8.37 16.83
CA LYS A 463 39.63 -8.48 17.37
C LYS A 463 40.65 -7.90 16.40
N VAL A 464 40.56 -8.29 15.13
CA VAL A 464 41.51 -7.77 14.15
C VAL A 464 41.27 -6.29 13.93
N PHE A 465 40.03 -5.84 14.07
CA PHE A 465 39.77 -4.41 14.03
C PHE A 465 40.52 -3.69 15.14
N LEU A 466 40.38 -4.20 16.37
CA LEU A 466 41.04 -3.60 17.51
C LEU A 466 42.55 -3.59 17.32
N ALA A 467 43.10 -4.68 16.82
CA ALA A 467 44.52 -4.72 16.50
C ALA A 467 44.85 -3.63 15.49
N LEU A 468 44.00 -3.44 14.48
CA LEU A 468 44.20 -2.37 13.53
C LEU A 468 44.18 -1.01 14.22
N ALA A 469 43.50 -0.91 15.35
CA ALA A 469 43.32 0.37 16.04
C ALA A 469 44.60 0.77 16.78
N ALA A 470 45.69 0.87 16.03
CA ALA A 470 46.96 1.24 16.64
C ALA A 470 47.85 2.14 15.78
N LYS A 471 47.41 2.58 14.61
CA LYS A 471 48.31 3.26 13.69
C LYS A 471 47.66 4.51 13.12
N GLY A 472 48.48 5.38 12.57
CA GLY A 472 47.97 6.56 11.91
C GLY A 472 47.30 6.26 10.59
N PRO A 473 48.10 5.94 9.58
CA PRO A 473 47.51 5.70 8.26
C PRO A 473 46.92 4.32 8.12
N VAL A 474 47.61 3.33 8.70
CA VAL A 474 47.21 1.94 8.52
C VAL A 474 45.83 1.70 9.12
N LEU A 475 45.59 2.25 10.30
CA LEU A 475 44.31 2.07 10.96
C LEU A 475 43.18 2.58 10.08
N ARG A 476 43.15 3.90 9.92
CA ARG A 476 41.95 4.55 9.39
C ARG A 476 41.72 4.18 7.94
N ASN A 477 42.74 4.35 7.10
CA ASN A 477 42.54 4.14 5.67
C ASN A 477 42.21 2.69 5.36
N CYS A 478 42.97 1.75 5.95
CA CYS A 478 42.73 0.35 5.64
C CYS A 478 41.40 -0.11 6.17
N ILE A 479 41.03 0.32 7.38
CA ILE A 479 39.72 -0.05 7.92
C ILE A 479 38.62 0.51 7.03
N SER A 480 38.78 1.76 6.57
CA SER A 480 37.79 2.36 5.70
C SER A 480 37.64 1.55 4.43
N THR A 481 38.76 1.20 3.82
CA THR A 481 38.71 0.44 2.57
C THR A 481 38.06 -0.93 2.80
N VAL A 482 38.38 -1.56 3.92
CA VAL A 482 37.80 -2.87 4.22
C VAL A 482 36.28 -2.74 4.32
N VAL A 483 35.83 -1.78 5.11
CA VAL A 483 34.39 -1.59 5.27
C VAL A 483 33.75 -1.33 3.93
N HIS A 484 34.37 -0.48 3.12
CA HIS A 484 33.79 -0.10 1.85
C HIS A 484 33.67 -1.30 0.93
N GLN A 485 34.76 -2.05 0.76
CA GLN A 485 34.74 -3.19 -0.14
C GLN A 485 33.75 -4.24 0.32
N GLY A 486 33.71 -4.51 1.62
CA GLY A 486 32.74 -5.47 2.13
C GLY A 486 31.32 -5.02 1.89
N LEU A 487 31.06 -3.73 2.10
CA LEU A 487 29.74 -3.19 1.84
C LEU A 487 29.37 -3.37 0.38
N ILE A 488 30.31 -3.14 -0.52
CA ILE A 488 30.05 -3.35 -1.94
C ILE A 488 29.71 -4.81 -2.20
N ARG A 489 30.51 -5.70 -1.62
CA ARG A 489 30.30 -7.12 -1.86
C ARG A 489 28.93 -7.56 -1.40
N ILE A 490 28.50 -7.10 -0.23
CA ILE A 490 27.17 -7.48 0.24
C ILE A 490 26.11 -6.81 -0.62
N CYS A 491 26.41 -5.62 -1.14
CA CYS A 491 25.53 -5.02 -2.13
C CYS A 491 25.68 -5.66 -3.50
N SER A 492 26.73 -6.46 -3.70
CA SER A 492 26.95 -7.12 -4.96
C SER A 492 26.10 -8.37 -5.13
N LYS A 493 25.40 -8.78 -4.08
CA LYS A 493 24.67 -10.03 -4.12
C LYS A 493 23.46 -9.91 -5.05
N PRO A 494 23.01 -11.02 -5.62
CA PRO A 494 21.78 -10.98 -6.42
C PRO A 494 20.59 -10.61 -5.58
N VAL A 495 19.65 -9.90 -6.20
CA VAL A 495 18.47 -9.41 -5.50
C VAL A 495 17.55 -10.57 -5.16
N VAL A 496 16.56 -10.30 -4.33
CA VAL A 496 15.53 -11.27 -3.96
C VAL A 496 14.20 -10.78 -4.52
N LEU A 497 13.40 -11.70 -5.05
CA LEU A 497 12.05 -11.37 -5.43
C LEU A 497 11.16 -11.50 -4.20
N PRO A 498 10.72 -10.39 -3.61
CA PRO A 498 9.93 -10.43 -2.38
C PRO A 498 8.55 -11.02 -2.61
N TRP A 519 25.73 -26.59 -1.81
CA TRP A 519 26.08 -25.23 -1.46
C TRP A 519 24.83 -24.38 -1.21
N LYS A 520 25.03 -23.15 -0.75
CA LYS A 520 23.95 -22.27 -0.36
C LYS A 520 24.01 -20.97 -1.16
N VAL A 521 22.86 -20.31 -1.24
CA VAL A 521 22.71 -19.03 -1.93
C VAL A 521 22.48 -17.95 -0.89
N PRO A 522 23.29 -16.92 -0.83
CA PRO A 522 23.13 -15.90 0.23
C PRO A 522 22.21 -14.77 -0.17
N THR A 523 22.00 -13.83 0.75
CA THR A 523 21.29 -12.59 0.49
C THR A 523 21.74 -11.56 1.52
N TYR A 524 21.26 -10.33 1.35
CA TYR A 524 21.63 -9.28 2.30
C TYR A 524 21.11 -9.59 3.69
N LYS A 525 19.95 -10.23 3.79
CA LYS A 525 19.31 -10.46 5.08
C LYS A 525 20.19 -11.26 6.03
N ASP A 526 21.13 -12.03 5.49
CA ASP A 526 21.95 -12.89 6.32
C ASP A 526 22.93 -12.10 7.18
N TYR A 527 23.29 -10.89 6.78
CA TYR A 527 24.42 -10.20 7.36
C TYR A 527 24.04 -9.11 8.35
N VAL A 528 22.76 -8.77 8.45
CA VAL A 528 22.36 -7.67 9.32
C VAL A 528 22.76 -7.96 10.75
N ASP A 529 22.50 -9.19 11.21
CA ASP A 529 22.93 -9.63 12.52
C ASP A 529 24.42 -9.40 12.73
N LEU A 530 25.21 -9.66 11.69
CA LEU A 530 26.65 -9.51 11.81
C LEU A 530 27.02 -8.09 12.21
N PHE A 531 26.62 -7.12 11.38
CA PHE A 531 26.89 -5.74 11.72
C PHE A 531 26.27 -5.34 13.04
N ARG A 532 25.12 -5.93 13.38
CA ARG A 532 24.54 -5.69 14.70
C ARG A 532 25.53 -6.03 15.79
N HIS A 533 26.13 -7.21 15.70
CA HIS A 533 27.18 -7.58 16.66
C HIS A 533 28.33 -6.61 16.60
N LEU A 534 28.73 -6.21 15.39
CA LEU A 534 29.80 -5.23 15.24
C LEU A 534 29.52 -3.98 16.04
N LEU A 535 28.29 -3.49 16.01
CA LEU A 535 27.95 -2.30 16.76
C LEU A 535 27.71 -2.61 18.23
N SER A 536 27.47 -3.87 18.58
CA SER A 536 27.43 -4.30 19.96
C SER A 536 28.78 -4.75 20.46
N SER A 537 29.86 -4.28 19.84
CA SER A 537 31.20 -4.76 20.17
C SER A 537 31.60 -4.42 21.59
N ASP A 538 31.02 -3.37 22.16
CA ASP A 538 31.47 -2.84 23.45
C ASP A 538 31.58 -3.94 24.50
N GLN A 539 30.54 -4.76 24.61
CA GLN A 539 30.51 -5.83 25.60
C GLN A 539 31.37 -7.02 25.22
N MET A 540 31.95 -7.01 24.02
CA MET A 540 33.05 -7.92 23.64
C MET A 540 34.44 -7.31 23.79
N MET A 541 34.59 -5.98 23.70
CA MET A 541 35.92 -5.40 23.81
C MET A 541 36.59 -5.81 25.12
N ASP A 542 35.81 -6.03 26.18
CA ASP A 542 36.36 -6.51 27.43
C ASP A 542 37.03 -7.87 27.25
N SER A 543 36.31 -8.84 26.67
CA SER A 543 36.83 -10.19 26.57
C SER A 543 38.07 -10.24 25.69
N ILE A 544 38.02 -9.58 24.54
CA ILE A 544 39.18 -9.50 23.67
C ILE A 544 40.26 -8.62 24.24
N LEU A 545 39.98 -7.93 25.34
CA LEU A 545 41.02 -7.32 26.15
C LEU A 545 41.28 -8.13 27.41
N ALA A 546 40.30 -8.93 27.86
CA ALA A 546 40.54 -9.82 28.99
C ALA A 546 41.62 -10.84 28.66
N ASP A 547 41.59 -11.38 27.43
CA ASP A 547 42.61 -12.33 27.02
C ASP A 547 44.00 -11.70 27.00
N GLU A 548 44.09 -10.43 26.60
CA GLU A 548 45.37 -9.75 26.52
C GLU A 548 45.16 -8.26 26.76
N ALA A 549 45.97 -7.68 27.66
CA ALA A 549 45.85 -6.28 28.02
C ALA A 549 46.32 -5.41 26.86
N PHE A 550 45.36 -4.88 26.11
CA PHE A 550 45.61 -3.96 25.01
C PHE A 550 45.53 -2.53 25.53
N PHE A 551 45.38 -1.57 24.59
CA PHE A 551 45.26 -0.15 24.90
C PHE A 551 46.48 0.36 25.65
N SER A 552 47.63 0.28 24.97
CA SER A 552 48.90 0.68 25.54
C SER A 552 49.57 1.85 24.83
N VAL A 553 49.27 2.09 23.55
CA VAL A 553 49.88 3.16 22.79
C VAL A 553 48.92 4.35 22.83
N ASN A 554 48.05 4.36 23.85
CA ASN A 554 46.88 5.23 23.97
C ASN A 554 45.80 4.83 22.98
N SER A 555 45.91 3.63 22.40
CA SER A 555 44.95 3.18 21.40
C SER A 555 43.54 3.14 21.98
N SER A 556 42.59 3.68 21.22
CA SER A 556 41.20 3.67 21.66
C SER A 556 40.74 2.26 21.91
N SER A 557 40.17 2.03 23.10
CA SER A 557 39.67 0.72 23.49
C SER A 557 38.15 0.69 23.63
N GLU A 558 37.48 1.82 23.42
CA GLU A 558 36.03 1.88 23.60
C GLU A 558 35.33 2.53 22.42
N SER A 559 35.98 3.51 21.79
CA SER A 559 35.37 4.21 20.67
C SER A 559 35.39 3.39 19.39
N LEU A 560 35.90 2.16 19.45
CA LEU A 560 36.02 1.34 18.26
C LEU A 560 34.65 1.17 17.59
N ASN A 561 33.62 0.84 18.37
CA ASN A 561 32.28 0.74 17.81
C ASN A 561 31.87 2.04 17.15
N HIS A 562 32.17 3.16 17.80
CA HIS A 562 31.86 4.46 17.23
C HIS A 562 32.56 4.64 15.89
N LEU A 563 33.83 4.27 15.84
CA LEU A 563 34.58 4.43 14.60
C LEU A 563 34.01 3.56 13.49
N LEU A 564 33.67 2.31 13.81
CA LEU A 564 33.06 1.44 12.81
C LEU A 564 31.74 2.00 12.32
N TYR A 565 30.92 2.50 13.24
CA TYR A 565 29.65 3.07 12.85
C TYR A 565 29.85 4.23 11.88
N ASP A 566 30.76 5.13 12.22
CA ASP A 566 31.04 6.27 11.36
C ASP A 566 31.59 5.81 10.02
N GLU A 567 32.46 4.81 10.04
CA GLU A 567 33.03 4.30 8.79
C GLU A 567 31.94 3.74 7.91
N PHE A 568 31.01 2.99 8.49
CA PHE A 568 29.91 2.44 7.70
C PHE A 568 29.08 3.55 7.09
N VAL A 569 28.79 4.58 7.87
CA VAL A 569 28.04 5.72 7.34
C VAL A 569 28.78 6.33 6.16
N LYS A 570 30.09 6.51 6.31
CA LYS A 570 30.88 7.13 5.25
C LYS A 570 30.87 6.27 4.01
N SER A 571 30.95 4.94 4.17
CA SER A 571 30.89 4.07 3.01
C SER A 571 29.54 4.18 2.32
N VAL A 572 28.46 4.28 3.09
CA VAL A 572 27.15 4.50 2.51
C VAL A 572 27.16 5.76 1.66
N LEU A 573 27.71 6.83 2.22
CA LEU A 573 27.76 8.08 1.48
C LEU A 573 28.58 7.93 0.21
N LYS A 574 29.73 7.26 0.31
CA LYS A 574 30.61 7.12 -0.85
C LYS A 574 29.92 6.37 -1.96
N ILE A 575 29.20 5.30 -1.62
CA ILE A 575 28.52 4.54 -2.67
C ILE A 575 27.37 5.35 -3.26
N VAL A 576 26.54 5.95 -2.41
CA VAL A 576 25.34 6.60 -2.93
C VAL A 576 25.74 7.79 -3.80
N GLU A 577 26.77 8.52 -3.40
CA GLU A 577 27.23 9.64 -4.21
C GLU A 577 27.80 9.19 -5.54
N LYS A 578 28.17 7.92 -5.66
CA LYS A 578 28.73 7.42 -6.90
C LYS A 578 27.73 6.62 -7.73
N LEU A 579 26.63 6.20 -7.13
CA LEU A 579 25.67 5.34 -7.84
C LEU A 579 24.91 6.17 -8.86
N ASP A 580 25.38 6.14 -10.11
CA ASP A 580 24.62 6.73 -11.20
C ASP A 580 23.31 5.97 -11.37
N LEU A 581 22.22 6.71 -11.54
CA LEU A 581 20.91 6.08 -11.67
C LEU A 581 20.06 6.75 -12.73
N THR A 582 20.69 7.35 -13.73
CA THR A 582 19.93 7.98 -14.81
C THR A 582 19.14 6.93 -15.57
N LEU A 583 17.96 7.32 -16.01
CA LEU A 583 17.02 6.41 -16.66
C LEU A 583 16.88 6.73 -18.13
N GLU A 584 16.72 5.69 -18.94
CA GLU A 584 16.65 5.82 -20.38
C GLU A 584 15.22 5.67 -20.86
N ILE A 585 14.81 6.55 -21.77
CA ILE A 585 13.46 6.55 -22.30
C ILE A 585 13.26 5.33 -23.18
N GLN A 586 12.08 4.73 -23.09
CA GLN A 586 11.74 3.53 -23.87
C GLN A 586 12.66 2.38 -23.48
N MET A 602 5.47 3.81 -30.89
CA MET A 602 5.50 4.85 -29.88
C MET A 602 4.09 5.36 -29.57
N ILE A 603 3.86 5.72 -28.32
CA ILE A 603 2.54 6.17 -27.87
C ILE A 603 2.71 7.30 -26.87
N PRO A 604 2.00 8.40 -27.02
CA PRO A 604 2.10 9.49 -26.05
C PRO A 604 1.65 9.02 -24.67
N THR A 605 2.37 9.48 -23.65
CA THR A 605 2.06 9.16 -22.27
C THR A 605 2.28 10.41 -21.42
N SER A 606 1.59 10.45 -20.29
CA SER A 606 1.76 11.54 -19.34
C SER A 606 2.21 11.09 -17.96
N ASP A 607 2.02 9.84 -17.62
CA ASP A 607 2.51 9.33 -16.34
C ASP A 607 4.03 9.44 -16.30
N PRO A 608 4.61 9.95 -15.21
CA PRO A 608 6.07 10.14 -15.15
C PRO A 608 6.86 8.87 -14.97
N ALA A 609 6.24 7.69 -15.08
CA ALA A 609 6.94 6.43 -14.86
C ALA A 609 6.62 5.44 -15.95
N ALA A 610 6.56 5.90 -17.20
CA ALA A 610 6.28 5.03 -18.33
C ALA A 610 7.38 5.15 -19.36
N ASN A 611 7.66 4.03 -20.03
CA ASN A 611 8.66 3.96 -21.09
C ASN A 611 10.00 4.52 -20.62
N LEU A 612 10.35 4.18 -19.38
CA LEU A 612 11.57 4.68 -18.78
C LEU A 612 12.22 3.56 -17.98
N HIS A 613 13.49 3.32 -18.25
CA HIS A 613 14.19 2.15 -17.73
C HIS A 613 15.62 2.55 -17.38
N PRO A 614 16.28 1.78 -16.53
CA PRO A 614 17.61 2.17 -16.07
C PRO A 614 18.63 2.13 -17.20
N ALA A 615 19.66 2.97 -17.06
CA ALA A 615 20.86 2.76 -17.85
C ALA A 615 21.53 1.45 -17.45
N LYS A 616 21.54 1.16 -16.15
CA LYS A 616 22.15 -0.05 -15.61
C LYS A 616 21.18 -0.68 -14.63
N PRO A 617 20.49 -1.76 -15.01
CA PRO A 617 19.60 -2.42 -14.04
C PRO A 617 20.32 -2.90 -12.80
N LYS A 618 21.56 -3.36 -12.98
CA LYS A 618 22.38 -3.75 -11.85
C LYS A 618 22.53 -2.61 -10.85
N ASP A 619 22.49 -1.37 -11.34
CA ASP A 619 22.58 -0.23 -10.44
C ASP A 619 21.39 -0.20 -9.50
N PHE A 620 20.18 -0.37 -10.03
CA PHE A 620 19.03 -0.51 -9.15
C PHE A 620 19.19 -1.71 -8.23
N SER A 621 19.68 -2.83 -8.75
CA SER A 621 19.87 -4.00 -7.91
C SER A 621 20.65 -3.64 -6.66
N ALA A 622 21.87 -3.13 -6.86
CA ALA A 622 22.74 -2.83 -5.75
C ALA A 622 22.14 -1.74 -4.86
N PHE A 623 21.62 -0.68 -5.46
CA PHE A 623 21.09 0.42 -4.67
C PHE A 623 19.94 -0.03 -3.81
N ILE A 624 19.01 -0.78 -4.38
CA ILE A 624 17.90 -1.34 -3.62
C ILE A 624 18.45 -2.13 -2.44
N ASN A 625 19.24 -3.17 -2.72
CA ASN A 625 19.73 -4.02 -1.66
C ASN A 625 20.35 -3.20 -0.53
N LEU A 626 21.15 -2.21 -0.92
CA LEU A 626 21.67 -1.26 0.06
C LEU A 626 20.56 -0.63 0.87
N VAL A 627 19.47 -0.23 0.20
CA VAL A 627 18.41 0.50 0.89
C VAL A 627 17.74 -0.40 1.92
N GLU A 628 17.34 -1.60 1.52
CA GLU A 628 16.66 -2.45 2.50
C GLU A 628 17.63 -3.07 3.48
N PHE A 629 18.92 -2.85 3.33
CA PHE A 629 19.86 -3.24 4.39
C PHE A 629 20.05 -2.11 5.39
N CYS A 630 20.29 -0.91 4.89
CA CYS A 630 20.48 0.22 5.79
C CYS A 630 19.21 0.56 6.55
N ARG A 631 18.04 0.30 5.94
CA ARG A 631 16.80 0.75 6.54
C ARG A 631 16.54 0.09 7.89
N GLU A 632 17.25 -0.99 8.20
CA GLU A 632 17.18 -1.59 9.52
C GLU A 632 18.52 -1.64 10.23
N ILE A 633 19.63 -1.48 9.51
CA ILE A 633 20.91 -1.41 10.21
C ILE A 633 20.93 -0.24 11.17
N LEU A 634 20.51 0.93 10.71
CA LEU A 634 20.66 2.14 11.50
C LEU A 634 19.67 2.26 12.64
N PRO A 635 18.35 2.24 12.38
CA PRO A 635 17.40 2.69 13.42
C PRO A 635 17.47 1.91 14.71
N GLU A 636 17.72 0.60 14.62
CA GLU A 636 17.76 -0.23 15.82
C GLU A 636 18.87 0.20 16.77
N LYS A 637 19.95 0.74 16.23
CA LYS A 637 21.08 1.16 17.05
C LYS A 637 20.88 2.58 17.55
N GLN A 638 21.19 2.79 18.82
CA GLN A 638 21.20 4.14 19.37
C GLN A 638 22.15 5.02 18.59
N ALA A 639 21.70 6.24 18.28
CA ALA A 639 22.29 6.99 17.20
C ALA A 639 22.72 8.38 17.63
N GLU A 640 23.24 8.53 18.85
CA GLU A 640 24.03 9.73 19.11
C GLU A 640 25.20 9.78 18.16
N PHE A 641 25.77 8.62 17.86
CA PHE A 641 26.84 8.51 16.88
C PHE A 641 26.41 9.13 15.58
N PHE A 642 25.13 8.97 15.23
CA PHE A 642 24.61 9.52 13.99
C PHE A 642 24.54 11.04 14.02
N GLU A 643 24.41 11.63 15.20
CA GLU A 643 24.09 13.05 15.31
C GLU A 643 24.95 13.94 14.43
N PRO A 644 26.28 13.82 14.39
CA PRO A 644 27.04 14.73 13.52
C PRO A 644 26.63 14.63 12.06
N TRP A 645 26.28 13.44 11.61
CA TRP A 645 25.89 13.27 10.21
C TRP A 645 24.52 13.83 9.91
N VAL A 646 23.70 14.04 10.95
CA VAL A 646 22.27 14.27 10.75
C VAL A 646 22.04 15.25 9.61
N TYR A 647 22.61 16.44 9.71
CA TYR A 647 22.44 17.39 8.62
C TYR A 647 23.07 16.82 7.36
N SER A 648 24.39 16.67 7.37
CA SER A 648 25.12 16.49 6.12
C SER A 648 24.66 15.24 5.40
N PHE A 649 24.62 14.11 6.11
CA PHE A 649 24.15 12.87 5.53
C PHE A 649 22.76 13.06 4.93
N SER A 650 21.85 13.66 5.70
CA SER A 650 20.53 13.94 5.14
C SER A 650 20.64 14.94 4.01
N TYR A 651 21.44 15.99 4.21
CA TYR A 651 21.52 17.08 3.26
C TYR A 651 21.73 16.57 1.85
N GLU A 652 22.86 15.88 1.63
CA GLU A 652 23.18 15.40 0.30
C GLU A 652 22.06 14.57 -0.29
N LEU A 653 21.40 13.76 0.55
CA LEU A 653 20.32 12.92 0.06
C LEU A 653 19.30 13.74 -0.70
N ILE A 654 18.83 14.83 -0.10
CA ILE A 654 17.85 15.66 -0.77
C ILE A 654 18.36 16.08 -2.13
N LEU A 655 19.63 16.51 -2.18
CA LEU A 655 20.31 16.81 -3.42
C LEU A 655 19.97 15.78 -4.48
N GLN A 656 20.32 14.52 -4.21
CA GLN A 656 20.06 13.48 -5.20
C GLN A 656 18.57 13.30 -5.44
N SER A 657 17.78 13.32 -4.38
CA SER A 657 16.33 13.26 -4.57
C SER A 657 15.87 14.44 -5.41
N THR A 658 16.50 15.59 -5.24
CA THR A 658 16.18 16.72 -6.09
C THR A 658 16.50 16.40 -7.54
N ARG A 659 17.65 15.79 -7.79
CA ARG A 659 18.01 15.42 -9.15
C ARG A 659 17.07 14.35 -9.68
N LEU A 660 16.84 13.30 -8.90
CA LEU A 660 15.99 12.19 -9.31
C LEU A 660 14.86 12.01 -8.32
N PRO A 661 13.63 12.38 -8.67
CA PRO A 661 12.53 12.18 -7.73
C PRO A 661 11.92 10.80 -7.80
N LEU A 662 12.16 10.05 -8.88
CA LEU A 662 11.43 8.83 -9.16
C LEU A 662 12.06 7.60 -8.55
N ILE A 663 12.80 7.76 -7.45
CA ILE A 663 13.50 6.65 -6.83
C ILE A 663 12.99 6.52 -5.40
N SER A 664 12.23 5.46 -5.13
CA SER A 664 11.64 5.27 -3.82
C SER A 664 12.72 5.09 -2.75
N GLY A 665 13.80 4.39 -3.09
CA GLY A 665 14.81 4.10 -2.11
C GLY A 665 15.33 5.33 -1.40
N PHE A 666 15.40 6.46 -2.11
CA PHE A 666 15.80 7.70 -1.45
C PHE A 666 14.85 8.07 -0.33
N TYR A 667 13.55 8.04 -0.61
CA TYR A 667 12.58 8.36 0.43
C TYR A 667 12.62 7.34 1.55
N LYS A 668 12.74 6.06 1.21
CA LYS A 668 12.83 5.02 2.22
C LYS A 668 13.99 5.31 3.17
N LEU A 669 15.18 5.53 2.62
CA LEU A 669 16.33 5.84 3.44
C LEU A 669 16.10 7.10 4.25
N LEU A 670 15.62 8.15 3.60
CA LEU A 670 15.44 9.43 4.26
C LEU A 670 14.38 9.36 5.34
N SER A 671 13.56 8.31 5.34
CA SER A 671 12.58 8.16 6.40
C SER A 671 13.26 7.87 7.73
N ILE A 672 14.17 6.89 7.75
CA ILE A 672 14.75 6.46 9.02
C ILE A 672 15.60 7.56 9.62
N THR A 673 16.31 8.31 8.78
CA THR A 673 17.15 9.38 9.29
C THR A 673 16.33 10.44 9.99
N VAL A 674 15.04 10.53 9.71
CA VAL A 674 14.16 11.39 10.47
C VAL A 674 13.61 10.65 11.69
N ARG A 675 13.28 9.37 11.51
CA ARG A 675 12.69 8.60 12.59
C ARG A 675 13.55 8.66 13.84
N ASN A 676 14.84 8.38 13.70
CA ASN A 676 15.73 8.48 14.83
C ASN A 676 16.06 9.93 15.18
N ALA A 677 15.94 10.84 14.22
CA ALA A 677 16.15 12.25 14.53
C ALA A 677 15.15 12.73 15.56
N LYS A 678 13.89 12.33 15.42
CA LYS A 678 12.93 12.59 16.48
C LYS A 678 13.30 11.82 17.74
N LYS A 679 13.83 10.60 17.57
CA LYS A 679 14.21 9.80 18.72
C LYS A 679 15.30 10.50 19.54
N ILE A 680 16.26 11.13 18.87
CA ILE A 680 17.31 11.84 19.60
C ILE A 680 16.89 13.21 20.07
N LYS A 681 15.70 13.66 19.69
CA LYS A 681 15.21 15.00 20.03
C LYS A 681 16.16 16.07 19.50
N TYR A 682 16.23 16.15 18.17
CA TYR A 682 17.16 17.08 17.53
C TYR A 682 16.60 18.49 17.46
N PHE A 683 15.47 18.65 16.77
CA PHE A 683 14.95 19.96 16.40
C PHE A 683 14.28 20.68 17.54
N GLU A 684 14.55 20.29 18.78
CA GLU A 684 13.83 20.83 19.91
C GLU A 684 14.14 22.31 20.12
N GLY A 685 13.10 23.08 20.38
CA GLY A 685 13.27 24.51 20.57
C GLY A 685 13.76 25.25 19.35
N VAL A 686 13.59 24.68 18.17
CA VAL A 686 14.03 25.32 16.94
C VAL A 686 12.79 25.90 16.27
N SER A 687 12.47 27.14 16.63
CA SER A 687 11.41 27.87 15.96
C SER A 687 11.91 28.52 14.68
N PRO A 688 13.05 29.25 14.70
CA PRO A 688 13.49 29.80 13.41
C PRO A 688 14.40 28.84 12.67
N ASP A 697 22.77 26.42 17.43
CA ASP A 697 23.51 25.98 16.26
C ASP A 697 22.82 26.37 14.98
N PRO A 698 23.44 27.27 14.21
CA PRO A 698 22.87 27.64 12.91
C PRO A 698 22.71 26.45 11.98
N GLU A 699 23.54 25.42 12.14
CA GLU A 699 23.41 24.24 11.29
C GLU A 699 22.06 23.56 11.51
N LYS A 700 21.62 23.49 12.76
CA LYS A 700 20.30 22.90 13.02
C LYS A 700 19.21 23.70 12.34
N TYR A 701 19.31 25.04 12.39
CA TYR A 701 18.33 25.87 11.69
C TYR A 701 18.37 25.62 10.20
N SER A 702 19.57 25.50 9.63
CA SER A 702 19.68 25.26 8.19
C SER A 702 19.05 23.93 7.82
N CYS A 703 19.33 22.89 8.60
CA CYS A 703 18.72 21.59 8.32
C CYS A 703 17.21 21.65 8.45
N PHE A 704 16.72 22.35 9.47
CA PHE A 704 15.28 22.49 9.64
C PHE A 704 14.66 23.17 8.43
N ALA A 705 15.27 24.26 7.96
CA ALA A 705 14.75 24.95 6.79
C ALA A 705 14.79 24.05 5.57
N LEU A 706 15.88 23.31 5.41
CA LEU A 706 15.99 22.38 4.30
C LEU A 706 14.84 21.39 4.31
N PHE A 707 14.55 20.82 5.48
CA PHE A 707 13.44 19.89 5.58
C PHE A 707 12.12 20.58 5.27
N VAL A 708 11.96 21.82 5.72
CA VAL A 708 10.72 22.55 5.45
C VAL A 708 10.50 22.65 3.94
N LYS A 709 11.51 23.14 3.23
CA LYS A 709 11.39 23.24 1.78
C LYS A 709 11.07 21.90 1.18
N PHE A 710 11.90 20.89 1.51
CA PHE A 710 11.77 19.60 0.88
C PHE A 710 10.39 19.01 1.10
N GLY A 711 9.88 19.13 2.33
CA GLY A 711 8.53 18.68 2.60
C GLY A 711 7.52 19.39 1.72
N LYS A 712 7.71 20.69 1.51
CA LYS A 712 6.79 21.40 0.63
C LYS A 712 6.79 20.78 -0.77
N GLU A 713 7.97 20.62 -1.37
CA GLU A 713 7.96 20.15 -2.76
C GLU A 713 7.46 18.73 -2.84
N VAL A 714 7.83 17.88 -1.88
CA VAL A 714 7.41 16.49 -1.97
C VAL A 714 5.91 16.37 -1.78
N ALA A 715 5.34 17.19 -0.89
CA ALA A 715 3.90 17.20 -0.73
C ALA A 715 3.22 17.64 -2.02
N VAL A 716 3.81 18.61 -2.71
CA VAL A 716 3.28 18.99 -4.01
C VAL A 716 3.34 17.82 -4.97
N LYS A 717 4.48 17.14 -5.00
CA LYS A 717 4.75 16.17 -6.06
C LYS A 717 3.99 14.87 -5.85
N MET A 718 3.64 14.55 -4.61
CA MET A 718 3.20 13.19 -4.29
C MET A 718 2.00 12.75 -5.12
N LYS A 719 1.19 13.69 -5.58
CA LYS A 719 -0.09 13.33 -6.19
C LYS A 719 0.06 12.57 -7.50
N GLN A 720 1.28 12.22 -7.93
CA GLN A 720 1.47 11.59 -9.23
C GLN A 720 2.20 10.26 -9.15
N TYR A 721 2.15 9.59 -8.00
CA TYR A 721 2.97 8.40 -7.78
C TYR A 721 2.09 7.20 -7.45
N LYS A 722 2.47 6.04 -7.96
CA LYS A 722 1.61 4.86 -7.97
C LYS A 722 2.12 3.83 -6.97
N ASP A 723 1.72 4.01 -5.72
CA ASP A 723 1.71 3.01 -4.65
C ASP A 723 3.08 2.63 -4.13
N GLU A 724 4.14 2.83 -4.89
CA GLU A 724 5.45 2.36 -4.44
C GLU A 724 6.37 3.53 -4.16
N LEU A 725 6.63 4.34 -5.18
CA LEU A 725 7.11 5.68 -4.92
C LEU A 725 6.13 6.39 -4.01
N LEU A 726 4.84 6.16 -4.22
CA LEU A 726 3.83 6.75 -3.35
C LEU A 726 3.94 6.22 -1.93
N ALA A 727 4.12 4.91 -1.78
CA ALA A 727 4.27 4.36 -0.43
C ALA A 727 5.45 5.03 0.28
N SER A 728 6.60 5.06 -0.38
CA SER A 728 7.78 5.65 0.24
C SER A 728 7.55 7.12 0.57
N CYS A 729 6.96 7.86 -0.37
CA CYS A 729 6.74 9.29 -0.18
C CYS A 729 5.84 9.55 1.00
N LEU A 730 4.73 8.82 1.09
CA LEU A 730 3.81 9.04 2.19
C LEU A 730 4.47 8.67 3.52
N THR A 731 5.19 7.54 3.55
CA THR A 731 5.89 7.17 4.76
C THR A 731 6.78 8.30 5.23
N PHE A 732 7.63 8.79 4.32
CA PHE A 732 8.50 9.91 4.64
C PHE A 732 7.71 11.09 5.18
N LEU A 733 6.78 11.59 4.37
CA LEU A 733 6.11 12.84 4.71
C LEU A 733 5.40 12.74 6.04
N LEU A 734 4.71 11.63 6.28
CA LEU A 734 4.06 11.43 7.57
C LEU A 734 5.07 11.41 8.70
N SER A 735 6.23 10.78 8.47
CA SER A 735 7.20 10.65 9.53
C SER A 735 7.82 11.98 9.95
N LEU A 736 7.38 13.10 9.39
CA LEU A 736 8.01 14.37 9.70
C LEU A 736 7.78 14.76 11.16
N PRO A 737 8.74 15.41 11.78
CA PRO A 737 8.51 15.98 13.11
C PRO A 737 7.48 17.09 13.08
N HIS A 738 6.72 17.17 14.17
CA HIS A 738 5.63 18.15 14.24
C HIS A 738 6.13 19.57 14.07
N ASN A 739 7.36 19.85 14.52
CA ASN A 739 7.89 21.22 14.46
C ASN A 739 7.76 21.80 13.06
N ILE A 740 8.18 21.05 12.06
CA ILE A 740 7.98 21.47 10.68
C ILE A 740 6.50 21.59 10.36
N ILE A 741 5.73 20.57 10.76
CA ILE A 741 4.31 20.54 10.46
C ILE A 741 3.59 21.69 11.15
N GLU A 742 4.15 22.20 12.24
CA GLU A 742 3.51 23.32 12.94
C GLU A 742 3.32 24.52 12.02
N LEU A 743 4.20 24.68 11.03
CA LEU A 743 4.17 25.90 10.23
C LEU A 743 2.88 26.00 9.42
N ASP A 744 2.54 24.96 8.67
CA ASP A 744 1.38 25.01 7.79
C ASP A 744 0.88 23.59 7.54
N VAL A 745 -0.11 23.17 8.31
CA VAL A 745 -0.63 21.82 8.17
C VAL A 745 -1.35 21.64 6.84
N ARG A 746 -1.92 22.73 6.32
CA ARG A 746 -2.72 22.73 5.10
C ARG A 746 -2.09 21.86 4.01
N ALA A 747 -0.77 21.92 3.89
CA ALA A 747 -0.09 21.16 2.85
C ALA A 747 -0.27 19.67 3.07
N TYR A 748 -0.11 19.21 4.31
CA TYR A 748 0.02 17.78 4.54
C TYR A 748 -1.32 17.05 4.52
N VAL A 749 -2.42 17.76 4.73
CA VAL A 749 -3.71 17.09 4.90
C VAL A 749 -4.06 16.19 3.72
N PRO A 750 -3.95 16.63 2.46
CA PRO A 750 -4.26 15.71 1.36
C PRO A 750 -3.41 14.46 1.40
N ALA A 751 -2.16 14.59 1.83
CA ALA A 751 -1.33 13.41 2.01
C ALA A 751 -1.94 12.47 3.04
N LEU A 752 -2.46 13.04 4.13
CA LEU A 752 -3.13 12.22 5.14
C LEU A 752 -4.30 11.47 4.54
N GLN A 753 -5.11 12.17 3.75
CA GLN A 753 -6.26 11.53 3.15
C GLN A 753 -5.84 10.41 2.22
N MET A 754 -4.80 10.65 1.41
CA MET A 754 -4.29 9.60 0.54
C MET A 754 -3.81 8.41 1.34
N ALA A 755 -3.12 8.68 2.44
CA ALA A 755 -2.57 7.61 3.26
C ALA A 755 -3.68 6.76 3.83
N PHE A 756 -4.74 7.39 4.33
CA PHE A 756 -5.84 6.61 4.87
C PHE A 756 -6.58 5.85 3.78
N LYS A 757 -6.69 6.42 2.58
CA LYS A 757 -7.30 5.68 1.49
C LYS A 757 -6.51 4.42 1.20
N LEU A 758 -5.20 4.53 1.11
CA LEU A 758 -4.39 3.37 0.78
C LEU A 758 -4.25 2.40 1.94
N GLY A 759 -4.41 2.87 3.18
CA GLY A 759 -4.27 1.98 4.31
C GLY A 759 -5.27 0.86 4.31
N LEU A 760 -6.48 1.11 3.79
CA LEU A 760 -7.45 0.05 3.63
C LEU A 760 -6.90 -1.07 2.77
N SER A 761 -5.93 -0.77 1.91
CA SER A 761 -5.27 -1.78 1.10
C SER A 761 -3.84 -2.07 1.55
N TYR A 762 -3.34 -1.37 2.57
CA TYR A 762 -1.95 -1.55 2.97
C TYR A 762 -1.80 -1.14 4.43
N THR A 763 -1.60 -2.12 5.31
CA THR A 763 -1.60 -1.84 6.74
C THR A 763 -0.52 -0.86 7.18
N PRO A 764 0.75 -0.99 6.78
CA PRO A 764 1.78 -0.13 7.40
C PRO A 764 1.52 1.35 7.19
N LEU A 765 1.02 1.71 6.01
CA LEU A 765 0.70 3.11 5.76
C LEU A 765 -0.38 3.59 6.73
N ALA A 766 -1.41 2.78 6.93
CA ALA A 766 -2.47 3.16 7.87
C ALA A 766 -1.91 3.33 9.27
N GLU A 767 -1.06 2.39 9.70
CA GLU A 767 -0.48 2.49 11.03
C GLU A 767 0.30 3.79 11.18
N VAL A 768 1.12 4.10 10.18
CA VAL A 768 1.91 5.33 10.21
C VAL A 768 0.99 6.54 10.29
N GLY A 769 -0.08 6.52 9.51
CA GLY A 769 -1.02 7.64 9.53
C GLY A 769 -1.64 7.84 10.89
N LEU A 770 -2.03 6.74 11.54
CA LEU A 770 -2.54 6.86 12.90
C LEU A 770 -1.52 7.46 13.83
N ASN A 771 -0.28 6.99 13.75
CA ASN A 771 0.77 7.55 14.60
C ASN A 771 0.87 9.05 14.41
N ALA A 772 0.97 9.48 13.16
CA ALA A 772 1.17 10.89 12.88
C ALA A 772 -0.03 11.72 13.31
N LEU A 773 -1.24 11.22 13.07
CA LEU A 773 -2.42 11.96 13.47
C LEU A 773 -2.48 12.13 14.98
N GLU A 774 -2.20 11.06 15.71
CA GLU A 774 -2.16 11.16 17.16
C GLU A 774 -1.11 12.18 17.60
N GLU A 775 0.07 12.13 17.00
CA GLU A 775 1.12 13.06 17.36
C GLU A 775 0.69 14.50 17.12
N TRP A 776 0.02 14.74 15.99
CA TRP A 776 -0.46 16.08 15.71
C TRP A 776 -1.46 16.52 16.76
N SER A 777 -2.36 15.61 17.15
CA SER A 777 -3.30 15.92 18.21
C SER A 777 -2.57 16.26 19.50
N ILE A 778 -1.42 15.65 19.72
CA ILE A 778 -0.75 15.83 21.01
C ILE A 778 0.07 17.11 21.05
N TYR A 779 0.79 17.42 19.97
CA TYR A 779 1.85 18.43 20.03
C TYR A 779 1.45 19.76 19.44
N ILE A 780 0.20 19.97 19.07
CA ILE A 780 -0.20 21.18 18.38
C ILE A 780 -1.41 21.79 19.06
N ASP A 781 -1.57 23.10 18.88
CA ASP A 781 -2.72 23.81 19.43
C ASP A 781 -4.02 23.20 18.92
N ARG A 782 -4.98 23.08 19.83
CA ARG A 782 -6.28 22.53 19.45
C ARG A 782 -6.97 23.43 18.43
N HIS A 783 -6.88 24.75 18.62
CA HIS A 783 -7.49 25.67 17.67
C HIS A 783 -6.91 25.48 16.28
N VAL A 784 -5.66 25.04 16.19
CA VAL A 784 -5.03 24.85 14.89
C VAL A 784 -5.41 23.51 14.29
N MET A 785 -5.54 22.48 15.12
CA MET A 785 -5.94 21.18 14.63
C MET A 785 -7.43 21.10 14.35
N GLN A 786 -8.22 21.89 15.06
CA GLN A 786 -9.68 21.86 14.87
C GLN A 786 -10.13 22.06 13.43
N PRO A 787 -9.66 23.08 12.69
CA PRO A 787 -10.27 23.36 11.39
C PRO A 787 -10.11 22.25 10.38
N TYR A 788 -9.19 21.31 10.61
CA TYR A 788 -8.88 20.29 9.63
C TYR A 788 -9.37 18.92 10.04
N TYR A 789 -9.75 18.73 11.30
CA TYR A 789 -10.34 17.48 11.71
C TYR A 789 -11.55 17.14 10.84
N LYS A 790 -12.34 18.15 10.52
CA LYS A 790 -13.45 17.93 9.60
C LYS A 790 -12.97 17.44 8.24
N ASP A 791 -11.74 17.75 7.89
CA ASP A 791 -11.20 17.36 6.59
C ASP A 791 -10.47 16.02 6.64
N ILE A 792 -10.32 15.43 7.82
CA ILE A 792 -9.48 14.25 7.97
C ILE A 792 -10.33 13.09 8.46
N LEU A 793 -11.01 13.32 9.58
CA LEU A 793 -11.76 12.24 10.23
C LEU A 793 -12.75 11.53 9.32
N PRO A 794 -13.53 12.21 8.45
CA PRO A 794 -14.47 11.47 7.61
C PRO A 794 -13.81 10.36 6.80
N CYS A 795 -12.51 10.50 6.55
CA CYS A 795 -11.80 9.46 5.83
C CYS A 795 -11.70 8.17 6.64
N LEU A 796 -11.91 8.23 7.96
CA LEU A 796 -11.63 7.09 8.82
C LEU A 796 -12.72 6.02 8.74
N ASP A 797 -13.91 6.36 8.25
CA ASP A 797 -15.03 5.44 8.32
C ASP A 797 -14.73 4.11 7.66
N GLY A 798 -13.92 4.13 6.59
CA GLY A 798 -13.57 2.88 5.93
C GLY A 798 -12.88 1.91 6.87
N TYR A 799 -12.05 2.43 7.77
CA TYR A 799 -11.39 1.58 8.75
C TYR A 799 -12.36 0.97 9.74
N LEU A 800 -13.61 1.43 9.77
CA LEU A 800 -14.57 0.90 10.74
C LEU A 800 -15.75 0.21 10.10
N LYS A 801 -16.37 0.82 9.09
CA LYS A 801 -17.67 0.33 8.63
C LYS A 801 -17.54 -0.96 7.83
N THR A 802 -16.82 -0.91 6.71
CA THR A 802 -16.75 -2.07 5.83
C THR A 802 -15.57 -2.97 6.16
N SER A 803 -14.43 -2.41 6.56
CA SER A 803 -13.27 -3.21 6.88
C SER A 803 -13.53 -4.18 8.03
N ALA A 804 -14.51 -3.88 8.88
CA ALA A 804 -14.94 -4.84 9.89
C ALA A 804 -15.63 -6.05 9.30
N LEU A 805 -15.98 -6.00 8.02
CA LEU A 805 -16.75 -7.06 7.40
C LEU A 805 -15.88 -7.92 6.48
N SER A 847 -3.39 -7.58 12.35
CA SER A 847 -2.98 -6.22 12.68
C SER A 847 -4.04 -5.22 12.22
N LEU A 848 -4.67 -5.54 11.09
CA LEU A 848 -5.73 -4.69 10.57
C LEU A 848 -6.82 -4.50 11.62
N GLU A 849 -7.25 -5.59 12.24
CA GLU A 849 -8.17 -5.49 13.37
C GLU A 849 -7.54 -4.70 14.50
N GLU A 850 -6.25 -4.94 14.79
CA GLU A 850 -5.57 -4.16 15.81
C GLU A 850 -5.51 -2.69 15.41
N ILE A 851 -5.28 -2.42 14.14
CA ILE A 851 -5.30 -1.05 13.66
C ILE A 851 -6.66 -0.43 13.92
N ARG A 852 -7.73 -1.20 13.69
CA ARG A 852 -9.08 -0.70 13.94
C ARG A 852 -9.27 -0.39 15.42
N ILE A 853 -8.76 -1.26 16.28
CA ILE A 853 -8.84 -1.02 17.72
C ILE A 853 -8.12 0.27 18.08
N ARG A 854 -6.92 0.45 17.52
CA ARG A 854 -6.18 1.69 17.74
C ARG A 854 -6.99 2.89 17.28
N VAL A 855 -7.69 2.73 16.16
CA VAL A 855 -8.51 3.81 15.63
C VAL A 855 -9.59 4.17 16.65
N VAL A 856 -10.23 3.15 17.22
CA VAL A 856 -11.25 3.40 18.22
C VAL A 856 -10.66 4.13 19.41
N GLN A 857 -9.49 3.67 19.85
CA GLN A 857 -8.82 4.31 20.98
C GLN A 857 -8.60 5.79 20.70
N MET A 858 -8.04 6.10 19.54
CA MET A 858 -7.77 7.49 19.19
C MET A 858 -9.05 8.29 19.12
N LEU A 859 -10.08 7.75 18.47
CA LEU A 859 -11.37 8.43 18.38
C LEU A 859 -11.85 8.83 19.75
N GLY A 860 -11.80 7.89 20.69
CA GLY A 860 -12.19 8.22 22.05
C GLY A 860 -11.29 9.26 22.66
N SER A 861 -9.99 9.18 22.38
CA SER A 861 -9.05 10.14 22.93
C SER A 861 -9.40 11.57 22.51
N LEU A 862 -9.96 11.72 21.32
CA LEU A 862 -10.43 13.03 20.90
C LEU A 862 -11.76 13.34 21.56
N GLY A 863 -11.97 14.61 21.87
CA GLY A 863 -13.22 15.01 22.49
C GLY A 863 -14.41 14.69 21.61
N GLY A 864 -15.50 14.27 22.23
CA GLY A 864 -16.71 14.00 21.49
C GLY A 864 -17.17 15.19 20.67
N GLN A 865 -16.90 16.39 21.15
CA GLN A 865 -17.25 17.61 20.42
C GLN A 865 -16.43 17.74 19.16
N ILE A 866 -15.51 16.80 18.93
CA ILE A 866 -14.63 16.81 17.77
C ILE A 866 -14.90 15.63 16.85
N ASN A 867 -14.95 14.42 17.42
CA ASN A 867 -15.07 13.22 16.62
C ASN A 867 -16.39 13.14 15.85
N LYS A 868 -17.36 13.97 16.19
CA LYS A 868 -18.60 13.98 15.42
C LYS A 868 -18.38 14.31 13.97
N ASN A 869 -17.27 14.97 13.64
CA ASN A 869 -16.96 15.24 12.24
C ASN A 869 -16.61 13.98 11.48
N LEU A 870 -16.42 12.86 12.16
CA LEU A 870 -16.39 11.58 11.48
C LEU A 870 -17.68 11.36 10.70
N LEU A 871 -18.80 11.75 11.27
CA LEU A 871 -20.10 11.44 10.69
C LEU A 871 -20.64 12.54 9.79
N THR A 872 -19.95 13.68 9.70
CA THR A 872 -20.34 14.61 8.65
C THR A 872 -19.91 14.13 7.28
N VAL A 873 -19.36 12.92 7.20
CA VAL A 873 -19.00 12.36 5.90
C VAL A 873 -20.24 12.25 5.02
N THR A 874 -21.38 11.89 5.61
CA THR A 874 -22.63 11.93 4.85
C THR A 874 -22.93 13.36 4.40
N SER A 875 -22.74 14.33 5.28
CA SER A 875 -22.88 15.73 4.90
C SER A 875 -21.76 16.18 3.97
N SER A 876 -20.66 15.43 3.89
CA SER A 876 -19.59 15.75 2.97
C SER A 876 -19.55 14.86 1.74
N ASP A 877 -20.23 13.70 1.77
CA ASP A 877 -20.39 12.84 0.61
C ASP A 877 -21.84 12.85 0.13
N GLU A 878 -22.48 14.02 0.15
CA GLU A 878 -23.84 14.11 -0.37
C GLU A 878 -23.88 13.85 -1.86
N MET A 879 -22.79 14.13 -2.58
CA MET A 879 -22.79 13.82 -4.01
C MET A 879 -22.65 12.34 -4.29
N MET A 880 -22.70 11.52 -3.25
CA MET A 880 -22.78 10.08 -3.40
C MET A 880 -23.93 9.71 -4.32
N LYS A 881 -23.59 9.10 -5.46
CA LYS A 881 -24.56 8.65 -6.43
C LYS A 881 -24.95 7.19 -6.25
N SER A 882 -24.32 6.50 -5.30
CA SER A 882 -24.61 5.08 -5.11
C SER A 882 -26.02 4.82 -4.61
N TYR A 883 -26.74 5.86 -4.19
CA TYR A 883 -28.08 5.67 -3.65
C TYR A 883 -29.08 6.55 -4.37
N VAL A 884 -29.00 6.59 -5.70
CA VAL A 884 -30.01 7.24 -6.51
C VAL A 884 -30.34 6.31 -7.67
N ALA A 885 -31.51 6.51 -8.25
CA ALA A 885 -31.85 5.79 -9.46
C ALA A 885 -31.00 6.29 -10.63
N TRP A 886 -30.86 5.43 -11.64
CA TRP A 886 -30.17 5.83 -12.86
C TRP A 886 -31.15 6.38 -13.87
N ASP A 887 -32.13 5.58 -14.25
CA ASP A 887 -33.26 6.02 -15.05
C ASP A 887 -34.47 6.22 -14.15
N ARG A 888 -35.28 7.22 -14.49
CA ARG A 888 -36.51 7.44 -13.74
C ARG A 888 -37.46 6.26 -13.85
N GLU A 889 -37.29 5.41 -14.86
CA GLU A 889 -38.11 4.22 -15.05
C GLU A 889 -37.19 3.06 -15.38
N LYS A 890 -37.76 1.96 -15.86
CA LYS A 890 -37.02 0.75 -16.17
C LYS A 890 -37.16 0.43 -17.65
N ARG A 891 -36.06 -0.02 -18.25
CA ARG A 891 -36.03 -0.28 -19.68
C ARG A 891 -35.59 -1.69 -20.04
N LEU A 892 -34.60 -2.24 -19.32
CA LEU A 892 -34.06 -3.55 -19.68
C LEU A 892 -35.03 -4.65 -19.32
N SER A 893 -36.17 -4.69 -20.01
CA SER A 893 -37.19 -5.71 -19.78
C SER A 893 -36.76 -7.00 -20.47
N PHE A 894 -35.78 -7.66 -19.86
CA PHE A 894 -35.29 -8.92 -20.41
C PHE A 894 -36.29 -10.03 -20.13
N ALA A 895 -36.61 -10.79 -21.16
CA ALA A 895 -37.55 -11.90 -21.02
C ALA A 895 -36.90 -13.06 -20.28
N VAL A 896 -37.71 -13.78 -19.52
CA VAL A 896 -37.24 -14.93 -18.75
C VAL A 896 -37.75 -16.19 -19.45
N PRO A 897 -36.90 -16.96 -20.09
CA PRO A 897 -37.37 -18.12 -20.85
C PRO A 897 -37.53 -19.37 -20.00
N PHE A 898 -38.76 -19.86 -19.92
CA PHE A 898 -39.06 -21.17 -19.39
C PHE A 898 -39.62 -22.04 -20.51
N ARG A 899 -40.06 -23.23 -20.15
CA ARG A 899 -40.77 -24.08 -21.09
C ARG A 899 -42.28 -23.99 -20.94
N GLU A 900 -42.78 -23.17 -20.02
CA GLU A 900 -44.22 -22.98 -19.91
C GLU A 900 -44.67 -21.55 -19.70
N MET A 901 -43.79 -20.61 -19.34
CA MET A 901 -44.14 -19.20 -19.42
C MET A 901 -42.88 -18.39 -19.67
N LYS A 902 -43.07 -17.11 -19.97
CA LYS A 902 -41.97 -16.18 -20.24
C LYS A 902 -42.17 -14.91 -19.43
N PRO A 903 -41.78 -14.93 -18.15
CA PRO A 903 -41.81 -13.68 -17.38
C PRO A 903 -40.71 -12.74 -17.82
N VAL A 904 -40.62 -11.57 -17.19
CA VAL A 904 -39.62 -10.57 -17.54
C VAL A 904 -39.00 -10.02 -16.27
N ILE A 905 -37.80 -9.47 -16.43
CA ILE A 905 -37.04 -8.86 -15.35
C ILE A 905 -36.44 -7.57 -15.87
N PHE A 906 -35.95 -6.75 -14.95
CA PHE A 906 -35.40 -5.45 -15.27
C PHE A 906 -33.93 -5.43 -14.90
N LEU A 907 -33.08 -5.70 -15.88
CA LEU A 907 -31.64 -5.67 -15.66
C LEU A 907 -31.17 -4.27 -15.28
N ASP A 908 -31.98 -3.25 -15.58
CA ASP A 908 -31.72 -1.88 -15.16
C ASP A 908 -31.17 -1.83 -13.75
N VAL A 909 -31.98 -2.31 -12.80
CA VAL A 909 -31.66 -2.20 -11.39
C VAL A 909 -30.35 -2.91 -11.05
N PHE A 910 -29.95 -3.90 -11.83
CA PHE A 910 -28.73 -4.62 -11.51
C PHE A 910 -27.48 -3.83 -11.83
N LEU A 911 -27.59 -2.73 -12.57
CA LEU A 911 -26.40 -2.02 -13.02
C LEU A 911 -25.51 -1.56 -11.88
N PRO A 912 -25.92 -0.61 -11.04
CA PRO A 912 -24.94 0.08 -10.19
C PRO A 912 -24.22 -0.83 -9.23
N ARG A 913 -24.90 -1.86 -8.72
CA ARG A 913 -24.25 -2.76 -7.79
C ARG A 913 -23.10 -3.50 -8.47
N VAL A 914 -23.36 -4.06 -9.65
CA VAL A 914 -22.33 -4.79 -10.38
C VAL A 914 -21.13 -3.90 -10.62
N THR A 915 -21.38 -2.68 -11.07
CA THR A 915 -20.29 -1.72 -11.27
C THR A 915 -19.45 -1.61 -10.01
N GLU A 916 -20.09 -1.46 -8.86
CA GLU A 916 -19.36 -1.39 -7.60
C GLU A 916 -18.46 -2.60 -7.43
N LEU A 917 -18.99 -3.79 -7.72
CA LEU A 917 -18.17 -4.99 -7.66
C LEU A 917 -17.06 -4.93 -8.69
N ALA A 918 -17.38 -4.46 -9.90
CA ALA A 918 -16.44 -4.54 -11.01
C ALA A 918 -15.14 -3.85 -10.67
N LEU A 919 -15.21 -2.67 -10.07
CA LEU A 919 -14.00 -1.94 -9.73
C LEU A 919 -13.36 -2.41 -8.44
N THR A 920 -14.10 -3.12 -7.58
CA THR A 920 -13.67 -3.31 -6.21
C THR A 920 -13.58 -4.75 -5.74
N ALA A 921 -14.05 -5.71 -6.53
CA ALA A 921 -14.06 -7.10 -6.08
C ALA A 921 -12.63 -7.61 -5.97
N SER A 922 -12.14 -7.75 -4.73
CA SER A 922 -10.78 -8.21 -4.49
C SER A 922 -10.75 -9.74 -4.35
N ASP A 923 -11.14 -10.41 -5.43
CA ASP A 923 -11.24 -11.86 -5.44
C ASP A 923 -10.58 -12.52 -6.62
N ARG A 924 -10.31 -11.80 -7.71
CA ARG A 924 -9.70 -12.35 -8.91
C ARG A 924 -10.57 -13.41 -9.56
N GLN A 925 -11.69 -13.69 -8.95
CA GLN A 925 -12.73 -14.47 -9.58
C GLN A 925 -14.07 -13.76 -9.56
N THR A 926 -14.43 -13.17 -8.42
CA THR A 926 -15.65 -12.38 -8.38
C THR A 926 -15.55 -11.17 -9.28
N LYS A 927 -14.38 -10.53 -9.29
CA LYS A 927 -14.19 -9.39 -10.18
C LYS A 927 -14.28 -9.82 -11.63
N VAL A 928 -13.72 -10.99 -11.95
CA VAL A 928 -13.81 -11.51 -13.31
C VAL A 928 -15.28 -11.73 -13.69
N ALA A 929 -16.04 -12.34 -12.80
CA ALA A 929 -17.44 -12.59 -13.08
C ALA A 929 -18.18 -11.27 -13.29
N ALA A 930 -17.92 -10.29 -12.44
CA ALA A 930 -18.57 -9.00 -12.58
C ALA A 930 -18.23 -8.39 -13.93
N CYS A 931 -16.96 -8.44 -14.33
CA CYS A 931 -16.55 -7.83 -15.57
C CYS A 931 -17.24 -8.48 -16.76
N GLU A 932 -17.20 -9.81 -16.82
CA GLU A 932 -17.81 -10.48 -17.96
C GLU A 932 -19.31 -10.26 -17.98
N LEU A 933 -19.95 -10.27 -16.82
CA LEU A 933 -21.38 -10.06 -16.77
C LEU A 933 -21.74 -8.66 -17.24
N LEU A 934 -20.94 -7.67 -16.85
CA LEU A 934 -21.20 -6.31 -17.30
C LEU A 934 -21.01 -6.19 -18.80
N HIS A 935 -19.99 -6.87 -19.33
CA HIS A 935 -19.84 -6.93 -20.77
C HIS A 935 -21.10 -7.46 -21.43
N SER A 936 -21.63 -8.56 -20.90
CA SER A 936 -22.87 -9.12 -21.42
C SER A 936 -24.01 -8.11 -21.28
N MET A 937 -24.04 -7.39 -20.16
CA MET A 937 -25.05 -6.35 -19.98
C MET A 937 -25.02 -5.36 -21.10
N VAL A 938 -23.83 -4.86 -21.41
CA VAL A 938 -23.68 -3.85 -22.47
C VAL A 938 -24.12 -4.43 -23.80
N MET A 939 -23.70 -5.66 -24.07
CA MET A 939 -24.10 -6.31 -25.32
C MET A 939 -25.62 -6.34 -25.44
N PHE A 940 -26.30 -6.84 -24.41
CA PHE A 940 -27.75 -6.98 -24.46
C PHE A 940 -28.45 -5.64 -24.55
N MET A 941 -27.99 -4.65 -23.77
CA MET A 941 -28.64 -3.35 -23.76
C MET A 941 -28.49 -2.65 -25.10
N LEU A 942 -27.32 -2.76 -25.73
CA LEU A 942 -27.18 -2.23 -27.07
C LEU A 942 -28.10 -2.95 -28.04
N GLY A 943 -28.18 -4.27 -27.93
CA GLY A 943 -29.09 -5.01 -28.79
C GLY A 943 -30.53 -4.57 -28.62
N LYS A 944 -30.93 -4.35 -27.38
CA LYS A 944 -32.29 -3.89 -27.11
C LYS A 944 -32.53 -2.50 -27.69
N ALA A 945 -31.58 -1.59 -27.49
CA ALA A 945 -31.70 -0.27 -28.09
C ALA A 945 -31.85 -0.38 -29.60
N THR A 946 -31.18 -1.37 -30.20
CA THR A 946 -31.28 -1.55 -31.64
C THR A 946 -32.64 -2.11 -32.03
N GLN A 947 -33.17 -3.05 -31.25
CA GLN A 947 -34.43 -3.72 -31.60
C GLN A 947 -35.52 -2.71 -31.87
N MET A 948 -35.67 -1.72 -30.99
CA MET A 948 -36.64 -0.67 -31.18
C MET A 948 -35.97 0.55 -31.79
N GLY A 954 -41.98 2.67 -30.26
CA GLY A 954 -40.93 3.47 -30.85
C GLY A 954 -39.56 3.16 -30.29
N ALA A 955 -38.63 4.09 -30.45
CA ALA A 955 -37.26 3.91 -29.97
C ALA A 955 -37.14 4.55 -28.60
N PRO A 956 -36.88 3.78 -27.54
CA PRO A 956 -36.83 4.35 -26.20
C PRO A 956 -35.56 5.18 -26.01
N PRO A 957 -35.70 6.44 -25.63
CA PRO A 957 -34.49 7.24 -25.38
C PRO A 957 -33.81 6.75 -24.12
N MET A 958 -32.72 6.01 -24.32
CA MET A 958 -32.01 5.36 -23.24
C MET A 958 -30.69 6.07 -22.93
N TYR A 959 -30.63 7.36 -23.26
CA TYR A 959 -29.41 8.15 -23.17
C TYR A 959 -28.74 8.02 -21.81
N GLN A 960 -29.53 8.12 -20.74
CA GLN A 960 -28.95 8.25 -19.41
C GLN A 960 -28.16 7.01 -19.02
N LEU A 961 -28.52 5.85 -19.56
CA LEU A 961 -27.79 4.64 -19.20
C LEU A 961 -26.39 4.66 -19.79
N TYR A 962 -26.27 5.00 -21.08
CA TYR A 962 -24.97 5.34 -21.63
C TYR A 962 -24.25 6.31 -20.73
N LYS A 963 -24.93 7.41 -20.37
CA LYS A 963 -24.30 8.48 -19.62
C LYS A 963 -23.66 7.95 -18.34
N ARG A 964 -24.42 7.15 -17.60
CA ARG A 964 -23.95 6.65 -16.32
C ARG A 964 -23.03 5.44 -16.45
N THR A 965 -23.01 4.80 -17.61
CA THR A 965 -22.28 3.54 -17.76
C THR A 965 -20.88 3.74 -18.34
N PHE A 966 -20.77 4.49 -19.43
CA PHE A 966 -19.53 4.53 -20.19
C PHE A 966 -18.28 4.77 -19.35
N PRO A 967 -18.24 5.75 -18.45
CA PRO A 967 -17.00 5.93 -17.67
C PRO A 967 -16.60 4.70 -16.89
N VAL A 968 -17.58 3.92 -16.43
CA VAL A 968 -17.26 2.67 -15.76
C VAL A 968 -16.52 1.74 -16.70
N LEU A 969 -17.01 1.63 -17.93
CA LEU A 969 -16.31 0.81 -18.92
C LEU A 969 -14.89 1.32 -19.11
N LEU A 970 -14.74 2.65 -19.22
CA LEU A 970 -13.43 3.23 -19.43
C LEU A 970 -12.47 2.83 -18.31
N ARG A 971 -12.89 3.02 -17.06
CA ARG A 971 -12.03 2.63 -15.95
C ARG A 971 -11.72 1.15 -16.01
N LEU A 972 -12.74 0.32 -16.26
CA LEU A 972 -12.52 -1.10 -16.39
C LEU A 972 -11.64 -1.41 -17.60
N ALA A 973 -11.70 -0.57 -18.63
CA ALA A 973 -10.94 -0.84 -19.83
C ALA A 973 -9.44 -0.78 -19.58
N CYS A 974 -9.01 0.06 -18.64
CA CYS A 974 -7.59 0.26 -18.38
C CYS A 974 -7.18 -0.31 -17.03
N ASP A 975 -7.74 -1.45 -16.66
CA ASP A 975 -7.37 -2.07 -15.39
C ASP A 975 -6.00 -2.70 -15.47
N VAL A 976 -5.41 -2.94 -14.30
CA VAL A 976 -4.12 -3.60 -14.23
C VAL A 976 -4.24 -5.06 -14.70
N ASP A 977 -5.39 -5.68 -14.49
CA ASP A 977 -5.56 -7.06 -14.89
C ASP A 977 -5.52 -7.19 -16.41
N GLN A 978 -4.73 -8.15 -16.89
CA GLN A 978 -4.63 -8.36 -18.33
C GLN A 978 -5.94 -8.87 -18.90
N VAL A 979 -6.62 -9.76 -18.18
CA VAL A 979 -7.81 -10.41 -18.71
C VAL A 979 -8.93 -9.40 -18.95
N THR A 980 -9.17 -8.54 -17.96
CA THR A 980 -10.21 -7.53 -18.12
C THR A 980 -9.91 -6.61 -19.29
N ARG A 981 -8.65 -6.21 -19.42
CA ARG A 981 -8.25 -5.39 -20.55
C ARG A 981 -8.52 -6.11 -21.85
N GLN A 982 -8.17 -7.40 -21.91
CA GLN A 982 -8.46 -8.21 -23.08
C GLN A 982 -9.94 -8.18 -23.40
N LEU A 983 -10.78 -8.26 -22.37
CA LEU A 983 -12.22 -8.23 -22.59
C LEU A 983 -12.66 -6.88 -23.15
N TYR A 984 -12.11 -5.80 -22.62
CA TYR A 984 -12.74 -4.50 -22.80
C TYR A 984 -12.18 -3.69 -23.95
N GLU A 985 -10.86 -3.61 -24.08
CA GLU A 985 -10.29 -2.78 -25.13
C GLU A 985 -10.86 -3.09 -26.51
N PRO A 986 -10.88 -4.35 -26.98
CA PRO A 986 -11.56 -4.61 -28.25
C PRO A 986 -13.03 -4.27 -28.19
N LEU A 987 -13.66 -4.48 -27.05
CA LEU A 987 -15.07 -4.12 -26.90
C LEU A 987 -15.25 -2.63 -27.07
N VAL A 988 -14.39 -1.83 -26.45
CA VAL A 988 -14.48 -0.38 -26.60
C VAL A 988 -14.28 0.01 -28.05
N MET A 989 -13.32 -0.62 -28.71
CA MET A 989 -13.08 -0.28 -30.10
C MET A 989 -14.30 -0.58 -30.95
N GLN A 990 -14.93 -1.73 -30.72
CA GLN A 990 -16.15 -2.06 -31.44
C GLN A 990 -17.25 -1.06 -31.14
N LEU A 991 -17.32 -0.59 -29.90
CA LEU A 991 -18.30 0.42 -29.54
C LEU A 991 -18.11 1.66 -30.39
N ILE A 992 -16.88 2.14 -30.47
CA ILE A 992 -16.59 3.32 -31.27
C ILE A 992 -16.96 3.06 -32.73
N HIS A 993 -16.60 1.89 -33.24
CA HIS A 993 -16.90 1.57 -34.63
C HIS A 993 -18.39 1.62 -34.89
N TRP A 994 -19.19 1.04 -34.00
CA TRP A 994 -20.63 1.06 -34.20
C TRP A 994 -21.15 2.48 -34.15
N PHE A 995 -20.67 3.29 -33.20
CA PHE A 995 -21.08 4.69 -33.20
C PHE A 995 -20.43 5.47 -34.32
N THR A 996 -19.39 4.92 -34.93
CA THR A 996 -18.79 5.54 -36.10
C THR A 996 -19.66 5.36 -37.33
N ASN A 997 -20.68 4.51 -37.25
CA ASN A 997 -21.57 4.29 -38.37
C ASN A 997 -22.19 5.60 -38.84
N ASN A 998 -22.34 5.70 -40.16
CA ASN A 998 -22.98 6.87 -40.76
C ASN A 998 -24.43 7.02 -40.33
N LYS A 999 -25.02 5.97 -39.77
CA LYS A 999 -26.40 6.01 -39.31
C LYS A 999 -26.50 6.21 -37.81
N LYS A 1000 -25.40 6.50 -37.14
CA LYS A 1000 -25.37 6.70 -35.70
C LYS A 1000 -24.89 8.13 -35.44
N PHE A 1001 -25.83 9.07 -35.33
CA PHE A 1001 -25.46 10.45 -35.03
C PHE A 1001 -26.48 11.12 -34.13
N GLU A 1002 -27.11 10.37 -33.23
CA GLU A 1002 -28.14 10.93 -32.37
C GLU A 1002 -27.49 11.51 -31.11
N SER A 1003 -28.33 11.87 -30.13
CA SER A 1003 -27.82 12.34 -28.85
C SER A 1003 -26.88 11.31 -28.23
N GLN A 1004 -27.19 10.03 -28.43
CA GLN A 1004 -26.32 8.97 -27.97
C GLN A 1004 -24.91 9.09 -28.55
N ASP A 1005 -24.78 9.70 -29.73
CA ASP A 1005 -23.46 9.83 -30.33
C ASP A 1005 -22.55 10.75 -29.53
N THR A 1006 -23.10 11.55 -28.63
CA THR A 1006 -22.26 12.43 -27.85
C THR A 1006 -21.47 11.71 -26.79
N VAL A 1007 -21.41 10.38 -26.87
CA VAL A 1007 -20.54 9.62 -25.98
C VAL A 1007 -19.10 10.11 -26.10
N ALA A 1008 -18.73 10.64 -27.26
CA ALA A 1008 -17.37 11.11 -27.47
C ALA A 1008 -16.96 12.12 -26.40
N LEU A 1009 -17.93 12.88 -25.89
CA LEU A 1009 -17.65 13.71 -24.73
C LEU A 1009 -17.17 12.85 -23.56
N LEU A 1010 -17.84 11.72 -23.34
CA LEU A 1010 -17.67 10.97 -22.11
C LEU A 1010 -16.24 10.51 -21.89
N GLU A 1011 -15.39 10.61 -22.90
CA GLU A 1011 -13.96 10.49 -22.71
C GLU A 1011 -13.22 11.77 -23.06
N ALA A 1012 -13.73 12.55 -24.01
CA ALA A 1012 -13.24 13.90 -24.19
C ALA A 1012 -13.41 14.71 -22.92
N ILE A 1013 -14.38 14.34 -22.09
CA ILE A 1013 -14.52 14.94 -20.77
C ILE A 1013 -13.70 14.18 -19.74
N LEU A 1014 -13.73 12.85 -19.81
CA LEU A 1014 -13.03 12.06 -18.81
C LEU A 1014 -11.54 12.35 -18.81
N ASP A 1015 -10.94 12.42 -20.00
CA ASP A 1015 -9.55 12.81 -20.08
C ASP A 1015 -9.38 14.20 -19.47
N GLY A 1016 -8.23 14.42 -18.84
CA GLY A 1016 -8.09 15.67 -18.11
C GLY A 1016 -8.56 15.51 -16.69
N ILE A 1017 -9.85 15.77 -16.48
CA ILE A 1017 -10.50 15.87 -15.17
C ILE A 1017 -10.06 14.76 -14.23
N VAL A 1018 -9.63 13.62 -14.78
CA VAL A 1018 -9.17 12.55 -13.89
C VAL A 1018 -7.78 12.95 -13.44
N ASP A 1019 -7.73 13.76 -12.40
CA ASP A 1019 -6.47 14.33 -11.96
C ASP A 1019 -5.68 13.33 -11.12
N PRO A 1020 -6.25 12.74 -10.06
CA PRO A 1020 -5.50 11.72 -9.33
C PRO A 1020 -5.54 10.36 -10.01
N VAL A 1021 -6.50 10.14 -10.90
CA VAL A 1021 -6.65 8.84 -11.51
C VAL A 1021 -5.47 8.57 -12.44
N ASP A 1022 -5.27 7.28 -12.73
CA ASP A 1022 -4.10 6.86 -13.50
C ASP A 1022 -4.05 7.54 -14.85
N SER A 1023 -2.88 8.12 -15.16
CA SER A 1023 -2.65 8.57 -16.52
C SER A 1023 -2.76 7.42 -17.50
N THR A 1024 -2.53 6.19 -17.02
CA THR A 1024 -2.82 5.01 -17.81
C THR A 1024 -4.24 5.08 -18.36
N LEU A 1025 -5.19 5.45 -17.50
CA LEU A 1025 -6.54 5.69 -17.99
C LEU A 1025 -6.55 6.82 -19.02
N ARG A 1026 -5.80 7.90 -18.76
CA ARG A 1026 -5.75 8.99 -19.71
C ARG A 1026 -5.14 8.54 -21.03
N ASP A 1027 -4.08 7.73 -20.97
CA ASP A 1027 -3.48 7.23 -22.20
C ASP A 1027 -4.44 6.31 -22.94
N PHE A 1028 -5.24 5.54 -22.20
CA PHE A 1028 -6.28 4.75 -22.83
C PHE A 1028 -7.27 5.64 -23.56
N CYS A 1029 -7.66 6.74 -22.93
CA CYS A 1029 -8.53 7.71 -23.58
C CYS A 1029 -7.88 8.24 -24.85
N GLY A 1030 -6.58 8.49 -24.81
CA GLY A 1030 -5.89 8.98 -25.98
C GLY A 1030 -5.92 8.01 -27.13
N ARG A 1031 -5.63 6.74 -26.84
CA ARG A 1031 -5.75 5.72 -27.88
C ARG A 1031 -7.17 5.66 -28.42
N CYS A 1032 -8.15 5.73 -27.52
CA CYS A 1032 -9.54 5.64 -27.94
C CYS A 1032 -9.90 6.77 -28.88
N ILE A 1033 -9.52 8.01 -28.53
CA ILE A 1033 -9.88 9.13 -29.37
C ILE A 1033 -9.13 9.08 -30.70
N ARG A 1034 -7.88 8.61 -30.66
CA ARG A 1034 -7.14 8.44 -31.92
C ARG A 1034 -7.90 7.52 -32.87
N GLU A 1035 -8.28 6.34 -32.39
CA GLU A 1035 -9.01 5.41 -33.24
C GLU A 1035 -10.37 5.98 -33.62
N PHE A 1036 -11.00 6.70 -32.70
CA PHE A 1036 -12.29 7.33 -32.97
C PHE A 1036 -12.20 8.25 -34.16
N LEU A 1037 -11.26 9.18 -34.12
CA LEU A 1037 -11.12 10.13 -35.21
C LEU A 1037 -10.76 9.41 -36.50
N LYS A 1038 -9.86 8.43 -36.42
CA LYS A 1038 -9.46 7.70 -37.61
C LYS A 1038 -10.67 7.09 -38.30
N TRP A 1039 -11.45 6.32 -37.55
CA TRP A 1039 -12.62 5.68 -38.15
C TRP A 1039 -13.65 6.71 -38.59
N SER A 1040 -13.83 7.77 -37.79
CA SER A 1040 -14.79 8.80 -38.13
C SER A 1040 -14.51 9.37 -39.51
N ILE A 1041 -13.26 9.74 -39.75
CA ILE A 1041 -12.89 10.22 -41.08
C ILE A 1041 -13.07 9.11 -42.11
N LYS A 1042 -12.60 7.91 -41.79
CA LYS A 1042 -12.64 6.81 -42.74
C LYS A 1042 -14.07 6.43 -43.09
N GLN A 1043 -14.93 6.34 -42.08
CA GLN A 1043 -16.27 5.81 -42.32
C GLN A 1043 -17.20 6.88 -42.86
N ILE A 1044 -17.22 8.06 -42.25
CA ILE A 1044 -18.17 9.08 -42.62
C ILE A 1044 -17.90 9.55 -44.04
N THR A 1045 -18.94 9.56 -44.87
CA THR A 1045 -18.82 10.20 -46.17
C THR A 1045 -18.67 11.70 -45.96
N PRO A 1046 -17.74 12.36 -46.65
CA PRO A 1046 -17.33 13.71 -46.24
C PRO A 1046 -18.46 14.71 -46.16
N GLN A 1047 -19.38 14.69 -47.12
CA GLN A 1047 -20.43 15.70 -47.17
C GLN A 1047 -21.32 15.63 -45.94
N GLN A 1048 -21.49 14.45 -45.35
CA GLN A 1048 -22.32 14.34 -44.16
C GLN A 1048 -21.62 14.80 -42.90
N GLN A 1049 -20.31 15.04 -42.96
CA GLN A 1049 -19.60 15.57 -41.79
C GLN A 1049 -20.12 16.94 -41.40
N GLU A 1050 -20.76 17.65 -42.33
CA GLU A 1050 -21.32 18.98 -42.07
C GLU A 1050 -22.69 18.91 -41.42
N LYS A 1051 -23.21 17.72 -41.19
CA LYS A 1051 -24.58 17.55 -40.70
C LYS A 1051 -24.64 17.08 -39.26
N SER A 1052 -23.82 16.11 -38.89
CA SER A 1052 -23.81 15.62 -37.52
C SER A 1052 -23.30 16.71 -36.58
N PRO A 1053 -23.95 16.93 -35.45
CA PRO A 1053 -23.41 17.90 -34.48
C PRO A 1053 -22.02 17.54 -34.01
N VAL A 1054 -21.75 16.25 -33.82
CA VAL A 1054 -20.43 15.76 -33.47
C VAL A 1054 -19.70 15.42 -34.77
N ASN A 1055 -18.58 16.08 -35.00
CA ASN A 1055 -17.77 15.82 -36.19
C ASN A 1055 -16.37 16.34 -35.93
N THR A 1056 -15.57 16.41 -36.99
CA THR A 1056 -14.18 16.80 -36.87
C THR A 1056 -14.06 18.20 -36.26
N LYS A 1057 -14.63 19.19 -36.93
CA LYS A 1057 -14.49 20.57 -36.48
C LYS A 1057 -15.10 20.77 -35.10
N SER A 1058 -16.24 20.13 -34.84
CA SER A 1058 -16.85 20.22 -33.51
C SER A 1058 -15.91 19.66 -32.46
N LEU A 1059 -15.35 18.47 -32.73
CA LEU A 1059 -14.38 17.88 -31.83
C LEU A 1059 -13.23 18.84 -31.56
N PHE A 1060 -12.67 19.41 -32.62
CA PHE A 1060 -11.52 20.29 -32.47
C PHE A 1060 -11.87 21.52 -31.65
N LYS A 1061 -13.04 22.09 -31.89
CA LYS A 1061 -13.47 23.24 -31.11
C LYS A 1061 -13.59 22.88 -29.63
N ARG A 1062 -14.14 21.70 -29.34
CA ARG A 1062 -14.18 21.26 -27.95
C ARG A 1062 -12.79 21.14 -27.38
N LEU A 1063 -11.85 20.63 -28.17
CA LEU A 1063 -10.47 20.55 -27.71
C LEU A 1063 -9.92 21.93 -27.38
N TYR A 1064 -10.14 22.89 -28.27
CA TYR A 1064 -9.62 24.23 -28.06
C TYR A 1064 -10.19 24.82 -26.78
N SER A 1065 -11.49 24.66 -26.58
CA SER A 1065 -12.10 25.14 -25.34
C SER A 1065 -11.46 24.48 -24.14
N LEU A 1066 -11.23 23.17 -24.22
CA LEU A 1066 -10.44 22.50 -23.20
C LEU A 1066 -9.02 23.05 -23.16
N ALA A 1067 -8.45 23.30 -24.33
CA ALA A 1067 -7.07 23.75 -24.39
C ALA A 1067 -6.87 25.06 -23.66
N LEU A 1068 -7.78 26.01 -23.84
CA LEU A 1068 -7.66 27.30 -23.21
C LEU A 1068 -8.11 27.29 -21.76
N HIS A 1069 -8.64 26.18 -21.28
CA HIS A 1069 -9.22 26.17 -19.95
C HIS A 1069 -8.13 26.45 -18.91
N PRO A 1070 -8.45 27.20 -17.85
CA PRO A 1070 -7.44 27.49 -16.83
C PRO A 1070 -6.95 26.27 -16.08
N ASN A 1071 -7.70 25.18 -16.08
CA ASN A 1071 -7.25 23.97 -15.40
C ASN A 1071 -5.96 23.48 -16.03
N ALA A 1072 -4.99 23.15 -15.17
CA ALA A 1072 -3.79 22.50 -15.65
C ALA A 1072 -4.11 21.16 -16.28
N PHE A 1073 -5.00 20.39 -15.66
CA PHE A 1073 -5.31 19.05 -16.15
C PHE A 1073 -6.07 19.10 -17.46
N LYS A 1074 -6.95 20.09 -17.65
CA LYS A 1074 -7.64 20.20 -18.92
C LYS A 1074 -6.66 20.46 -20.05
N ARG A 1075 -5.72 21.39 -19.83
CA ARG A 1075 -4.71 21.64 -20.85
C ARG A 1075 -3.85 20.41 -21.08
N LEU A 1076 -3.51 19.70 -20.00
CA LEU A 1076 -2.75 18.48 -20.13
C LEU A 1076 -3.47 17.47 -21.00
N GLY A 1077 -4.77 17.29 -20.76
CA GLY A 1077 -5.54 16.37 -21.56
C GLY A 1077 -5.60 16.80 -23.00
N ALA A 1078 -5.76 18.09 -23.25
CA ALA A 1078 -5.79 18.58 -24.62
C ALA A 1078 -4.49 18.26 -25.34
N SER A 1079 -3.36 18.56 -24.70
CA SER A 1079 -2.07 18.30 -25.32
C SER A 1079 -1.89 16.82 -25.58
N LEU A 1080 -2.19 15.99 -24.59
CA LEU A 1080 -2.04 14.55 -24.75
C LEU A 1080 -2.89 14.04 -25.89
N ALA A 1081 -4.15 14.50 -25.95
CA ALA A 1081 -5.04 14.06 -27.01
C ALA A 1081 -4.50 14.46 -28.36
N PHE A 1082 -3.98 15.68 -28.48
CA PHE A 1082 -3.45 16.08 -29.77
C PHE A 1082 -2.26 15.23 -30.16
N ASN A 1083 -1.39 14.92 -29.21
CA ASN A 1083 -0.28 14.03 -29.50
C ASN A 1083 -0.79 12.68 -29.99
N ASN A 1084 -1.89 12.21 -29.42
CA ASN A 1084 -2.48 10.97 -29.89
C ASN A 1084 -2.99 11.11 -31.32
N ILE A 1085 -3.60 12.25 -31.64
CA ILE A 1085 -4.11 12.47 -33.00
C ILE A 1085 -3.04 12.97 -33.94
N TYR A 1086 -1.85 13.29 -33.43
CA TYR A 1086 -0.72 13.45 -34.31
C TYR A 1086 -0.51 12.14 -35.07
N ARG A 1087 0.12 12.25 -36.24
CA ARG A 1087 0.20 11.19 -37.25
C ARG A 1087 -1.16 10.90 -37.85
N GLU A 1088 -2.20 11.59 -37.41
CA GLU A 1088 -3.53 11.46 -38.02
C GLU A 1088 -4.00 12.77 -38.64
N PHE A 1089 -3.96 13.86 -37.87
CA PHE A 1089 -4.26 15.15 -38.45
C PHE A 1089 -3.34 15.46 -39.61
N ARG A 1090 -2.10 14.99 -39.53
CA ARG A 1090 -1.10 15.14 -40.58
C ARG A 1090 -1.47 14.39 -41.85
N GLU A 1091 -2.57 13.65 -41.86
CA GLU A 1091 -2.91 12.84 -43.02
C GLU A 1091 -4.00 13.43 -43.90
N GLU A 1092 -4.80 14.36 -43.38
CA GLU A 1092 -5.80 15.02 -44.17
C GLU A 1092 -5.29 16.40 -44.56
N GLU A 1093 -5.21 16.65 -45.87
CA GLU A 1093 -4.61 17.88 -46.35
C GLU A 1093 -5.47 19.10 -46.02
N SER A 1094 -6.77 19.04 -46.30
CA SER A 1094 -7.61 20.23 -46.20
C SER A 1094 -7.80 20.63 -44.74
N LEU A 1095 -7.94 19.65 -43.85
CA LEU A 1095 -8.05 19.99 -42.43
C LEU A 1095 -6.75 20.60 -41.93
N VAL A 1096 -5.61 20.12 -42.41
CA VAL A 1096 -4.35 20.80 -42.10
C VAL A 1096 -4.43 22.25 -42.58
N GLU A 1097 -4.82 22.44 -43.84
CA GLU A 1097 -4.86 23.77 -44.42
C GLU A 1097 -5.86 24.68 -43.72
N GLN A 1098 -6.85 24.11 -43.04
CA GLN A 1098 -7.87 24.92 -42.38
C GLN A 1098 -7.69 25.02 -40.88
N PHE A 1099 -6.75 24.27 -40.30
CA PHE A 1099 -6.62 24.27 -38.85
C PHE A 1099 -5.20 24.43 -38.33
N VAL A 1100 -4.19 24.45 -39.19
CA VAL A 1100 -2.82 24.41 -38.69
C VAL A 1100 -2.49 25.65 -37.88
N PHE A 1101 -2.72 26.84 -38.45
CA PHE A 1101 -2.40 28.06 -37.73
C PHE A 1101 -3.24 28.18 -36.48
N GLU A 1102 -4.52 27.81 -36.56
CA GLU A 1102 -5.38 27.86 -35.39
C GLU A 1102 -4.81 27.00 -34.27
N ALA A 1103 -4.43 25.76 -34.59
CA ALA A 1103 -3.90 24.87 -33.58
C ALA A 1103 -2.60 25.41 -33.00
N LEU A 1104 -1.72 25.93 -33.85
CA LEU A 1104 -0.49 26.52 -33.36
C LEU A 1104 -0.77 27.61 -32.35
N VAL A 1105 -1.63 28.57 -32.72
CA VAL A 1105 -1.94 29.67 -31.83
C VAL A 1105 -2.52 29.14 -30.53
N ILE A 1106 -3.46 28.21 -30.64
CA ILE A 1106 -4.13 27.69 -29.45
C ILE A 1106 -3.12 27.06 -28.52
N TYR A 1107 -2.23 26.24 -29.05
CA TYR A 1107 -1.36 25.48 -28.16
C TYR A 1107 -0.26 26.36 -27.58
N MET A 1108 0.28 27.28 -28.36
CA MET A 1108 1.25 28.20 -27.77
C MET A 1108 0.59 29.04 -26.69
N GLU A 1109 -0.66 29.43 -26.90
CA GLU A 1109 -1.38 30.16 -25.86
C GLU A 1109 -1.58 29.30 -24.63
N SER A 1110 -1.85 28.01 -24.83
CA SER A 1110 -1.99 27.11 -23.69
C SER A 1110 -0.69 27.04 -22.91
N LEU A 1111 0.44 26.98 -23.60
CA LEU A 1111 1.74 27.06 -22.94
C LEU A 1111 1.83 28.35 -22.13
N ALA A 1112 1.48 29.46 -22.75
CA ALA A 1112 1.54 30.75 -22.06
C ALA A 1112 0.71 30.70 -20.78
N LEU A 1113 -0.46 30.06 -20.84
CA LEU A 1113 -1.26 29.88 -19.63
C LEU A 1113 -0.51 29.04 -18.61
N ALA A 1114 0.15 27.98 -19.08
CA ALA A 1114 0.88 27.09 -18.19
C ALA A 1114 2.12 27.77 -17.58
N HIS A 1115 2.49 28.94 -18.09
CA HIS A 1115 3.70 29.61 -17.62
C HIS A 1115 3.72 29.74 -16.09
N ALA A 1116 2.62 30.21 -15.52
CA ALA A 1116 2.59 30.46 -14.08
C ALA A 1116 2.60 29.18 -13.25
N ASP A 1117 2.42 28.03 -13.88
CA ASP A 1117 2.30 26.77 -13.14
C ASP A 1117 3.68 26.29 -12.70
N GLU A 1118 3.73 25.07 -12.17
CA GLU A 1118 4.97 24.45 -11.71
C GLU A 1118 5.24 23.19 -12.53
N LYS A 1119 6.49 22.73 -12.46
CA LYS A 1119 6.93 21.62 -13.29
C LYS A 1119 6.35 20.28 -12.86
N SER A 1120 5.76 20.20 -11.66
CA SER A 1120 5.23 18.94 -11.16
C SER A 1120 4.36 18.22 -12.20
N LEU A 1121 3.69 18.99 -13.05
CA LEU A 1121 2.97 18.43 -14.18
C LEU A 1121 3.85 18.54 -15.42
N GLY A 1122 3.98 17.44 -16.15
CA GLY A 1122 4.72 17.46 -17.41
C GLY A 1122 3.96 18.16 -18.50
N THR A 1123 2.95 18.94 -18.11
CA THR A 1123 2.14 19.69 -19.06
C THR A 1123 3.01 20.54 -19.96
N ILE A 1124 4.04 21.17 -19.40
CA ILE A 1124 4.98 21.92 -20.23
C ILE A 1124 5.66 20.99 -21.21
N GLN A 1125 6.11 19.83 -20.73
CA GLN A 1125 6.75 18.87 -21.61
C GLN A 1125 5.80 18.40 -22.70
N GLN A 1126 4.57 18.08 -22.32
CA GLN A 1126 3.59 17.60 -23.29
C GLN A 1126 3.34 18.65 -24.36
N CYS A 1127 3.13 19.90 -23.94
CA CYS A 1127 2.85 20.95 -24.90
C CYS A 1127 4.05 21.20 -25.80
N CYS A 1128 5.26 21.12 -25.24
CA CYS A 1128 6.44 21.27 -26.07
C CYS A 1128 6.50 20.19 -27.14
N ASP A 1129 6.18 18.96 -26.77
CA ASP A 1129 6.14 17.89 -27.75
C ASP A 1129 5.10 18.18 -28.82
N ALA A 1130 3.93 18.65 -28.41
CA ALA A 1130 2.89 18.97 -29.37
C ALA A 1130 3.34 20.04 -30.34
N ILE A 1131 4.00 21.07 -29.82
CA ILE A 1131 4.51 22.14 -30.68
C ILE A 1131 5.54 21.60 -31.64
N ASP A 1132 6.38 20.67 -31.17
CA ASP A 1132 7.33 20.03 -32.07
C ASP A 1132 6.61 19.34 -33.20
N HIS A 1133 5.55 18.60 -32.87
CA HIS A 1133 4.76 17.94 -33.91
C HIS A 1133 4.22 18.96 -34.89
N LEU A 1134 3.71 20.07 -34.36
CA LEU A 1134 3.17 21.11 -35.22
C LEU A 1134 4.21 21.63 -36.18
N CYS A 1135 5.40 21.94 -35.67
CA CYS A 1135 6.45 22.45 -36.53
C CYS A 1135 6.82 21.44 -37.60
N ARG A 1136 6.94 20.16 -37.21
CA ARG A 1136 7.30 19.13 -38.17
C ARG A 1136 6.28 19.02 -39.29
N ILE A 1137 4.99 19.03 -38.93
CA ILE A 1137 3.99 18.94 -39.98
C ILE A 1137 3.98 20.21 -40.82
N ILE A 1138 4.26 21.35 -40.21
CA ILE A 1138 4.23 22.62 -40.94
C ILE A 1138 5.30 22.61 -42.02
N GLU A 1139 6.53 22.30 -41.64
CA GLU A 1139 7.61 22.33 -42.61
C GLU A 1139 7.37 21.33 -43.73
N LYS A 1140 6.62 20.27 -43.45
CA LYS A 1140 6.34 19.28 -44.48
C LYS A 1140 5.50 19.87 -45.60
N LYS A 1141 4.40 20.52 -45.24
CA LYS A 1141 3.47 21.08 -46.22
C LYS A 1141 3.65 22.57 -46.40
N HIS A 1142 4.72 23.13 -45.85
CA HIS A 1142 5.09 24.53 -45.99
C HIS A 1142 4.85 25.04 -47.41
N VAL A 1143 5.16 24.19 -48.39
CA VAL A 1143 5.00 24.58 -49.80
C VAL A 1143 3.56 24.99 -50.07
N SER A 1144 2.60 24.29 -49.50
CA SER A 1144 1.21 24.61 -49.72
C SER A 1144 0.70 25.72 -48.82
N LEU A 1145 1.46 26.09 -47.79
CA LEU A 1145 1.03 27.09 -46.84
C LEU A 1145 1.57 28.47 -47.16
N ASN A 1146 2.28 28.61 -48.27
CA ASN A 1146 2.84 29.89 -48.68
C ASN A 1146 1.78 30.83 -49.24
N LYS A 1147 0.51 30.53 -49.01
CA LYS A 1147 -0.59 31.19 -49.69
C LYS A 1147 -1.75 31.38 -48.73
N ALA A 1148 -2.60 32.35 -49.02
CA ALA A 1148 -3.71 32.73 -48.16
C ALA A 1148 -5.00 32.13 -48.72
N LYS A 1149 -5.49 31.07 -48.09
CA LYS A 1149 -6.62 30.30 -48.59
C LYS A 1149 -7.88 30.47 -47.74
N LYS A 1150 -8.01 31.60 -47.05
CA LYS A 1150 -9.17 31.86 -46.21
C LYS A 1150 -9.38 30.74 -45.21
N ARG A 1151 -8.33 30.47 -44.44
CA ARG A 1151 -8.34 29.40 -43.47
C ARG A 1151 -9.25 29.78 -42.31
N ARG A 1152 -9.39 28.86 -41.35
CA ARG A 1152 -10.13 29.18 -40.13
C ARG A 1152 -9.32 30.22 -39.36
N LEU A 1153 -9.77 31.46 -39.43
CA LEU A 1153 -9.00 32.55 -38.85
C LEU A 1153 -9.01 32.42 -37.33
N PRO A 1154 -7.87 32.24 -36.69
CA PRO A 1154 -7.86 31.99 -35.26
C PRO A 1154 -8.00 33.28 -34.46
N ARG A 1155 -8.38 33.11 -33.20
CA ARG A 1155 -8.40 34.24 -32.29
C ARG A 1155 -6.97 34.73 -32.06
N GLY A 1156 -6.86 35.99 -31.67
CA GLY A 1156 -5.56 36.62 -31.67
C GLY A 1156 -5.12 37.08 -33.04
N PHE A 1157 -6.00 37.02 -34.03
CA PHE A 1157 -5.74 37.58 -35.37
C PHE A 1157 -6.88 38.50 -35.75
N PRO A 1158 -6.99 39.66 -35.10
CA PRO A 1158 -8.00 40.64 -35.49
C PRO A 1158 -7.86 41.06 -36.95
N PRO A 1159 -6.70 41.53 -37.41
CA PRO A 1159 -6.64 42.06 -38.78
C PRO A 1159 -6.74 40.99 -39.84
N SER A 1160 -6.79 39.71 -39.45
CA SER A 1160 -6.85 38.63 -40.41
C SER A 1160 -8.14 38.71 -41.23
N ALA A 1161 -7.98 38.83 -42.54
CA ALA A 1161 -9.08 38.70 -43.49
C ALA A 1161 -8.78 37.76 -44.64
N SER A 1162 -7.51 37.42 -44.87
CA SER A 1162 -7.12 36.35 -45.78
C SER A 1162 -5.76 35.87 -45.31
N LEU A 1163 -5.76 34.75 -44.58
CA LEU A 1163 -4.62 34.39 -43.75
C LEU A 1163 -3.64 33.51 -44.51
N CYS A 1164 -2.37 33.93 -44.51
CA CYS A 1164 -1.27 33.15 -45.06
C CYS A 1164 -0.20 32.97 -44.00
N LEU A 1165 0.89 32.29 -44.38
CA LEU A 1165 1.93 31.96 -43.42
C LEU A 1165 2.60 33.22 -42.86
N LEU A 1166 2.88 34.19 -43.73
CA LEU A 1166 3.59 35.38 -43.27
C LEU A 1166 2.83 36.12 -42.18
N ASP A 1167 1.50 36.02 -42.20
CA ASP A 1167 0.70 36.56 -41.11
C ASP A 1167 1.13 35.93 -39.79
N LEU A 1168 1.21 34.59 -39.77
CA LEU A 1168 1.70 33.90 -38.58
C LEU A 1168 3.12 34.33 -38.24
N VAL A 1169 3.95 34.50 -39.26
CA VAL A 1169 5.34 34.92 -39.04
C VAL A 1169 5.36 36.19 -38.22
N LYS A 1170 4.70 37.21 -38.73
CA LYS A 1170 4.71 38.51 -38.07
C LYS A 1170 4.06 38.42 -36.70
N TRP A 1171 2.96 37.68 -36.60
CA TRP A 1171 2.28 37.55 -35.31
C TRP A 1171 3.20 36.93 -34.27
N LEU A 1172 3.85 35.83 -34.65
CA LEU A 1172 4.80 35.19 -33.74
C LEU A 1172 5.89 36.16 -33.34
N LEU A 1173 6.42 36.90 -34.30
CA LEU A 1173 7.35 37.97 -33.97
C LEU A 1173 6.70 38.94 -33.00
N ALA A 1174 5.45 39.31 -33.26
CA ALA A 1174 4.73 40.25 -32.41
C ALA A 1174 4.47 39.68 -31.03
N HIS A 1175 4.92 38.45 -30.78
CA HIS A 1175 4.71 37.79 -29.50
C HIS A 1175 5.98 37.12 -29.03
N CYS A 1176 7.09 37.85 -29.12
CA CYS A 1176 8.33 37.42 -28.51
C CYS A 1176 8.64 38.15 -27.22
N GLY A 1177 7.95 39.24 -26.94
CA GLY A 1177 8.14 39.96 -25.70
C GLY A 1177 7.26 39.38 -24.61
N ARG A 1178 6.75 38.19 -24.85
CA ARG A 1178 5.86 37.55 -23.90
C ARG A 1178 6.61 37.21 -22.63
N PRO A 1179 6.10 37.61 -21.46
CA PRO A 1179 6.73 37.19 -20.20
C PRO A 1179 6.76 35.69 -20.02
N GLN A 1180 5.88 34.96 -20.71
CA GLN A 1180 5.77 33.52 -20.53
C GLN A 1180 7.04 32.86 -21.05
N THR A 1181 7.87 32.37 -20.11
CA THR A 1181 9.23 32.00 -20.43
C THR A 1181 9.29 30.95 -21.52
N GLU A 1182 8.78 29.76 -21.26
CA GLU A 1182 8.93 28.69 -22.22
C GLU A 1182 8.08 28.92 -23.45
N CYS A 1183 6.92 29.54 -23.28
CA CYS A 1183 6.17 30.02 -24.42
C CYS A 1183 7.04 30.92 -25.29
N ARG A 1184 7.80 31.82 -24.65
CA ARG A 1184 8.69 32.70 -25.38
C ARG A 1184 9.76 31.92 -26.12
N HIS A 1185 10.36 30.94 -25.45
CA HIS A 1185 11.39 30.12 -26.08
C HIS A 1185 10.83 29.45 -27.33
N LYS A 1186 9.69 28.79 -27.18
CA LYS A 1186 9.08 28.10 -28.30
C LYS A 1186 8.75 29.09 -29.41
N SER A 1187 8.22 30.25 -29.05
CA SER A 1187 7.88 31.25 -30.06
C SER A 1187 9.10 31.63 -30.88
N ILE A 1188 10.19 31.95 -30.20
CA ILE A 1188 11.38 32.41 -30.89
C ILE A 1188 11.95 31.31 -31.78
N GLU A 1189 11.98 30.08 -31.28
CA GLU A 1189 12.60 29.03 -32.09
C GLU A 1189 11.71 28.62 -33.25
N LEU A 1190 10.38 28.64 -33.09
CA LEU A 1190 9.52 28.49 -34.26
C LEU A 1190 9.77 29.60 -35.26
N PHE A 1191 9.94 30.83 -34.79
CA PHE A 1191 10.22 31.92 -35.70
C PHE A 1191 11.49 31.66 -36.50
N TYR A 1192 12.55 31.21 -35.80
CA TYR A 1192 13.78 30.86 -36.49
C TYR A 1192 13.53 29.78 -37.53
N LYS A 1193 12.89 28.68 -37.12
CA LYS A 1193 12.73 27.55 -38.03
C LYS A 1193 11.74 27.84 -39.14
N PHE A 1194 11.00 28.94 -39.06
CA PHE A 1194 10.04 29.27 -40.10
C PHE A 1194 10.51 30.38 -41.01
N VAL A 1195 11.50 31.17 -40.58
CA VAL A 1195 12.11 32.15 -41.47
C VAL A 1195 12.47 31.51 -42.81
N PRO A 1196 13.34 30.49 -42.85
CA PRO A 1196 13.78 29.99 -44.16
C PRO A 1196 12.65 29.40 -44.98
N LEU A 1197 11.63 28.85 -44.32
CA LEU A 1197 10.55 28.21 -45.05
C LEU A 1197 9.74 29.19 -45.88
N LEU A 1198 9.91 30.49 -45.67
CA LEU A 1198 9.19 31.47 -46.45
C LEU A 1198 9.64 31.38 -47.91
N PRO A 1199 8.76 31.76 -48.85
CA PRO A 1199 9.14 31.66 -50.28
C PRO A 1199 10.38 32.45 -50.62
N GLY A 1200 10.61 33.58 -49.95
CA GLY A 1200 11.86 34.30 -50.15
C GLY A 1200 13.07 33.47 -49.79
N ASN A 1201 12.90 32.53 -48.84
CA ASN A 1201 13.98 31.64 -48.41
C ASN A 1201 15.21 32.42 -47.98
N ARG A 1202 14.99 33.59 -47.38
CA ARG A 1202 16.08 34.44 -46.94
C ARG A 1202 16.44 34.11 -45.49
N SER A 1203 17.71 34.28 -45.17
CA SER A 1203 18.17 33.99 -43.83
C SER A 1203 17.55 34.96 -42.84
N PRO A 1204 17.48 34.57 -41.56
CA PRO A 1204 17.00 35.53 -40.55
C PRO A 1204 17.78 36.82 -40.58
N ASN A 1205 19.09 36.75 -40.80
CA ASN A 1205 19.86 37.93 -41.15
C ASN A 1205 19.14 38.70 -42.26
N LEU A 1206 18.99 38.04 -43.40
CA LEU A 1206 18.46 38.68 -44.59
C LEU A 1206 17.06 39.23 -44.36
N TRP A 1207 16.11 38.35 -44.06
CA TRP A 1207 14.73 38.78 -43.95
C TRP A 1207 14.55 39.80 -42.84
N LEU A 1208 15.26 39.61 -41.73
CA LEU A 1208 15.14 40.54 -40.61
C LEU A 1208 15.60 41.94 -41.01
N LYS A 1209 16.79 42.04 -41.59
CA LYS A 1209 17.26 43.36 -42.00
C LYS A 1209 16.40 43.92 -43.11
N ASP A 1210 15.77 43.06 -43.92
CA ASP A 1210 14.83 43.55 -44.91
C ASP A 1210 13.63 44.19 -44.24
N VAL A 1211 13.14 43.57 -43.17
CA VAL A 1211 12.06 44.18 -42.39
C VAL A 1211 12.52 45.50 -41.80
N LEU A 1212 13.75 45.54 -41.31
CA LEU A 1212 14.27 46.77 -40.72
C LEU A 1212 14.38 47.88 -41.75
N LYS A 1213 14.81 47.55 -42.96
CA LYS A 1213 14.81 48.55 -44.04
C LYS A 1213 13.39 48.97 -44.36
N GLU A 1214 12.45 48.01 -44.35
CA GLU A 1214 11.04 48.35 -44.53
C GLU A 1214 10.61 49.36 -43.48
N GLU A 1215 10.64 48.97 -42.22
CA GLU A 1215 10.36 49.87 -41.11
C GLU A 1215 11.49 49.75 -40.12
N GLY A 1216 11.87 50.89 -39.53
CA GLY A 1216 13.06 50.96 -38.71
C GLY A 1216 12.99 50.23 -37.39
N VAL A 1217 13.79 50.67 -36.43
CA VAL A 1217 13.97 49.92 -35.19
C VAL A 1217 12.84 50.10 -34.20
N SER A 1218 11.97 51.09 -34.41
CA SER A 1218 10.91 51.36 -33.44
C SER A 1218 10.02 50.14 -33.24
N PHE A 1219 9.49 49.58 -34.33
CA PHE A 1219 8.69 48.37 -34.24
C PHE A 1219 9.48 47.23 -33.62
N LEU A 1220 10.72 47.05 -34.05
CA LEU A 1220 11.52 45.96 -33.54
C LEU A 1220 11.64 46.04 -32.02
N ILE A 1221 11.98 47.22 -31.51
CA ILE A 1221 12.21 47.36 -30.07
C ILE A 1221 10.90 47.21 -29.32
N ASN A 1222 9.84 47.92 -29.73
CA ASN A 1222 8.61 47.83 -28.98
C ASN A 1222 8.06 46.42 -29.02
N THR A 1223 8.30 45.70 -30.09
CA THR A 1223 8.01 44.27 -30.12
C THR A 1223 8.82 43.55 -29.06
N PHE A 1224 10.13 43.79 -29.05
CA PHE A 1224 10.96 43.25 -27.98
C PHE A 1224 10.61 43.86 -26.64
N GLU A 1225 10.05 45.07 -26.63
CA GLU A 1225 9.74 45.73 -25.38
C GLU A 1225 8.34 45.40 -24.89
N GLY A 1226 7.37 45.37 -25.80
CA GLY A 1226 6.01 45.05 -25.40
C GLY A 1226 5.88 43.63 -24.91
N GLY A 1227 4.88 43.40 -24.05
CA GLY A 1227 4.66 42.11 -23.45
C GLY A 1227 3.97 41.10 -24.32
N GLY A 1228 3.73 41.42 -25.59
CA GLY A 1228 3.00 40.52 -26.46
C GLY A 1228 1.53 40.87 -26.54
N CYS A 1229 0.71 40.17 -25.76
CA CYS A 1229 -0.73 40.45 -25.74
C CYS A 1229 -0.97 41.90 -25.32
N GLY A 1230 -1.59 42.67 -26.21
CA GLY A 1230 -1.76 44.09 -25.98
C GLY A 1230 -0.43 44.81 -25.99
N GLN A 1231 -0.44 46.15 -26.08
CA GLN A 1231 0.79 46.92 -26.03
C GLN A 1231 0.78 48.04 -24.98
N PRO A 1232 0.30 47.75 -23.74
CA PRO A 1232 0.61 48.67 -22.65
C PRO A 1232 1.79 48.19 -21.83
N SER A 1233 2.25 46.98 -22.10
CA SER A 1233 3.20 46.28 -21.25
C SER A 1233 4.63 46.59 -21.67
N GLY A 1234 5.56 46.16 -20.83
CA GLY A 1234 6.97 46.43 -21.02
C GLY A 1234 7.45 47.54 -20.09
N ILE A 1235 8.76 47.54 -19.85
CA ILE A 1235 9.37 48.56 -19.00
C ILE A 1235 9.30 49.94 -19.62
N LEU A 1236 8.90 50.03 -20.90
CA LEU A 1236 8.56 51.33 -21.45
C LEU A 1236 7.47 51.98 -20.61
N ALA A 1237 6.46 51.20 -20.21
CA ALA A 1237 5.47 51.70 -19.28
C ALA A 1237 6.11 52.03 -17.93
N GLN A 1238 6.98 51.16 -17.43
CA GLN A 1238 7.65 51.45 -16.18
C GLN A 1238 8.98 50.71 -16.10
N PRO A 1239 10.10 51.43 -16.13
CA PRO A 1239 11.39 50.76 -15.96
C PRO A 1239 11.83 50.69 -14.51
N THR A 1240 10.89 50.89 -13.59
CA THR A 1240 11.25 50.90 -12.18
C THR A 1240 10.07 50.45 -11.33
N LEU A 1241 10.39 50.03 -10.11
CA LEU A 1241 9.38 49.71 -9.12
C LEU A 1241 8.60 50.93 -8.65
N LEU A 1242 9.06 52.12 -9.00
CA LEU A 1242 8.38 53.34 -8.58
C LEU A 1242 7.09 53.51 -9.36
N TYR A 1243 6.27 54.44 -8.89
CA TYR A 1243 4.93 54.70 -9.42
C TYR A 1243 4.19 53.41 -9.74
N LEU A 1244 4.13 52.53 -8.73
CA LEU A 1244 3.36 51.30 -8.80
C LEU A 1244 2.33 51.29 -7.69
N ARG A 1245 1.11 50.87 -8.02
CA ARG A 1245 -0.03 51.07 -7.14
C ARG A 1245 -0.05 50.05 -6.03
N GLY A 1246 -0.78 50.40 -4.96
CA GLY A 1246 -1.04 49.49 -3.88
C GLY A 1246 0.18 49.16 -3.05
N PRO A 1247 0.05 48.16 -2.21
CA PRO A 1247 1.17 47.74 -1.36
C PRO A 1247 2.09 46.75 -2.04
N PHE A 1248 3.28 46.60 -1.46
CA PHE A 1248 4.31 45.71 -1.99
C PHE A 1248 3.80 44.28 -2.12
N SER A 1249 2.83 43.90 -1.29
CA SER A 1249 2.35 42.52 -1.25
C SER A 1249 1.92 42.04 -2.63
N LEU A 1250 1.30 42.91 -3.41
CA LEU A 1250 0.92 42.55 -4.77
C LEU A 1250 2.17 42.23 -5.59
N GLN A 1251 2.33 40.97 -5.96
CA GLN A 1251 3.54 40.59 -6.67
C GLN A 1251 3.36 40.64 -8.19
N ALA A 1252 2.79 41.75 -8.65
CA ALA A 1252 3.06 42.18 -10.01
C ALA A 1252 4.46 42.74 -10.13
N THR A 1253 5.07 43.09 -9.00
CA THR A 1253 6.50 43.31 -8.96
C THR A 1253 7.23 42.14 -9.60
N LEU A 1254 6.86 40.92 -9.19
CA LEU A 1254 7.37 39.74 -9.85
C LEU A 1254 7.08 39.77 -11.34
N CYS A 1255 5.89 40.21 -11.72
CA CYS A 1255 5.55 40.34 -13.13
C CYS A 1255 6.47 41.32 -13.83
N TRP A 1256 6.75 42.46 -13.19
CA TRP A 1256 7.63 43.43 -13.82
C TRP A 1256 9.03 42.87 -14.00
N LEU A 1257 9.54 42.18 -12.98
CA LEU A 1257 10.84 41.55 -13.10
C LEU A 1257 10.85 40.52 -14.20
N ASP A 1258 9.77 39.75 -14.31
CA ASP A 1258 9.66 38.75 -15.37
C ASP A 1258 9.68 39.41 -16.73
N LEU A 1259 8.98 40.53 -16.89
CA LEU A 1259 8.99 41.26 -18.15
C LEU A 1259 10.40 41.72 -18.48
N LEU A 1260 11.09 42.26 -17.49
CA LEU A 1260 12.48 42.66 -17.68
C LEU A 1260 13.31 41.49 -18.18
N LEU A 1261 13.17 40.34 -17.52
CA LEU A 1261 13.94 39.16 -17.90
C LEU A 1261 13.60 38.73 -19.31
N ALA A 1262 12.32 38.75 -19.66
CA ALA A 1262 11.92 38.31 -20.99
C ALA A 1262 12.51 39.21 -22.07
N ALA A 1263 12.42 40.52 -21.87
CA ALA A 1263 12.99 41.44 -22.84
C ALA A 1263 14.50 41.23 -22.95
N LEU A 1264 15.17 41.08 -21.81
CA LEU A 1264 16.61 40.87 -21.83
C LEU A 1264 16.96 39.60 -22.58
N GLU A 1265 16.24 38.52 -22.31
CA GLU A 1265 16.53 37.25 -22.97
C GLU A 1265 16.30 37.35 -24.46
N CYS A 1266 15.23 38.03 -24.87
CA CYS A 1266 14.99 38.22 -26.29
C CYS A 1266 16.16 38.95 -26.94
N TYR A 1267 16.59 40.05 -26.33
CA TYR A 1267 17.73 40.78 -26.85
C TYR A 1267 18.95 39.87 -26.94
N ASN A 1268 19.21 39.12 -25.87
CA ASN A 1268 20.39 38.27 -25.81
C ASN A 1268 20.38 37.28 -26.95
N THR A 1269 19.29 36.54 -27.11
CA THR A 1269 19.26 35.51 -28.13
C THR A 1269 19.34 36.11 -29.52
N PHE A 1270 18.64 37.22 -29.75
CA PHE A 1270 18.64 37.82 -31.08
C PHE A 1270 20.03 38.32 -31.44
N ILE A 1271 20.73 38.94 -30.50
CA ILE A 1271 22.09 39.36 -30.77
C ILE A 1271 23.00 38.16 -30.96
N GLY A 1272 22.77 37.10 -30.19
CA GLY A 1272 23.65 35.95 -30.24
C GLY A 1272 23.71 35.30 -31.61
N GLU A 1273 22.57 35.29 -32.33
CA GLU A 1273 22.59 34.81 -33.70
C GLU A 1273 23.37 35.73 -34.63
N ARG A 1274 23.70 36.94 -34.18
CA ARG A 1274 24.26 38.02 -34.97
C ARG A 1274 23.25 38.58 -35.96
N THR A 1275 22.01 38.10 -35.95
CA THR A 1275 21.03 38.56 -36.92
C THR A 1275 20.63 40.01 -36.69
N VAL A 1276 20.85 40.52 -35.49
CA VAL A 1276 20.54 41.90 -35.14
C VAL A 1276 21.84 42.66 -35.03
N GLY A 1277 21.91 43.82 -35.68
CA GLY A 1277 23.05 44.69 -35.52
C GLY A 1277 23.25 45.04 -34.06
N ALA A 1278 24.41 44.68 -33.51
CA ALA A 1278 24.66 44.92 -32.10
C ALA A 1278 24.53 46.40 -31.78
N LEU A 1279 25.06 47.25 -32.64
CA LEU A 1279 24.89 48.69 -32.47
C LEU A 1279 23.43 49.08 -32.41
N GLN A 1280 22.56 48.32 -33.06
CA GLN A 1280 21.15 48.68 -33.13
C GLN A 1280 20.43 48.51 -31.80
N VAL A 1281 21.04 47.86 -30.81
CA VAL A 1281 20.32 47.57 -29.57
C VAL A 1281 19.90 48.85 -28.88
N LEU A 1282 20.80 49.82 -28.78
CA LEU A 1282 20.48 51.14 -28.27
C LEU A 1282 21.30 52.16 -29.05
N GLY A 1283 21.15 53.43 -28.68
CA GLY A 1283 21.87 54.48 -29.39
C GLY A 1283 21.33 54.78 -30.76
N THR A 1284 21.14 53.73 -31.57
CA THR A 1284 20.47 53.89 -32.86
C THR A 1284 19.08 54.47 -32.67
N GLU A 1285 18.42 54.14 -31.57
CA GLU A 1285 17.20 54.80 -31.15
C GLU A 1285 17.36 55.23 -29.70
N ALA A 1286 16.91 56.45 -29.39
CA ALA A 1286 17.02 56.98 -28.05
C ALA A 1286 15.89 56.53 -27.14
N GLN A 1287 14.94 55.73 -27.64
CA GLN A 1287 13.82 55.27 -26.84
C GLN A 1287 14.08 53.83 -26.42
N SER A 1288 14.82 53.68 -25.33
CA SER A 1288 15.09 52.36 -24.75
C SER A 1288 15.32 52.55 -23.26
N SER A 1289 14.29 52.31 -22.47
CA SER A 1289 14.42 52.32 -21.02
C SER A 1289 15.15 51.09 -20.49
N LEU A 1290 15.79 50.34 -21.39
CA LEU A 1290 16.39 49.07 -21.02
C LEU A 1290 17.46 49.26 -19.94
N LEU A 1291 18.54 49.95 -20.28
CA LEU A 1291 19.63 50.12 -19.32
C LEU A 1291 19.19 50.89 -18.09
N LYS A 1292 18.18 51.74 -18.21
CA LYS A 1292 17.70 52.47 -17.04
C LYS A 1292 17.15 51.51 -16.00
N ALA A 1293 16.23 50.64 -16.43
CA ALA A 1293 15.73 49.60 -15.54
C ALA A 1293 16.84 48.69 -15.09
N VAL A 1294 17.80 48.42 -15.97
CA VAL A 1294 18.91 47.55 -15.61
C VAL A 1294 19.66 48.12 -14.42
N ALA A 1295 20.03 49.39 -14.51
CA ALA A 1295 20.76 50.04 -13.43
C ALA A 1295 19.90 50.12 -12.17
N PHE A 1296 18.63 50.45 -12.32
CA PHE A 1296 17.74 50.52 -11.17
C PHE A 1296 17.73 49.20 -10.41
N PHE A 1297 17.57 48.10 -11.14
CA PHE A 1297 17.61 46.79 -10.51
C PHE A 1297 18.96 46.49 -9.93
N LEU A 1298 20.04 46.94 -10.59
CA LEU A 1298 21.38 46.60 -10.17
C LEU A 1298 21.62 47.00 -8.73
N GLU A 1299 21.34 48.25 -8.40
CA GLU A 1299 21.42 48.69 -7.02
C GLU A 1299 20.30 48.12 -6.17
N SER A 1300 19.17 47.74 -6.79
CA SER A 1300 17.98 47.39 -6.04
C SER A 1300 18.11 46.10 -5.25
N ILE A 1301 19.16 45.31 -5.49
CA ILE A 1301 19.19 43.96 -4.93
C ILE A 1301 20.43 43.72 -4.10
N ALA A 1302 21.54 44.37 -4.46
CA ALA A 1302 22.77 44.14 -3.74
C ALA A 1302 22.68 44.69 -2.32
N MET A 1303 22.14 45.90 -2.19
CA MET A 1303 21.96 46.49 -0.87
C MET A 1303 20.93 45.70 -0.04
N HIS A 1304 19.87 45.24 -0.67
CA HIS A 1304 18.88 44.42 0.02
C HIS A 1304 18.04 43.69 -1.01
N ASP A 1305 17.40 42.62 -0.55
CA ASP A 1305 16.63 41.76 -1.44
C ASP A 1305 15.14 42.13 -1.46
N ILE A 1306 14.45 42.00 -0.33
CA ILE A 1306 12.99 41.97 -0.33
C ILE A 1306 12.39 43.34 -0.07
N ILE A 1307 12.99 44.14 0.82
CA ILE A 1307 12.36 45.39 1.22
C ILE A 1307 12.42 46.38 0.06
N ALA A 1308 11.29 46.56 -0.60
CA ALA A 1308 11.13 47.61 -1.61
C ALA A 1308 9.83 48.38 -1.47
N ALA A 1309 8.80 47.82 -0.84
CA ALA A 1309 7.55 48.51 -0.54
C ALA A 1309 6.89 49.09 -1.79
N GLU A 1310 7.32 48.67 -2.97
CA GLU A 1310 6.92 49.27 -4.26
C GLU A 1310 7.24 50.75 -4.32
N LYS A 1311 7.98 51.26 -3.34
CA LYS A 1311 8.38 52.66 -3.27
C LYS A 1311 9.82 52.83 -2.85
N CYS A 1312 10.47 51.80 -2.32
CA CYS A 1312 11.86 51.89 -1.87
C CYS A 1312 12.63 50.66 -2.31
N THR A 1315 8.79 46.87 7.18
CA THR A 1315 8.46 46.14 8.40
C THR A 1315 6.96 46.16 8.67
N GLY A 1316 6.43 45.01 9.07
CA GLY A 1316 5.02 44.90 9.37
C GLY A 1316 4.43 43.58 8.93
N ALA A 1317 5.12 42.89 8.02
CA ALA A 1317 4.66 41.60 7.50
C ALA A 1317 3.23 41.68 6.97
N ALA A 1318 2.85 42.84 6.44
CA ALA A 1318 1.52 43.04 5.89
C ALA A 1318 1.61 44.16 4.88
N GLY A 1319 1.38 43.84 3.61
CA GLY A 1319 1.58 44.78 2.53
C GLY A 1319 3.03 44.94 2.10
N ASN A 1320 3.97 44.32 2.81
CA ASN A 1320 5.38 44.35 2.46
C ASN A 1320 5.96 42.95 2.55
N ARG A 1321 5.36 42.10 3.39
CA ARG A 1321 5.69 40.69 3.46
C ARG A 1321 4.41 39.93 3.79
N THR A 1322 4.33 38.68 3.32
CA THR A 1322 3.22 37.83 3.73
C THR A 1322 3.68 36.45 4.14
N SER A 1323 4.82 35.99 3.63
CA SER A 1323 5.29 34.64 3.93
C SER A 1323 6.76 34.54 3.59
N PRO A 1324 7.53 33.77 4.34
CA PRO A 1324 8.93 33.54 3.94
C PRO A 1324 9.03 32.78 2.63
N GLN A 1325 8.08 31.90 2.34
CA GLN A 1325 8.13 31.10 1.12
C GLN A 1325 8.06 31.99 -0.12
N GLU A 1326 7.11 32.92 -0.14
CA GLU A 1326 7.01 33.82 -1.28
C GLU A 1326 8.23 34.73 -1.35
N GLY A 1327 8.77 35.12 -0.21
CA GLY A 1327 9.96 35.96 -0.22
C GLY A 1327 11.15 35.24 -0.86
N GLU A 1328 11.36 33.98 -0.48
CA GLU A 1328 12.47 33.25 -1.05
C GLU A 1328 12.22 32.89 -2.51
N ARG A 1329 10.96 32.69 -2.88
CA ARG A 1329 10.65 32.52 -4.30
C ARG A 1329 10.99 33.78 -5.08
N TYR A 1330 10.64 34.94 -4.51
CA TYR A 1330 11.09 36.21 -5.04
C TYR A 1330 12.61 36.26 -5.18
N ASN A 1331 13.32 35.79 -4.17
CA ASN A 1331 14.77 35.77 -4.23
C ASN A 1331 15.26 34.90 -5.38
N TYR A 1332 14.64 33.73 -5.54
CA TYR A 1332 14.92 32.89 -6.70
C TYR A 1332 14.72 33.63 -8.00
N SER A 1333 13.59 34.31 -8.13
CA SER A 1333 13.29 35.03 -9.36
C SER A 1333 14.36 36.07 -9.64
N LYS A 1334 14.72 36.85 -8.62
CA LYS A 1334 15.73 37.88 -8.81
C LYS A 1334 17.08 37.26 -9.13
N CYS A 1335 17.39 36.10 -8.56
CA CYS A 1335 18.66 35.45 -8.87
C CYS A 1335 18.71 35.03 -10.33
N THR A 1336 17.61 34.46 -10.82
CA THR A 1336 17.54 34.11 -12.23
C THR A 1336 17.72 35.36 -13.08
N VAL A 1337 17.09 36.45 -12.66
CA VAL A 1337 17.24 37.72 -13.36
C VAL A 1337 18.71 38.11 -13.42
N VAL A 1338 19.41 38.01 -12.29
CA VAL A 1338 20.81 38.40 -12.25
C VAL A 1338 21.63 37.55 -13.20
N VAL A 1339 21.39 36.24 -13.17
CA VAL A 1339 22.11 35.34 -14.05
C VAL A 1339 21.93 35.75 -15.49
N ARG A 1340 20.68 35.98 -15.88
CA ARG A 1340 20.43 36.35 -17.26
C ARG A 1340 21.04 37.71 -17.58
N ILE A 1341 21.05 38.63 -16.62
CA ILE A 1341 21.59 39.96 -16.86
C ILE A 1341 23.07 39.87 -17.16
N MET A 1342 23.81 39.19 -16.29
CA MET A 1342 25.24 39.07 -16.51
C MET A 1342 25.53 38.29 -17.77
N GLU A 1343 24.70 37.28 -18.08
CA GLU A 1343 24.88 36.55 -19.33
C GLU A 1343 24.69 37.47 -20.52
N PHE A 1344 23.68 38.34 -20.46
CA PHE A 1344 23.47 39.29 -21.55
C PHE A 1344 24.66 40.21 -21.70
N THR A 1345 25.19 40.70 -20.59
CA THR A 1345 26.37 41.55 -20.66
C THR A 1345 27.53 40.81 -21.33
N THR A 1346 27.73 39.56 -20.95
CA THR A 1346 28.73 38.73 -21.61
C THR A 1346 28.48 38.70 -23.11
N THR A 1347 27.24 38.36 -23.49
CA THR A 1347 26.87 38.29 -24.90
C THR A 1347 27.21 39.58 -25.61
N LEU A 1348 26.97 40.71 -24.94
CA LEU A 1348 27.42 41.99 -25.46
C LEU A 1348 28.90 41.94 -25.75
N LEU A 1349 29.70 41.74 -24.70
CA LEU A 1349 31.15 41.69 -24.90
C LEU A 1349 31.54 40.59 -25.87
N ASN A 1350 30.74 39.52 -25.96
CA ASN A 1350 31.03 38.50 -26.95
C ASN A 1350 31.02 39.06 -28.36
N THR A 1351 30.25 40.12 -28.58
CA THR A 1351 30.27 40.77 -29.88
C THR A 1351 31.61 41.44 -30.11
N SER A 1352 32.15 41.30 -31.32
CA SER A 1352 33.52 41.71 -31.60
C SER A 1352 33.84 43.17 -31.28
N PRO A 1353 32.97 44.15 -31.55
CA PRO A 1353 33.25 45.52 -31.12
C PRO A 1353 33.69 45.62 -29.67
N GLU A 1354 34.51 46.64 -29.37
CA GLU A 1354 34.98 46.87 -28.01
C GLU A 1354 34.53 48.22 -27.46
N GLY A 1355 34.87 49.32 -28.13
CA GLY A 1355 34.41 50.62 -27.68
C GLY A 1355 32.91 50.69 -27.65
N TRP A 1356 32.26 49.95 -28.53
CA TRP A 1356 30.81 49.90 -28.59
C TRP A 1356 30.22 49.44 -27.26
N LYS A 1357 30.69 48.32 -26.74
CA LYS A 1357 30.21 47.87 -25.43
C LYS A 1357 30.68 48.82 -24.34
N LEU A 1358 31.97 49.13 -24.30
CA LEU A 1358 32.49 49.89 -23.17
C LEU A 1358 31.90 51.30 -23.10
N LEU A 1359 31.29 51.77 -24.18
CA LEU A 1359 30.53 53.01 -24.15
C LEU A 1359 29.04 52.77 -24.01
N LYS A 1360 28.56 51.59 -24.35
CA LYS A 1360 27.16 51.24 -24.18
C LYS A 1360 26.95 50.39 -22.94
N LYS A 1361 27.97 50.23 -22.10
CA LYS A 1361 27.85 49.52 -20.85
C LYS A 1361 28.45 50.27 -19.67
N ASP A 1362 29.25 51.30 -19.91
CA ASP A 1362 29.79 52.10 -18.82
C ASP A 1362 28.70 52.76 -18.01
N LEU A 1363 27.51 52.94 -18.59
CA LEU A 1363 26.44 53.63 -17.89
C LEU A 1363 26.06 52.91 -16.61
N CYS A 1364 26.12 51.57 -16.62
CA CYS A 1364 25.79 50.77 -15.45
C CYS A 1364 26.96 49.88 -15.02
N ASN A 1365 28.18 50.22 -15.44
CA ASN A 1365 29.30 49.33 -15.20
C ASN A 1365 29.57 49.14 -13.72
N THR A 1366 29.50 50.23 -12.94
CA THR A 1366 29.96 50.18 -11.56
C THR A 1366 29.16 49.18 -10.73
N HIS A 1367 27.84 49.31 -10.74
CA HIS A 1367 27.00 48.34 -10.06
C HIS A 1367 27.19 46.96 -10.67
N LEU A 1368 27.39 46.92 -11.99
CA LEU A 1368 27.61 45.66 -12.69
C LEU A 1368 28.72 44.87 -12.03
N MET A 1369 29.95 45.39 -12.05
CA MET A 1369 31.00 44.54 -11.51
C MET A 1369 30.97 44.51 -9.99
N ARG A 1370 30.34 45.47 -9.32
CA ARG A 1370 30.21 45.38 -7.87
C ARG A 1370 29.39 44.15 -7.48
N VAL A 1371 28.19 44.03 -8.05
CA VAL A 1371 27.38 42.87 -7.76
C VAL A 1371 28.01 41.61 -8.35
N LEU A 1372 28.77 41.76 -9.44
CA LEU A 1372 29.48 40.63 -10.00
C LEU A 1372 30.48 40.06 -9.00
N VAL A 1373 31.26 40.95 -8.38
CA VAL A 1373 32.20 40.51 -7.34
C VAL A 1373 31.43 39.88 -6.19
N GLN A 1374 30.33 40.50 -5.79
CA GLN A 1374 29.54 39.96 -4.69
C GLN A 1374 29.10 38.53 -4.99
N THR A 1375 28.57 38.31 -6.18
CA THR A 1375 28.14 36.97 -6.57
C THR A 1375 29.32 36.02 -6.62
N LEU A 1376 30.37 36.40 -7.36
CA LEU A 1376 31.47 35.48 -7.60
C LEU A 1376 32.14 35.07 -6.30
N CYS A 1377 32.37 36.02 -5.41
CA CYS A 1377 32.95 35.67 -4.12
C CYS A 1377 31.98 34.83 -3.30
N GLU A 1378 30.74 35.29 -3.17
CA GLU A 1378 29.78 34.58 -2.33
C GLU A 1378 28.36 34.93 -2.73
N PRO A 1379 27.73 34.16 -3.61
CA PRO A 1379 26.39 34.52 -4.10
C PRO A 1379 25.34 34.56 -3.02
N ALA A 1380 25.44 33.70 -2.00
CA ALA A 1380 24.37 33.58 -1.03
C ALA A 1380 24.23 34.81 -0.14
N SER A 1381 25.13 35.78 -0.24
CA SER A 1381 24.90 37.07 0.40
C SER A 1381 23.59 37.67 -0.08
N ILE A 1382 23.43 37.76 -1.39
CA ILE A 1382 22.17 38.20 -1.99
C ILE A 1382 21.22 37.02 -1.97
N GLY A 1383 21.71 35.87 -1.54
CA GLY A 1383 20.86 34.71 -1.30
C GLY A 1383 20.74 33.83 -2.52
N PHE A 1384 21.29 32.62 -2.46
CA PHE A 1384 21.18 31.69 -3.57
C PHE A 1384 20.84 30.27 -3.17
N ASN A 1385 20.99 29.89 -1.90
CA ASN A 1385 20.75 28.51 -1.49
C ASN A 1385 19.26 28.29 -1.34
N ILE A 1386 18.61 27.96 -2.46
CA ILE A 1386 17.19 27.64 -2.44
C ILE A 1386 17.00 26.20 -2.90
N GLY A 1387 17.40 25.87 -4.13
CA GLY A 1387 17.51 24.49 -4.54
C GLY A 1387 18.94 24.15 -4.89
N ASP A 1388 19.63 25.11 -5.48
CA ASP A 1388 21.08 25.06 -5.67
C ASP A 1388 21.56 23.87 -6.48
N VAL A 1389 20.64 23.03 -6.96
CA VAL A 1389 21.06 21.85 -7.70
C VAL A 1389 21.63 22.24 -9.05
N GLN A 1390 21.16 23.34 -9.62
CA GLN A 1390 21.59 23.80 -10.93
C GLN A 1390 22.15 25.21 -10.91
N VAL A 1391 21.61 26.07 -10.05
CA VAL A 1391 22.00 27.48 -10.08
C VAL A 1391 23.49 27.64 -9.78
N MET A 1392 24.00 26.90 -8.79
CA MET A 1392 25.44 26.91 -8.64
C MET A 1392 26.13 26.04 -9.68
N ALA A 1393 25.43 25.05 -10.23
CA ALA A 1393 26.01 24.25 -11.28
C ALA A 1393 26.18 25.06 -12.57
N HIS A 1394 25.44 26.15 -12.71
CA HIS A 1394 25.42 26.94 -13.93
C HIS A 1394 26.09 28.29 -13.77
N LEU A 1395 26.03 28.87 -12.58
CA LEU A 1395 26.52 30.24 -12.37
C LEU A 1395 28.00 30.43 -12.68
N PRO A 1396 28.92 29.65 -12.13
CA PRO A 1396 30.34 29.93 -12.39
C PRO A 1396 30.72 29.80 -13.85
N ASP A 1397 29.96 29.03 -14.62
CA ASP A 1397 30.23 28.92 -16.05
C ASP A 1397 30.15 30.28 -16.72
N VAL A 1398 28.96 30.89 -16.68
CA VAL A 1398 28.79 32.21 -17.25
C VAL A 1398 29.65 33.22 -16.52
N CYS A 1399 29.93 32.99 -15.23
CA CYS A 1399 30.80 33.90 -14.51
C CYS A 1399 32.18 33.97 -15.15
N VAL A 1400 32.81 32.82 -15.37
CA VAL A 1400 34.14 32.82 -15.96
C VAL A 1400 34.07 33.25 -17.43
N ASN A 1401 32.95 32.99 -18.09
CA ASN A 1401 32.81 33.52 -19.45
C ASN A 1401 32.83 35.04 -19.43
N LEU A 1402 32.12 35.64 -18.47
CA LEU A 1402 32.20 37.08 -18.28
C LEU A 1402 33.62 37.50 -17.94
N MET A 1403 34.31 36.68 -17.15
CA MET A 1403 35.67 37.02 -16.75
C MET A 1403 36.58 37.12 -17.96
N LYS A 1404 36.52 36.13 -18.85
CA LYS A 1404 37.36 36.18 -20.04
C LYS A 1404 36.94 37.31 -20.96
N ALA A 1405 35.63 37.58 -21.05
CA ALA A 1405 35.19 38.73 -21.82
C ALA A 1405 35.79 40.01 -21.26
N LEU A 1406 35.81 40.15 -19.95
CA LEU A 1406 36.35 41.37 -19.33
C LEU A 1406 37.84 41.48 -19.53
N LYS A 1407 38.58 40.38 -19.36
CA LYS A 1407 40.02 40.46 -19.60
C LYS A 1407 40.32 40.73 -21.06
N MET A 1408 39.40 40.39 -21.96
CA MET A 1408 39.50 40.91 -23.32
C MET A 1408 39.20 42.40 -23.37
N SER A 1409 38.25 42.84 -22.56
CA SER A 1409 37.92 44.25 -22.50
C SER A 1409 39.04 45.03 -21.80
N PRO A 1410 39.11 46.32 -22.03
CA PRO A 1410 39.93 47.20 -21.18
C PRO A 1410 39.24 47.49 -19.85
N TYR A 1411 38.66 46.45 -19.26
CA TYR A 1411 38.02 46.55 -17.96
C TYR A 1411 38.68 45.68 -16.92
N LYS A 1412 39.64 44.84 -17.30
CA LYS A 1412 40.34 44.01 -16.33
C LYS A 1412 41.02 44.86 -15.27
N ASP A 1413 41.34 46.12 -15.58
CA ASP A 1413 41.88 47.01 -14.58
C ASP A 1413 40.87 47.23 -13.45
N ILE A 1414 39.73 47.84 -13.78
CA ILE A 1414 38.70 48.07 -12.77
C ILE A 1414 38.16 46.75 -12.27
N LEU A 1415 38.18 45.72 -13.12
CA LEU A 1415 37.79 44.40 -12.68
C LEU A 1415 38.61 43.95 -11.48
N GLU A 1416 39.91 43.75 -11.69
CA GLU A 1416 40.79 43.35 -10.59
C GLU A 1416 40.74 44.34 -9.45
N THR A 1417 40.52 45.62 -9.75
CA THR A 1417 40.33 46.61 -8.71
C THR A 1417 39.21 46.19 -7.77
N HIS A 1418 38.05 45.89 -8.35
CA HIS A 1418 36.95 45.34 -7.57
C HIS A 1418 37.28 43.99 -6.97
N LEU A 1419 38.25 43.28 -7.56
CA LEU A 1419 38.64 41.98 -7.05
C LEU A 1419 39.73 42.10 -6.00
N ARG A 1420 40.78 42.87 -6.29
CA ARG A 1420 41.87 43.03 -5.34
C ARG A 1420 41.36 43.53 -4.00
N GLU A 1421 40.33 44.38 -4.01
CA GLU A 1421 39.83 44.93 -2.75
C GLU A 1421 39.15 43.85 -1.93
N LYS A 1422 38.28 43.04 -2.54
CA LYS A 1422 37.50 42.08 -1.77
C LYS A 1422 38.37 40.92 -1.29
N ILE A 1423 39.20 40.38 -2.18
CA ILE A 1423 40.05 39.25 -1.87
C ILE A 1423 41.50 39.70 -1.91
N THR A 1424 42.23 39.44 -0.85
CA THR A 1424 43.66 39.71 -0.75
C THR A 1424 44.34 38.49 -0.18
N ALA A 1425 45.65 38.41 -0.41
CA ALA A 1425 46.43 37.34 0.22
C ALA A 1425 46.34 37.45 1.73
N GLN A 1426 46.39 38.67 2.27
CA GLN A 1426 46.35 38.84 3.71
C GLN A 1426 45.02 38.40 4.29
N SER A 1427 43.92 38.66 3.56
CA SER A 1427 42.63 38.17 4.00
C SER A 1427 42.63 36.64 4.09
N ILE A 1428 43.23 35.99 3.10
CA ILE A 1428 43.34 34.53 3.15
C ILE A 1428 44.15 34.09 4.35
N GLU A 1429 45.27 34.77 4.59
CA GLU A 1429 46.14 34.41 5.70
C GLU A 1429 45.39 34.50 7.02
N GLU A 1430 44.68 35.61 7.23
CA GLU A 1430 43.96 35.77 8.48
C GLU A 1430 42.80 34.79 8.57
N LEU A 1431 42.13 34.51 7.46
CA LEU A 1431 40.98 33.62 7.50
C LEU A 1431 41.41 32.18 7.78
N CYS A 1432 42.62 31.82 7.37
CA CYS A 1432 43.08 30.45 7.55
C CYS A 1432 43.83 30.24 8.86
N ALA A 1433 44.72 31.15 9.21
CA ALA A 1433 45.59 30.94 10.37
C ALA A 1433 44.85 31.00 11.69
N VAL A 1434 43.63 31.51 11.72
CA VAL A 1434 42.93 31.68 12.99
C VAL A 1434 42.47 30.34 13.56
N ASN A 1435 42.10 29.38 12.72
CA ASN A 1435 41.50 28.14 13.19
C ASN A 1435 42.41 26.97 12.91
N LEU A 1436 42.25 25.93 13.75
CA LEU A 1436 43.06 24.73 13.66
C LEU A 1436 42.15 23.56 13.31
N TYR A 1437 41.26 23.78 12.36
CA TYR A 1437 40.30 22.77 11.91
C TYR A 1437 39.41 22.33 13.07
N GLY A 1438 39.05 23.30 13.92
CA GLY A 1438 38.20 23.03 15.06
C GLY A 1438 36.80 22.63 14.62
N PRO A 1439 36.08 21.99 15.52
CA PRO A 1439 34.73 21.53 15.18
C PRO A 1439 33.68 22.61 15.37
N ASP A 1440 34.12 23.86 15.50
CA ASP A 1440 33.26 24.92 16.02
C ASP A 1440 32.93 25.99 14.99
N ALA A 1441 33.91 26.49 14.26
CA ALA A 1441 33.72 27.70 13.48
C ALA A 1441 33.79 27.42 11.99
N GLN A 1442 33.16 26.34 11.54
CA GLN A 1442 33.14 26.03 10.12
C GLN A 1442 32.57 27.14 9.26
N VAL A 1443 31.91 28.13 9.88
CA VAL A 1443 31.41 29.27 9.13
C VAL A 1443 32.55 30.01 8.44
N ASP A 1444 33.62 30.29 9.18
CA ASP A 1444 34.80 30.87 8.55
C ASP A 1444 35.40 29.86 7.58
N ARG A 1445 35.38 28.59 7.93
CA ARG A 1445 35.79 27.55 7.00
C ARG A 1445 34.93 27.59 5.75
N SER A 1446 33.63 27.79 5.91
CA SER A 1446 32.73 27.85 4.77
C SER A 1446 33.08 29.03 3.87
N ARG A 1447 33.30 30.20 4.46
CA ARG A 1447 33.62 31.36 3.64
C ARG A 1447 34.99 31.20 2.99
N LEU A 1448 35.92 30.54 3.67
CA LEU A 1448 37.21 30.26 3.04
C LEU A 1448 37.05 29.31 1.87
N ALA A 1449 36.17 28.33 2.00
CA ALA A 1449 35.89 27.43 0.88
C ALA A 1449 35.29 28.19 -0.28
N ALA A 1450 34.39 29.13 0.00
CA ALA A 1450 33.87 29.98 -1.06
C ALA A 1450 35.00 30.78 -1.71
N VAL A 1451 35.90 31.29 -0.89
CA VAL A 1451 37.04 32.06 -1.40
C VAL A 1451 37.84 31.20 -2.36
N VAL A 1452 38.19 29.99 -1.95
CA VAL A 1452 39.05 29.16 -2.77
C VAL A 1452 38.32 28.68 -4.01
N SER A 1453 37.00 28.48 -3.91
CA SER A 1453 36.23 28.14 -5.10
C SER A 1453 36.29 29.28 -6.11
N ALA A 1454 36.10 30.50 -5.62
CA ALA A 1454 36.21 31.66 -6.49
C ALA A 1454 37.59 31.73 -7.13
N CYS A 1455 38.63 31.47 -6.33
CA CYS A 1455 39.99 31.50 -6.86
C CYS A 1455 40.19 30.43 -7.93
N LYS A 1456 39.62 29.25 -7.72
CA LYS A 1456 39.65 28.21 -8.73
C LYS A 1456 39.01 28.70 -10.01
N GLN A 1457 37.88 29.38 -9.90
CA GLN A 1457 37.24 29.95 -11.07
C GLN A 1457 38.14 30.96 -11.75
N LEU A 1458 38.84 31.77 -10.96
CA LEU A 1458 39.77 32.74 -11.53
C LEU A 1458 40.86 32.04 -12.33
N HIS A 1459 41.45 31.02 -11.74
CA HIS A 1459 42.46 30.24 -12.44
C HIS A 1459 41.89 29.63 -13.71
N ARG A 1460 40.63 29.21 -13.66
CA ARG A 1460 39.97 28.72 -14.86
C ARG A 1460 39.91 29.80 -15.92
N ALA A 1461 39.61 31.03 -15.49
CA ALA A 1461 39.74 32.17 -16.38
C ALA A 1461 41.18 32.64 -16.51
N GLY A 1462 42.06 32.20 -15.63
CA GLY A 1462 43.49 32.45 -15.76
C GLY A 1462 43.97 33.76 -15.19
N LEU A 1463 43.08 34.68 -14.85
CA LEU A 1463 43.51 35.96 -14.29
C LEU A 1463 44.00 35.84 -12.87
N LEU A 1464 43.98 34.63 -12.30
CA LEU A 1464 44.41 34.43 -10.92
C LEU A 1464 45.79 35.03 -10.68
N HIS A 1465 46.71 34.86 -11.63
CA HIS A 1465 48.02 35.48 -11.50
C HIS A 1465 47.89 37.00 -11.48
N ASN A 1466 47.01 37.55 -12.31
CA ASN A 1466 46.93 39.00 -12.44
C ASN A 1466 46.54 39.66 -11.13
N ILE A 1467 45.53 39.12 -10.44
CA ILE A 1467 45.07 39.74 -9.21
C ILE A 1467 46.13 39.64 -8.12
N LEU A 1468 46.64 38.44 -7.87
CA LEU A 1468 47.50 38.19 -6.71
C LEU A 1468 48.74 37.45 -7.17
N PRO A 1469 49.67 38.15 -7.81
CA PRO A 1469 50.95 37.53 -8.18
C PRO A 1469 51.79 37.26 -6.94
N SER A 1470 52.85 36.50 -7.15
CA SER A 1470 53.77 36.21 -6.08
C SER A 1470 54.73 37.37 -5.85
N GLN A 1471 55.45 37.31 -4.74
CA GLN A 1471 56.52 38.26 -4.45
C GLN A 1471 57.88 37.57 -4.39
N SER A 1472 57.94 36.30 -4.75
CA SER A 1472 59.11 35.45 -4.54
C SER A 1472 59.87 35.24 -5.84
N THR A 1473 60.86 34.35 -5.78
CA THR A 1473 61.69 34.03 -6.93
C THR A 1473 60.88 33.42 -8.06
N ASP A 1474 60.38 32.21 -7.83
CA ASP A 1474 59.60 31.51 -8.84
C ASP A 1474 58.30 30.99 -8.24
N LEU A 1475 58.35 30.63 -6.96
CA LEU A 1475 57.19 30.07 -6.29
C LEU A 1475 56.23 31.16 -5.88
N HIS A 1476 54.94 30.83 -5.93
CA HIS A 1476 53.97 31.69 -5.27
C HIS A 1476 54.11 31.53 -3.77
N HIS A 1477 54.86 32.44 -3.15
CA HIS A 1477 54.99 32.42 -1.70
C HIS A 1477 53.63 32.50 -1.04
N SER A 1478 52.65 33.08 -1.73
CA SER A 1478 51.27 33.00 -1.29
C SER A 1478 50.88 31.56 -1.00
N VAL A 1479 51.19 30.65 -1.92
CA VAL A 1479 50.82 29.26 -1.74
C VAL A 1479 51.99 28.50 -1.14
N GLY A 1480 53.20 29.00 -1.37
CA GLY A 1480 54.35 28.41 -0.70
C GLY A 1480 54.17 28.40 0.80
N THR A 1481 53.69 29.51 1.35
CA THR A 1481 53.23 29.52 2.73
C THR A 1481 52.03 28.59 2.91
N GLU A 1482 51.01 28.76 2.05
CA GLU A 1482 49.76 28.04 2.22
C GLU A 1482 49.98 26.54 2.25
N LEU A 1483 50.74 26.04 1.27
CA LEU A 1483 50.96 24.60 1.17
C LEU A 1483 51.62 24.06 2.43
N LEU A 1484 52.70 24.69 2.86
CA LEU A 1484 53.58 24.07 3.84
C LEU A 1484 52.94 24.03 5.22
N SER A 1485 52.73 25.19 5.83
CA SER A 1485 52.29 25.22 7.21
C SER A 1485 50.80 24.93 7.33
N LEU A 1486 49.98 25.67 6.60
CA LEU A 1486 48.54 25.58 6.80
C LEU A 1486 48.01 24.20 6.47
N VAL A 1487 48.71 23.45 5.62
CA VAL A 1487 48.27 22.12 5.20
C VAL A 1487 49.15 21.04 5.80
N TYR A 1488 50.42 20.98 5.38
CA TYR A 1488 51.28 19.89 5.84
C TYR A 1488 51.49 19.96 7.34
N LYS A 1489 51.92 21.12 7.83
CA LYS A 1489 51.94 21.32 9.26
C LYS A 1489 50.55 21.57 9.83
N GLY A 1490 49.59 21.90 8.98
CA GLY A 1490 48.22 22.07 9.45
C GLY A 1490 47.65 20.79 10.00
N ILE A 1491 47.94 19.65 9.34
CA ILE A 1491 47.43 18.37 9.82
C ILE A 1491 48.20 17.83 11.01
N ALA A 1492 49.36 18.42 11.32
CA ALA A 1492 50.20 17.95 12.43
C ALA A 1492 50.46 19.12 13.36
N PRO A 1493 49.48 19.52 14.17
CA PRO A 1493 49.71 20.56 15.18
C PRO A 1493 50.57 20.02 16.31
N GLY A 1494 51.89 20.10 16.14
CA GLY A 1494 52.84 19.51 17.07
C GLY A 1494 52.50 19.69 18.53
N ASP A 1495 52.19 18.60 19.19
CA ASP A 1495 51.70 18.61 20.57
C ASP A 1495 51.97 17.23 21.15
N GLU A 1496 51.35 16.94 22.29
CA GLU A 1496 51.56 15.67 22.96
C GLU A 1496 51.02 14.50 22.13
N ARG A 1497 51.32 13.29 22.57
CA ARG A 1497 50.85 12.08 21.90
C ARG A 1497 49.33 12.04 21.90
N GLN A 1498 48.73 12.28 20.74
CA GLN A 1498 47.28 12.42 20.62
C GLN A 1498 46.94 12.54 19.14
N CYS A 1499 45.65 12.42 18.84
CA CYS A 1499 45.16 12.58 17.47
C CYS A 1499 45.16 14.07 17.14
N LEU A 1500 46.34 14.55 16.74
CA LEU A 1500 46.48 15.94 16.30
C LEU A 1500 45.49 16.31 15.20
N PRO A 1501 45.33 15.56 14.11
CA PRO A 1501 44.41 16.00 13.04
C PRO A 1501 42.96 16.12 13.48
N SER A 1502 42.36 15.00 13.91
CA SER A 1502 40.95 14.95 14.31
C SER A 1502 40.05 15.60 13.25
N LEU A 1503 40.04 15.00 12.06
CA LEU A 1503 39.30 15.54 10.93
C LEU A 1503 38.28 14.53 10.43
N ASP A 1504 37.19 15.05 9.83
CA ASP A 1504 36.15 14.15 9.32
C ASP A 1504 35.48 14.79 8.11
N LEU A 1505 35.99 14.47 6.93
CA LEU A 1505 35.25 14.55 5.67
C LEU A 1505 34.86 15.99 5.30
N SER A 1506 35.06 16.92 6.21
CA SER A 1506 34.70 18.31 5.98
C SER A 1506 35.95 19.18 5.94
N CYS A 1507 36.72 19.18 7.02
CA CYS A 1507 38.07 19.70 6.95
C CYS A 1507 38.86 18.99 5.87
N LYS A 1508 38.54 17.71 5.62
CA LYS A 1508 39.21 16.97 4.57
C LYS A 1508 39.05 17.64 3.22
N GLN A 1509 37.81 17.75 2.75
CA GLN A 1509 37.60 18.35 1.43
C GLN A 1509 37.98 19.82 1.44
N LEU A 1510 37.89 20.48 2.59
CA LEU A 1510 38.35 21.86 2.69
C LEU A 1510 39.82 21.96 2.35
N ALA A 1511 40.65 21.17 3.03
CA ALA A 1511 42.07 21.16 2.73
C ALA A 1511 42.34 20.66 1.33
N SER A 1512 41.49 19.77 0.83
CA SER A 1512 41.62 19.32 -0.54
C SER A 1512 41.53 20.50 -1.50
N GLY A 1513 40.46 21.29 -1.37
CA GLY A 1513 40.32 22.46 -2.21
C GLY A 1513 41.46 23.44 -2.01
N LEU A 1514 41.91 23.59 -0.77
CA LEU A 1514 43.04 24.47 -0.50
C LEU A 1514 44.26 24.03 -1.28
N LEU A 1515 44.53 22.72 -1.27
CA LEU A 1515 45.71 22.20 -1.95
C LEU A 1515 45.57 22.36 -3.47
N GLU A 1516 44.37 22.12 -3.99
CA GLU A 1516 44.14 22.36 -5.40
C GLU A 1516 44.42 23.82 -5.74
N LEU A 1517 43.97 24.73 -4.87
CA LEU A 1517 44.29 26.14 -5.03
C LEU A 1517 45.80 26.34 -5.08
N ALA A 1518 46.52 25.71 -4.15
CA ALA A 1518 47.97 25.77 -4.20
C ALA A 1518 48.48 25.28 -5.54
N PHE A 1519 47.91 24.20 -6.05
CA PHE A 1519 48.26 23.72 -7.37
C PHE A 1519 47.68 24.58 -8.48
N ALA A 1520 46.60 25.31 -8.20
CA ALA A 1520 46.11 26.26 -9.18
C ALA A 1520 47.16 27.31 -9.50
N PHE A 1521 48.08 27.55 -8.57
CA PHE A 1521 49.21 28.43 -8.79
C PHE A 1521 50.31 27.67 -9.50
N GLY A 1522 51.52 28.22 -9.50
CA GLY A 1522 52.63 27.61 -10.20
C GLY A 1522 52.95 26.20 -9.73
N GLY A 1523 53.88 25.58 -10.44
CA GLY A 1523 54.20 24.19 -10.24
C GLY A 1523 55.08 23.89 -9.05
N LEU A 1524 54.51 23.99 -7.86
CA LEU A 1524 55.24 23.62 -6.64
C LEU A 1524 55.38 22.12 -6.48
N CYS A 1525 55.00 21.37 -7.51
CA CYS A 1525 55.04 19.91 -7.44
C CYS A 1525 56.43 19.41 -7.08
N GLU A 1526 57.47 20.13 -7.49
CA GLU A 1526 58.81 19.82 -7.00
C GLU A 1526 58.88 19.89 -5.49
N ARG A 1527 58.38 20.98 -4.90
CA ARG A 1527 58.33 21.04 -3.45
C ARG A 1527 57.34 20.03 -2.90
N LEU A 1528 56.31 19.71 -3.67
CA LEU A 1528 55.36 18.69 -3.25
C LEU A 1528 56.07 17.36 -3.02
N VAL A 1529 56.80 16.90 -4.03
CA VAL A 1529 57.47 15.61 -3.89
C VAL A 1529 58.58 15.69 -2.86
N SER A 1530 59.27 16.83 -2.78
CA SER A 1530 60.27 17.01 -1.74
C SER A 1530 59.65 16.82 -0.37
N LEU A 1531 58.47 17.43 -0.17
CA LEU A 1531 57.74 17.27 1.07
C LEU A 1531 57.37 15.82 1.31
N LEU A 1532 56.91 15.14 0.26
CA LEU A 1532 56.53 13.74 0.40
C LEU A 1532 57.72 12.89 0.79
N LEU A 1533 58.88 13.15 0.20
CA LEU A 1533 60.07 12.37 0.50
C LEU A 1533 60.79 12.85 1.74
N ASN A 1534 60.26 13.86 2.44
CA ASN A 1534 60.89 14.30 3.66
C ASN A 1534 60.85 13.17 4.68
N PRO A 1535 61.97 12.73 5.20
CA PRO A 1535 62.01 11.67 6.21
C PRO A 1535 61.73 12.19 7.62
N ALA A 1536 60.71 13.04 7.73
CA ALA A 1536 60.34 13.63 9.01
C ALA A 1536 59.25 12.77 9.64
N VAL A 1537 59.64 11.86 10.50
CA VAL A 1537 58.69 11.04 11.22
C VAL A 1537 58.00 11.88 12.28
N LEU A 1538 56.72 11.59 12.51
CA LEU A 1538 56.01 12.30 13.56
C LEU A 1538 56.14 11.62 14.91
N SER A 1539 55.99 10.30 14.95
CA SER A 1539 56.25 9.50 16.14
C SER A 1539 55.47 10.03 17.34
N THR A 1540 54.16 10.15 17.17
CA THR A 1540 53.28 10.66 18.21
C THR A 1540 52.18 9.66 18.45
N ALA A 1541 51.25 10.02 19.34
CA ALA A 1541 50.12 9.16 19.71
C ALA A 1541 50.59 7.79 20.16
N SER A 1549 55.55 3.02 23.76
CA SER A 1549 54.09 3.14 23.80
C SER A 1549 53.61 4.30 22.94
N VAL A 1550 54.47 4.73 22.01
CA VAL A 1550 54.12 5.77 21.04
C VAL A 1550 54.35 5.23 19.64
N ILE A 1551 53.31 5.30 18.81
CA ILE A 1551 53.44 4.86 17.43
C ILE A 1551 54.25 5.88 16.64
N HIS A 1552 54.97 5.41 15.64
CA HIS A 1552 55.83 6.24 14.83
C HIS A 1552 55.39 6.14 13.37
N PHE A 1553 55.49 7.25 12.66
CA PHE A 1553 54.94 7.32 11.31
C PHE A 1553 55.46 8.58 10.62
N SER A 1554 55.88 8.42 9.37
CA SER A 1554 56.37 9.55 8.60
C SER A 1554 55.28 10.58 8.42
N HIS A 1555 55.63 11.85 8.64
CA HIS A 1555 54.67 12.93 8.42
C HIS A 1555 54.21 12.93 6.96
N GLY A 1556 55.14 12.77 6.04
CA GLY A 1556 54.77 12.68 4.63
C GLY A 1556 53.86 11.50 4.35
N GLU A 1557 54.18 10.34 4.92
CA GLU A 1557 53.28 9.19 4.87
C GLU A 1557 51.85 9.52 5.22
N TYR A 1558 51.61 9.95 6.45
CA TYR A 1558 50.24 10.17 6.88
C TYR A 1558 49.60 11.27 6.06
N PHE A 1559 50.38 12.29 5.71
CA PHE A 1559 49.89 13.36 4.86
C PHE A 1559 49.33 12.83 3.56
N TYR A 1560 50.11 12.05 2.84
CA TYR A 1560 49.62 11.52 1.59
C TYR A 1560 48.49 10.53 1.83
N SER A 1561 48.55 9.83 2.95
CA SER A 1561 47.47 8.90 3.29
C SER A 1561 46.14 9.64 3.34
N LEU A 1562 46.16 10.85 3.90
CA LEU A 1562 44.94 11.65 3.90
C LEU A 1562 44.54 12.05 2.50
N PHE A 1563 45.51 12.31 1.63
CA PHE A 1563 45.24 12.94 0.34
C PHE A 1563 45.87 12.11 -0.76
N SER A 1564 45.05 11.34 -1.45
CA SER A 1564 45.50 10.57 -2.60
C SER A 1564 45.04 11.17 -3.92
N GLU A 1565 43.74 11.40 -4.05
CA GLU A 1565 43.16 11.81 -5.32
C GLU A 1565 43.75 13.13 -5.81
N THR A 1566 43.77 14.14 -4.95
CA THR A 1566 44.24 15.45 -5.37
C THR A 1566 45.72 15.42 -5.67
N ILE A 1567 46.50 14.81 -4.78
CA ILE A 1567 47.94 14.75 -4.96
C ILE A 1567 48.27 14.04 -6.26
N ASN A 1568 47.67 12.88 -6.49
CA ASN A 1568 47.99 12.11 -7.67
C ASN A 1568 47.54 12.83 -8.93
N THR A 1569 46.35 13.44 -8.91
CA THR A 1569 45.91 14.12 -10.12
C THR A 1569 46.79 15.32 -10.42
N GLU A 1570 47.28 16.00 -9.39
CA GLU A 1570 48.24 17.08 -9.63
C GLU A 1570 49.51 16.53 -10.23
N LEU A 1571 50.01 15.42 -9.70
CA LEU A 1571 51.21 14.83 -10.24
C LEU A 1571 51.00 14.45 -11.71
N LEU A 1572 49.84 13.90 -12.02
CA LEU A 1572 49.52 13.59 -13.41
C LEU A 1572 49.45 14.85 -14.26
N LYS A 1573 49.03 15.97 -13.66
CA LYS A 1573 48.95 17.21 -14.42
C LYS A 1573 50.28 17.54 -15.07
N ASN A 1574 51.38 17.32 -14.36
CA ASN A 1574 52.73 17.39 -14.92
C ASN A 1574 53.46 16.11 -14.51
N LEU A 1575 53.20 15.04 -15.26
CA LEU A 1575 53.74 13.75 -14.87
C LEU A 1575 55.24 13.66 -15.09
N ASP A 1576 55.79 14.45 -16.00
CA ASP A 1576 57.19 14.32 -16.37
C ASP A 1576 58.10 14.50 -15.17
N LEU A 1577 58.16 15.73 -14.66
CA LEU A 1577 59.00 15.99 -13.51
C LEU A 1577 58.56 15.16 -12.32
N ALA A 1578 57.26 14.85 -12.24
CA ALA A 1578 56.77 13.99 -11.17
C ALA A 1578 57.55 12.69 -11.15
N VAL A 1579 57.42 11.87 -12.19
CA VAL A 1579 58.07 10.57 -12.21
C VAL A 1579 59.58 10.74 -12.13
N LEU A 1580 60.11 11.77 -12.79
CA LEU A 1580 61.56 11.96 -12.79
C LEU A 1580 62.06 12.09 -11.37
N GLU A 1581 61.63 13.15 -10.68
CA GLU A 1581 62.09 13.36 -9.31
C GLU A 1581 61.74 12.20 -8.41
N LEU A 1582 60.60 11.56 -8.65
CA LEU A 1582 60.23 10.41 -7.84
C LEU A 1582 61.27 9.30 -7.95
N MET A 1583 61.70 9.00 -9.15
CA MET A 1583 62.39 7.75 -9.39
C MET A 1583 63.90 7.93 -9.51
N GLN A 1584 64.38 9.16 -9.72
CA GLN A 1584 65.81 9.40 -9.58
C GLN A 1584 66.27 9.17 -8.14
N SER A 1585 65.36 9.34 -7.18
CA SER A 1585 65.66 9.15 -5.77
C SER A 1585 64.91 7.95 -5.22
N SER A 1586 64.88 6.87 -6.00
CA SER A 1586 64.19 5.66 -5.58
C SER A 1586 65.03 4.77 -4.69
N VAL A 1587 66.33 5.03 -4.59
CA VAL A 1587 67.22 4.14 -3.84
C VAL A 1587 67.24 4.51 -2.36
N ASP A 1588 67.22 5.80 -2.04
CA ASP A 1588 67.32 6.23 -0.65
C ASP A 1588 66.12 5.76 0.17
N ASN A 1589 64.92 6.20 -0.20
CA ASN A 1589 63.72 5.89 0.57
C ASN A 1589 63.07 4.61 0.09
N THR A 1590 62.70 4.57 -1.19
CA THR A 1590 62.20 3.37 -1.86
C THR A 1590 60.84 2.96 -1.33
N LYS A 1591 60.35 3.61 -0.28
CA LYS A 1591 59.05 3.28 0.29
C LYS A 1591 57.97 4.23 -0.17
N MET A 1592 58.17 5.53 0.08
CA MET A 1592 57.15 6.50 -0.26
C MET A 1592 56.95 6.52 -1.76
N VAL A 1593 58.04 6.41 -2.51
CA VAL A 1593 57.94 6.36 -3.97
C VAL A 1593 57.14 5.15 -4.41
N SER A 1594 57.36 4.01 -3.77
CA SER A 1594 56.58 2.82 -4.11
C SER A 1594 55.10 3.07 -3.89
N ALA A 1595 54.75 3.57 -2.71
CA ALA A 1595 53.34 3.81 -2.42
C ALA A 1595 52.74 4.82 -3.39
N VAL A 1596 53.47 5.89 -3.68
CA VAL A 1596 52.95 6.93 -4.55
C VAL A 1596 52.75 6.38 -5.96
N LEU A 1597 53.68 5.55 -6.43
CA LEU A 1597 53.50 4.94 -7.73
C LEU A 1597 52.28 4.05 -7.76
N ASN A 1598 52.07 3.27 -6.70
CA ASN A 1598 50.86 2.47 -6.61
C ASN A 1598 49.63 3.36 -6.73
N GLY A 1599 49.63 4.48 -6.02
CA GLY A 1599 48.52 5.41 -6.13
C GLY A 1599 48.37 5.97 -7.52
N MET A 1600 49.48 6.25 -8.19
CA MET A 1600 49.44 6.75 -9.56
C MET A 1600 48.66 5.78 -10.43
N LEU A 1601 49.07 4.53 -10.40
CA LEU A 1601 48.45 3.52 -11.26
C LEU A 1601 47.00 3.30 -10.87
N ASP A 1602 46.71 3.28 -9.56
CA ASP A 1602 45.35 3.11 -9.11
C ASP A 1602 44.45 4.20 -9.69
N GLN A 1603 44.85 5.46 -9.51
CA GLN A 1603 44.02 6.54 -9.99
C GLN A 1603 43.86 6.46 -11.50
N SER A 1604 44.96 6.21 -12.21
CA SER A 1604 44.89 6.16 -13.65
C SER A 1604 43.92 5.08 -14.12
N PHE A 1605 43.97 3.92 -13.47
CA PHE A 1605 42.99 2.89 -13.80
C PHE A 1605 41.58 3.34 -13.44
N ARG A 1606 41.44 4.01 -12.30
CA ARG A 1606 40.11 4.46 -11.89
C ARG A 1606 39.52 5.43 -12.89
N GLU A 1607 40.36 6.12 -13.65
CA GLU A 1607 39.91 6.99 -14.72
C GLU A 1607 40.15 6.37 -16.09
N ARG A 1608 40.16 5.03 -16.18
CA ARG A 1608 40.32 4.40 -17.48
C ARG A 1608 39.23 4.86 -18.45
N ALA A 1609 38.03 5.05 -17.94
CA ALA A 1609 37.00 5.75 -18.70
C ALA A 1609 37.29 7.24 -18.69
N ASN A 1610 36.99 7.90 -19.80
CA ASN A 1610 37.16 9.34 -20.01
C ASN A 1610 38.62 9.76 -20.04
N GLN A 1611 39.55 8.85 -19.79
CA GLN A 1611 40.96 9.16 -19.88
C GLN A 1611 41.68 7.89 -20.31
N LYS A 1612 42.38 7.97 -21.43
CA LYS A 1612 43.09 6.83 -22.01
C LYS A 1612 44.59 7.06 -22.07
N HIS A 1613 45.01 8.19 -22.63
CA HIS A 1613 46.42 8.39 -22.97
C HIS A 1613 47.28 8.54 -21.73
N GLN A 1614 46.73 9.08 -20.65
CA GLN A 1614 47.59 9.45 -19.51
C GLN A 1614 48.25 8.23 -18.89
N GLY A 1615 47.50 7.15 -18.70
CA GLY A 1615 48.09 5.99 -18.08
C GLY A 1615 49.21 5.39 -18.90
N LEU A 1616 48.96 5.20 -20.20
CA LEU A 1616 49.99 4.66 -21.06
C LEU A 1616 51.18 5.60 -21.14
N LYS A 1617 50.93 6.90 -21.12
CA LYS A 1617 52.01 7.87 -21.11
C LYS A 1617 52.87 7.72 -19.87
N LEU A 1618 52.22 7.57 -18.72
CA LEU A 1618 52.96 7.37 -17.48
C LEU A 1618 53.78 6.09 -17.54
N ALA A 1619 53.19 5.02 -18.06
CA ALA A 1619 53.92 3.77 -18.17
C ALA A 1619 55.14 3.92 -19.06
N THR A 1620 54.98 4.61 -20.19
CA THR A 1620 56.10 4.82 -21.08
C THR A 1620 57.19 5.62 -20.40
N THR A 1621 56.81 6.67 -19.65
CA THR A 1621 57.80 7.45 -18.92
C THR A 1621 58.55 6.57 -17.93
N ILE A 1622 57.81 5.75 -17.20
CA ILE A 1622 58.42 4.90 -16.18
C ILE A 1622 59.42 3.95 -16.82
N LEU A 1623 59.00 3.29 -17.90
CA LEU A 1623 59.90 2.36 -18.57
C LEU A 1623 61.12 3.09 -19.12
N GLN A 1624 60.91 4.28 -19.68
CA GLN A 1624 62.03 5.12 -20.08
C GLN A 1624 62.94 5.41 -18.88
N HIS A 1625 62.37 5.55 -17.70
CA HIS A 1625 63.16 5.71 -16.49
C HIS A 1625 63.50 4.38 -15.84
N TRP A 1626 62.97 3.27 -16.35
CA TRP A 1626 63.07 2.00 -15.65
C TRP A 1626 64.51 1.57 -15.41
N LYS A 1627 65.45 2.09 -16.20
CA LYS A 1627 66.86 1.73 -16.06
C LYS A 1627 67.37 1.98 -14.64
N LYS A 1628 66.93 3.07 -14.02
CA LYS A 1628 67.48 3.43 -12.71
C LYS A 1628 66.99 2.48 -11.62
N CYS A 1629 65.74 2.07 -11.68
CA CYS A 1629 65.19 1.25 -10.62
C CYS A 1629 65.75 -0.15 -10.69
N ASP A 1630 67.01 -0.30 -10.31
CA ASP A 1630 67.67 -1.59 -10.26
C ASP A 1630 67.91 -2.08 -8.85
N SER A 1631 68.24 -1.17 -7.94
CA SER A 1631 68.51 -1.55 -6.55
C SER A 1631 67.33 -2.25 -5.91
N TRP A 1632 66.11 -2.03 -6.42
CA TRP A 1632 64.94 -2.68 -5.85
C TRP A 1632 64.98 -4.19 -6.03
N TRP A 1633 65.87 -4.68 -6.88
CA TRP A 1633 66.04 -6.11 -7.07
C TRP A 1633 67.52 -6.41 -7.15
N ALA A 1634 67.90 -7.59 -6.67
CA ALA A 1634 69.29 -8.02 -6.68
C ALA A 1634 69.31 -9.50 -6.37
N LYS A 1635 70.50 -10.09 -6.51
CA LYS A 1635 70.69 -11.45 -6.01
C LYS A 1635 70.36 -11.53 -4.54
N ASP A 1636 70.61 -10.45 -3.80
CA ASP A 1636 70.38 -10.40 -2.36
C ASP A 1636 69.73 -9.06 -1.99
N SER A 1637 68.41 -9.03 -2.07
CA SER A 1637 67.61 -7.95 -1.54
C SER A 1637 66.42 -8.62 -0.87
N PRO A 1638 65.96 -8.10 0.26
CA PRO A 1638 64.86 -8.76 0.97
C PRO A 1638 63.60 -8.78 0.13
N LEU A 1639 62.83 -9.85 0.27
CA LEU A 1639 61.80 -10.21 -0.70
C LEU A 1639 60.69 -9.18 -0.82
N GLU A 1640 60.46 -8.38 0.22
CA GLU A 1640 59.42 -7.35 0.11
C GLU A 1640 59.66 -6.48 -1.09
N THR A 1641 60.92 -6.10 -1.34
CA THR A 1641 61.27 -5.41 -2.57
C THR A 1641 60.88 -6.24 -3.77
N LYS A 1642 61.09 -7.55 -3.70
CA LYS A 1642 60.81 -8.41 -4.84
C LYS A 1642 59.34 -8.32 -5.25
N MET A 1643 58.42 -8.68 -4.34
CA MET A 1643 57.06 -8.66 -4.84
C MET A 1643 56.54 -7.24 -5.00
N ALA A 1644 57.17 -6.26 -4.33
CA ALA A 1644 56.80 -4.88 -4.58
C ALA A 1644 57.02 -4.51 -6.03
N VAL A 1645 58.24 -4.73 -6.53
CA VAL A 1645 58.52 -4.41 -7.92
C VAL A 1645 57.73 -5.34 -8.84
N LEU A 1646 57.49 -6.58 -8.41
CA LEU A 1646 56.68 -7.49 -9.20
C LEU A 1646 55.30 -6.90 -9.46
N ALA A 1647 54.57 -6.61 -8.39
CA ALA A 1647 53.24 -6.03 -8.54
C ALA A 1647 53.29 -4.70 -9.25
N LEU A 1648 54.37 -3.94 -9.06
CA LEU A 1648 54.53 -2.69 -9.78
C LEU A 1648 54.50 -2.94 -11.28
N LEU A 1649 55.35 -3.85 -11.75
CA LEU A 1649 55.39 -4.14 -13.17
C LEU A 1649 54.07 -4.75 -13.64
N ALA A 1650 53.42 -5.51 -12.78
CA ALA A 1650 52.12 -6.08 -13.14
C ALA A 1650 51.11 -4.97 -13.42
N LYS A 1651 50.99 -4.03 -12.50
CA LYS A 1651 50.10 -2.90 -12.70
C LYS A 1651 50.51 -2.12 -13.95
N ILE A 1652 51.82 -2.00 -14.18
CA ILE A 1652 52.29 -1.30 -15.37
C ILE A 1652 51.78 -1.97 -16.62
N LEU A 1653 51.89 -3.30 -16.67
CA LEU A 1653 51.48 -4.01 -17.87
C LEU A 1653 49.97 -3.94 -18.06
N GLN A 1654 49.21 -4.17 -16.99
CA GLN A 1654 47.77 -4.19 -17.13
C GLN A 1654 47.23 -2.80 -17.44
N ILE A 1655 47.91 -1.75 -16.97
CA ILE A 1655 47.38 -0.41 -17.13
C ILE A 1655 47.36 0.01 -18.59
N ASP A 1656 48.11 -0.67 -19.43
CA ASP A 1656 48.08 -0.43 -20.87
C ASP A 1656 47.37 -1.59 -21.56
N SER A 1657 47.29 -1.50 -22.88
CA SER A 1657 46.72 -2.55 -23.71
C SER A 1657 47.80 -3.35 -24.44
N SER A 1658 49.02 -3.37 -23.90
CA SER A 1658 50.20 -4.00 -24.48
C SER A 1658 50.68 -3.30 -25.75
N VAL A 1659 49.93 -2.32 -26.25
CA VAL A 1659 50.39 -1.54 -27.40
C VAL A 1659 51.65 -0.78 -27.03
N SER A 1660 51.68 -0.20 -25.84
CA SER A 1660 52.87 0.48 -25.36
C SER A 1660 54.05 -0.46 -25.20
N PHE A 1661 53.81 -1.77 -25.15
CA PHE A 1661 54.87 -2.74 -24.89
C PHE A 1661 54.90 -3.80 -25.99
N ASN A 1662 55.65 -3.54 -27.04
CA ASN A 1662 56.03 -4.55 -28.00
C ASN A 1662 57.50 -4.95 -27.83
N THR A 1663 58.42 -4.01 -27.98
CA THR A 1663 59.85 -4.33 -27.94
C THR A 1663 60.66 -3.05 -28.01
N SER A 1664 61.82 -3.09 -27.36
CA SER A 1664 62.95 -2.19 -27.56
C SER A 1664 62.62 -0.72 -27.36
N HIS A 1665 61.42 -0.40 -26.91
CA HIS A 1665 61.01 0.99 -26.75
C HIS A 1665 60.58 1.30 -25.33
N GLY A 1666 59.87 0.39 -24.68
CA GLY A 1666 59.63 0.50 -23.25
C GLY A 1666 60.78 -0.13 -22.51
N SER A 1667 61.97 -0.04 -23.10
CA SER A 1667 63.17 -0.71 -22.57
C SER A 1667 62.89 -2.19 -22.36
N PHE A 1668 62.17 -2.78 -23.31
CA PHE A 1668 61.83 -4.20 -23.28
C PHE A 1668 62.99 -5.10 -22.88
N PRO A 1669 64.21 -4.93 -23.41
CA PRO A 1669 65.31 -5.78 -22.93
C PRO A 1669 65.54 -5.67 -21.44
N GLU A 1670 65.67 -4.46 -20.90
CA GLU A 1670 65.96 -4.31 -19.48
C GLU A 1670 64.85 -4.91 -18.62
N VAL A 1671 63.61 -4.54 -18.90
CA VAL A 1671 62.51 -5.00 -18.07
C VAL A 1671 62.35 -6.51 -18.20
N PHE A 1672 62.55 -7.04 -19.40
CA PHE A 1672 62.45 -8.48 -19.58
C PHE A 1672 63.53 -9.20 -18.80
N THR A 1673 64.75 -8.67 -18.84
CA THR A 1673 65.83 -9.25 -18.04
C THR A 1673 65.49 -9.20 -16.57
N THR A 1674 64.93 -8.09 -16.12
CA THR A 1674 64.52 -7.99 -14.72
C THR A 1674 63.48 -9.05 -14.40
N TYR A 1675 62.52 -9.24 -15.29
CA TYR A 1675 61.49 -10.24 -15.07
C TYR A 1675 62.10 -11.62 -14.94
N ILE A 1676 62.90 -12.02 -15.92
CA ILE A 1676 63.44 -13.37 -15.94
C ILE A 1676 64.35 -13.59 -14.74
N SER A 1677 65.17 -12.60 -14.40
CA SER A 1677 65.99 -12.71 -13.21
C SER A 1677 65.13 -12.90 -11.97
N LEU A 1678 64.08 -12.09 -11.84
CA LEU A 1678 63.12 -12.31 -10.77
C LEU A 1678 62.33 -13.58 -11.00
N LEU A 1679 62.12 -13.96 -12.26
CA LEU A 1679 61.55 -15.27 -12.53
C LEU A 1679 62.58 -16.36 -12.24
N ALA A 1680 63.87 -16.04 -12.31
CA ALA A 1680 64.92 -16.95 -11.89
C ALA A 1680 65.07 -16.98 -10.39
N ASP A 1681 64.06 -16.49 -9.67
CA ASP A 1681 64.03 -16.51 -8.23
C ASP A 1681 64.38 -17.89 -7.67
N THR A 1682 64.94 -17.89 -6.46
CA THR A 1682 65.28 -19.12 -5.76
C THR A 1682 64.74 -19.18 -4.34
N LYS A 1683 64.34 -18.05 -3.74
CA LYS A 1683 63.82 -18.02 -2.39
C LYS A 1683 62.35 -17.61 -2.36
N LEU A 1684 61.61 -17.84 -3.44
CA LEU A 1684 60.26 -17.34 -3.59
C LEU A 1684 59.28 -18.50 -3.65
N ASP A 1685 58.15 -18.33 -2.96
CA ASP A 1685 57.20 -19.42 -2.82
C ASP A 1685 56.50 -19.69 -4.15
N LEU A 1686 55.63 -20.70 -4.13
CA LEU A 1686 54.80 -20.99 -5.29
C LEU A 1686 53.87 -19.82 -5.59
N HIS A 1687 53.32 -19.20 -4.56
CA HIS A 1687 52.30 -18.18 -4.80
C HIS A 1687 52.88 -16.97 -5.50
N LEU A 1688 54.08 -16.54 -5.09
CA LEU A 1688 54.65 -15.34 -5.71
C LEU A 1688 55.11 -15.63 -7.13
N LYS A 1689 55.72 -16.79 -7.36
CA LYS A 1689 56.12 -17.12 -8.71
C LYS A 1689 54.91 -17.28 -9.62
N GLY A 1690 53.80 -17.79 -9.08
CA GLY A 1690 52.57 -17.87 -9.86
C GLY A 1690 51.99 -16.50 -10.14
N GLN A 1691 52.04 -15.61 -9.16
CA GLN A 1691 51.63 -14.24 -9.40
C GLN A 1691 52.46 -13.63 -10.52
N ALA A 1692 53.75 -13.95 -10.54
CA ALA A 1692 54.61 -13.49 -11.62
C ALA A 1692 54.19 -14.09 -12.95
N VAL A 1693 53.97 -15.41 -13.00
CA VAL A 1693 53.67 -16.07 -14.26
C VAL A 1693 52.36 -15.54 -14.81
N THR A 1694 51.50 -15.01 -13.94
CA THR A 1694 50.33 -14.29 -14.42
C THR A 1694 50.71 -13.18 -15.41
N LEU A 1695 51.98 -12.83 -15.52
CA LEU A 1695 52.42 -11.76 -16.41
C LEU A 1695 52.86 -12.27 -17.77
N LEU A 1696 52.91 -13.57 -17.98
CA LEU A 1696 53.36 -14.11 -19.26
C LEU A 1696 52.59 -13.62 -20.47
N PRO A 1697 51.26 -13.51 -20.46
CA PRO A 1697 50.55 -13.20 -21.72
C PRO A 1697 51.05 -11.95 -22.41
N PHE A 1698 51.50 -10.95 -21.65
CA PHE A 1698 52.08 -9.77 -22.26
C PHE A 1698 53.38 -10.08 -22.99
N PHE A 1699 53.96 -11.25 -22.77
CA PHE A 1699 55.15 -11.69 -23.49
C PHE A 1699 54.81 -12.56 -24.68
N THR A 1700 53.70 -12.26 -25.36
CA THR A 1700 53.40 -12.92 -26.61
C THR A 1700 54.25 -12.39 -27.76
N SER A 1701 54.83 -11.19 -27.60
CA SER A 1701 55.64 -10.60 -28.66
C SER A 1701 57.05 -11.14 -28.68
N LEU A 1702 57.40 -12.05 -27.77
CA LEU A 1702 58.72 -12.64 -27.78
C LEU A 1702 58.99 -13.30 -29.12
N THR A 1703 60.17 -13.03 -29.68
CA THR A 1703 60.55 -13.58 -30.97
C THR A 1703 62.06 -13.76 -30.99
N GLY A 1704 62.50 -14.86 -31.61
CA GLY A 1704 63.92 -15.11 -31.74
C GLY A 1704 64.61 -15.35 -30.41
N GLY A 1705 65.61 -14.53 -30.10
CA GLY A 1705 66.39 -14.71 -28.89
C GLY A 1705 65.66 -14.28 -27.64
N SER A 1706 64.38 -14.60 -27.57
CA SER A 1706 63.54 -14.26 -26.43
C SER A 1706 62.78 -15.45 -25.89
N LEU A 1707 62.32 -16.35 -26.78
CA LEU A 1707 61.50 -17.47 -26.34
C LEU A 1707 62.29 -18.42 -25.46
N GLU A 1708 63.47 -18.80 -25.92
CA GLU A 1708 64.16 -19.96 -25.36
C GLU A 1708 64.64 -19.71 -23.94
N GLU A 1709 65.04 -18.48 -23.62
CA GLU A 1709 65.50 -18.19 -22.27
C GLU A 1709 64.39 -18.40 -21.27
N LEU A 1710 63.29 -17.67 -21.46
CA LEU A 1710 62.12 -17.82 -20.61
C LEU A 1710 61.64 -19.27 -20.62
N ARG A 1711 61.74 -19.93 -21.77
CA ARG A 1711 61.29 -21.31 -21.88
C ARG A 1711 62.11 -22.20 -20.96
N ARG A 1712 63.43 -22.10 -21.04
CA ARG A 1712 64.29 -22.87 -20.15
C ARG A 1712 63.98 -22.56 -18.70
N VAL A 1713 63.78 -21.29 -18.39
CA VAL A 1713 63.52 -20.90 -17.01
C VAL A 1713 62.25 -21.56 -16.50
N LEU A 1714 61.18 -21.46 -17.27
CA LEU A 1714 59.92 -22.05 -16.86
C LEU A 1714 60.04 -23.56 -16.75
N GLU A 1715 60.74 -24.18 -17.70
CA GLU A 1715 60.87 -25.63 -17.69
C GLU A 1715 61.62 -26.10 -16.45
N GLN A 1716 62.76 -25.48 -16.17
CA GLN A 1716 63.50 -25.89 -14.98
C GLN A 1716 62.67 -25.63 -13.74
N LEU A 1717 61.95 -24.51 -13.69
CA LEU A 1717 61.10 -24.22 -12.55
C LEU A 1717 60.10 -25.35 -12.32
N ILE A 1718 59.34 -25.70 -13.35
CA ILE A 1718 58.26 -26.66 -13.17
C ILE A 1718 58.83 -28.04 -12.84
N VAL A 1719 59.85 -28.47 -13.58
CA VAL A 1719 60.35 -29.82 -13.37
C VAL A 1719 61.03 -29.92 -12.01
N ALA A 1720 61.74 -28.87 -11.58
CA ALA A 1720 62.36 -28.88 -10.27
C ALA A 1720 61.34 -28.78 -9.16
N HIS A 1721 60.15 -28.26 -9.44
CA HIS A 1721 59.14 -28.18 -8.41
C HIS A 1721 58.02 -29.19 -8.58
N PHE A 1722 57.46 -29.32 -9.78
CA PHE A 1722 56.31 -30.19 -9.96
C PHE A 1722 56.71 -31.65 -9.77
N PRO A 1723 56.03 -32.39 -8.90
CA PRO A 1723 56.31 -33.82 -8.77
C PRO A 1723 56.00 -34.55 -10.06
N MET A 1724 56.81 -35.58 -10.35
CA MET A 1724 56.56 -36.41 -11.51
C MET A 1724 55.18 -37.03 -11.45
N GLN A 1725 54.86 -37.64 -10.31
CA GLN A 1725 53.53 -38.18 -10.04
C GLN A 1725 52.78 -37.24 -9.12
N SER A 1726 51.50 -37.06 -9.39
CA SER A 1726 50.70 -36.11 -8.62
C SER A 1726 50.01 -36.74 -7.41
N ARG A 1727 49.80 -38.06 -7.44
CA ARG A 1727 48.98 -38.69 -6.42
C ARG A 1727 49.64 -38.71 -5.05
N GLU A 1728 50.92 -38.33 -4.96
CA GLU A 1728 51.62 -38.32 -3.69
C GLU A 1728 51.01 -37.34 -2.70
N PHE A 1729 50.19 -36.41 -3.20
CA PHE A 1729 49.63 -35.35 -2.37
C PHE A 1729 48.12 -35.40 -2.57
N PRO A 1730 47.42 -36.18 -1.76
CA PRO A 1730 45.99 -36.36 -1.94
C PRO A 1730 45.23 -35.08 -1.64
N PRO A 1731 43.96 -35.01 -1.99
CA PRO A 1731 43.17 -33.83 -1.64
C PRO A 1731 43.17 -33.58 -0.14
N GLY A 1732 43.21 -32.32 0.24
CA GLY A 1732 43.32 -31.90 1.61
C GLY A 1732 44.72 -31.57 2.06
N THR A 1733 45.73 -32.14 1.42
CA THR A 1733 47.11 -31.76 1.73
C THR A 1733 47.38 -30.40 1.11
N PRO A 1734 47.78 -29.40 1.90
CA PRO A 1734 47.85 -28.03 1.36
C PRO A 1734 48.83 -27.89 0.22
N ARG A 1735 49.95 -28.60 0.28
CA ARG A 1735 50.91 -28.59 -0.82
C ARG A 1735 50.25 -28.99 -2.13
N PHE A 1736 49.39 -30.02 -2.06
CA PHE A 1736 48.62 -30.43 -3.23
C PHE A 1736 47.77 -29.28 -3.74
N ASN A 1737 47.14 -28.55 -2.83
CA ASN A 1737 46.31 -27.42 -3.23
C ASN A 1737 47.14 -26.36 -3.94
N ASN A 1738 48.31 -26.04 -3.39
CA ASN A 1738 49.17 -25.04 -4.01
C ASN A 1738 49.60 -25.48 -5.40
N TYR A 1739 49.98 -26.74 -5.52
CA TYR A 1739 50.38 -27.29 -6.81
C TYR A 1739 49.25 -27.19 -7.82
N VAL A 1740 48.04 -27.57 -7.41
CA VAL A 1740 46.89 -27.50 -8.30
C VAL A 1740 46.64 -26.08 -8.74
N ASP A 1741 46.65 -25.14 -7.79
CA ASP A 1741 46.42 -23.75 -8.16
C ASP A 1741 47.52 -23.24 -9.06
N CYS A 1742 48.74 -23.74 -8.89
CA CYS A 1742 49.83 -23.35 -9.77
C CYS A 1742 49.53 -23.75 -11.20
N MET A 1743 49.10 -25.00 -11.40
CA MET A 1743 48.73 -25.38 -12.77
C MET A 1743 47.55 -24.56 -13.26
N LYS A 1744 46.61 -24.22 -12.38
CA LYS A 1744 45.45 -23.48 -12.86
C LYS A 1744 45.87 -22.11 -13.36
N LYS A 1745 46.75 -21.44 -12.61
CA LYS A 1745 47.29 -20.17 -13.07
C LYS A 1745 48.03 -20.35 -14.37
N PHE A 1746 48.82 -21.41 -14.47
CA PHE A 1746 49.51 -21.72 -15.71
C PHE A 1746 48.54 -21.80 -16.87
N LEU A 1747 47.49 -22.59 -16.71
CA LEU A 1747 46.54 -22.82 -17.79
C LEU A 1747 45.84 -21.54 -18.19
N ASP A 1748 45.45 -20.73 -17.19
CA ASP A 1748 44.79 -19.48 -17.52
C ASP A 1748 45.72 -18.56 -18.28
N ALA A 1749 46.98 -18.49 -17.85
CA ALA A 1749 47.95 -17.65 -18.55
C ALA A 1749 48.12 -18.12 -19.99
N LEU A 1750 48.22 -19.42 -20.19
CA LEU A 1750 48.37 -19.95 -21.55
C LEU A 1750 47.17 -19.59 -22.40
N GLU A 1751 45.96 -19.88 -21.90
CA GLU A 1751 44.78 -19.68 -22.71
C GLU A 1751 44.59 -18.21 -23.04
N LEU A 1752 44.85 -17.32 -22.08
CA LEU A 1752 44.77 -15.90 -22.39
C LEU A 1752 45.82 -15.51 -23.42
N SER A 1753 47.03 -16.02 -23.27
CA SER A 1753 48.10 -15.70 -24.21
C SER A 1753 47.80 -16.23 -25.59
N GLN A 1754 47.24 -17.44 -25.67
CA GLN A 1754 47.03 -18.13 -26.93
C GLN A 1754 48.35 -18.31 -27.69
N SER A 1755 49.38 -18.73 -26.97
CA SER A 1755 50.70 -18.94 -27.54
C SER A 1755 51.00 -20.42 -27.67
N PRO A 1756 51.73 -20.81 -28.70
CA PRO A 1756 52.00 -22.25 -28.90
C PRO A 1756 53.10 -22.79 -28.01
N MET A 1757 54.05 -21.94 -27.63
CA MET A 1757 55.17 -22.41 -26.82
C MET A 1757 54.69 -22.92 -25.47
N LEU A 1758 53.92 -22.10 -24.77
CA LEU A 1758 53.34 -22.53 -23.51
C LEU A 1758 52.45 -23.75 -23.72
N LEU A 1759 51.72 -23.78 -24.84
CA LEU A 1759 50.82 -24.89 -25.10
C LEU A 1759 51.58 -26.21 -25.16
N GLU A 1760 52.62 -26.26 -25.97
CA GLU A 1760 53.37 -27.50 -26.10
C GLU A 1760 54.06 -27.85 -24.80
N LEU A 1761 54.62 -26.85 -24.10
CA LEU A 1761 55.21 -27.14 -22.80
C LEU A 1761 54.17 -27.72 -21.86
N MET A 1762 52.95 -27.21 -21.91
CA MET A 1762 51.96 -27.51 -20.90
C MET A 1762 51.37 -28.89 -21.15
N THR A 1763 51.17 -29.24 -22.42
CA THR A 1763 50.74 -30.60 -22.73
C THR A 1763 51.85 -31.60 -22.45
N GLU A 1764 53.10 -31.20 -22.67
CA GLU A 1764 54.21 -32.03 -22.22
C GLU A 1764 54.09 -32.28 -20.73
N VAL A 1765 53.77 -31.24 -19.97
CA VAL A 1765 53.55 -31.39 -18.54
C VAL A 1765 52.43 -32.39 -18.28
N LEU A 1766 51.31 -32.23 -18.98
CA LEU A 1766 50.17 -33.10 -18.75
C LEU A 1766 50.44 -34.51 -19.23
N CYS A 1767 50.95 -34.65 -20.45
CA CYS A 1767 51.00 -35.97 -21.08
C CYS A 1767 52.14 -36.80 -20.50
N ARG A 1768 52.14 -36.93 -19.18
CA ARG A 1768 53.09 -37.78 -18.47
C ARG A 1768 52.44 -38.64 -17.42
N GLU A 1769 51.25 -38.27 -16.95
CA GLU A 1769 50.53 -39.00 -15.92
C GLU A 1769 49.28 -39.59 -16.55
N GLN A 1770 49.14 -40.91 -16.46
CA GLN A 1770 48.00 -41.60 -17.06
C GLN A 1770 46.74 -41.20 -16.32
N GLN A 1771 45.83 -40.54 -17.03
CA GLN A 1771 44.59 -40.01 -16.46
C GLN A 1771 44.89 -39.13 -15.26
N HIS A 1772 45.69 -38.10 -15.52
CA HIS A 1772 45.97 -37.10 -14.50
C HIS A 1772 44.67 -36.51 -13.99
N VAL A 1773 44.69 -36.09 -12.72
CA VAL A 1773 43.45 -35.76 -12.02
C VAL A 1773 42.76 -34.56 -12.66
N MET A 1774 43.53 -33.60 -13.18
CA MET A 1774 43.00 -32.28 -13.49
C MET A 1774 42.81 -32.08 -15.00
N GLU A 1775 42.67 -33.18 -15.74
CA GLU A 1775 42.59 -33.09 -17.20
C GLU A 1775 41.36 -32.33 -17.68
N GLU A 1776 40.26 -32.39 -16.92
CA GLU A 1776 38.98 -31.88 -17.38
C GLU A 1776 39.08 -30.41 -17.80
N LEU A 1777 39.60 -29.58 -16.90
CA LEU A 1777 39.73 -28.17 -17.24
C LEU A 1777 40.81 -27.94 -18.28
N PHE A 1778 41.76 -28.87 -18.41
CA PHE A 1778 42.71 -28.77 -19.51
C PHE A 1778 41.99 -28.85 -20.84
N GLN A 1779 41.08 -29.83 -20.97
CA GLN A 1779 40.30 -29.92 -22.20
C GLN A 1779 39.40 -28.72 -22.37
N SER A 1780 38.83 -28.22 -21.29
CA SER A 1780 38.00 -27.02 -21.38
C SER A 1780 38.80 -25.85 -21.93
N SER A 1781 40.01 -25.67 -21.40
CA SER A 1781 40.89 -24.60 -21.87
C SER A 1781 41.24 -24.80 -23.33
N PHE A 1782 41.52 -26.04 -23.72
CA PHE A 1782 41.83 -26.30 -25.12
C PHE A 1782 40.65 -25.93 -26.00
N ARG A 1783 39.45 -26.28 -25.56
CA ARG A 1783 38.24 -25.94 -26.31
C ARG A 1783 38.13 -24.43 -26.48
N ARG A 1784 38.25 -23.68 -25.38
CA ARG A 1784 38.03 -22.24 -25.47
C ARG A 1784 39.14 -21.57 -26.27
N ILE A 1785 40.39 -22.01 -26.09
CA ILE A 1785 41.48 -21.42 -26.86
C ILE A 1785 41.31 -21.73 -28.33
N ALA A 1786 40.80 -22.91 -28.65
CA ALA A 1786 40.53 -23.25 -30.04
C ALA A 1786 39.42 -22.38 -30.61
N ARG A 1787 38.41 -22.08 -29.79
CA ARG A 1787 37.26 -21.34 -30.27
C ARG A 1787 37.65 -19.96 -30.78
N ARG A 1788 38.47 -19.25 -30.02
CA ARG A 1788 38.83 -17.88 -30.33
C ARG A 1788 40.22 -17.81 -30.94
N GLY A 1789 40.63 -16.59 -31.28
CA GLY A 1789 41.91 -16.37 -31.92
C GLY A 1789 41.81 -16.34 -33.43
N SER A 1790 42.96 -16.21 -34.06
CA SER A 1790 43.03 -16.15 -35.52
C SER A 1790 43.42 -17.49 -36.10
N CYS A 1791 43.11 -17.66 -37.39
CA CYS A 1791 43.41 -18.90 -38.08
C CYS A 1791 44.89 -19.20 -38.08
N VAL A 1792 45.72 -18.18 -38.33
CA VAL A 1792 47.16 -18.39 -38.34
C VAL A 1792 47.64 -18.82 -36.96
N THR A 1793 47.12 -18.18 -35.91
CA THR A 1793 47.49 -18.58 -34.56
C THR A 1793 47.11 -20.03 -34.31
N GLN A 1794 45.86 -20.40 -34.61
CA GLN A 1794 45.40 -21.74 -34.32
C GLN A 1794 46.18 -22.77 -35.11
N VAL A 1795 46.47 -22.49 -36.38
CA VAL A 1795 47.23 -23.44 -37.18
C VAL A 1795 48.66 -23.52 -36.68
N GLY A 1796 49.21 -22.43 -36.14
CA GLY A 1796 50.49 -22.52 -35.49
C GLY A 1796 50.45 -23.48 -34.31
N LEU A 1797 49.39 -23.39 -33.50
CA LEU A 1797 49.24 -24.33 -32.40
C LEU A 1797 49.15 -25.76 -32.92
N LEU A 1798 48.37 -25.96 -33.98
CA LEU A 1798 48.20 -27.29 -34.54
C LEU A 1798 49.53 -27.86 -34.98
N GLU A 1799 50.28 -27.09 -35.77
CA GLU A 1799 51.56 -27.60 -36.26
C GLU A 1799 52.54 -27.81 -35.11
N SER A 1800 52.48 -26.95 -34.10
CA SER A 1800 53.41 -27.09 -32.98
C SER A 1800 53.16 -28.40 -32.25
N VAL A 1801 51.91 -28.64 -31.86
CA VAL A 1801 51.59 -29.88 -31.18
C VAL A 1801 51.81 -31.07 -32.10
N TYR A 1802 51.60 -30.90 -33.40
CA TYR A 1802 51.81 -31.98 -34.34
C TYR A 1802 53.28 -32.38 -34.36
N GLU A 1803 54.16 -31.41 -34.56
CA GLU A 1803 55.59 -31.66 -34.50
C GLU A 1803 55.98 -32.28 -33.17
N MET A 1804 55.35 -31.81 -32.09
CA MET A 1804 55.61 -32.38 -30.78
C MET A 1804 55.30 -33.87 -30.77
N PHE A 1805 54.13 -34.24 -31.28
CA PHE A 1805 53.83 -35.65 -31.50
C PHE A 1805 54.70 -36.22 -32.60
N ARG A 1806 54.89 -35.47 -33.68
CA ARG A 1806 55.75 -35.91 -34.76
C ARG A 1806 57.20 -36.02 -34.32
N LYS A 1807 57.57 -35.40 -33.21
CA LYS A 1807 58.93 -35.49 -32.72
C LYS A 1807 59.31 -36.95 -32.48
N ASP A 1808 60.56 -37.28 -32.78
CA ASP A 1808 61.01 -38.66 -32.80
C ASP A 1808 61.82 -39.04 -31.56
N ASP A 1809 61.79 -38.21 -30.54
CA ASP A 1809 62.32 -38.64 -29.25
C ASP A 1809 61.34 -39.61 -28.61
N PRO A 1810 61.80 -40.80 -28.18
CA PRO A 1810 60.87 -41.82 -27.69
C PRO A 1810 60.02 -41.35 -26.52
N ARG A 1811 60.69 -40.98 -25.42
CA ARG A 1811 60.08 -40.49 -24.20
C ARG A 1811 58.75 -41.20 -23.90
N LEU A 1812 58.84 -42.52 -23.77
CA LEU A 1812 57.67 -43.35 -23.51
C LEU A 1812 56.62 -43.17 -24.61
N SER A 1813 56.92 -43.78 -25.76
CA SER A 1813 56.05 -43.73 -26.93
C SER A 1813 54.58 -43.90 -26.56
N PHE A 1814 54.30 -44.59 -25.46
CA PHE A 1814 52.97 -44.53 -24.87
C PHE A 1814 52.54 -43.09 -24.62
N THR A 1815 53.41 -42.30 -23.98
CA THR A 1815 53.11 -40.89 -23.81
C THR A 1815 53.11 -40.16 -25.15
N ARG A 1816 53.90 -40.64 -26.11
CA ARG A 1816 53.83 -40.05 -27.44
C ARG A 1816 52.41 -40.18 -28.00
N GLN A 1817 51.81 -41.35 -27.83
CA GLN A 1817 50.39 -41.50 -28.11
C GLN A 1817 49.57 -40.53 -27.29
N SER A 1818 49.82 -40.47 -25.99
CA SER A 1818 49.02 -39.65 -25.09
C SER A 1818 48.99 -38.20 -25.54
N PHE A 1819 50.05 -37.75 -26.22
CA PHE A 1819 50.10 -36.38 -26.74
C PHE A 1819 48.82 -36.06 -27.50
N VAL A 1820 48.58 -36.78 -28.59
CA VAL A 1820 47.36 -36.56 -29.34
C VAL A 1820 46.15 -37.05 -28.58
N ASP A 1821 46.32 -38.09 -27.77
CA ASP A 1821 45.18 -38.79 -27.17
C ASP A 1821 44.21 -37.82 -26.51
N ARG A 1822 44.65 -37.12 -25.47
CA ARG A 1822 43.76 -36.29 -24.70
C ARG A 1822 43.97 -34.80 -24.95
N SER A 1823 44.89 -34.43 -25.83
CA SER A 1823 45.18 -33.02 -26.05
C SER A 1823 44.86 -32.56 -27.46
N LEU A 1824 45.43 -33.21 -28.48
CA LEU A 1824 45.32 -32.69 -29.83
C LEU A 1824 43.89 -32.78 -30.35
N LEU A 1825 43.26 -33.94 -30.21
CA LEU A 1825 41.93 -34.15 -30.75
C LEU A 1825 40.96 -33.09 -30.26
N THR A 1826 41.09 -32.69 -29.00
CA THR A 1826 40.28 -31.60 -28.48
C THR A 1826 40.41 -30.38 -29.36
N LEU A 1827 41.64 -30.02 -29.72
CA LEU A 1827 41.85 -28.92 -30.64
C LEU A 1827 41.22 -29.22 -32.00
N LEU A 1828 41.35 -30.46 -32.44
CA LEU A 1828 40.85 -30.83 -33.76
C LEU A 1828 39.34 -30.67 -33.85
N TRP A 1829 38.62 -31.05 -32.79
CA TRP A 1829 37.18 -30.87 -32.80
C TRP A 1829 36.76 -29.40 -32.79
N HIS A 1830 37.73 -28.49 -32.77
CA HIS A 1830 37.48 -27.06 -32.74
C HIS A 1830 38.51 -26.43 -33.66
N CYS A 1831 38.74 -25.11 -33.49
CA CYS A 1831 39.57 -24.36 -34.43
C CYS A 1831 38.97 -24.44 -35.84
N SER A 1832 37.84 -23.75 -36.00
CA SER A 1832 36.87 -23.98 -37.06
C SER A 1832 37.49 -24.28 -38.42
N LEU A 1833 36.78 -25.05 -39.22
CA LEU A 1833 37.29 -25.74 -40.41
C LEU A 1833 38.23 -24.89 -41.26
N ASP A 1834 38.08 -23.57 -41.20
CA ASP A 1834 38.90 -22.70 -42.04
C ASP A 1834 40.37 -23.03 -41.88
N ALA A 1835 40.85 -23.15 -40.65
CA ALA A 1835 42.24 -23.54 -40.42
C ALA A 1835 42.47 -24.99 -40.79
N LEU A 1836 41.48 -25.86 -40.54
CA LEU A 1836 41.63 -27.28 -40.84
C LEU A 1836 42.09 -27.51 -42.27
N ARG A 1837 41.56 -26.74 -43.21
CA ARG A 1837 41.82 -27.00 -44.61
C ARG A 1837 43.31 -26.89 -44.91
N GLU A 1838 43.91 -25.73 -44.63
CA GLU A 1838 45.33 -25.57 -44.90
C GLU A 1838 46.19 -26.43 -43.98
N PHE A 1839 45.76 -26.64 -42.74
CA PHE A 1839 46.55 -27.50 -41.86
C PHE A 1839 46.63 -28.92 -42.42
N PHE A 1840 45.49 -29.45 -42.82
CA PHE A 1840 45.47 -30.77 -43.43
C PHE A 1840 46.23 -30.77 -44.74
N SER A 1841 46.18 -29.67 -45.48
CA SER A 1841 46.99 -29.58 -46.69
C SER A 1841 48.46 -29.73 -46.36
N THR A 1842 48.90 -29.11 -45.27
CA THR A 1842 50.28 -29.24 -44.83
C THR A 1842 50.61 -30.68 -44.48
N ILE A 1843 49.72 -31.33 -43.72
CA ILE A 1843 50.07 -32.61 -43.14
C ILE A 1843 49.76 -33.80 -44.05
N VAL A 1844 48.96 -33.62 -45.09
CA VAL A 1844 48.47 -34.75 -45.85
C VAL A 1844 49.60 -35.47 -46.56
N VAL A 1845 50.56 -34.73 -47.10
CA VAL A 1845 51.69 -35.37 -47.75
C VAL A 1845 52.43 -36.27 -46.77
N ASP A 1846 52.68 -35.77 -45.56
CA ASP A 1846 53.34 -36.58 -44.56
C ASP A 1846 52.50 -37.78 -44.17
N ALA A 1847 51.17 -37.64 -44.20
CA ALA A 1847 50.31 -38.75 -43.84
C ALA A 1847 50.60 -39.97 -44.71
N ILE A 1848 50.58 -39.79 -46.03
CA ILE A 1848 50.96 -40.89 -46.91
C ILE A 1848 52.44 -41.19 -46.74
N ASP A 1849 53.25 -40.19 -46.42
CA ASP A 1849 54.68 -40.42 -46.21
C ASP A 1849 54.92 -41.33 -45.02
N VAL A 1850 53.97 -41.40 -44.10
CA VAL A 1850 54.03 -42.35 -43.00
C VAL A 1850 53.00 -43.46 -43.16
N LEU A 1851 51.80 -43.13 -43.62
CA LEU A 1851 50.75 -44.13 -43.79
C LEU A 1851 50.67 -44.58 -45.25
N LYS A 1852 51.74 -45.23 -45.69
CA LYS A 1852 51.65 -45.99 -46.93
C LYS A 1852 52.04 -47.44 -46.70
N SER A 1853 53.20 -47.66 -46.05
CA SER A 1853 53.71 -49.01 -45.89
C SER A 1853 54.43 -49.24 -44.57
N ARG A 1854 54.34 -48.30 -43.62
CA ARG A 1854 55.22 -48.33 -42.44
C ARG A 1854 54.64 -49.20 -41.35
N PHE A 1855 54.73 -50.51 -41.56
CA PHE A 1855 54.61 -51.47 -40.48
C PHE A 1855 55.75 -52.48 -40.46
N THR A 1856 56.53 -52.58 -41.53
CA THR A 1856 57.63 -53.53 -41.58
C THR A 1856 58.74 -53.06 -40.65
N LYS A 1857 58.45 -53.02 -39.35
CA LYS A 1857 59.41 -52.57 -38.35
C LYS A 1857 59.36 -53.44 -37.11
N LEU A 1858 58.81 -54.64 -37.21
CA LEU A 1858 58.69 -55.55 -36.07
C LEU A 1858 60.08 -56.09 -35.75
N ASN A 1859 60.88 -55.28 -35.07
CA ASN A 1859 62.22 -55.68 -34.68
C ASN A 1859 62.34 -55.81 -33.17
N GLU A 1860 62.21 -54.70 -32.43
CA GLU A 1860 62.35 -54.73 -30.97
C GLU A 1860 61.66 -53.49 -30.41
N SER A 1861 60.44 -53.66 -29.92
CA SER A 1861 59.74 -52.64 -29.16
C SER A 1861 59.85 -51.26 -29.79
N THR A 1862 59.88 -51.21 -31.11
CA THR A 1862 60.09 -49.95 -31.82
C THR A 1862 59.00 -49.68 -32.83
N PHE A 1863 58.31 -50.70 -33.30
CA PHE A 1863 57.12 -50.46 -34.08
C PHE A 1863 56.00 -49.90 -33.23
N ASP A 1864 56.06 -50.13 -31.91
CA ASP A 1864 55.11 -49.50 -31.01
C ASP A 1864 55.13 -47.98 -31.20
N THR A 1865 56.32 -47.41 -31.32
CA THR A 1865 56.42 -46.03 -31.76
C THR A 1865 55.80 -45.85 -33.14
N GLN A 1866 56.12 -46.76 -34.05
CA GLN A 1866 55.62 -46.64 -35.41
C GLN A 1866 54.11 -46.77 -35.46
N ILE A 1867 53.57 -47.81 -34.82
CA ILE A 1867 52.13 -47.97 -34.81
C ILE A 1867 51.48 -46.83 -34.05
N THR A 1868 52.18 -46.27 -33.07
CA THR A 1868 51.65 -45.12 -32.34
C THR A 1868 51.44 -43.95 -33.28
N LYS A 1869 52.47 -43.64 -34.07
CA LYS A 1869 52.34 -42.56 -35.05
C LYS A 1869 51.25 -42.88 -36.06
N LYS A 1870 51.16 -44.14 -36.48
CA LYS A 1870 50.13 -44.50 -37.45
C LYS A 1870 48.74 -44.29 -36.89
N MET A 1871 48.52 -44.71 -35.64
CA MET A 1871 47.23 -44.49 -35.00
C MET A 1871 46.93 -43.01 -34.85
N GLY A 1872 47.95 -42.22 -34.50
CA GLY A 1872 47.76 -40.79 -34.44
C GLY A 1872 47.28 -40.24 -35.76
N TYR A 1873 47.92 -40.66 -36.84
CA TYR A 1873 47.53 -40.19 -38.17
C TYR A 1873 46.10 -40.62 -38.48
N TYR A 1874 45.74 -41.84 -38.10
CA TYR A 1874 44.35 -42.27 -38.25
C TYR A 1874 43.39 -41.32 -37.56
N LYS A 1875 43.64 -41.03 -36.28
CA LYS A 1875 42.77 -40.12 -35.55
C LYS A 1875 42.72 -38.77 -36.22
N ILE A 1876 43.86 -38.32 -36.73
CA ILE A 1876 43.94 -37.03 -37.40
C ILE A 1876 43.00 -37.00 -38.59
N LEU A 1877 43.12 -38.00 -39.46
CA LEU A 1877 42.26 -38.06 -40.64
C LEU A 1877 40.81 -38.25 -40.25
N ASP A 1878 40.57 -38.96 -39.15
CA ASP A 1878 39.23 -39.13 -38.63
C ASP A 1878 38.57 -37.79 -38.37
N VAL A 1879 39.16 -37.00 -37.46
CA VAL A 1879 38.55 -35.71 -37.16
C VAL A 1879 38.64 -34.80 -38.37
N MET A 1880 39.60 -35.04 -39.27
CA MET A 1880 39.72 -34.25 -40.49
C MET A 1880 38.47 -34.39 -41.34
N TYR A 1881 38.17 -35.61 -41.76
CA TYR A 1881 36.96 -35.84 -42.55
C TYR A 1881 35.73 -35.39 -41.77
N SER A 1882 35.78 -35.48 -40.45
CA SER A 1882 34.73 -34.91 -39.62
C SER A 1882 34.68 -33.41 -39.85
N ARG A 1883 33.47 -32.85 -39.80
CA ARG A 1883 33.20 -31.44 -40.07
C ARG A 1883 33.57 -31.04 -41.49
N LEU A 1884 33.89 -32.00 -42.35
CA LEU A 1884 34.34 -31.71 -43.71
C LEU A 1884 33.43 -32.38 -44.72
N PRO A 1885 32.67 -31.63 -45.51
CA PRO A 1885 31.74 -32.22 -46.48
C PRO A 1885 32.48 -32.80 -47.67
N LYS A 1886 31.69 -33.30 -48.63
CA LYS A 1886 32.25 -33.98 -49.79
C LYS A 1886 33.11 -33.04 -50.64
N ASP A 1887 32.73 -31.76 -50.68
CA ASP A 1887 33.39 -30.80 -51.55
C ASP A 1887 34.89 -30.74 -51.29
N ASP A 1888 35.29 -30.26 -50.11
CA ASP A 1888 36.70 -30.07 -49.84
C ASP A 1888 37.46 -31.39 -49.76
N VAL A 1889 36.81 -32.47 -49.30
CA VAL A 1889 37.50 -33.74 -49.23
C VAL A 1889 37.68 -34.37 -50.61
N HIS A 1890 36.86 -34.00 -51.60
CA HIS A 1890 37.07 -34.45 -52.97
C HIS A 1890 36.49 -33.40 -53.91
N ALA A 1891 37.35 -32.50 -54.38
CA ALA A 1891 37.05 -31.54 -55.43
C ALA A 1891 38.37 -30.98 -55.91
N LYS A 1892 38.38 -29.89 -56.65
CA LYS A 1892 39.66 -29.23 -56.88
C LYS A 1892 40.21 -28.64 -55.59
N GLU A 1893 39.37 -28.53 -54.55
CA GLU A 1893 39.58 -27.64 -53.42
C GLU A 1893 41.00 -27.69 -52.88
N SER A 1894 41.70 -26.59 -53.14
CA SER A 1894 43.05 -26.24 -52.73
C SER A 1894 44.07 -27.25 -53.22
N LYS A 1895 43.72 -28.54 -53.14
CA LYS A 1895 44.28 -29.64 -53.89
C LYS A 1895 43.60 -30.93 -53.42
N ILE A 1896 42.63 -31.51 -54.10
CA ILE A 1896 42.31 -32.87 -53.67
C ILE A 1896 43.49 -33.75 -54.06
N ASN A 1897 44.35 -33.25 -54.94
CA ASN A 1897 45.55 -33.94 -55.38
C ASN A 1897 46.71 -33.52 -54.49
N GLN A 1898 47.28 -34.46 -53.75
CA GLN A 1898 48.53 -34.20 -53.05
C GLN A 1898 49.59 -35.25 -53.32
N VAL A 1899 49.23 -36.43 -53.82
CA VAL A 1899 50.24 -37.41 -54.21
C VAL A 1899 50.85 -37.03 -55.55
N PHE A 1900 50.01 -36.71 -56.53
CA PHE A 1900 50.49 -36.42 -57.88
C PHE A 1900 51.14 -35.05 -57.94
N HIS A 1901 50.39 -34.00 -57.62
CA HIS A 1901 50.93 -32.66 -57.67
C HIS A 1901 50.41 -31.86 -56.49
N GLY A 1902 51.19 -30.84 -56.11
CA GLY A 1902 50.81 -30.00 -54.99
C GLY A 1902 49.46 -29.34 -55.19
N SER A 1903 49.17 -28.91 -56.43
CA SER A 1903 47.80 -28.55 -56.81
C SER A 1903 47.75 -28.53 -58.34
N CYS A 1904 47.20 -29.59 -58.93
CA CYS A 1904 46.99 -29.61 -60.38
C CYS A 1904 45.52 -29.64 -60.76
N ILE A 1905 44.80 -30.69 -60.35
CA ILE A 1905 43.36 -30.82 -60.56
C ILE A 1905 42.80 -31.62 -59.39
N THR A 1906 41.49 -31.88 -59.40
CA THR A 1906 40.95 -32.84 -58.47
C THR A 1906 41.55 -34.23 -58.68
N GLU A 1907 41.99 -34.53 -59.90
CA GLU A 1907 42.58 -35.82 -60.27
C GLU A 1907 41.61 -36.98 -60.04
N GLY A 1908 40.39 -36.67 -59.59
CA GLY A 1908 39.48 -37.68 -59.09
C GLY A 1908 39.51 -37.71 -57.58
N ASN A 1909 39.36 -38.90 -57.00
CA ASN A 1909 39.45 -39.06 -55.54
C ASN A 1909 40.30 -40.27 -55.18
N GLU A 1910 41.29 -40.58 -56.01
CA GLU A 1910 42.05 -41.82 -55.85
C GLU A 1910 42.76 -41.87 -54.52
N LEU A 1911 43.11 -40.70 -53.97
CA LEU A 1911 43.68 -40.66 -52.63
C LEU A 1911 42.77 -41.33 -51.61
N THR A 1912 41.46 -41.10 -51.73
CA THR A 1912 40.51 -41.75 -50.84
C THR A 1912 40.57 -43.26 -51.00
N LYS A 1913 40.64 -43.74 -52.24
CA LYS A 1913 40.71 -45.17 -52.46
C LYS A 1913 41.99 -45.75 -51.87
N THR A 1914 43.11 -45.07 -52.06
CA THR A 1914 44.36 -45.51 -51.48
C THR A 1914 44.22 -45.66 -49.98
N LEU A 1915 43.73 -44.62 -49.31
CA LEU A 1915 43.67 -44.65 -47.86
C LEU A 1915 42.66 -45.67 -47.35
N ILE A 1916 41.55 -45.87 -48.05
CA ILE A 1916 40.60 -46.88 -47.59
C ILE A 1916 41.17 -48.28 -47.79
N LYS A 1917 41.94 -48.50 -48.86
CA LYS A 1917 42.63 -49.76 -49.00
C LYS A 1917 43.62 -49.95 -47.87
N LEU A 1918 44.33 -48.88 -47.52
CA LEU A 1918 45.23 -48.91 -46.37
C LEU A 1918 44.49 -49.27 -45.10
N CYS A 1919 43.26 -48.80 -44.96
CA CYS A 1919 42.48 -49.16 -43.79
C CYS A 1919 42.13 -50.64 -43.83
N TYR A 1920 41.57 -51.11 -44.95
CA TYR A 1920 41.27 -52.52 -45.10
C TYR A 1920 42.47 -53.38 -44.70
N ASP A 1921 43.54 -53.30 -45.47
CA ASP A 1921 44.66 -54.20 -45.23
C ASP A 1921 45.28 -53.96 -43.86
N ALA A 1922 45.07 -52.77 -43.28
CA ALA A 1922 45.46 -52.57 -41.89
C ALA A 1922 44.67 -53.49 -40.96
N PHE A 1923 43.35 -53.46 -41.05
CA PHE A 1923 42.56 -54.27 -40.13
C PHE A 1923 42.13 -55.60 -40.74
N THR A 1924 42.05 -55.71 -42.07
CA THR A 1924 41.74 -57.00 -42.65
C THR A 1924 42.95 -57.91 -42.69
N GLU A 1925 44.10 -57.45 -42.18
CA GLU A 1925 45.28 -58.29 -42.13
C GLU A 1925 45.00 -59.54 -41.30
N ASN A 1926 45.77 -60.58 -41.58
CA ASN A 1926 45.70 -61.83 -40.82
C ASN A 1926 46.62 -61.68 -39.63
N MET A 1927 46.08 -61.25 -38.51
CA MET A 1927 46.86 -61.14 -37.28
C MET A 1927 46.98 -62.50 -36.63
N ALA A 1928 47.42 -62.51 -35.37
CA ALA A 1928 47.58 -63.72 -34.57
C ALA A 1928 48.69 -64.60 -35.11
N GLY A 1929 49.27 -64.23 -36.24
CA GLY A 1929 50.48 -64.86 -36.73
C GLY A 1929 51.74 -64.18 -36.29
N GLU A 1930 51.61 -63.06 -35.56
CA GLU A 1930 52.72 -62.28 -35.04
C GLU A 1930 52.49 -61.96 -33.57
N ASN A 1931 52.16 -62.99 -32.81
CA ASN A 1931 51.75 -62.81 -31.42
C ASN A 1931 52.91 -62.38 -30.55
N GLN A 1932 53.15 -61.08 -30.52
CA GLN A 1932 54.14 -60.46 -29.64
C GLN A 1932 53.51 -59.47 -28.67
N LEU A 1933 52.64 -58.59 -29.14
CA LEU A 1933 51.90 -57.66 -28.30
C LEU A 1933 50.59 -57.35 -29.01
N LEU A 1934 49.54 -58.08 -28.63
CA LEU A 1934 48.28 -58.02 -29.37
C LEU A 1934 47.50 -56.76 -29.06
N GLU A 1935 47.61 -56.25 -27.84
CA GLU A 1935 46.76 -55.15 -27.40
C GLU A 1935 46.97 -53.91 -28.27
N ARG A 1936 48.23 -53.57 -28.52
CA ARG A 1936 48.51 -52.31 -29.21
C ARG A 1936 48.14 -52.42 -30.68
N ARG A 1937 48.48 -53.55 -31.31
CA ARG A 1937 48.09 -53.75 -32.69
C ARG A 1937 46.57 -53.79 -32.83
N ARG A 1938 45.89 -54.32 -31.82
CA ARG A 1938 44.44 -54.31 -31.81
C ARG A 1938 43.91 -52.89 -31.76
N LEU A 1939 44.50 -52.06 -30.90
CA LEU A 1939 44.18 -50.64 -30.90
C LEU A 1939 44.43 -50.04 -32.27
N TYR A 1940 45.51 -50.46 -32.91
CA TYR A 1940 45.84 -49.99 -34.25
C TYR A 1940 44.72 -50.31 -35.22
N HIS A 1941 44.23 -51.54 -35.17
CA HIS A 1941 43.14 -51.93 -36.07
C HIS A 1941 41.87 -51.18 -35.72
N CYS A 1942 41.65 -50.94 -34.43
CA CYS A 1942 40.50 -50.15 -34.00
C CYS A 1942 40.53 -48.78 -34.65
N ALA A 1943 41.67 -48.12 -34.56
CA ALA A 1943 41.83 -46.82 -35.20
C ALA A 1943 41.68 -46.93 -36.70
N ALA A 1944 42.18 -48.01 -37.28
CA ALA A 1944 42.08 -48.19 -38.72
C ALA A 1944 40.63 -48.26 -39.16
N TYR A 1945 39.81 -49.04 -38.46
CA TYR A 1945 38.41 -49.13 -38.83
C TYR A 1945 37.68 -47.85 -38.51
N ASN A 1946 38.10 -47.14 -37.47
CA ASN A 1946 37.53 -45.83 -37.20
C ASN A 1946 37.78 -44.88 -38.36
N CYS A 1947 39.01 -44.89 -38.88
CA CYS A 1947 39.31 -44.09 -40.06
C CYS A 1947 38.46 -44.53 -41.24
N ALA A 1948 38.33 -45.84 -41.43
CA ALA A 1948 37.54 -46.35 -42.53
C ALA A 1948 36.10 -45.85 -42.45
N ILE A 1949 35.51 -45.96 -41.26
CA ILE A 1949 34.10 -45.60 -41.11
C ILE A 1949 33.92 -44.10 -41.25
N SER A 1950 34.86 -43.32 -40.72
CA SER A 1950 34.78 -41.88 -40.90
C SER A 1950 34.82 -41.51 -42.38
N VAL A 1951 35.71 -42.15 -43.14
CA VAL A 1951 35.75 -41.91 -44.57
C VAL A 1951 34.42 -42.27 -45.20
N ILE A 1952 33.93 -43.47 -44.90
CA ILE A 1952 32.70 -43.97 -45.51
C ILE A 1952 31.53 -43.04 -45.21
N CYS A 1953 31.58 -42.36 -44.07
CA CYS A 1953 30.48 -41.47 -43.69
C CYS A 1953 30.25 -40.37 -44.72
N CYS A 1954 31.24 -40.06 -45.56
CA CYS A 1954 31.10 -38.98 -46.52
C CYS A 1954 31.53 -39.34 -47.93
N VAL A 1955 32.35 -40.37 -48.13
CA VAL A 1955 32.96 -40.60 -49.42
C VAL A 1955 31.92 -41.08 -50.44
N PHE A 1956 31.03 -41.98 -50.04
CA PHE A 1956 30.04 -42.51 -50.95
C PHE A 1956 28.64 -42.31 -50.38
N ASN A 1957 27.65 -42.48 -51.24
CA ASN A 1957 26.25 -42.58 -50.86
C ASN A 1957 25.69 -43.84 -51.52
N GLU A 1958 25.94 -44.98 -50.87
CA GLU A 1958 25.54 -46.28 -51.41
C GLU A 1958 25.56 -47.27 -50.28
N LEU A 1959 24.41 -47.89 -49.98
CA LEU A 1959 24.33 -48.84 -48.89
C LEU A 1959 25.29 -50.00 -49.06
N LYS A 1960 25.65 -50.31 -50.30
CA LYS A 1960 26.65 -51.34 -50.60
C LYS A 1960 27.89 -50.60 -51.10
N PHE A 1961 28.76 -50.22 -50.16
CA PHE A 1961 30.00 -49.57 -50.51
C PHE A 1961 31.15 -50.29 -49.82
N TYR A 1962 30.87 -50.91 -48.68
CA TYR A 1962 31.84 -51.72 -47.97
C TYR A 1962 31.09 -52.73 -47.12
N GLN A 1963 31.37 -54.01 -47.36
CA GLN A 1963 30.70 -55.08 -46.64
C GLN A 1963 31.48 -55.58 -45.45
N GLY A 1964 32.81 -55.52 -45.51
CA GLY A 1964 33.63 -56.04 -44.43
C GLY A 1964 33.54 -57.55 -44.27
N PHE A 1965 33.56 -58.29 -45.38
CA PHE A 1965 33.50 -59.74 -45.34
C PHE A 1965 34.65 -60.32 -46.14
N LEU A 1966 35.37 -61.28 -45.56
CA LEU A 1966 36.49 -61.93 -46.26
C LEU A 1966 36.78 -63.24 -45.57
N PHE A 1967 36.68 -64.35 -46.32
CA PHE A 1967 37.02 -65.65 -45.75
C PHE A 1967 38.51 -65.75 -45.44
N SER A 1968 39.34 -64.98 -46.14
CA SER A 1968 40.76 -64.95 -45.82
C SER A 1968 40.98 -64.42 -44.41
N GLU A 1969 40.26 -63.36 -44.04
CA GLU A 1969 40.40 -62.79 -42.70
C GLU A 1969 39.14 -62.00 -42.37
N LYS A 1970 38.64 -62.18 -41.16
CA LYS A 1970 37.46 -61.47 -40.66
C LYS A 1970 37.88 -60.55 -39.52
N PRO A 1971 37.99 -59.25 -39.76
CA PRO A 1971 38.51 -58.35 -38.70
C PRO A 1971 37.64 -58.32 -37.47
N GLU A 1972 36.32 -58.46 -37.61
CA GLU A 1972 35.41 -58.31 -36.48
C GLU A 1972 35.79 -59.24 -35.34
N LYS A 1973 36.04 -60.51 -35.66
CA LYS A 1973 36.53 -61.43 -34.65
C LYS A 1973 37.89 -61.00 -34.13
N ASN A 1974 38.68 -60.32 -34.95
CA ASN A 1974 40.04 -59.97 -34.59
C ASN A 1974 40.17 -58.56 -34.03
N LEU A 1975 39.44 -57.59 -34.59
CA LEU A 1975 39.57 -56.22 -34.10
C LEU A 1975 39.11 -56.11 -32.66
N LEU A 1976 38.23 -56.98 -32.21
CA LEU A 1976 37.88 -57.04 -30.80
C LEU A 1976 38.78 -58.02 -30.07
N ILE A 1977 38.81 -57.88 -28.74
CA ILE A 1977 39.64 -58.76 -27.93
C ILE A 1977 39.16 -60.20 -28.09
N PHE A 1978 40.12 -61.12 -28.15
CA PHE A 1978 39.80 -62.54 -28.17
C PHE A 1978 38.91 -62.92 -27.00
N GLU A 1979 39.33 -62.55 -25.79
CA GLU A 1979 38.61 -62.85 -24.56
C GLU A 1979 39.21 -62.04 -23.43
N ASN A 1980 38.37 -61.25 -22.74
CA ASN A 1980 38.81 -60.48 -21.60
C ASN A 1980 38.03 -60.77 -20.34
N LEU A 1981 36.85 -61.38 -20.45
CA LEU A 1981 35.96 -61.62 -19.34
C LEU A 1981 35.80 -60.34 -18.53
N ILE A 1982 35.21 -59.35 -19.19
CA ILE A 1982 35.03 -58.03 -18.61
C ILE A 1982 33.54 -57.71 -18.68
N ASP A 1983 32.82 -58.09 -17.63
CA ASP A 1983 31.39 -57.86 -17.60
C ASP A 1983 30.87 -58.22 -16.22
N LEU A 1984 29.97 -57.40 -15.69
CA LEU A 1984 29.39 -57.66 -14.38
C LEU A 1984 28.07 -56.92 -14.27
N LYS A 1985 27.10 -57.56 -13.62
CA LYS A 1985 25.80 -56.93 -13.40
C LYS A 1985 25.96 -55.66 -12.57
N ARG A 1986 25.15 -54.67 -12.88
CA ARG A 1986 25.20 -53.40 -12.16
C ARG A 1986 24.10 -53.32 -11.11
N MET A 2085 30.61 -51.95 -17.44
CA MET A 2085 29.88 -51.30 -18.51
C MET A 2085 30.96 -50.97 -19.56
N ASP A 2086 31.80 -51.97 -19.80
CA ASP A 2086 32.94 -51.84 -20.70
C ASP A 2086 32.58 -52.12 -22.14
N GLU A 2087 31.30 -52.25 -22.44
CA GLU A 2087 30.85 -52.47 -23.81
C GLU A 2087 30.07 -51.29 -24.36
N LEU A 2088 29.33 -50.58 -23.51
CA LEU A 2088 28.83 -49.26 -23.84
C LEU A 2088 29.82 -48.18 -23.45
N ASN A 2089 31.00 -48.56 -22.99
CA ASN A 2089 32.06 -47.62 -22.67
C ASN A 2089 33.38 -48.32 -22.96
N ARG A 2090 34.42 -47.50 -23.15
CA ARG A 2090 35.81 -47.93 -23.24
C ARG A 2090 36.11 -48.72 -24.51
N HIS A 2091 35.12 -49.04 -25.33
CA HIS A 2091 35.39 -49.59 -26.65
C HIS A 2091 35.33 -48.48 -27.68
N GLU A 2092 36.16 -48.61 -28.71
CA GLU A 2092 36.37 -47.51 -29.64
C GLU A 2092 35.17 -47.30 -30.55
N CYS A 2093 34.80 -48.33 -31.30
CA CYS A 2093 33.99 -48.17 -32.49
C CYS A 2093 32.49 -48.23 -32.22
N MET A 2094 32.07 -48.25 -30.96
CA MET A 2094 30.64 -48.35 -30.68
C MET A 2094 29.88 -47.17 -31.29
N ALA A 2095 30.23 -45.95 -30.89
CA ALA A 2095 29.59 -44.77 -31.47
C ALA A 2095 29.85 -44.63 -32.96
N PRO A 2096 31.05 -44.91 -33.49
CA PRO A 2096 31.21 -44.93 -34.94
C PRO A 2096 30.18 -45.81 -35.64
N LEU A 2097 30.08 -47.06 -35.23
CA LEU A 2097 29.12 -47.96 -35.86
C LEU A 2097 27.70 -47.45 -35.69
N THR A 2098 27.42 -46.87 -34.52
CA THR A 2098 26.11 -46.26 -34.30
C THR A 2098 25.82 -45.22 -35.35
N ALA A 2099 26.76 -44.29 -35.55
CA ALA A 2099 26.57 -43.25 -36.55
C ALA A 2099 26.42 -43.84 -37.94
N LEU A 2100 27.21 -44.87 -38.24
CA LEU A 2100 27.11 -45.53 -39.54
C LEU A 2100 25.70 -46.04 -39.77
N VAL A 2101 25.16 -46.78 -38.82
CA VAL A 2101 23.87 -47.41 -39.04
C VAL A 2101 22.77 -46.35 -39.04
N LYS A 2102 22.93 -45.28 -38.25
CA LYS A 2102 21.97 -44.18 -38.33
C LYS A 2102 21.97 -43.58 -39.72
N HIS A 2103 23.15 -43.24 -40.24
CA HIS A 2103 23.28 -42.67 -41.56
C HIS A 2103 22.66 -43.57 -42.61
N MET A 2104 23.27 -44.74 -42.83
CA MET A 2104 22.83 -45.60 -43.91
C MET A 2104 21.38 -46.02 -43.74
N HIS A 2105 20.92 -46.10 -42.49
CA HIS A 2105 19.51 -46.32 -42.22
C HIS A 2105 18.67 -45.18 -42.78
N ARG A 2106 19.06 -43.95 -42.50
CA ARG A 2106 18.36 -42.79 -43.02
C ARG A 2106 18.95 -42.30 -44.34
N SER A 2107 20.04 -42.90 -44.81
CA SER A 2107 20.59 -42.52 -46.11
C SER A 2107 19.72 -43.06 -47.24
N LEU A 2108 19.56 -44.36 -47.32
CA LEU A 2108 18.84 -44.98 -48.43
C LEU A 2108 17.67 -45.83 -47.93
N PRO A 2119 7.37 -54.26 -48.30
CA PRO A 2119 8.27 -54.81 -47.28
C PRO A 2119 9.46 -55.56 -47.86
N ARG A 2120 10.58 -55.53 -47.15
CA ARG A 2120 11.82 -56.15 -47.60
C ARG A 2120 12.38 -56.99 -46.47
N ASP A 2121 13.00 -58.13 -46.82
CA ASP A 2121 13.50 -59.06 -45.82
C ASP A 2121 14.60 -58.45 -44.98
N LEU A 2122 15.78 -58.21 -45.59
CA LEU A 2122 16.92 -57.51 -44.98
C LEU A 2122 18.05 -57.33 -46.00
N PRO A 2123 18.77 -56.20 -45.96
CA PRO A 2123 19.92 -56.04 -46.87
C PRO A 2123 21.08 -56.93 -46.46
N SER A 2124 22.03 -57.06 -47.41
CA SER A 2124 23.10 -58.05 -47.29
C SER A 2124 24.06 -57.72 -46.16
N TRP A 2125 24.25 -56.43 -45.86
CA TRP A 2125 25.18 -56.07 -44.80
C TRP A 2125 24.76 -56.69 -43.47
N MET A 2126 23.50 -56.51 -43.09
CA MET A 2126 23.09 -57.13 -41.85
C MET A 2126 22.72 -58.59 -42.05
N LYS A 2127 22.66 -59.08 -43.28
CA LYS A 2127 22.72 -60.52 -43.50
C LYS A 2127 24.04 -61.08 -43.00
N PHE A 2128 25.15 -60.46 -43.42
CA PHE A 2128 26.45 -60.76 -42.84
C PHE A 2128 26.42 -60.67 -41.33
N LEU A 2129 25.86 -59.58 -40.83
CA LEU A 2129 25.81 -59.37 -39.38
C LEU A 2129 25.04 -60.48 -38.69
N HIS A 2130 23.90 -60.87 -39.24
CA HIS A 2130 23.08 -61.91 -38.65
C HIS A 2130 23.79 -63.25 -38.67
N GLY A 2131 24.46 -63.56 -39.79
CA GLY A 2131 25.22 -64.80 -39.86
C GLY A 2131 26.29 -64.86 -38.80
N LYS A 2132 27.03 -63.75 -38.63
CA LYS A 2132 28.04 -63.70 -37.57
C LYS A 2132 27.38 -63.79 -36.19
N LEU A 2133 26.18 -63.24 -36.06
CA LEU A 2133 25.55 -63.12 -34.75
C LEU A 2133 25.02 -64.47 -34.28
N GLY A 2134 24.07 -65.03 -35.02
CA GLY A 2134 23.38 -66.23 -34.56
C GLY A 2134 24.28 -67.43 -34.39
N ASN A 2135 25.46 -67.41 -34.98
CA ASN A 2135 26.16 -68.65 -34.72
C ASN A 2135 27.03 -68.51 -33.47
N PRO A 2136 27.07 -69.53 -32.62
CA PRO A 2136 27.89 -69.46 -31.40
C PRO A 2136 29.38 -69.54 -31.68
N ILE A 2137 29.76 -69.38 -32.94
CA ILE A 2137 31.18 -69.31 -33.28
C ILE A 2137 31.87 -68.15 -32.55
N VAL A 2138 31.20 -67.01 -32.45
CA VAL A 2138 31.82 -65.90 -31.72
C VAL A 2138 32.01 -66.32 -30.28
N PRO A 2139 33.25 -66.39 -29.78
CA PRO A 2139 33.48 -67.03 -28.48
C PRO A 2139 32.68 -66.42 -27.34
N LEU A 2140 32.94 -65.17 -27.00
CA LEU A 2140 32.09 -64.51 -26.04
C LEU A 2140 31.94 -63.02 -26.28
N ASN A 2141 32.73 -62.47 -27.19
CA ASN A 2141 32.83 -61.02 -27.21
C ASN A 2141 32.26 -60.38 -28.44
N ILE A 2142 32.37 -61.03 -29.60
CA ILE A 2142 31.74 -60.49 -30.80
C ILE A 2142 30.23 -60.52 -30.65
N ARG A 2143 29.70 -61.61 -30.11
CA ARG A 2143 28.25 -61.70 -29.93
C ARG A 2143 27.76 -60.65 -28.96
N LEU A 2144 28.44 -60.48 -27.83
CA LEU A 2144 28.04 -59.46 -26.87
C LEU A 2144 28.15 -58.07 -27.47
N PHE A 2145 29.24 -57.81 -28.20
CA PHE A 2145 29.42 -56.50 -28.80
C PHE A 2145 28.31 -56.19 -29.78
N LEU A 2146 27.97 -57.15 -30.64
CA LEU A 2146 26.89 -56.91 -31.58
C LEU A 2146 25.56 -56.78 -30.86
N ALA A 2147 25.38 -57.50 -29.76
CA ALA A 2147 24.18 -57.34 -28.97
C ALA A 2147 24.05 -55.91 -28.46
N LYS A 2148 25.13 -55.38 -27.91
CA LYS A 2148 25.11 -54.00 -27.44
C LYS A 2148 24.88 -53.05 -28.59
N LEU A 2149 25.44 -53.37 -29.76
CA LEU A 2149 25.19 -52.57 -30.95
C LEU A 2149 23.70 -52.57 -31.29
N VAL A 2150 23.03 -53.69 -31.09
CA VAL A 2150 21.60 -53.75 -31.36
C VAL A 2150 20.83 -52.96 -30.32
N ILE A 2151 21.20 -53.10 -29.06
CA ILE A 2151 20.37 -52.58 -27.98
C ILE A 2151 20.31 -51.06 -28.05
N ASN A 2152 21.44 -50.41 -28.25
CA ASN A 2152 21.46 -48.95 -28.20
C ASN A 2152 20.75 -48.32 -29.39
N THR A 2153 20.45 -49.09 -30.43
CA THR A 2153 19.67 -48.58 -31.56
C THR A 2153 18.74 -49.69 -32.06
N GLU A 2154 17.45 -49.52 -31.79
CA GLU A 2154 16.45 -50.52 -32.11
C GLU A 2154 15.51 -50.10 -33.22
N GLU A 2155 15.24 -48.80 -33.34
CA GLU A 2155 14.42 -48.30 -34.44
C GLU A 2155 14.92 -48.79 -35.78
N VAL A 2156 16.24 -48.79 -35.96
CA VAL A 2156 16.82 -49.33 -37.19
C VAL A 2156 16.44 -50.80 -37.34
N PHE A 2157 16.46 -51.56 -36.26
CA PHE A 2157 16.13 -52.97 -36.33
C PHE A 2157 14.65 -53.24 -36.30
N ARG A 2158 13.82 -52.21 -36.17
CA ARG A 2158 12.39 -52.41 -36.04
C ARG A 2158 11.85 -53.24 -37.20
N PRO A 2159 11.85 -52.73 -38.44
CA PRO A 2159 11.11 -53.42 -39.51
C PRO A 2159 11.76 -54.74 -39.89
N TYR A 2160 12.77 -55.13 -39.12
CA TYR A 2160 13.54 -56.33 -39.40
C TYR A 2160 13.66 -57.25 -38.21
N ALA A 2161 13.18 -56.84 -37.03
CA ALA A 2161 13.42 -57.61 -35.81
C ALA A 2161 12.86 -59.02 -35.90
N LYS A 2162 11.91 -59.27 -36.79
CA LYS A 2162 11.37 -60.61 -36.96
C LYS A 2162 12.48 -61.61 -37.23
N HIS A 2163 13.49 -61.20 -37.99
CA HIS A 2163 14.65 -62.07 -38.19
C HIS A 2163 15.51 -62.09 -36.94
N TRP A 2164 15.72 -60.93 -36.34
CA TRP A 2164 16.64 -60.78 -35.23
C TRP A 2164 16.11 -61.41 -33.95
N LEU A 2165 14.80 -61.65 -33.87
CA LEU A 2165 14.20 -62.00 -32.58
C LEU A 2165 14.79 -63.30 -32.05
N SER A 2166 14.93 -64.31 -32.89
CA SER A 2166 15.38 -65.61 -32.39
C SER A 2166 16.87 -65.61 -32.03
N PRO A 2167 17.79 -65.17 -32.88
CA PRO A 2167 19.21 -65.32 -32.52
C PRO A 2167 19.59 -64.64 -31.23
N LEU A 2168 19.04 -63.45 -30.97
CA LEU A 2168 19.37 -62.75 -29.73
C LEU A 2168 18.90 -63.54 -28.52
N LEU A 2169 17.69 -64.11 -28.60
CA LEU A 2169 17.29 -65.08 -27.60
C LEU A 2169 18.22 -66.27 -27.63
N GLN A 2170 18.54 -66.75 -28.84
CA GLN A 2170 19.60 -67.74 -28.98
C GLN A 2170 20.89 -67.25 -28.35
N LEU A 2171 21.14 -65.94 -28.40
CA LEU A 2171 22.24 -65.38 -27.63
C LEU A 2171 22.03 -65.60 -26.14
N ALA A 2172 20.86 -65.22 -25.64
CA ALA A 2172 20.53 -65.40 -24.23
C ALA A 2172 20.03 -66.79 -23.93
N ALA A 2173 20.33 -67.75 -24.80
CA ALA A 2173 19.68 -69.07 -24.75
C ALA A 2173 19.93 -69.81 -23.45
N SER A 2174 21.17 -70.23 -23.22
CA SER A 2174 21.47 -71.14 -22.11
C SER A 2174 22.71 -70.79 -21.33
N GLU A 2175 23.65 -70.04 -21.88
CA GLU A 2175 24.92 -69.78 -21.22
C GLU A 2175 25.45 -68.46 -21.76
N ASN A 2176 26.72 -68.17 -21.48
CA ASN A 2176 27.36 -66.96 -21.97
C ASN A 2176 26.65 -65.72 -21.47
N ASN A 2177 26.26 -65.76 -20.19
CA ASN A 2177 25.49 -64.67 -19.62
C ASN A 2177 26.29 -63.37 -19.59
N GLY A 2178 27.57 -63.45 -19.26
CA GLY A 2178 28.34 -62.25 -19.00
C GLY A 2178 28.18 -61.87 -17.54
N GLY A 2179 29.27 -61.79 -16.80
CA GLY A 2179 29.14 -61.80 -15.36
C GLY A 2179 28.59 -63.16 -14.96
N GLU A 2180 27.46 -63.17 -14.26
CA GLU A 2180 26.76 -64.42 -13.99
C GLU A 2180 25.32 -64.12 -13.61
N GLY A 2181 24.50 -65.16 -13.62
CA GLY A 2181 23.13 -65.05 -13.16
C GLY A 2181 22.36 -64.00 -13.93
N ILE A 2182 21.45 -63.33 -13.22
CA ILE A 2182 20.76 -62.20 -13.82
C ILE A 2182 21.73 -61.03 -13.94
N HIS A 2183 21.48 -60.18 -14.93
CA HIS A 2183 22.34 -59.04 -15.17
C HIS A 2183 21.70 -58.15 -16.22
N TYR A 2184 22.03 -56.86 -16.17
CA TYR A 2184 21.34 -55.87 -16.98
C TYR A 2184 21.49 -56.12 -18.46
N MET A 2185 22.48 -56.89 -18.89
CA MET A 2185 22.64 -57.18 -20.30
C MET A 2185 21.38 -57.86 -20.84
N VAL A 2186 21.11 -59.07 -20.35
CA VAL A 2186 19.92 -59.78 -20.78
C VAL A 2186 18.67 -59.00 -20.39
N VAL A 2187 18.74 -58.21 -19.33
CA VAL A 2187 17.59 -57.39 -18.96
C VAL A 2187 17.21 -56.46 -20.10
N GLU A 2188 18.19 -55.72 -20.61
CA GLU A 2188 17.88 -54.84 -21.72
C GLU A 2188 17.63 -55.62 -23.01
N ILE A 2189 18.19 -56.82 -23.13
CA ILE A 2189 17.89 -57.66 -24.29
C ILE A 2189 16.39 -57.96 -24.33
N VAL A 2190 15.84 -58.41 -23.21
CA VAL A 2190 14.42 -58.70 -23.18
C VAL A 2190 13.62 -57.41 -23.25
N ALA A 2191 14.17 -56.30 -22.75
CA ALA A 2191 13.51 -55.02 -22.94
C ALA A 2191 13.36 -54.71 -24.42
N THR A 2192 14.40 -54.97 -25.19
CA THR A 2192 14.35 -54.75 -26.64
C THR A 2192 13.34 -55.68 -27.28
N ILE A 2193 13.40 -56.97 -26.94
CA ILE A 2193 12.49 -57.91 -27.58
C ILE A 2193 11.05 -57.62 -27.22
N LEU A 2194 10.82 -56.97 -26.08
CA LEU A 2194 9.49 -56.46 -25.75
C LEU A 2194 9.22 -55.07 -26.29
N SER A 2195 10.23 -54.40 -26.83
CA SER A 2195 9.98 -53.13 -27.52
C SER A 2195 9.20 -53.35 -28.80
N TRP A 2196 9.00 -54.59 -29.21
CA TRP A 2196 8.24 -54.97 -30.39
C TRP A 2196 6.81 -55.31 -30.03
N THR A 2197 6.22 -54.54 -29.11
CA THR A 2197 4.86 -54.78 -28.65
C THR A 2197 3.92 -55.04 -29.81
N GLY A 2198 3.43 -56.27 -29.90
CA GLY A 2198 2.61 -56.67 -31.02
C GLY A 2198 3.37 -56.84 -32.32
N LEU A 2199 4.69 -56.83 -32.28
CA LEU A 2199 5.50 -56.91 -33.49
C LEU A 2199 6.41 -58.13 -33.50
N ALA A 2200 7.08 -58.43 -32.40
CA ALA A 2200 8.06 -59.50 -32.36
C ALA A 2200 7.41 -60.83 -32.70
N THR A 2201 6.51 -61.28 -31.83
CA THR A 2201 5.76 -62.51 -32.03
C THR A 2201 6.67 -63.69 -32.32
N PRO A 2202 7.50 -64.12 -31.36
CA PRO A 2202 8.27 -65.34 -31.57
C PRO A 2202 7.36 -66.56 -31.55
N THR A 2203 6.56 -66.71 -32.59
CA THR A 2203 5.53 -67.72 -32.63
C THR A 2203 5.61 -68.67 -33.81
N GLY A 2204 6.51 -68.44 -34.75
CA GLY A 2204 6.58 -69.30 -35.92
C GLY A 2204 7.41 -70.54 -35.70
N VAL A 2205 8.69 -70.36 -35.40
CA VAL A 2205 9.59 -71.50 -35.19
C VAL A 2205 9.31 -72.06 -33.80
N PRO A 2206 9.24 -73.39 -33.66
CA PRO A 2206 9.09 -73.96 -32.31
C PRO A 2206 10.20 -73.55 -31.36
N LYS A 2207 11.41 -73.40 -31.89
CA LYS A 2207 12.54 -73.03 -31.05
C LYS A 2207 12.32 -71.68 -30.39
N ASP A 2208 11.52 -70.81 -31.00
CA ASP A 2208 11.15 -69.56 -30.33
C ASP A 2208 10.60 -69.84 -28.95
N GLU A 2209 9.50 -70.60 -28.89
CA GLU A 2209 8.88 -70.92 -27.62
C GLU A 2209 9.81 -71.76 -26.76
N VAL A 2210 10.54 -72.69 -27.37
CA VAL A 2210 11.47 -73.54 -26.63
C VAL A 2210 12.43 -72.67 -25.83
N LEU A 2211 13.19 -71.84 -26.52
CA LEU A 2211 14.22 -71.05 -25.88
C LEU A 2211 13.60 -69.98 -24.98
N ALA A 2212 12.40 -69.49 -25.31
CA ALA A 2212 11.74 -68.55 -24.43
C ALA A 2212 11.43 -69.19 -23.09
N ASN A 2213 10.91 -70.42 -23.12
CA ASN A 2213 10.64 -71.14 -21.89
C ASN A 2213 11.93 -71.40 -21.13
N ARG A 2214 12.99 -71.78 -21.84
CA ARG A 2214 14.26 -72.03 -21.17
C ARG A 2214 14.77 -70.78 -20.48
N LEU A 2215 14.71 -69.65 -21.18
CA LEU A 2215 15.17 -68.40 -20.60
C LEU A 2215 14.32 -68.00 -19.41
N LEU A 2216 13.01 -68.15 -19.52
CA LEU A 2216 12.14 -67.82 -18.39
C LEU A 2216 12.47 -68.69 -17.20
N ASN A 2217 12.75 -69.97 -17.43
CA ASN A 2217 13.18 -70.84 -16.34
C ASN A 2217 14.46 -70.32 -15.72
N PHE A 2218 15.42 -69.89 -16.55
CA PHE A 2218 16.63 -69.29 -16.02
C PHE A 2218 16.31 -68.09 -15.14
N LEU A 2219 15.52 -67.17 -15.66
CA LEU A 2219 15.13 -65.98 -14.90
C LEU A 2219 14.56 -66.37 -13.55
N MET A 2220 13.47 -67.13 -13.57
CA MET A 2220 12.83 -67.49 -12.30
C MET A 2220 13.81 -68.19 -11.37
N LYS A 2221 14.77 -68.93 -11.93
CA LYS A 2221 15.81 -69.52 -11.09
C LYS A 2221 16.62 -68.44 -10.41
N HIS A 2222 16.97 -67.38 -11.13
CA HIS A 2222 17.79 -66.29 -10.61
C HIS A 2222 16.93 -65.05 -10.51
N VAL A 2223 16.22 -64.92 -9.40
CA VAL A 2223 15.34 -63.78 -9.16
C VAL A 2223 15.74 -63.00 -7.93
N PHE A 2224 16.10 -63.69 -6.84
CA PHE A 2224 16.33 -63.01 -5.59
C PHE A 2224 17.49 -62.05 -5.69
N HIS A 2225 17.35 -60.91 -5.01
CA HIS A 2225 18.46 -60.03 -4.72
C HIS A 2225 18.23 -59.46 -3.33
N PRO A 2226 19.30 -59.16 -2.60
CA PRO A 2226 19.12 -58.56 -1.26
C PRO A 2226 18.39 -57.23 -1.28
N LYS A 2227 18.43 -56.48 -2.37
CA LYS A 2227 17.77 -55.19 -2.44
C LYS A 2227 16.34 -55.36 -2.95
N ARG A 2228 15.39 -54.77 -2.22
CA ARG A 2228 13.99 -54.89 -2.60
C ARG A 2228 13.73 -54.24 -3.95
N ALA A 2229 14.35 -53.10 -4.21
CA ALA A 2229 14.05 -52.34 -5.42
C ALA A 2229 14.39 -53.14 -6.66
N VAL A 2230 15.60 -53.69 -6.73
CA VAL A 2230 16.00 -54.44 -7.90
C VAL A 2230 15.17 -55.71 -8.02
N PHE A 2231 14.84 -56.33 -6.90
CA PHE A 2231 13.99 -57.52 -6.94
C PHE A 2231 12.64 -57.18 -7.56
N ARG A 2232 12.05 -56.06 -7.14
CA ARG A 2232 10.79 -55.63 -7.74
C ARG A 2232 10.97 -55.34 -9.21
N HIS A 2233 12.12 -54.75 -9.58
CA HIS A 2233 12.44 -54.58 -10.98
C HIS A 2233 12.42 -55.92 -11.71
N ASN A 2234 13.00 -56.94 -11.11
CA ASN A 2234 13.05 -58.26 -11.72
C ASN A 2234 11.65 -58.81 -11.93
N LEU A 2235 10.79 -58.69 -10.93
CA LEU A 2235 9.44 -59.23 -11.09
C LEU A 2235 8.69 -58.46 -12.16
N GLU A 2236 8.90 -57.14 -12.23
CA GLU A 2236 8.37 -56.37 -13.35
C GLU A 2236 8.83 -56.97 -14.66
N ILE A 2237 10.12 -57.29 -14.74
CA ILE A 2237 10.68 -57.85 -15.96
C ILE A 2237 9.97 -59.14 -16.33
N ILE A 2238 9.74 -59.99 -15.33
CA ILE A 2238 9.17 -61.31 -15.62
C ILE A 2238 7.72 -61.19 -16.05
N LYS A 2239 6.95 -60.33 -15.39
CA LYS A 2239 5.56 -60.18 -15.79
C LYS A 2239 5.45 -59.55 -17.17
N THR A 2240 6.30 -58.55 -17.44
CA THR A 2240 6.37 -57.90 -18.74
C THR A 2240 6.98 -58.81 -19.79
N LEU A 2241 7.54 -59.94 -19.37
CA LEU A 2241 7.85 -61.00 -20.32
C LEU A 2241 6.62 -61.84 -20.61
N VAL A 2242 6.01 -62.37 -19.56
CA VAL A 2242 5.04 -63.44 -19.73
C VAL A 2242 3.78 -62.93 -20.41
N GLU A 2243 3.38 -61.68 -20.14
CA GLU A 2243 2.03 -61.26 -20.52
C GLU A 2243 1.77 -61.41 -22.00
N CYS A 2244 2.84 -61.38 -22.81
CA CYS A 2244 2.72 -61.42 -24.26
C CYS A 2244 2.92 -62.81 -24.84
N TRP A 2245 3.73 -63.64 -24.20
CA TRP A 2245 4.01 -64.97 -24.72
C TRP A 2245 3.43 -66.06 -23.83
N LYS A 2246 2.37 -65.73 -23.09
CA LYS A 2246 1.63 -66.77 -22.38
C LYS A 2246 1.19 -67.86 -23.33
N ASP A 2247 0.77 -67.47 -24.54
CA ASP A 2247 0.50 -68.43 -25.59
C ASP A 2247 1.75 -69.21 -25.99
N CYS A 2248 2.93 -68.63 -25.76
CA CYS A 2248 4.18 -69.20 -26.20
C CYS A 2248 4.99 -69.80 -25.05
N LEU A 2249 4.36 -70.00 -23.89
CA LEU A 2249 5.09 -70.42 -22.70
C LEU A 2249 4.34 -71.55 -22.00
N SER A 2250 5.09 -72.28 -21.17
CA SER A 2250 4.54 -73.40 -20.41
C SER A 2250 5.20 -73.40 -19.04
N ILE A 2251 4.45 -73.01 -18.02
CA ILE A 2251 4.98 -72.94 -16.66
C ILE A 2251 5.02 -74.36 -16.09
N PRO A 2252 6.16 -74.81 -15.56
CA PRO A 2252 6.25 -76.19 -15.08
C PRO A 2252 5.58 -76.37 -13.73
N TYR A 2253 5.71 -75.34 -12.88
CA TYR A 2253 5.22 -75.33 -11.50
C TYR A 2253 6.05 -76.24 -10.63
N ARG A 2254 6.89 -77.08 -11.26
CA ARG A 2254 7.75 -77.97 -10.49
C ARG A 2254 8.86 -77.18 -9.84
N LEU A 2255 9.49 -76.30 -10.61
CA LEU A 2255 10.45 -75.38 -10.05
C LEU A 2255 9.77 -74.46 -9.04
N ILE A 2256 8.58 -73.99 -9.38
CA ILE A 2256 7.80 -73.15 -8.46
C ILE A 2256 7.60 -73.88 -7.16
N PHE A 2257 7.47 -75.22 -7.21
CA PHE A 2257 7.18 -75.98 -6.01
C PHE A 2257 8.24 -75.75 -4.95
N GLU A 2258 9.51 -75.95 -5.28
CA GLU A 2258 10.54 -75.69 -4.30
C GLU A 2258 10.81 -74.20 -4.16
N LYS A 2259 10.37 -73.39 -5.13
CA LYS A 2259 10.47 -71.95 -4.94
C LYS A 2259 9.66 -71.51 -3.73
N PHE A 2260 8.46 -72.05 -3.56
CA PHE A 2260 7.70 -71.77 -2.36
C PHE A 2260 7.91 -72.80 -1.25
N SER A 2261 8.63 -73.88 -1.53
CA SER A 2261 8.86 -74.88 -0.50
C SER A 2261 9.99 -74.46 0.44
N GLY A 2262 9.96 -75.01 1.64
CA GLY A 2262 10.90 -74.69 2.70
C GLY A 2262 10.22 -74.76 4.03
N LYS A 2263 10.83 -75.50 4.97
CA LYS A 2263 10.11 -75.89 6.18
C LYS A 2263 9.72 -74.70 7.04
N ASP A 2264 10.70 -74.04 7.64
CA ASP A 2264 10.44 -72.79 8.34
C ASP A 2264 11.73 -72.01 8.54
N PRO A 2265 12.36 -71.53 7.47
CA PRO A 2265 13.45 -70.58 7.65
C PRO A 2265 12.91 -69.29 8.24
N ASN A 2266 13.76 -68.62 9.02
CA ASN A 2266 13.42 -67.30 9.55
C ASN A 2266 13.80 -66.18 8.60
N SER A 2267 13.81 -66.47 7.30
CA SER A 2267 14.05 -65.52 6.23
C SER A 2267 12.79 -65.37 5.39
N LYS A 2268 12.90 -64.61 4.30
CA LYS A 2268 11.80 -64.38 3.37
C LYS A 2268 12.04 -65.08 2.04
N ASP A 2269 12.61 -66.29 2.10
CA ASP A 2269 12.97 -67.01 0.90
C ASP A 2269 11.75 -67.27 0.03
N ASN A 2270 10.89 -68.19 0.46
CA ASN A 2270 9.82 -68.70 -0.41
C ASN A 2270 8.92 -67.60 -0.94
N SER A 2271 8.98 -66.41 -0.35
CA SER A 2271 8.19 -65.29 -0.83
C SER A 2271 8.38 -65.10 -2.32
N VAL A 2272 9.61 -65.27 -2.82
CA VAL A 2272 9.85 -65.10 -4.24
C VAL A 2272 8.97 -66.05 -5.03
N GLY A 2273 9.00 -67.33 -4.68
CA GLY A 2273 8.09 -68.28 -5.29
C GLY A 2273 6.66 -67.89 -5.05
N ILE A 2274 6.36 -67.42 -3.85
CA ILE A 2274 5.03 -66.89 -3.55
C ILE A 2274 4.72 -65.74 -4.50
N GLN A 2275 5.68 -64.82 -4.66
CA GLN A 2275 5.49 -63.77 -5.65
C GLN A 2275 5.34 -64.38 -7.04
N LEU A 2276 6.10 -65.45 -7.30
CA LEU A 2276 5.91 -66.20 -8.53
C LEU A 2276 4.48 -66.72 -8.64
N LEU A 2277 3.95 -67.25 -7.55
CA LEU A 2277 2.56 -67.66 -7.55
C LEU A 2277 1.65 -66.51 -7.94
N GLY A 2278 2.01 -65.30 -7.53
CA GLY A 2278 1.23 -64.14 -7.94
C GLY A 2278 1.35 -63.85 -9.42
N ILE A 2279 2.55 -64.02 -9.98
CA ILE A 2279 2.80 -63.54 -11.33
C ILE A 2279 2.03 -64.37 -12.35
N VAL A 2280 1.89 -65.68 -12.10
CA VAL A 2280 1.03 -66.48 -12.96
C VAL A 2280 -0.42 -66.05 -12.78
N MET A 2281 -0.79 -65.66 -11.56
CA MET A 2281 -2.08 -65.00 -11.35
C MET A 2281 -2.12 -63.64 -12.03
N ALA A 2282 -0.97 -63.02 -12.27
CA ALA A 2282 -0.95 -61.74 -12.95
C ALA A 2282 -1.64 -61.84 -14.31
N ASN A 2283 -1.21 -62.81 -15.12
CA ASN A 2283 -1.92 -63.14 -16.35
C ASN A 2283 -3.05 -64.12 -16.12
N ASP A 2284 -3.31 -64.47 -14.86
CA ASP A 2284 -4.46 -65.28 -14.47
C ASP A 2284 -4.38 -66.70 -14.97
N LEU A 2285 -3.21 -67.16 -15.36
CA LEU A 2285 -3.08 -68.54 -15.82
C LEU A 2285 -3.23 -69.47 -14.63
N PRO A 2286 -4.03 -70.53 -14.76
CA PRO A 2286 -4.39 -71.34 -13.61
C PRO A 2286 -3.17 -71.97 -12.96
N PRO A 2287 -3.16 -72.05 -11.63
CA PRO A 2287 -2.01 -72.63 -10.93
C PRO A 2287 -2.08 -74.14 -10.94
N TYR A 2288 -0.93 -74.77 -11.16
CA TYR A 2288 -0.85 -76.22 -11.35
C TYR A 2288 -1.91 -76.68 -12.35
N ASP A 2289 -2.05 -75.92 -13.43
CA ASP A 2289 -3.14 -76.15 -14.37
C ASP A 2289 -3.10 -77.54 -15.00
N PRO A 2290 -1.99 -77.97 -15.63
CA PRO A 2290 -2.04 -79.27 -16.32
C PRO A 2290 -1.75 -80.45 -15.40
N GLN A 2291 -0.98 -80.19 -14.34
CA GLN A 2291 -0.48 -81.24 -13.46
C GLN A 2291 0.26 -82.31 -14.25
N CYS A 2292 0.97 -81.89 -15.28
CA CYS A 2292 1.79 -82.78 -16.08
C CYS A 2292 3.22 -82.74 -15.58
N GLY A 2293 3.81 -83.92 -15.35
CA GLY A 2293 5.09 -83.99 -14.70
C GLY A 2293 5.09 -83.48 -13.28
N ILE A 2294 3.91 -83.33 -12.68
CA ILE A 2294 3.78 -82.71 -11.38
C ILE A 2294 2.42 -83.10 -10.81
N GLN A 2295 2.39 -83.39 -9.52
CA GLN A 2295 1.14 -83.58 -8.80
C GLN A 2295 0.92 -82.43 -7.84
N SER A 2296 -0.30 -81.90 -7.84
CA SER A 2296 -0.66 -80.86 -6.88
C SER A 2296 -2.04 -81.18 -6.33
N SER A 2297 -2.05 -81.97 -5.26
CA SER A 2297 -3.07 -81.95 -4.25
C SER A 2297 -2.45 -81.83 -2.88
N GLU A 2298 -1.18 -82.15 -2.75
CA GLU A 2298 -0.37 -81.96 -1.57
C GLU A 2298 0.52 -80.74 -1.67
N TYR A 2299 0.79 -80.25 -2.87
CA TYR A 2299 1.58 -79.04 -3.01
C TYR A 2299 0.92 -77.87 -2.32
N PHE A 2300 -0.38 -77.97 -2.08
CA PHE A 2300 -1.09 -76.96 -1.32
C PHE A 2300 -0.92 -77.13 0.17
N GLN A 2301 -0.45 -78.29 0.63
CA GLN A 2301 -0.31 -78.52 2.07
C GLN A 2301 0.66 -77.52 2.68
N ALA A 2302 1.93 -77.62 2.29
CA ALA A 2302 2.89 -76.64 2.76
C ALA A 2302 2.53 -75.25 2.29
N LEU A 2303 1.89 -75.15 1.13
CA LEU A 2303 1.45 -73.86 0.62
C LEU A 2303 0.62 -73.12 1.64
N VAL A 2304 -0.41 -73.77 2.16
CA VAL A 2304 -1.24 -73.15 3.18
C VAL A 2304 -0.50 -73.10 4.51
N ASN A 2305 0.36 -74.09 4.77
CA ASN A 2305 1.16 -74.08 5.99
C ASN A 2305 2.04 -72.85 6.09
N ASN A 2306 2.32 -72.22 4.96
CA ASN A 2306 3.13 -71.00 4.98
C ASN A 2306 2.54 -69.97 5.91
N MET A 2307 1.22 -69.78 5.88
CA MET A 2307 0.61 -68.77 6.73
C MET A 2307 0.75 -69.10 8.21
N SER A 2308 1.08 -70.34 8.56
CA SER A 2308 1.35 -70.66 9.95
C SER A 2308 2.57 -69.92 10.48
N PHE A 2309 3.39 -69.39 9.59
CA PHE A 2309 4.66 -68.82 9.99
C PHE A 2309 4.48 -67.46 10.64
N VAL A 2310 5.18 -67.27 11.75
CA VAL A 2310 5.51 -65.97 12.33
C VAL A 2310 6.74 -65.50 11.57
N ARG A 2311 7.30 -64.34 11.94
CA ARG A 2311 8.59 -63.94 11.37
C ARG A 2311 8.47 -63.49 9.92
N TYR A 2312 8.19 -62.20 9.73
CA TYR A 2312 8.01 -61.54 8.43
C TYR A 2312 6.66 -61.80 7.78
N LYS A 2313 5.61 -61.16 8.31
CA LYS A 2313 4.30 -61.21 7.68
C LYS A 2313 4.33 -60.42 6.39
N GLU A 2314 5.25 -60.82 5.52
CA GLU A 2314 5.28 -60.42 4.13
C GLU A 2314 5.60 -61.61 3.26
N VAL A 2315 6.04 -62.72 3.84
CA VAL A 2315 6.13 -63.98 3.13
C VAL A 2315 4.85 -64.79 3.28
N TYR A 2316 4.27 -64.82 4.49
CA TYR A 2316 3.04 -65.57 4.68
C TYR A 2316 1.81 -64.70 4.55
N ALA A 2317 1.90 -63.40 4.86
CA ALA A 2317 0.80 -62.50 4.54
C ALA A 2317 0.60 -62.41 3.03
N ALA A 2318 1.70 -62.24 2.29
CA ALA A 2318 1.61 -62.29 0.84
C ALA A 2318 1.17 -63.67 0.37
N ALA A 2319 1.51 -64.71 1.13
CA ALA A 2319 1.02 -66.04 0.79
C ALA A 2319 -0.49 -66.10 0.91
N ALA A 2320 -1.04 -65.48 1.95
CA ALA A 2320 -2.49 -65.39 2.08
C ALA A 2320 -3.10 -64.61 0.93
N GLU A 2321 -2.44 -63.52 0.53
CA GLU A 2321 -2.87 -62.78 -0.65
C GLU A 2321 -2.95 -63.69 -1.86
N VAL A 2322 -1.88 -64.47 -2.09
CA VAL A 2322 -1.83 -65.38 -3.22
C VAL A 2322 -2.96 -66.39 -3.12
N LEU A 2323 -3.17 -66.95 -1.93
CA LEU A 2323 -4.23 -67.92 -1.76
C LEU A 2323 -5.58 -67.32 -2.07
N GLY A 2324 -5.79 -66.07 -1.67
CA GLY A 2324 -7.03 -65.40 -2.01
C GLY A 2324 -7.22 -65.33 -3.51
N LEU A 2325 -6.17 -64.94 -4.24
CA LEU A 2325 -6.26 -64.94 -5.69
C LEU A 2325 -6.54 -66.35 -6.22
N ILE A 2326 -5.89 -67.35 -5.62
CA ILE A 2326 -6.07 -68.72 -6.05
C ILE A 2326 -7.53 -69.13 -5.94
N LEU A 2327 -8.12 -68.84 -4.78
CA LEU A 2327 -9.51 -69.22 -4.56
C LEU A 2327 -10.44 -68.43 -5.47
N ARG A 2328 -10.13 -67.15 -5.68
CA ARG A 2328 -10.93 -66.36 -6.61
C ARG A 2328 -10.97 -67.03 -7.98
N TYR A 2329 -9.81 -67.43 -8.49
CA TYR A 2329 -9.79 -68.12 -9.77
C TYR A 2329 -10.53 -69.44 -9.69
N VAL A 2330 -10.26 -70.23 -8.66
CA VAL A 2330 -10.70 -71.61 -8.64
C VAL A 2330 -12.19 -71.70 -8.38
N MET A 2331 -12.79 -70.62 -7.90
CA MET A 2331 -14.24 -70.53 -7.92
C MET A 2331 -14.74 -69.91 -9.21
N GLU A 2332 -13.94 -69.04 -9.83
CA GLU A 2332 -14.29 -68.54 -11.15
C GLU A 2332 -14.47 -69.68 -12.13
N ARG A 2333 -13.48 -70.57 -12.20
CA ARG A 2333 -13.58 -71.79 -12.99
C ARG A 2333 -13.69 -72.97 -12.02
N LYS A 2334 -14.75 -73.74 -12.16
CA LYS A 2334 -15.10 -74.72 -11.14
C LYS A 2334 -14.28 -75.99 -11.30
N ASN A 2335 -13.99 -76.63 -10.17
CA ASN A 2335 -13.23 -77.87 -10.14
C ASN A 2335 -13.60 -78.62 -8.86
N ILE A 2336 -12.78 -79.59 -8.48
CA ILE A 2336 -13.04 -80.42 -7.31
C ILE A 2336 -11.97 -80.22 -6.24
N LEU A 2337 -11.28 -79.09 -6.25
CA LEU A 2337 -10.22 -78.83 -5.29
C LEU A 2337 -10.51 -77.67 -4.36
N GLU A 2338 -11.32 -76.71 -4.79
CA GLU A 2338 -11.57 -75.51 -4.00
C GLU A 2338 -12.20 -75.83 -2.65
N GLU A 2339 -13.01 -76.88 -2.59
CA GLU A 2339 -13.61 -77.25 -1.31
C GLU A 2339 -12.56 -77.78 -0.35
N SER A 2340 -11.72 -78.71 -0.81
CA SER A 2340 -10.63 -79.19 0.02
C SER A 2340 -9.64 -78.07 0.30
N LEU A 2341 -9.39 -77.23 -0.70
CA LEU A 2341 -8.46 -76.13 -0.52
C LEU A 2341 -8.92 -75.20 0.59
N CYS A 2342 -10.17 -74.75 0.50
CA CYS A 2342 -10.71 -73.87 1.54
C CYS A 2342 -10.81 -74.59 2.87
N GLU A 2343 -11.00 -75.90 2.86
CA GLU A 2343 -10.97 -76.65 4.11
C GLU A 2343 -9.61 -76.53 4.77
N LEU A 2344 -8.55 -76.79 4.02
CA LEU A 2344 -7.21 -76.63 4.56
C LEU A 2344 -6.96 -75.19 4.98
N VAL A 2345 -7.54 -74.24 4.26
CA VAL A 2345 -7.43 -72.84 4.64
C VAL A 2345 -8.01 -72.63 6.02
N ALA A 2346 -9.24 -73.11 6.22
CA ALA A 2346 -9.89 -72.97 7.52
C ALA A 2346 -9.10 -73.68 8.60
N LYS A 2347 -8.56 -74.85 8.27
CA LYS A 2347 -7.68 -75.55 9.20
C LYS A 2347 -6.53 -74.64 9.63
N GLN A 2348 -5.70 -74.24 8.68
CA GLN A 2348 -4.54 -73.41 8.98
C GLN A 2348 -4.94 -72.19 9.79
N LEU A 2349 -6.04 -71.54 9.42
CA LEU A 2349 -6.53 -70.41 10.18
C LEU A 2349 -6.81 -70.81 11.62
N LYS A 2350 -7.48 -71.93 11.81
CA LYS A 2350 -7.80 -72.39 13.16
C LYS A 2350 -6.52 -72.64 13.95
N GLN A 2351 -5.48 -73.12 13.29
CA GLN A 2351 -4.25 -73.48 13.99
C GLN A 2351 -3.71 -72.30 14.79
N HIS A 2352 -3.65 -71.13 14.18
CA HIS A 2352 -3.30 -69.93 14.94
C HIS A 2352 -4.52 -69.25 15.55
N GLN A 2353 -5.72 -69.59 15.10
CA GLN A 2353 -6.92 -69.11 15.77
C GLN A 2353 -7.00 -69.67 17.18
N ASN A 2354 -7.47 -68.84 18.09
CA ASN A 2354 -7.58 -69.17 19.52
C ASN A 2354 -6.23 -69.50 20.14
N THR A 2355 -5.14 -69.23 19.44
CA THR A 2355 -3.80 -69.36 19.99
C THR A 2355 -3.05 -68.03 20.02
N MET A 2356 -2.89 -67.38 18.87
CA MET A 2356 -2.28 -66.06 18.80
C MET A 2356 -3.18 -65.04 18.14
N GLU A 2357 -4.03 -65.46 17.22
CA GLU A 2357 -5.20 -64.72 16.75
C GLU A 2357 -4.85 -63.46 15.97
N ASP A 2358 -3.58 -63.08 15.92
CA ASP A 2358 -3.23 -61.79 15.34
C ASP A 2358 -2.97 -61.93 13.83
N LYS A 2359 -1.97 -62.72 13.47
CA LYS A 2359 -1.81 -63.11 12.09
C LYS A 2359 -3.05 -63.81 11.59
N PHE A 2360 -3.83 -64.40 12.49
CA PHE A 2360 -5.14 -64.92 12.11
C PHE A 2360 -5.99 -63.81 11.49
N ILE A 2361 -6.10 -62.68 12.17
CA ILE A 2361 -6.88 -61.57 11.63
C ILE A 2361 -6.25 -61.06 10.34
N VAL A 2362 -4.94 -60.90 10.32
CA VAL A 2362 -4.30 -60.33 9.13
C VAL A 2362 -4.55 -61.21 7.93
N CYS A 2363 -4.29 -62.52 8.08
CA CYS A 2363 -4.51 -63.47 7.00
C CYS A 2363 -5.97 -63.51 6.60
N LEU A 2364 -6.88 -63.51 7.57
CA LEU A 2364 -8.29 -63.58 7.24
C LEU A 2364 -8.72 -62.38 6.43
N ASN A 2365 -8.28 -61.19 6.84
CA ASN A 2365 -8.58 -59.99 6.07
C ASN A 2365 -8.03 -60.11 4.66
N LYS A 2366 -6.78 -60.56 4.54
CA LYS A 2366 -6.15 -60.61 3.22
C LYS A 2366 -6.88 -61.57 2.30
N VAL A 2367 -7.20 -62.76 2.79
CA VAL A 2367 -7.85 -63.76 1.94
C VAL A 2367 -9.28 -63.34 1.63
N THR A 2368 -10.01 -62.87 2.64
CA THR A 2368 -11.37 -62.41 2.41
C THR A 2368 -11.39 -61.21 1.47
N LYS A 2369 -10.31 -60.44 1.46
CA LYS A 2369 -10.20 -59.34 0.50
C LYS A 2369 -10.35 -59.85 -0.92
N SER A 2370 -9.97 -61.11 -1.16
CA SER A 2370 -10.13 -61.71 -2.47
C SER A 2370 -11.20 -62.80 -2.52
N PHE A 2371 -11.72 -63.24 -1.37
CA PHE A 2371 -12.83 -64.19 -1.35
C PHE A 2371 -13.61 -64.03 -0.06
N PRO A 2372 -14.73 -63.31 -0.10
CA PRO A 2372 -15.54 -63.10 1.10
C PRO A 2372 -16.04 -64.40 1.73
N PRO A 2373 -16.65 -65.33 0.96
CA PRO A 2373 -17.55 -66.29 1.60
C PRO A 2373 -16.86 -67.34 2.46
N LEU A 2374 -15.59 -67.10 2.79
CA LEU A 2374 -14.83 -68.03 3.60
C LEU A 2374 -14.97 -67.76 5.09
N ALA A 2375 -14.89 -66.49 5.50
CA ALA A 2375 -14.90 -66.14 6.91
C ALA A 2375 -16.24 -66.42 7.57
N ASP A 2376 -17.30 -66.63 6.78
CA ASP A 2376 -18.61 -66.94 7.36
C ASP A 2376 -18.51 -68.05 8.39
N ARG A 2377 -17.52 -68.93 8.25
CA ARG A 2377 -17.23 -69.90 9.30
C ARG A 2377 -16.83 -69.22 10.60
N PHE A 2378 -16.40 -67.97 10.55
CA PHE A 2378 -15.85 -67.28 11.71
C PHE A 2378 -16.63 -66.05 12.12
N MET A 2379 -17.85 -65.88 11.59
CA MET A 2379 -18.66 -64.73 11.97
C MET A 2379 -18.76 -64.60 13.49
N ASN A 2380 -19.12 -65.69 14.15
CA ASN A 2380 -19.09 -65.69 15.61
C ASN A 2380 -17.67 -65.46 16.11
N ALA A 2381 -16.70 -66.09 15.48
CA ALA A 2381 -15.31 -65.92 15.89
C ALA A 2381 -14.85 -64.48 15.69
N VAL A 2382 -15.18 -63.88 14.56
CA VAL A 2382 -14.74 -62.51 14.31
C VAL A 2382 -15.44 -61.54 15.25
N PHE A 2383 -16.72 -61.78 15.53
CA PHE A 2383 -17.40 -60.98 16.54
C PHE A 2383 -16.69 -61.10 17.88
N PHE A 2384 -16.35 -62.33 18.27
CA PHE A 2384 -15.66 -62.56 19.53
C PHE A 2384 -14.35 -61.80 19.57
N LEU A 2385 -13.53 -61.94 18.53
CA LEU A 2385 -12.22 -61.32 18.53
C LEU A 2385 -12.28 -59.83 18.32
N LEU A 2386 -13.42 -59.31 17.90
CA LEU A 2386 -13.55 -57.89 17.59
C LEU A 2386 -13.13 -57.01 18.76
N PRO A 2387 -13.82 -57.05 19.91
CA PRO A 2387 -13.52 -56.06 20.94
C PRO A 2387 -12.35 -56.46 21.81
N LYS A 2388 -11.27 -56.97 21.21
CA LYS A 2388 -10.04 -57.21 21.94
C LYS A 2388 -8.87 -56.45 21.34
N PHE A 2389 -8.60 -56.65 20.05
CA PHE A 2389 -7.47 -56.01 19.39
C PHE A 2389 -7.95 -54.65 18.91
N HIS A 2390 -7.69 -53.63 19.71
CA HIS A 2390 -8.32 -52.33 19.53
C HIS A 2390 -7.57 -51.41 18.57
N GLY A 2391 -6.46 -51.85 18.01
CA GLY A 2391 -5.71 -51.04 17.07
C GLY A 2391 -6.37 -51.00 15.70
N VAL A 2392 -5.55 -50.77 14.68
CA VAL A 2392 -6.04 -50.83 13.31
C VAL A 2392 -6.61 -52.20 13.00
N LEU A 2393 -6.26 -53.20 13.82
CA LEU A 2393 -6.89 -54.51 13.71
C LEU A 2393 -8.40 -54.39 13.80
N LYS A 2394 -8.91 -53.42 14.54
CA LYS A 2394 -10.34 -53.15 14.51
C LYS A 2394 -10.80 -52.78 13.12
N THR A 2395 -10.05 -51.92 12.43
CA THR A 2395 -10.41 -51.55 11.07
C THR A 2395 -10.40 -52.78 10.17
N LEU A 2396 -9.39 -53.64 10.33
CA LEU A 2396 -9.32 -54.85 9.53
C LEU A 2396 -10.50 -55.76 9.82
N CYS A 2397 -10.90 -55.89 11.08
CA CYS A 2397 -12.05 -56.70 11.43
C CYS A 2397 -13.32 -56.13 10.84
N LEU A 2398 -13.46 -54.81 10.86
CA LEU A 2398 -14.61 -54.18 10.21
C LEU A 2398 -14.61 -54.49 8.72
N GLU A 2399 -13.44 -54.46 8.09
CA GLU A 2399 -13.38 -54.83 6.69
C GLU A 2399 -13.83 -56.27 6.48
N VAL A 2400 -13.32 -57.18 7.32
CA VAL A 2400 -13.62 -58.59 7.08
C VAL A 2400 -15.10 -58.87 7.34
N VAL A 2401 -15.72 -58.18 8.28
CA VAL A 2401 -17.14 -58.36 8.47
C VAL A 2401 -17.92 -57.67 7.37
N LEU A 2402 -17.31 -56.68 6.70
CA LEU A 2402 -17.99 -55.98 5.63
C LEU A 2402 -18.34 -56.91 4.48
N CYS A 2403 -17.39 -57.75 4.08
CA CYS A 2403 -17.60 -58.61 2.92
C CYS A 2403 -18.54 -59.77 3.20
N ARG A 2404 -19.18 -59.79 4.37
CA ARG A 2404 -20.17 -60.82 4.67
C ARG A 2404 -21.49 -60.27 5.18
N VAL A 2405 -21.55 -58.99 5.53
CA VAL A 2405 -22.79 -58.42 6.05
C VAL A 2405 -23.89 -58.51 5.00
N GLU A 2406 -23.55 -58.26 3.73
CA GLU A 2406 -24.53 -58.44 2.67
C GLU A 2406 -25.02 -59.88 2.61
N GLY A 2407 -24.19 -60.82 3.05
CA GLY A 2407 -24.57 -62.22 3.05
C GLY A 2407 -25.03 -62.71 4.41
N MET A 2408 -24.65 -62.02 5.47
CA MET A 2408 -25.03 -62.42 6.81
C MET A 2408 -26.28 -61.65 7.22
N THR A 2409 -27.19 -62.32 7.90
CA THR A 2409 -28.52 -61.74 8.13
C THR A 2409 -28.60 -60.96 9.43
N GLU A 2410 -28.42 -61.65 10.57
CA GLU A 2410 -28.70 -61.04 11.87
C GLU A 2410 -27.57 -60.09 12.22
N LEU A 2411 -27.76 -58.83 11.88
CA LEU A 2411 -26.79 -57.79 12.17
C LEU A 2411 -27.29 -56.89 13.29
N TYR A 2412 -26.37 -56.11 13.85
CA TYR A 2412 -26.65 -54.96 14.69
C TYR A 2412 -27.13 -55.40 16.06
N PHE A 2413 -27.43 -56.68 16.22
CA PHE A 2413 -27.50 -57.20 17.57
C PHE A 2413 -26.10 -57.38 18.12
N GLN A 2414 -25.24 -58.05 17.34
CA GLN A 2414 -23.84 -58.20 17.72
C GLN A 2414 -23.18 -56.85 17.86
N LEU A 2415 -23.41 -55.96 16.88
CA LEU A 2415 -22.65 -54.73 16.81
C LEU A 2415 -22.92 -53.83 18.01
N LYS A 2416 -24.19 -53.57 18.30
CA LYS A 2416 -24.50 -52.76 19.48
C LYS A 2416 -24.14 -53.51 20.76
N SER A 2417 -24.23 -54.85 20.73
CA SER A 2417 -23.73 -55.62 21.86
C SER A 2417 -22.24 -55.36 22.05
N LYS A 2418 -21.49 -55.33 20.96
CA LYS A 2418 -20.09 -54.93 21.01
C LYS A 2418 -19.91 -53.43 20.95
N ASP A 2419 -20.99 -52.66 21.12
CA ASP A 2419 -20.94 -51.20 21.17
C ASP A 2419 -20.28 -50.65 19.90
N PHE A 2420 -20.93 -50.94 18.78
CA PHE A 2420 -20.40 -50.53 17.49
C PHE A 2420 -20.39 -49.01 17.34
N VAL A 2421 -21.31 -48.32 18.02
CA VAL A 2421 -21.53 -46.91 17.75
C VAL A 2421 -20.29 -46.09 18.08
N GLN A 2422 -19.73 -46.30 19.28
CA GLN A 2422 -18.63 -45.46 19.72
C GLN A 2422 -17.40 -45.62 18.84
N VAL A 2423 -17.33 -46.70 18.08
CA VAL A 2423 -16.28 -46.82 17.06
C VAL A 2423 -16.35 -45.63 16.12
N MET A 2424 -17.55 -45.32 15.63
CA MET A 2424 -17.71 -44.15 14.79
C MET A 2424 -17.47 -42.88 15.57
N ARG A 2425 -17.85 -42.86 16.84
CA ARG A 2425 -17.57 -41.70 17.67
C ARG A 2425 -16.08 -41.46 17.81
N HIS A 2426 -15.26 -42.48 17.64
CA HIS A 2426 -13.83 -42.31 17.64
C HIS A 2426 -13.36 -41.78 16.29
N ARG A 2427 -12.05 -41.53 16.20
CA ARG A 2427 -11.42 -41.03 14.99
C ARG A 2427 -11.18 -42.15 14.00
N ASP A 2428 -10.32 -41.91 13.00
CA ASP A 2428 -10.08 -42.83 11.89
C ASP A 2428 -11.36 -43.03 11.08
N ASP A 2429 -11.78 -41.93 10.45
CA ASP A 2429 -12.93 -41.99 9.56
C ASP A 2429 -12.76 -43.03 8.46
N GLU A 2430 -11.50 -43.38 8.14
CA GLU A 2430 -11.28 -44.46 7.19
C GLU A 2430 -11.80 -45.77 7.75
N ARG A 2431 -11.60 -46.00 9.04
CA ARG A 2431 -12.26 -47.09 9.72
C ARG A 2431 -13.74 -46.80 9.92
N GLN A 2432 -14.13 -45.53 9.99
CA GLN A 2432 -15.54 -45.21 10.04
C GLN A 2432 -16.18 -45.26 8.66
N LYS A 2433 -15.40 -44.98 7.61
CA LYS A 2433 -15.96 -44.99 6.27
C LYS A 2433 -16.60 -46.34 5.97
N VAL A 2434 -15.91 -47.42 6.32
CA VAL A 2434 -16.48 -48.75 6.11
C VAL A 2434 -17.67 -48.95 7.02
N CYS A 2435 -17.62 -48.40 8.24
CA CYS A 2435 -18.79 -48.45 9.11
C CYS A 2435 -20.00 -47.85 8.42
N LEU A 2436 -19.81 -46.70 7.78
CA LEU A 2436 -20.87 -46.15 6.95
C LEU A 2436 -21.23 -47.11 5.84
N ASP A 2437 -20.22 -47.76 5.24
CA ASP A 2437 -20.52 -48.78 4.25
C ASP A 2437 -21.29 -49.93 4.88
N ILE A 2438 -20.91 -50.32 6.09
CA ILE A 2438 -21.67 -51.35 6.80
C ILE A 2438 -23.14 -50.97 6.82
N ILE A 2439 -23.43 -49.78 7.33
CA ILE A 2439 -24.81 -49.32 7.44
C ILE A 2439 -25.48 -49.34 6.08
N TYR A 2440 -24.81 -48.74 5.08
CA TYR A 2440 -25.41 -48.61 3.77
C TYR A 2440 -25.77 -49.97 3.20
N LYS A 2441 -24.92 -50.96 3.40
CA LYS A 2441 -25.21 -52.30 2.93
C LYS A 2441 -26.38 -52.91 3.69
N MET A 2442 -26.44 -52.69 5.00
CA MET A 2442 -27.47 -53.36 5.79
C MET A 2442 -28.77 -52.56 5.88
N MET A 2443 -28.69 -51.25 5.77
CA MET A 2443 -29.84 -50.36 5.98
C MET A 2443 -31.02 -50.63 5.05
N PRO A 2444 -30.85 -51.28 3.89
CA PRO A 2444 -32.05 -51.83 3.23
C PRO A 2444 -32.83 -52.78 4.11
N LYS A 2445 -32.15 -53.62 4.88
CA LYS A 2445 -32.81 -54.58 5.75
C LYS A 2445 -32.60 -54.11 7.18
N LEU A 2446 -33.50 -53.24 7.65
CA LEU A 2446 -33.40 -52.73 8.99
C LEU A 2446 -34.75 -52.18 9.41
N LYS A 2447 -35.17 -52.50 10.61
CA LYS A 2447 -36.37 -51.89 11.12
C LYS A 2447 -36.09 -50.45 11.53
N PRO A 2448 -37.03 -49.54 11.32
CA PRO A 2448 -36.77 -48.13 11.65
C PRO A 2448 -36.47 -47.90 13.11
N VAL A 2449 -36.94 -48.79 14.00
CA VAL A 2449 -36.72 -48.59 15.42
C VAL A 2449 -35.23 -48.58 15.74
N GLU A 2450 -34.50 -49.57 15.23
CA GLU A 2450 -33.05 -49.56 15.41
C GLU A 2450 -32.41 -48.47 14.57
N LEU A 2451 -32.98 -48.22 13.40
CA LEU A 2451 -32.46 -47.18 12.52
C LEU A 2451 -32.44 -45.83 13.23
N ARG A 2452 -33.35 -45.60 14.16
CA ARG A 2452 -33.42 -44.32 14.85
C ARG A 2452 -32.13 -44.01 15.58
N GLU A 2453 -31.82 -44.81 16.60
CA GLU A 2453 -30.57 -44.58 17.31
C GLU A 2453 -29.37 -44.83 16.42
N LEU A 2454 -29.53 -45.61 15.36
CA LEU A 2454 -28.43 -45.77 14.41
C LEU A 2454 -28.09 -44.44 13.75
N LEU A 2455 -29.09 -43.65 13.41
CA LEU A 2455 -28.85 -42.40 12.68
C LEU A 2455 -28.02 -41.44 13.49
N ASN A 2456 -28.32 -41.31 14.78
CA ASN A 2456 -27.77 -40.22 15.58
C ASN A 2456 -26.26 -40.10 15.50
N PRO A 2457 -25.47 -41.18 15.62
CA PRO A 2457 -24.04 -41.05 15.34
C PRO A 2457 -23.76 -40.63 13.91
N VAL A 2458 -24.54 -41.13 12.96
CA VAL A 2458 -24.23 -40.92 11.54
C VAL A 2458 -24.31 -39.45 11.20
N VAL A 2459 -25.37 -38.79 11.64
CA VAL A 2459 -25.59 -37.39 11.28
C VAL A 2459 -24.47 -36.50 11.78
N GLU A 2460 -23.76 -36.93 12.83
CA GLU A 2460 -22.72 -36.10 13.41
C GLU A 2460 -21.53 -35.93 12.49
N PHE A 2461 -21.40 -36.76 11.46
CA PHE A 2461 -20.29 -36.59 10.53
C PHE A 2461 -20.44 -35.38 9.64
N VAL A 2462 -21.51 -34.60 9.77
CA VAL A 2462 -21.42 -33.23 9.32
C VAL A 2462 -20.25 -32.58 10.01
N SER A 2463 -19.40 -31.91 9.25
CA SER A 2463 -18.14 -31.32 9.71
C SER A 2463 -17.11 -32.37 10.11
N HIS A 2464 -17.36 -33.64 9.84
CA HIS A 2464 -16.30 -34.62 9.99
C HIS A 2464 -15.24 -34.31 8.95
N PRO A 2465 -14.01 -34.12 9.32
CA PRO A 2465 -12.99 -33.62 8.38
C PRO A 2465 -12.49 -34.68 7.41
N SER A 2466 -13.42 -35.46 6.87
CA SER A 2466 -13.08 -36.49 5.90
C SER A 2466 -13.35 -36.05 4.47
N THR A 2467 -14.46 -35.33 4.26
CA THR A 2467 -14.93 -34.76 3.00
C THR A 2467 -15.10 -35.86 1.96
N THR A 2468 -14.85 -37.10 2.37
CA THR A 2468 -15.07 -38.29 1.56
C THR A 2468 -16.08 -39.22 2.22
N CYS A 2469 -15.84 -39.57 3.48
CA CYS A 2469 -16.87 -40.27 4.24
C CYS A 2469 -18.13 -39.44 4.33
N ARG A 2470 -18.00 -38.12 4.31
CA ARG A 2470 -19.17 -37.26 4.22
C ARG A 2470 -20.03 -37.65 3.02
N GLU A 2471 -19.38 -37.92 1.89
CA GLU A 2471 -20.11 -38.35 0.71
C GLU A 2471 -20.90 -39.62 0.97
N GLN A 2472 -20.26 -40.60 1.61
CA GLN A 2472 -20.95 -41.85 1.90
C GLN A 2472 -22.14 -41.60 2.81
N MET A 2473 -21.95 -40.77 3.83
CA MET A 2473 -23.05 -40.37 4.69
C MET A 2473 -24.18 -39.76 3.90
N TYR A 2474 -23.85 -38.94 2.90
CA TYR A 2474 -24.88 -38.33 2.10
C TYR A 2474 -25.62 -39.36 1.25
N ASN A 2475 -24.88 -40.36 0.75
CA ASN A 2475 -25.55 -41.45 0.05
C ASN A 2475 -26.54 -42.13 0.96
N ILE A 2476 -26.13 -42.38 2.20
CA ILE A 2476 -27.02 -42.98 3.19
C ILE A 2476 -28.27 -42.13 3.35
N LEU A 2477 -28.06 -40.83 3.53
CA LEU A 2477 -29.18 -39.93 3.78
C LEU A 2477 -30.15 -39.94 2.61
N MET A 2478 -29.63 -39.77 1.40
CA MET A 2478 -30.52 -39.73 0.24
C MET A 2478 -31.25 -41.05 0.08
N TRP A 2479 -30.56 -42.16 0.32
CA TRP A 2479 -31.22 -43.46 0.28
C TRP A 2479 -32.42 -43.46 1.20
N ILE A 2480 -32.22 -42.97 2.42
CA ILE A 2480 -33.34 -42.81 3.35
C ILE A 2480 -34.43 -41.99 2.69
N HIS A 2481 -34.11 -40.74 2.37
CA HIS A 2481 -35.07 -39.85 1.75
C HIS A 2481 -35.62 -40.45 0.47
N ASP A 2482 -34.83 -41.30 -0.18
CA ASP A 2482 -35.33 -41.98 -1.36
C ASP A 2482 -36.54 -42.85 -1.03
N ASN A 2483 -36.51 -43.51 0.13
CA ASN A 2483 -37.57 -44.45 0.47
C ASN A 2483 -38.25 -44.11 1.79
N TYR A 2484 -38.12 -42.87 2.25
CA TYR A 2484 -38.80 -42.47 3.47
C TYR A 2484 -39.44 -41.09 3.39
N ARG A 2485 -39.32 -40.38 2.27
CA ARG A 2485 -40.12 -39.18 2.08
C ARG A 2485 -41.59 -39.49 1.97
N ASP A 2486 -41.94 -40.75 1.83
CA ASP A 2486 -43.30 -41.20 1.61
C ASP A 2486 -43.80 -41.98 2.82
N PRO A 2487 -44.27 -41.31 3.86
CA PRO A 2487 -44.92 -42.05 4.95
C PRO A 2487 -46.33 -42.44 4.56
N GLU A 2488 -46.51 -43.71 4.19
CA GLU A 2488 -47.83 -44.17 3.77
C GLU A 2488 -48.81 -44.12 4.93
N SER A 2489 -48.43 -44.73 6.05
CA SER A 2489 -49.22 -44.75 7.27
C SER A 2489 -48.37 -45.47 8.32
N GLU A 2490 -48.80 -45.37 9.57
CA GLU A 2490 -48.10 -46.01 10.69
C GLU A 2490 -46.62 -45.65 10.68
N THR A 2491 -46.33 -44.37 10.45
CA THR A 2491 -44.97 -43.89 10.60
C THR A 2491 -44.55 -43.86 12.06
N ASP A 2492 -45.48 -44.09 12.98
CA ASP A 2492 -45.21 -44.19 14.42
C ASP A 2492 -44.51 -42.97 14.96
N ASN A 2493 -44.59 -41.84 14.24
CA ASN A 2493 -43.94 -40.60 14.61
C ASN A 2493 -42.43 -40.76 14.64
N ASP A 2494 -41.95 -41.97 14.32
CA ASP A 2494 -40.52 -42.24 14.35
C ASP A 2494 -39.93 -42.45 12.96
N SER A 2495 -40.65 -43.12 12.07
CA SER A 2495 -40.20 -43.18 10.68
C SER A 2495 -40.23 -41.80 10.05
N GLN A 2496 -41.31 -41.05 10.29
CA GLN A 2496 -41.37 -39.68 9.81
C GLN A 2496 -40.31 -38.83 10.45
N GLU A 2497 -40.02 -39.06 11.73
CA GLU A 2497 -38.94 -38.35 12.39
C GLU A 2497 -37.60 -38.66 11.74
N ILE A 2498 -37.39 -39.93 11.40
CA ILE A 2498 -36.17 -40.35 10.72
C ILE A 2498 -36.01 -39.58 9.44
N PHE A 2499 -37.05 -39.61 8.60
CA PHE A 2499 -36.98 -38.93 7.32
C PHE A 2499 -36.83 -37.43 7.51
N LYS A 2500 -37.52 -36.87 8.49
CA LYS A 2500 -37.39 -35.47 8.85
C LYS A 2500 -35.94 -35.11 9.06
N LEU A 2501 -35.31 -35.75 10.04
CA LEU A 2501 -33.93 -35.42 10.39
C LEU A 2501 -33.00 -35.63 9.21
N ALA A 2502 -33.21 -36.72 8.46
CA ALA A 2502 -32.36 -36.98 7.31
C ALA A 2502 -32.46 -35.87 6.29
N LYS A 2503 -33.69 -35.42 6.01
CA LYS A 2503 -33.88 -34.32 5.06
C LYS A 2503 -33.23 -33.05 5.58
N ASP A 2504 -33.33 -32.81 6.88
CA ASP A 2504 -32.70 -31.62 7.45
C ASP A 2504 -31.21 -31.62 7.19
N VAL A 2505 -30.57 -32.75 7.49
CA VAL A 2505 -29.12 -32.83 7.30
C VAL A 2505 -28.78 -32.77 5.81
N LEU A 2506 -29.60 -33.39 4.98
CA LEU A 2506 -29.41 -33.30 3.54
C LEU A 2506 -29.37 -31.85 3.11
N ILE A 2507 -30.35 -31.07 3.57
CA ILE A 2507 -30.40 -29.66 3.22
C ILE A 2507 -29.14 -28.96 3.72
N GLN A 2508 -28.76 -29.24 4.97
CA GLN A 2508 -27.57 -28.61 5.52
C GLN A 2508 -26.34 -28.91 4.69
N GLY A 2509 -26.31 -30.08 4.04
CA GLY A 2509 -25.19 -30.43 3.20
C GLY A 2509 -25.02 -29.52 2.00
N LEU A 2510 -26.02 -28.71 1.67
CA LEU A 2510 -25.96 -27.94 0.44
C LEU A 2510 -24.93 -26.82 0.47
N ILE A 2511 -24.32 -26.54 1.61
CA ILE A 2511 -23.36 -25.44 1.69
C ILE A 2511 -22.00 -25.98 2.08
N ASP A 2512 -21.72 -27.22 1.70
CA ASP A 2512 -20.47 -27.84 2.11
C ASP A 2512 -19.31 -27.33 1.27
N GLU A 2513 -18.10 -27.63 1.74
CA GLU A 2513 -16.91 -27.03 1.15
C GLU A 2513 -16.60 -27.59 -0.22
N ASN A 2514 -16.65 -28.92 -0.36
CA ASN A 2514 -16.38 -29.54 -1.64
C ASN A 2514 -17.39 -29.04 -2.67
N PRO A 2515 -16.96 -28.27 -3.66
CA PRO A 2515 -17.89 -27.86 -4.71
C PRO A 2515 -18.48 -29.04 -5.44
N GLY A 2516 -17.68 -30.08 -5.69
CA GLY A 2516 -18.21 -31.25 -6.38
C GLY A 2516 -19.27 -31.96 -5.55
N LEU A 2517 -18.98 -32.18 -4.26
CA LEU A 2517 -19.96 -32.81 -3.39
C LEU A 2517 -21.20 -31.95 -3.25
N GLN A 2518 -21.01 -30.64 -3.10
CA GLN A 2518 -22.14 -29.73 -3.05
C GLN A 2518 -22.99 -29.86 -4.29
N LEU A 2519 -22.35 -29.92 -5.46
CA LEU A 2519 -23.10 -30.05 -6.70
C LEU A 2519 -23.83 -31.37 -6.77
N ILE A 2520 -23.23 -32.43 -6.25
CA ILE A 2520 -23.92 -33.72 -6.21
C ILE A 2520 -25.19 -33.60 -5.37
N ILE A 2521 -25.07 -32.98 -4.21
CA ILE A 2521 -26.23 -32.74 -3.36
C ILE A 2521 -27.28 -31.96 -4.14
N ARG A 2522 -26.85 -30.91 -4.83
CA ARG A 2522 -27.77 -30.08 -5.59
C ARG A 2522 -28.50 -30.91 -6.64
N ASN A 2523 -27.75 -31.62 -7.47
CA ASN A 2523 -28.35 -32.41 -8.54
C ASN A 2523 -29.34 -33.41 -7.97
N PHE A 2524 -29.00 -34.02 -6.84
CA PHE A 2524 -29.98 -34.86 -6.16
C PHE A 2524 -31.24 -34.07 -5.86
N TRP A 2525 -31.08 -32.91 -5.21
CA TRP A 2525 -32.22 -32.04 -4.99
C TRP A 2525 -32.76 -31.50 -6.30
N SER A 2526 -31.88 -31.14 -7.23
CA SER A 2526 -32.31 -30.60 -8.51
C SER A 2526 -33.19 -31.58 -9.27
N HIS A 2527 -33.11 -32.86 -8.96
CA HIS A 2527 -33.87 -33.85 -9.70
C HIS A 2527 -35.37 -33.59 -9.57
N GLU A 2528 -36.10 -33.94 -10.63
CA GLU A 2528 -37.50 -33.57 -10.75
C GLU A 2528 -38.35 -34.16 -9.63
N THR A 2529 -37.94 -35.32 -9.10
CA THR A 2529 -38.84 -36.05 -8.22
C THR A 2529 -39.07 -35.29 -6.91
N ARG A 2530 -37.99 -34.89 -6.25
CA ARG A 2530 -38.16 -34.09 -5.04
C ARG A 2530 -38.37 -32.62 -5.37
N LEU A 2531 -37.89 -32.16 -6.52
CA LEU A 2531 -38.08 -30.78 -6.91
C LEU A 2531 -39.09 -30.71 -8.05
N PRO A 2532 -40.31 -30.25 -7.79
CA PRO A 2532 -41.37 -30.38 -8.80
C PRO A 2532 -41.02 -29.69 -10.10
N SER A 2533 -41.45 -30.29 -11.21
CA SER A 2533 -41.04 -29.83 -12.52
C SER A 2533 -41.57 -28.43 -12.82
N ASN A 2534 -42.85 -28.17 -12.53
CA ASN A 2534 -43.42 -26.87 -12.84
C ASN A 2534 -42.70 -25.79 -12.05
N THR A 2535 -42.16 -24.80 -12.78
CA THR A 2535 -41.33 -23.79 -12.14
C THR A 2535 -42.11 -23.01 -11.10
N LEU A 2536 -43.36 -22.66 -11.38
CA LEU A 2536 -44.19 -22.02 -10.36
C LEU A 2536 -44.30 -22.91 -9.14
N ASP A 2537 -44.66 -24.16 -9.34
CA ASP A 2537 -44.79 -25.06 -8.21
C ASP A 2537 -43.43 -25.48 -7.66
N ARG A 2538 -42.40 -25.42 -8.50
CA ARG A 2538 -41.04 -25.60 -7.99
C ARG A 2538 -40.74 -24.54 -6.95
N LEU A 2539 -41.06 -23.29 -7.26
CA LEU A 2539 -40.91 -22.21 -6.29
C LEU A 2539 -41.81 -22.45 -5.08
N LEU A 2540 -42.99 -23.01 -5.31
CA LEU A 2540 -43.89 -23.26 -4.20
C LEU A 2540 -43.28 -24.23 -3.20
N ALA A 2541 -42.84 -25.39 -3.67
CA ALA A 2541 -42.18 -26.33 -2.78
C ALA A 2541 -40.83 -25.81 -2.32
N LEU A 2542 -40.30 -24.79 -2.98
CA LEU A 2542 -38.99 -24.27 -2.64
C LEU A 2542 -38.94 -23.77 -1.21
N ASN A 2543 -39.98 -23.07 -0.78
CA ASN A 2543 -40.01 -22.56 0.59
C ASN A 2543 -40.02 -23.70 1.60
N SER A 2544 -40.64 -24.82 1.23
CA SER A 2544 -40.71 -25.95 2.15
C SER A 2544 -39.32 -26.39 2.58
N LEU A 2545 -38.38 -26.46 1.64
CA LEU A 2545 -37.02 -26.79 1.99
C LEU A 2545 -36.34 -25.55 2.56
N TYR A 2546 -35.88 -25.66 3.81
CA TYR A 2546 -35.17 -24.59 4.48
C TYR A 2546 -34.68 -25.10 5.83
N SER A 2547 -33.55 -24.57 6.27
CA SER A 2547 -33.07 -24.78 7.62
C SER A 2547 -32.53 -23.47 8.16
N PRO A 2548 -32.65 -23.24 9.47
CA PRO A 2548 -32.10 -22.01 10.05
C PRO A 2548 -30.60 -21.88 9.86
N LYS A 2549 -29.90 -22.97 9.58
CA LYS A 2549 -28.46 -22.91 9.36
C LYS A 2549 -28.08 -22.71 7.90
N ILE A 2550 -29.06 -22.59 7.00
CA ILE A 2550 -28.76 -22.38 5.59
C ILE A 2550 -28.99 -20.95 5.15
N GLU A 2551 -29.53 -20.10 6.01
CA GLU A 2551 -29.85 -18.74 5.62
C GLU A 2551 -28.60 -17.97 5.16
N VAL A 2552 -27.42 -18.42 5.56
CA VAL A 2552 -26.20 -17.76 5.15
C VAL A 2552 -26.10 -17.72 3.63
N HIS A 2553 -25.98 -18.88 3.01
CA HIS A 2553 -25.83 -18.98 1.57
C HIS A 2553 -27.17 -19.20 0.88
N PHE A 2554 -28.26 -19.11 1.62
CA PHE A 2554 -29.57 -19.22 1.02
C PHE A 2554 -29.77 -18.13 -0.02
N LEU A 2555 -30.75 -18.34 -0.88
CA LEU A 2555 -31.14 -17.42 -1.95
C LEU A 2555 -30.10 -17.42 -3.07
N SER A 2556 -28.95 -18.03 -2.81
CA SER A 2556 -28.01 -18.33 -3.87
C SER A 2556 -28.29 -19.70 -4.45
N LEU A 2557 -29.25 -20.41 -3.88
CA LEU A 2557 -29.53 -21.79 -4.21
C LEU A 2557 -30.91 -21.95 -4.79
N ALA A 2558 -31.90 -21.27 -4.20
CA ALA A 2558 -33.19 -21.11 -4.85
C ALA A 2558 -33.00 -20.56 -6.24
N THR A 2559 -32.18 -19.51 -6.36
CA THR A 2559 -31.87 -18.95 -7.66
C THR A 2559 -31.23 -19.99 -8.57
N ASN A 2560 -30.28 -20.76 -8.03
CA ASN A 2560 -29.62 -21.76 -8.84
C ASN A 2560 -30.62 -22.74 -9.42
N PHE A 2561 -31.54 -23.21 -8.59
CA PHE A 2561 -32.57 -24.11 -9.08
C PHE A 2561 -33.40 -23.43 -10.16
N LEU A 2562 -33.94 -22.27 -9.84
CA LEU A 2562 -34.88 -21.62 -10.75
C LEU A 2562 -34.24 -21.27 -12.07
N LEU A 2563 -32.92 -21.14 -12.10
CA LEU A 2563 -32.28 -20.80 -13.37
C LEU A 2563 -31.83 -22.03 -14.13
N GLU A 2564 -31.08 -22.93 -13.48
CA GLU A 2564 -30.66 -24.13 -14.19
C GLU A 2564 -31.83 -24.98 -14.63
N MET A 2565 -33.02 -24.77 -14.07
CA MET A 2565 -34.19 -25.44 -14.62
C MET A 2565 -34.67 -24.82 -15.92
N THR A 2566 -34.26 -23.59 -16.23
CA THR A 2566 -34.61 -23.02 -17.51
C THR A 2566 -33.83 -23.62 -18.65
N SER A 2567 -32.75 -24.35 -18.35
CA SER A 2567 -31.86 -24.85 -19.39
C SER A 2567 -32.60 -25.72 -20.41
N MET A 2568 -33.65 -26.39 -19.99
CA MET A 2568 -34.36 -27.30 -20.88
C MET A 2568 -35.27 -26.58 -21.86
N SER A 2569 -35.33 -25.26 -21.81
CA SER A 2569 -36.12 -24.52 -22.78
C SER A 2569 -35.54 -24.71 -24.18
N PRO A 2570 -36.37 -24.79 -25.20
CA PRO A 2570 -35.85 -24.97 -26.57
C PRO A 2570 -35.07 -23.76 -27.06
N ASP A 2571 -35.65 -22.57 -26.92
CA ASP A 2571 -35.02 -21.34 -27.35
C ASP A 2571 -33.81 -20.96 -26.52
N TYR A 2572 -33.42 -21.81 -25.59
CA TYR A 2572 -32.33 -21.50 -24.68
C TYR A 2572 -31.05 -21.05 -25.37
N PRO A 2573 -30.60 -21.67 -26.46
CA PRO A 2573 -29.38 -21.17 -27.13
C PRO A 2573 -29.59 -20.05 -28.14
N ASN A 2574 -30.78 -19.48 -28.23
CA ASN A 2574 -31.06 -18.50 -29.27
C ASN A 2574 -30.31 -17.20 -29.03
N PRO A 2575 -30.15 -16.39 -30.08
CA PRO A 2575 -29.43 -15.12 -29.93
C PRO A 2575 -30.22 -14.03 -29.23
N MET A 2576 -31.50 -14.25 -28.95
CA MET A 2576 -32.41 -13.22 -28.44
C MET A 2576 -32.51 -12.03 -29.38
N PHE A 2577 -32.04 -12.19 -30.62
CA PHE A 2577 -31.87 -11.02 -31.48
C PHE A 2577 -31.94 -11.47 -32.93
N GLU A 2578 -32.54 -10.62 -33.77
CA GLU A 2578 -32.73 -10.97 -35.17
C GLU A 2578 -31.40 -11.14 -35.90
N HIS A 2579 -30.50 -10.18 -35.75
CA HIS A 2579 -29.29 -10.15 -36.57
C HIS A 2579 -28.29 -9.24 -35.89
N PRO A 2580 -27.01 -9.33 -36.27
CA PRO A 2580 -26.01 -8.43 -35.70
C PRO A 2580 -26.32 -6.97 -36.02
N LEU A 2581 -25.54 -6.08 -35.41
CA LEU A 2581 -25.75 -4.65 -35.60
C LEU A 2581 -25.75 -4.28 -37.08
N SER A 2582 -24.81 -4.85 -37.84
CA SER A 2582 -24.69 -4.58 -39.25
C SER A 2582 -23.94 -5.74 -39.89
N GLU A 2583 -23.46 -5.52 -41.11
CA GLU A 2583 -22.80 -6.57 -41.88
C GLU A 2583 -21.34 -6.66 -41.47
N CYS A 2584 -21.03 -7.59 -40.58
CA CYS A 2584 -19.66 -7.86 -40.19
C CYS A 2584 -19.56 -9.32 -39.78
N GLU A 2585 -18.36 -9.88 -39.89
CA GLU A 2585 -18.12 -11.24 -39.47
C GLU A 2585 -17.56 -11.24 -38.05
N PHE A 2586 -17.76 -12.35 -37.35
CA PHE A 2586 -17.28 -12.50 -35.97
C PHE A 2586 -16.47 -13.78 -35.87
N GLN A 2587 -15.15 -13.64 -35.82
CA GLN A 2587 -14.31 -14.77 -35.47
C GLN A 2587 -14.49 -15.08 -33.99
N GLU A 2588 -13.83 -16.15 -33.54
CA GLU A 2588 -13.81 -16.41 -32.12
C GLU A 2588 -12.74 -15.55 -31.45
N TYR A 2589 -12.89 -15.36 -30.15
CA TYR A 2589 -11.85 -14.74 -29.35
C TYR A 2589 -11.49 -15.67 -28.20
N THR A 2590 -10.21 -15.98 -28.09
CA THR A 2590 -9.71 -16.84 -27.03
C THR A 2590 -9.02 -15.98 -25.98
N ILE A 2591 -9.19 -16.34 -24.71
CA ILE A 2591 -8.70 -15.55 -23.60
C ILE A 2591 -7.84 -16.45 -22.73
N ASP A 2592 -6.60 -16.03 -22.51
CA ASP A 2592 -5.68 -16.79 -21.68
C ASP A 2592 -5.99 -16.60 -20.20
N SER A 2593 -5.57 -17.56 -19.39
CA SER A 2593 -5.69 -17.47 -17.94
C SER A 2593 -4.33 -17.09 -17.37
N ASP A 2594 -3.99 -15.80 -17.52
CA ASP A 2594 -2.72 -15.29 -17.02
C ASP A 2594 -2.76 -15.23 -15.51
N TRP A 2595 -2.00 -16.11 -14.86
CA TRP A 2595 -1.94 -16.16 -13.41
C TRP A 2595 -0.57 -15.67 -12.93
N ARG A 2596 -0.57 -14.98 -11.80
CA ARG A 2596 0.66 -14.50 -11.19
C ARG A 2596 0.45 -14.20 -9.71
N GLN A 2768 -6.66 -20.42 -11.95
CA GLN A 2768 -7.78 -20.62 -11.06
C GLN A 2768 -9.04 -19.97 -11.61
N VAL A 2769 -8.85 -18.94 -12.44
CA VAL A 2769 -9.99 -18.23 -13.00
C VAL A 2769 -10.65 -19.08 -14.07
N VAL A 2770 -11.96 -18.88 -14.23
CA VAL A 2770 -12.75 -19.63 -15.21
C VAL A 2770 -13.55 -18.66 -16.06
N LEU A 2771 -13.99 -19.15 -17.21
CA LEU A 2771 -14.78 -18.37 -18.15
C LEU A 2771 -16.18 -18.96 -18.26
N TYR A 2772 -17.08 -18.22 -18.90
CA TYR A 2772 -18.47 -18.66 -18.95
C TYR A 2772 -19.16 -18.41 -20.28
N ARG A 2773 -18.44 -18.04 -21.34
CA ARG A 2773 -19.12 -17.80 -22.61
C ARG A 2773 -18.11 -17.82 -23.75
N SER A 2774 -18.65 -17.81 -24.97
CA SER A 2774 -17.82 -18.02 -26.15
C SER A 2774 -16.91 -16.85 -26.43
N TYR A 2775 -17.44 -15.63 -26.41
CA TYR A 2775 -16.71 -14.43 -26.77
C TYR A 2775 -16.19 -14.50 -28.20
N ARG A 2776 -17.13 -14.50 -29.14
CA ARG A 2776 -16.76 -14.35 -30.54
C ARG A 2776 -16.24 -12.93 -30.78
N HIS A 2777 -15.18 -12.83 -31.58
CA HIS A 2777 -14.54 -11.56 -31.85
C HIS A 2777 -14.85 -11.10 -33.27
N GLY A 2778 -15.08 -9.81 -33.42
CA GLY A 2778 -15.29 -9.20 -34.72
C GLY A 2778 -14.84 -7.77 -34.68
N ASP A 2779 -15.55 -6.92 -35.43
CA ASP A 2779 -15.32 -5.48 -35.37
C ASP A 2779 -16.56 -4.71 -34.96
N LEU A 2780 -17.72 -5.32 -34.97
CA LEU A 2780 -18.89 -4.80 -34.32
C LEU A 2780 -19.26 -5.69 -33.15
N PRO A 2781 -19.83 -5.14 -32.10
CA PRO A 2781 -20.19 -5.96 -30.95
C PRO A 2781 -21.32 -6.92 -31.30
N ASP A 2782 -21.00 -8.21 -31.43
CA ASP A 2782 -21.97 -9.20 -31.88
C ASP A 2782 -23.03 -9.41 -30.80
N ILE A 2783 -24.26 -8.98 -31.09
CA ILE A 2783 -25.32 -9.16 -30.13
C ILE A 2783 -25.92 -10.56 -30.21
N GLN A 2784 -25.68 -11.28 -31.30
CA GLN A 2784 -26.16 -12.65 -31.39
C GLN A 2784 -25.51 -13.46 -30.29
N ILE A 2785 -26.31 -13.89 -29.32
CA ILE A 2785 -25.81 -14.39 -28.06
C ILE A 2785 -26.51 -15.70 -27.72
N LYS A 2786 -26.32 -16.19 -26.51
CA LYS A 2786 -27.10 -17.30 -26.00
C LYS A 2786 -27.72 -16.86 -24.68
N HIS A 2787 -28.98 -17.26 -24.47
CA HIS A 2787 -29.60 -16.98 -23.17
C HIS A 2787 -28.70 -17.46 -22.06
N SER A 2788 -28.18 -18.69 -22.21
CA SER A 2788 -27.12 -19.18 -21.35
C SER A 2788 -26.02 -18.16 -21.17
N SER A 2789 -25.47 -17.67 -22.30
CA SER A 2789 -24.36 -16.73 -22.22
C SER A 2789 -24.73 -15.52 -21.40
N LEU A 2790 -26.01 -15.19 -21.33
CA LEU A 2790 -26.47 -14.13 -20.46
C LEU A 2790 -26.90 -14.65 -19.09
N ILE A 2791 -27.59 -15.78 -19.07
CA ILE A 2791 -28.21 -16.23 -17.83
C ILE A 2791 -27.17 -16.79 -16.87
N THR A 2792 -26.47 -17.82 -17.29
CA THR A 2792 -25.60 -18.54 -16.35
C THR A 2792 -24.53 -17.67 -15.70
N PRO A 2793 -23.87 -16.71 -16.38
CA PRO A 2793 -22.93 -15.87 -15.63
C PRO A 2793 -23.60 -15.09 -14.53
N LEU A 2794 -24.86 -14.72 -14.74
CA LEU A 2794 -25.60 -13.99 -13.73
C LEU A 2794 -25.73 -14.80 -12.46
N GLN A 2795 -26.12 -16.06 -12.58
CA GLN A 2795 -26.18 -16.92 -11.40
C GLN A 2795 -24.79 -17.16 -10.82
N ALA A 2796 -23.81 -17.38 -11.68
CA ALA A 2796 -22.47 -17.70 -11.21
C ALA A 2796 -21.92 -16.58 -10.34
N VAL A 2797 -22.09 -15.34 -10.78
CA VAL A 2797 -21.69 -14.22 -9.93
C VAL A 2797 -22.65 -14.10 -8.75
N ALA A 2798 -23.91 -14.51 -8.94
CA ALA A 2798 -24.90 -14.34 -7.90
C ALA A 2798 -24.59 -15.14 -6.65
N GLN A 2799 -23.78 -16.19 -6.76
CA GLN A 2799 -23.44 -16.98 -5.59
C GLN A 2799 -22.28 -16.38 -4.80
N ARG A 2800 -21.83 -15.17 -5.13
CA ARG A 2800 -20.80 -14.49 -4.36
C ARG A 2800 -21.21 -13.11 -3.90
N ASP A 2801 -22.46 -12.70 -4.11
CA ASP A 2801 -22.90 -11.41 -3.60
C ASP A 2801 -24.28 -11.56 -2.98
N PRO A 2802 -24.40 -11.31 -1.69
CA PRO A 2802 -25.73 -11.31 -1.08
C PRO A 2802 -26.66 -10.29 -1.71
N ILE A 2803 -26.15 -9.09 -2.00
CA ILE A 2803 -27.00 -8.04 -2.56
C ILE A 2803 -27.51 -8.45 -3.93
N ILE A 2804 -26.62 -8.94 -4.78
CA ILE A 2804 -27.02 -9.38 -6.11
C ILE A 2804 -28.05 -10.49 -5.99
N ALA A 2805 -27.81 -11.45 -5.10
CA ALA A 2805 -28.72 -12.58 -4.96
C ALA A 2805 -30.10 -12.11 -4.55
N LYS A 2806 -30.18 -11.27 -3.52
CA LYS A 2806 -31.48 -10.83 -3.04
C LYS A 2806 -32.20 -9.99 -4.08
N GLN A 2807 -31.47 -9.13 -4.76
CA GLN A 2807 -32.07 -8.31 -5.81
C GLN A 2807 -32.65 -9.18 -6.91
N LEU A 2808 -31.87 -10.17 -7.36
CA LEU A 2808 -32.33 -11.07 -8.39
C LEU A 2808 -33.54 -11.86 -7.95
N PHE A 2809 -33.51 -12.34 -6.71
CA PHE A 2809 -34.64 -13.13 -6.22
C PHE A 2809 -35.89 -12.29 -6.16
N SER A 2810 -35.77 -11.05 -5.69
CA SER A 2810 -36.90 -10.13 -5.72
C SER A 2810 -37.44 -10.00 -7.13
N SER A 2811 -36.55 -9.79 -8.09
CA SER A 2811 -36.98 -9.62 -9.47
C SER A 2811 -37.74 -10.84 -9.96
N LEU A 2812 -37.16 -12.02 -9.76
CA LEU A 2812 -37.80 -13.25 -10.25
C LEU A 2812 -39.13 -13.47 -9.59
N PHE A 2813 -39.18 -13.30 -8.27
CA PHE A 2813 -40.41 -13.56 -7.54
C PHE A 2813 -41.52 -12.63 -8.00
N SER A 2814 -41.20 -11.34 -8.13
CA SER A 2814 -42.21 -10.38 -8.56
C SER A 2814 -42.70 -10.71 -9.96
N GLY A 2815 -41.77 -11.02 -10.88
CA GLY A 2815 -42.19 -11.37 -12.22
C GLY A 2815 -43.06 -12.59 -12.26
N ILE A 2816 -42.70 -13.62 -11.49
CA ILE A 2816 -43.46 -14.87 -11.50
C ILE A 2816 -44.86 -14.62 -10.96
N LEU A 2817 -44.95 -13.97 -9.80
CA LEU A 2817 -46.26 -13.72 -9.21
C LEU A 2817 -47.11 -12.86 -10.13
N LYS A 2818 -46.50 -11.87 -10.76
CA LYS A 2818 -47.21 -11.11 -11.79
C LYS A 2818 -47.63 -12.03 -12.92
N GLU A 2819 -46.70 -12.88 -13.38
CA GLU A 2819 -47.02 -13.83 -14.43
C GLU A 2819 -48.07 -14.84 -13.98
N MET A 2820 -48.12 -15.10 -12.67
CA MET A 2820 -49.00 -16.14 -12.14
C MET A 2820 -50.46 -15.89 -12.50
N ASP A 2821 -50.84 -14.63 -12.70
CA ASP A 2821 -52.26 -14.27 -12.79
C ASP A 2821 -52.99 -15.09 -13.84
N LYS A 2822 -52.46 -15.12 -15.06
CA LYS A 2822 -53.22 -15.70 -16.17
C LYS A 2822 -53.34 -17.21 -16.05
N PHE A 2823 -52.33 -17.87 -15.49
CA PHE A 2823 -52.35 -19.33 -15.38
C PHE A 2823 -53.49 -19.79 -14.49
N LYS A 2824 -53.65 -19.14 -13.33
CA LYS A 2824 -54.48 -19.65 -12.26
C LYS A 2824 -55.70 -18.78 -12.04
N THR A 2825 -56.67 -19.32 -11.32
CA THR A 2825 -57.84 -18.55 -10.94
C THR A 2825 -57.64 -17.95 -9.56
N LEU A 2826 -58.51 -16.98 -9.23
CA LEU A 2826 -58.30 -16.14 -8.06
C LEU A 2826 -58.27 -16.96 -6.78
N SER A 2827 -59.09 -18.01 -6.71
CA SER A 2827 -59.09 -18.86 -5.52
C SER A 2827 -57.73 -19.51 -5.32
N GLU A 2828 -57.16 -20.06 -6.40
CA GLU A 2828 -55.83 -20.63 -6.30
C GLU A 2828 -54.80 -19.57 -5.97
N LYS A 2829 -55.02 -18.33 -6.42
CA LYS A 2829 -54.17 -17.23 -6.00
C LYS A 2829 -54.23 -17.04 -4.50
N ASN A 2830 -55.43 -17.10 -3.94
CA ASN A 2830 -55.56 -17.04 -2.49
C ASN A 2830 -54.78 -18.17 -1.84
N ASN A 2831 -54.93 -19.39 -2.37
CA ASN A 2831 -54.26 -20.53 -1.77
C ASN A 2831 -52.76 -20.35 -1.77
N ILE A 2832 -52.20 -20.00 -2.93
CA ILE A 2832 -50.77 -19.84 -3.06
C ILE A 2832 -50.28 -18.73 -2.15
N THR A 2833 -51.03 -17.63 -2.08
CA THR A 2833 -50.63 -16.53 -1.21
C THR A 2833 -50.63 -16.94 0.25
N GLN A 2834 -51.64 -17.69 0.68
CA GLN A 2834 -51.67 -18.13 2.07
C GLN A 2834 -50.50 -19.03 2.37
N LYS A 2835 -50.20 -19.96 1.46
CA LYS A 2835 -49.05 -20.84 1.68
C LYS A 2835 -47.78 -20.02 1.80
N LEU A 2836 -47.61 -19.03 0.91
CA LEU A 2836 -46.45 -18.17 0.99
C LEU A 2836 -46.39 -17.45 2.33
N LEU A 2837 -47.54 -16.98 2.81
CA LEU A 2837 -47.58 -16.28 4.08
C LEU A 2837 -47.13 -17.19 5.22
N GLN A 2838 -47.63 -18.43 5.23
CA GLN A 2838 -47.24 -19.36 6.29
C GLN A 2838 -45.74 -19.61 6.23
N ASP A 2839 -45.22 -19.83 5.02
CA ASP A 2839 -43.80 -20.11 4.89
C ASP A 2839 -42.96 -18.92 5.35
N PHE A 2840 -43.37 -17.71 4.96
CA PHE A 2840 -42.61 -16.53 5.33
C PHE A 2840 -42.64 -16.30 6.82
N ASN A 2841 -43.80 -16.49 7.44
CA ASN A 2841 -43.87 -16.35 8.89
C ASN A 2841 -42.97 -17.37 9.57
N ARG A 2842 -43.00 -18.61 9.07
CA ARG A 2842 -42.05 -19.60 9.56
C ARG A 2842 -40.62 -19.10 9.45
N PHE A 2843 -40.25 -18.59 8.28
CA PHE A 2843 -38.92 -18.07 8.06
C PHE A 2843 -38.55 -17.05 9.12
N LEU A 2844 -39.45 -16.11 9.36
CA LEU A 2844 -39.19 -15.12 10.40
C LEU A 2844 -39.08 -15.78 11.77
N ASN A 2845 -39.75 -16.91 11.96
CA ASN A 2845 -39.65 -17.60 13.25
C ASN A 2845 -38.38 -18.43 13.33
N THR A 2846 -38.25 -19.42 12.44
CA THR A 2846 -37.13 -20.36 12.49
C THR A 2846 -35.85 -19.69 11.96
N THR A 2847 -35.42 -18.68 12.71
CA THR A 2847 -34.19 -17.99 12.39
C THR A 2847 -33.62 -17.36 13.65
N PHE A 2848 -32.31 -17.49 13.83
CA PHE A 2848 -31.61 -16.89 14.95
C PHE A 2848 -30.35 -16.20 14.46
N SER A 2849 -29.81 -16.71 13.36
CA SER A 2849 -28.68 -16.06 12.70
C SER A 2849 -29.21 -15.20 11.55
N PHE A 2850 -29.90 -14.14 11.94
CA PHE A 2850 -30.67 -13.34 11.01
C PHE A 2850 -29.76 -12.68 9.99
N PHE A 2851 -29.79 -13.17 8.77
CA PHE A 2851 -28.92 -12.63 7.74
C PHE A 2851 -29.52 -11.35 7.20
N PRO A 2852 -28.86 -10.20 7.37
CA PRO A 2852 -29.50 -8.92 7.05
C PRO A 2852 -30.06 -8.87 5.65
N PRO A 2853 -29.26 -9.14 4.60
CA PRO A 2853 -29.84 -9.04 3.26
C PRO A 2853 -30.94 -10.04 3.03
N PHE A 2854 -30.85 -11.22 3.65
CA PHE A 2854 -31.90 -12.22 3.49
C PHE A 2854 -33.22 -11.69 4.03
N VAL A 2855 -33.22 -11.20 5.26
CA VAL A 2855 -34.46 -10.71 5.87
C VAL A 2855 -34.96 -9.50 5.10
N SER A 2856 -34.06 -8.62 4.69
CA SER A 2856 -34.46 -7.45 3.94
C SER A 2856 -35.15 -7.86 2.65
N CYS A 2857 -34.58 -8.85 1.96
CA CYS A 2857 -35.20 -9.33 0.73
C CYS A 2857 -36.57 -9.91 1.01
N ILE A 2858 -36.70 -10.68 2.09
CA ILE A 2858 -37.99 -11.26 2.41
C ILE A 2858 -39.03 -10.17 2.59
N GLN A 2859 -38.69 -9.17 3.42
CA GLN A 2859 -39.65 -8.10 3.69
C GLN A 2859 -40.00 -7.35 2.42
N ASP A 2860 -38.98 -6.97 1.63
CA ASP A 2860 -39.25 -6.21 0.43
C ASP A 2860 -40.11 -7.00 -0.54
N ILE A 2861 -39.77 -8.27 -0.75
CA ILE A 2861 -40.56 -9.12 -1.63
C ILE A 2861 -42.00 -9.15 -1.18
N SER A 2862 -42.23 -9.27 0.12
CA SER A 2862 -43.58 -9.18 0.63
C SER A 2862 -44.21 -7.82 0.33
N CYS A 2863 -43.39 -6.77 0.28
CA CYS A 2863 -43.94 -5.41 0.28
C CYS A 2863 -44.73 -5.11 -0.98
N GLN A 2864 -44.17 -5.40 -2.16
CA GLN A 2864 -44.79 -4.93 -3.39
C GLN A 2864 -46.16 -5.54 -3.61
N HIS A 2865 -46.26 -6.87 -3.50
CA HIS A 2865 -47.51 -7.55 -3.79
C HIS A 2865 -48.49 -7.32 -2.65
N ALA A 2866 -49.58 -6.60 -2.93
CA ALA A 2866 -50.49 -6.19 -1.86
C ALA A 2866 -51.42 -7.33 -1.49
N ALA A 2867 -50.84 -8.51 -1.28
CA ALA A 2867 -51.57 -9.63 -0.69
C ALA A 2867 -50.81 -10.32 0.41
N LEU A 2868 -49.48 -10.19 0.45
CA LEU A 2868 -48.67 -10.80 1.49
C LEU A 2868 -48.59 -9.93 2.74
N LEU A 2869 -49.07 -8.69 2.67
CA LEU A 2869 -48.72 -7.66 3.65
C LEU A 2869 -49.23 -7.98 5.05
N SER A 2870 -49.83 -9.16 5.21
CA SER A 2870 -50.38 -9.57 6.49
C SER A 2870 -49.35 -10.21 7.40
N LEU A 2871 -48.08 -9.89 7.22
CA LEU A 2871 -47.05 -10.45 8.09
C LEU A 2871 -47.30 -10.10 9.53
N ASP A 2872 -46.85 -10.97 10.42
CA ASP A 2872 -46.91 -10.67 11.83
C ASP A 2872 -46.07 -9.44 12.14
N PRO A 2873 -46.65 -8.41 12.74
CA PRO A 2873 -45.83 -7.25 13.10
C PRO A 2873 -44.71 -7.59 14.06
N ALA A 2874 -44.97 -8.47 15.03
CA ALA A 2874 -43.95 -8.77 16.03
C ALA A 2874 -42.74 -9.43 15.40
N ALA A 2875 -42.96 -10.39 14.51
CA ALA A 2875 -41.85 -11.12 13.91
C ALA A 2875 -40.97 -10.18 13.10
N VAL A 2876 -41.58 -9.39 12.21
CA VAL A 2876 -40.77 -8.50 11.37
C VAL A 2876 -40.09 -7.45 12.22
N SER A 2877 -40.77 -6.96 13.26
CA SER A 2877 -40.16 -6.00 14.16
C SER A 2877 -38.90 -6.59 14.77
N ALA A 2878 -39.02 -7.79 15.34
CA ALA A 2878 -37.86 -8.43 15.96
C ALA A 2878 -36.74 -8.65 14.95
N GLY A 2879 -37.10 -9.08 13.75
CA GLY A 2879 -36.09 -9.30 12.73
C GLY A 2879 -35.31 -8.04 12.41
N CYS A 2880 -36.02 -6.94 12.18
CA CYS A 2880 -35.34 -5.68 11.90
C CYS A 2880 -34.51 -5.23 13.09
N LEU A 2881 -35.00 -5.50 14.31
CA LEU A 2881 -34.21 -5.20 15.49
C LEU A 2881 -32.88 -5.93 15.45
N ALA A 2882 -32.92 -7.24 15.23
CA ALA A 2882 -31.70 -8.02 15.20
C ALA A 2882 -30.88 -7.71 13.97
N SER A 2883 -31.53 -7.56 12.81
CA SER A 2883 -30.80 -7.36 11.57
C SER A 2883 -30.37 -5.92 11.35
N LEU A 2884 -30.88 -4.98 12.15
CA LEU A 2884 -30.61 -3.55 12.05
C LEU A 2884 -31.19 -2.95 10.78
N GLN A 2885 -31.76 -3.75 9.89
CA GLN A 2885 -32.30 -3.23 8.65
C GLN A 2885 -33.71 -2.72 8.89
N GLN A 2886 -33.84 -1.87 9.92
CA GLN A 2886 -35.14 -1.28 10.26
C GLN A 2886 -35.83 -0.61 9.09
N PRO A 2887 -35.17 0.26 8.30
CA PRO A 2887 -35.92 1.04 7.30
C PRO A 2887 -36.79 0.19 6.40
N VAL A 2888 -36.32 -0.99 6.03
CA VAL A 2888 -37.17 -1.92 5.29
C VAL A 2888 -38.41 -2.25 6.10
N GLY A 2889 -38.23 -2.48 7.40
CA GLY A 2889 -39.38 -2.77 8.24
C GLY A 2889 -40.36 -1.62 8.31
N ILE A 2890 -39.84 -0.40 8.48
CA ILE A 2890 -40.73 0.76 8.48
C ILE A 2890 -41.47 0.85 7.17
N ARG A 2891 -40.78 0.66 6.05
CA ARG A 2891 -41.44 0.77 4.75
C ARG A 2891 -42.55 -0.26 4.63
N LEU A 2892 -42.27 -1.50 5.00
CA LEU A 2892 -43.27 -2.56 4.91
C LEU A 2892 -44.47 -2.23 5.77
N LEU A 2893 -44.22 -1.81 7.01
CA LEU A 2893 -45.32 -1.49 7.91
C LEU A 2893 -46.12 -0.32 7.38
N GLU A 2894 -45.44 0.68 6.83
CA GLU A 2894 -46.15 1.81 6.25
C GLU A 2894 -47.10 1.34 5.17
N GLU A 2895 -46.62 0.51 4.25
CA GLU A 2895 -47.48 0.08 3.16
C GLU A 2895 -48.66 -0.74 3.69
N ALA A 2896 -48.38 -1.68 4.61
CA ALA A 2896 -49.43 -2.53 5.11
C ALA A 2896 -50.49 -1.74 5.86
N LEU A 2897 -50.05 -0.93 6.82
CA LEU A 2897 -50.96 -0.10 7.59
C LEU A 2897 -51.71 0.87 6.71
N LEU A 2898 -51.06 1.38 5.67
CA LEU A 2898 -51.71 2.29 4.75
C LEU A 2898 -52.86 1.62 4.02
N ARG A 2899 -52.59 0.48 3.40
CA ARG A 2899 -53.58 -0.04 2.48
C ARG A 2899 -54.23 -1.35 2.89
N LEU A 2900 -53.47 -2.30 3.44
CA LEU A 2900 -54.10 -3.58 3.79
C LEU A 2900 -55.25 -3.39 4.76
N LEU A 2901 -55.23 -2.32 5.55
CA LEU A 2901 -56.39 -1.99 6.36
C LEU A 2901 -57.59 -1.77 5.44
N PRO A 2902 -58.72 -2.44 5.68
CA PRO A 2902 -59.91 -2.40 4.80
C PRO A 2902 -60.42 -0.98 4.57
N LEU A 2916 -56.24 -7.28 20.06
CA LEU A 2916 -56.05 -5.92 19.60
C LEU A 2916 -56.11 -5.83 18.09
N PRO A 2917 -56.64 -4.72 17.57
CA PRO A 2917 -56.66 -4.53 16.13
C PRO A 2917 -55.25 -4.55 15.56
N PRO A 2918 -55.05 -5.16 14.39
CA PRO A 2918 -53.69 -5.34 13.88
C PRO A 2918 -52.95 -4.04 13.67
N ASP A 2919 -53.64 -3.01 13.21
CA ASP A 2919 -53.02 -1.70 13.08
C ASP A 2919 -52.48 -1.23 14.41
N VAL A 2920 -53.28 -1.37 15.46
CA VAL A 2920 -52.81 -1.03 16.80
C VAL A 2920 -51.54 -1.79 17.13
N LEU A 2921 -51.55 -3.09 16.87
CA LEU A 2921 -50.32 -3.86 16.94
C LEU A 2921 -49.28 -3.29 15.98
N ARG A 2922 -49.68 -3.04 14.74
CA ARG A 2922 -48.75 -2.48 13.77
C ARG A 2922 -48.27 -1.11 14.19
N TRP A 2923 -49.18 -0.29 14.71
CA TRP A 2923 -48.78 1.02 15.20
C TRP A 2923 -47.71 0.89 16.28
N VAL A 2924 -47.94 0.00 17.24
CA VAL A 2924 -47.00 -0.17 18.34
C VAL A 2924 -45.66 -0.63 17.81
N GLU A 2925 -45.66 -1.58 16.88
CA GLU A 2925 -44.41 -2.09 16.36
C GLU A 2925 -43.66 -1.00 15.59
N LEU A 2926 -44.38 -0.19 14.82
CA LEU A 2926 -43.74 0.90 14.12
C LEU A 2926 -43.12 1.88 15.10
N ALA A 2927 -43.83 2.18 16.18
CA ALA A 2927 -43.29 3.06 17.20
C ALA A 2927 -42.02 2.47 17.80
N LYS A 2928 -42.03 1.16 18.06
CA LYS A 2928 -40.85 0.52 18.60
C LYS A 2928 -39.67 0.62 17.64
N LEU A 2929 -39.93 0.39 16.35
CA LEU A 2929 -38.87 0.50 15.36
C LEU A 2929 -38.29 1.90 15.34
N TYR A 2930 -39.17 2.91 15.35
CA TYR A 2930 -38.67 4.28 15.35
C TYR A 2930 -37.85 4.56 16.60
N ARG A 2931 -38.34 4.12 17.75
CA ARG A 2931 -37.57 4.29 18.98
C ARG A 2931 -36.19 3.69 18.82
N SER A 2932 -36.11 2.53 18.17
CA SER A 2932 -34.81 1.93 17.89
C SER A 2932 -33.97 2.84 17.01
N ILE A 2933 -34.58 3.43 15.98
CA ILE A 2933 -33.83 4.38 15.17
C ILE A 2933 -33.75 5.74 15.84
N GLY A 2934 -34.62 6.02 16.82
CA GLY A 2934 -34.64 7.31 17.47
C GLY A 2934 -35.84 8.12 17.05
N GLU A 2935 -35.60 9.32 16.50
CA GLU A 2935 -36.63 10.12 15.86
C GLU A 2935 -37.85 10.28 16.77
N TYR A 2936 -37.61 10.75 17.97
CA TYR A 2936 -38.66 10.81 18.98
C TYR A 2936 -39.84 11.64 18.52
N ASP A 2937 -39.62 12.61 17.64
CA ASP A 2937 -40.72 13.40 17.11
C ASP A 2937 -41.78 12.51 16.48
N VAL A 2938 -41.35 11.55 15.66
CA VAL A 2938 -42.28 10.61 15.06
C VAL A 2938 -42.99 9.83 16.16
N LEU A 2939 -42.25 9.51 17.23
CA LEU A 2939 -42.85 8.80 18.35
C LEU A 2939 -44.01 9.59 18.93
N ARG A 2940 -43.78 10.87 19.22
CA ARG A 2940 -44.85 11.72 19.74
C ARG A 2940 -46.03 11.73 18.78
N GLY A 2941 -45.76 11.95 17.50
CA GLY A 2941 -46.84 12.07 16.54
C GLY A 2941 -47.68 10.80 16.48
N ILE A 2942 -47.02 9.65 16.38
CA ILE A 2942 -47.74 8.39 16.36
C ILE A 2942 -48.61 8.26 17.59
N PHE A 2943 -48.00 8.47 18.76
CA PHE A 2943 -48.71 8.19 19.99
C PHE A 2943 -49.88 9.12 20.22
N THR A 2944 -49.69 10.41 19.92
CA THR A 2944 -50.81 11.32 20.03
C THR A 2944 -51.85 11.09 18.94
N SER A 2945 -51.49 10.40 17.87
CA SER A 2945 -52.38 10.29 16.73
C SER A 2945 -53.21 9.02 16.73
N GLU A 2946 -52.69 7.92 17.20
CA GLU A 2946 -53.53 6.73 17.24
C GLU A 2946 -53.59 6.10 18.62
N ILE A 2947 -52.48 6.07 19.33
CA ILE A 2947 -52.46 5.42 20.63
C ILE A 2947 -53.12 6.31 21.67
N GLY A 2948 -52.74 7.57 21.70
CA GLY A 2948 -53.35 8.51 22.63
C GLY A 2948 -54.82 8.71 22.36
N THR A 2949 -55.65 8.41 23.35
CA THR A 2949 -57.07 8.74 23.27
C THR A 2949 -57.45 9.54 24.52
N LYS A 2950 -56.74 9.30 25.61
CA LYS A 2950 -56.89 10.13 26.79
C LYS A 2950 -56.25 11.49 26.55
N GLN A 2951 -56.94 12.55 26.98
CA GLN A 2951 -56.45 13.88 26.70
C GLN A 2951 -55.11 14.13 27.39
N ILE A 2952 -54.91 13.54 28.57
CA ILE A 2952 -53.77 13.96 29.38
C ILE A 2952 -52.46 13.53 28.75
N THR A 2953 -52.46 12.43 28.00
CA THR A 2953 -51.22 12.02 27.35
C THR A 2953 -50.78 13.07 26.34
N GLN A 2954 -51.73 13.82 25.79
CA GLN A 2954 -51.37 14.91 24.89
C GLN A 2954 -50.57 15.98 25.64
N SER A 2955 -51.06 16.37 26.82
CA SER A 2955 -50.32 17.32 27.65
C SER A 2955 -48.95 16.76 28.01
N ALA A 2956 -48.89 15.46 28.30
CA ALA A 2956 -47.62 14.84 28.62
C ALA A 2956 -46.64 14.96 27.47
N LEU A 2957 -47.11 14.70 26.25
CA LEU A 2957 -46.25 14.84 25.09
C LEU A 2957 -45.82 16.28 24.90
N LEU A 2958 -46.72 17.22 25.17
CA LEU A 2958 -46.37 18.63 25.07
C LEU A 2958 -45.23 18.95 26.03
N ALA A 2959 -45.33 18.45 27.26
CA ALA A 2959 -44.25 18.66 28.22
C ALA A 2959 -42.96 18.02 27.74
N GLU A 2960 -43.06 16.82 27.16
CA GLU A 2960 -41.87 16.15 26.64
C GLU A 2960 -41.21 16.99 25.58
N ALA A 2961 -42.00 17.58 24.68
CA ALA A 2961 -41.46 18.51 23.71
C ALA A 2961 -40.78 19.67 24.43
N ARG A 2962 -41.42 20.20 25.46
CA ARG A 2962 -40.77 21.21 26.29
C ARG A 2962 -39.69 20.64 27.18
N SER A 2963 -39.58 19.30 27.23
CA SER A 2963 -38.51 18.61 27.96
C SER A 2963 -38.60 18.86 29.46
N ASP A 2964 -39.81 19.08 29.98
CA ASP A 2964 -40.03 19.13 31.42
C ASP A 2964 -40.49 17.74 31.84
N TYR A 2965 -39.54 16.82 31.89
CA TYR A 2965 -39.86 15.43 32.18
C TYR A 2965 -40.47 15.27 33.56
N SER A 2966 -40.28 16.24 34.45
CA SER A 2966 -40.89 16.17 35.77
C SER A 2966 -42.40 16.08 35.66
N GLU A 2967 -43.01 17.04 34.96
CA GLU A 2967 -44.46 17.04 34.87
C GLU A 2967 -44.96 15.94 33.94
N ALA A 2968 -44.15 15.57 32.95
CA ALA A 2968 -44.51 14.43 32.12
C ALA A 2968 -44.64 13.17 32.96
N ALA A 2969 -43.63 12.90 33.78
CA ALA A 2969 -43.69 11.75 34.68
C ALA A 2969 -44.84 11.88 35.65
N LYS A 2970 -45.10 13.09 36.13
CA LYS A 2970 -46.25 13.31 36.99
C LYS A 2970 -47.52 12.86 36.31
N GLN A 2971 -47.75 13.34 35.09
CA GLN A 2971 -48.95 12.95 34.37
C GLN A 2971 -48.98 11.45 34.15
N TYR A 2972 -47.84 10.86 33.77
CA TYR A 2972 -47.81 9.45 33.44
C TYR A 2972 -48.17 8.61 34.65
N ASP A 2973 -47.49 8.82 35.77
CA ASP A 2973 -47.72 7.97 36.92
C ASP A 2973 -49.10 8.19 37.50
N GLU A 2974 -49.56 9.45 37.54
CA GLU A 2974 -50.90 9.68 38.04
C GLU A 2974 -51.95 9.04 37.14
N ALA A 2975 -51.69 8.98 35.84
CA ALA A 2975 -52.56 8.23 34.95
C ALA A 2975 -52.50 6.74 35.27
N LEU A 2976 -51.30 6.23 35.56
CA LEU A 2976 -51.17 4.83 35.93
C LEU A 2976 -51.92 4.55 37.23
N ASN A 2977 -51.73 5.40 38.23
CA ASN A 2977 -52.43 5.22 39.49
C ASN A 2977 -53.92 5.48 39.36
N LYS A 2978 -54.33 6.25 38.36
CA LYS A 2978 -55.75 6.46 38.11
C LYS A 2978 -56.30 5.29 37.32
N GLN A 2979 -57.30 4.61 37.86
CA GLN A 2979 -57.96 3.52 37.18
C GLN A 2979 -59.46 3.71 37.05
N ASP A 2980 -60.05 4.65 37.78
CA ASP A 2980 -61.49 4.90 37.72
C ASP A 2980 -61.82 5.74 36.49
N TRP A 2981 -61.52 5.17 35.32
CA TRP A 2981 -61.62 5.90 34.07
C TRP A 2981 -63.10 6.09 33.75
N VAL A 2982 -63.65 7.15 34.34
CA VAL A 2982 -65.07 7.45 34.20
C VAL A 2982 -65.43 7.64 32.74
N ASP A 2983 -64.53 8.20 31.94
CA ASP A 2983 -64.78 8.44 30.53
C ASP A 2983 -64.12 7.33 29.73
N GLY A 2984 -64.94 6.39 29.26
CA GLY A 2984 -64.43 5.29 28.48
C GLY A 2984 -63.42 4.48 29.26
N GLU A 2985 -62.49 3.88 28.54
CA GLU A 2985 -61.42 3.15 29.19
C GLU A 2985 -60.18 3.15 28.30
N PRO A 2986 -59.13 3.86 28.69
CA PRO A 2986 -57.89 3.83 27.90
C PRO A 2986 -57.31 2.44 27.85
N THR A 2987 -56.88 2.02 26.65
CA THR A 2987 -56.49 0.65 26.44
C THR A 2987 -55.22 0.31 27.20
N GLU A 2988 -54.88 -0.98 27.18
CA GLU A 2988 -53.66 -1.43 27.84
C GLU A 2988 -52.42 -1.00 27.07
N ALA A 2989 -52.54 -0.83 25.76
CA ALA A 2989 -51.37 -0.45 24.97
C ALA A 2989 -50.90 0.95 25.32
N GLU A 2990 -51.83 1.90 25.42
CA GLU A 2990 -51.44 3.22 25.87
C GLU A 2990 -50.94 3.19 27.30
N LYS A 2991 -51.44 2.26 28.11
CA LYS A 2991 -50.89 2.09 29.44
C LYS A 2991 -49.44 1.66 29.39
N ASP A 2992 -49.13 0.72 28.49
CA ASP A 2992 -47.74 0.32 28.28
C ASP A 2992 -46.90 1.51 27.86
N PHE A 2993 -47.44 2.33 26.96
CA PHE A 2993 -46.77 3.57 26.62
C PHE A 2993 -46.55 4.46 27.84
N TRP A 2994 -47.54 4.58 28.70
CA TRP A 2994 -47.36 5.42 29.87
C TRP A 2994 -46.20 4.92 30.70
N GLU A 2995 -46.14 3.60 30.89
CA GLU A 2995 -45.05 3.01 31.63
C GLU A 2995 -43.71 3.32 30.97
N LEU A 2996 -43.63 3.11 29.67
CA LEU A 2996 -42.37 3.30 28.95
C LEU A 2996 -41.92 4.75 29.01
N ALA A 2997 -42.83 5.67 28.74
CA ALA A 2997 -42.48 7.08 28.72
C ALA A 2997 -42.12 7.58 30.11
N SER A 2998 -42.83 7.12 31.14
CA SER A 2998 -42.46 7.46 32.50
C SER A 2998 -41.07 6.94 32.81
N LEU A 2999 -40.76 5.74 32.35
CA LEU A 2999 -39.41 5.21 32.52
C LEU A 2999 -38.39 6.13 31.89
N ASP A 3000 -38.62 6.53 30.65
CA ASP A 3000 -37.65 7.37 29.97
C ASP A 3000 -37.52 8.72 30.66
N CYS A 3001 -38.63 9.27 31.14
CA CYS A 3001 -38.58 10.53 31.87
C CYS A 3001 -37.72 10.38 33.12
N TYR A 3002 -37.94 9.31 33.88
CA TYR A 3002 -37.10 9.07 35.04
C TYR A 3002 -35.65 8.98 34.63
N ASN A 3003 -35.40 8.36 33.48
CA ASN A 3003 -34.04 8.24 32.99
C ASN A 3003 -33.43 9.61 32.74
N HIS A 3004 -34.21 10.53 32.17
CA HIS A 3004 -33.71 11.88 31.97
C HIS A 3004 -33.36 12.53 33.30
N LEU A 3005 -34.20 12.32 34.30
CA LEU A 3005 -33.86 12.79 35.64
C LEU A 3005 -32.85 11.81 36.26
N ALA A 3006 -32.35 12.15 37.44
CA ALA A 3006 -31.50 11.18 38.12
C ALA A 3006 -32.37 10.07 38.71
N GLU A 3007 -33.13 10.41 39.75
CA GLU A 3007 -34.31 9.65 40.19
C GLU A 3007 -34.06 8.14 40.25
N TRP A 3008 -32.80 7.73 40.37
CA TRP A 3008 -32.48 6.33 40.12
C TRP A 3008 -33.20 5.40 41.07
N LYS A 3009 -33.46 5.84 42.30
CA LYS A 3009 -34.25 5.05 43.21
C LYS A 3009 -35.66 4.88 42.66
N SER A 3010 -36.41 5.98 42.60
CA SER A 3010 -37.78 5.92 42.12
C SER A 3010 -37.85 5.34 40.73
N LEU A 3011 -36.85 5.63 39.90
CA LEU A 3011 -36.72 4.94 38.63
C LEU A 3011 -36.70 3.43 38.84
N GLU A 3012 -35.95 2.98 39.85
CA GLU A 3012 -35.70 1.54 40.00
C GLU A 3012 -36.88 0.81 40.62
N TYR A 3013 -37.18 1.10 41.88
CA TYR A 3013 -38.03 0.20 42.64
C TYR A 3013 -39.47 0.26 42.17
N CYS A 3014 -39.89 1.38 41.61
CA CYS A 3014 -41.16 1.46 40.93
C CYS A 3014 -40.94 1.79 39.46
N SER A 3015 -41.97 1.51 38.67
CA SER A 3015 -42.10 1.88 37.27
C SER A 3015 -41.19 1.06 36.37
N THR A 3016 -40.24 0.33 36.94
CA THR A 3016 -39.60 -0.75 36.19
C THR A 3016 -39.39 -2.01 37.00
N ALA A 3017 -39.35 -1.92 38.32
CA ALA A 3017 -39.53 -3.09 39.15
C ALA A 3017 -41.04 -3.31 39.30
N SER A 3018 -41.43 -4.18 40.23
CA SER A 3018 -42.81 -4.39 40.64
C SER A 3018 -43.69 -4.95 39.52
N ILE A 3019 -43.13 -5.26 38.35
CA ILE A 3019 -43.96 -5.90 37.34
C ILE A 3019 -44.16 -7.38 37.66
N ASP A 3020 -43.41 -7.92 38.60
CA ASP A 3020 -43.52 -9.33 38.94
C ASP A 3020 -43.97 -9.56 40.38
N SER A 3021 -43.27 -9.01 41.37
CA SER A 3021 -43.64 -9.23 42.76
C SER A 3021 -43.56 -7.93 43.53
N GLU A 3022 -44.44 -7.81 44.54
CA GLU A 3022 -44.39 -6.67 45.44
C GLU A 3022 -43.09 -6.66 46.22
N ASN A 3023 -42.63 -7.83 46.66
CA ASN A 3023 -41.32 -7.93 47.28
C ASN A 3023 -40.25 -7.64 46.23
N PRO A 3024 -39.28 -6.79 46.51
CA PRO A 3024 -38.14 -6.66 45.61
C PRO A 3024 -37.55 -8.01 45.31
N PRO A 3025 -37.72 -8.49 44.08
CA PRO A 3025 -37.40 -9.89 43.78
C PRO A 3025 -36.01 -10.09 43.22
N ASP A 3026 -35.65 -11.35 43.03
CA ASP A 3026 -34.63 -11.68 42.05
C ASP A 3026 -35.07 -11.16 40.69
N LEU A 3027 -34.10 -10.82 39.86
CA LEU A 3027 -34.39 -10.26 38.55
C LEU A 3027 -34.23 -11.28 37.44
N ASN A 3028 -34.26 -12.56 37.79
CA ASN A 3028 -33.92 -13.61 36.85
C ASN A 3028 -34.99 -14.69 36.86
N LYS A 3029 -35.17 -15.32 35.70
CA LYS A 3029 -36.15 -16.37 35.47
C LYS A 3029 -37.56 -15.82 35.60
N ILE A 3030 -37.67 -14.58 36.07
CA ILE A 3030 -38.94 -13.89 36.18
C ILE A 3030 -38.79 -12.50 35.55
N TRP A 3031 -37.56 -12.00 35.52
CA TRP A 3031 -37.23 -10.83 34.71
C TRP A 3031 -36.16 -11.10 33.66
N SER A 3032 -35.37 -12.16 33.81
CA SER A 3032 -34.33 -12.43 32.82
C SER A 3032 -34.91 -12.99 31.53
N GLU A 3033 -35.96 -13.79 31.65
CA GLU A 3033 -36.49 -14.56 30.53
C GLU A 3033 -37.40 -13.80 29.55
N PRO A 3034 -38.33 -12.94 29.99
CA PRO A 3034 -39.45 -12.60 29.13
C PRO A 3034 -39.04 -11.64 28.01
N PHE A 3035 -39.58 -11.89 26.81
CA PHE A 3035 -39.31 -10.99 25.70
C PHE A 3035 -39.79 -9.59 26.02
N TYR A 3036 -41.05 -9.46 26.45
CA TYR A 3036 -41.47 -8.23 27.09
C TYR A 3036 -40.71 -8.09 28.40
N GLN A 3037 -40.46 -6.84 28.79
CA GLN A 3037 -39.70 -6.52 29.99
C GLN A 3037 -38.23 -6.90 29.84
N GLU A 3038 -37.87 -7.55 28.73
CA GLU A 3038 -36.46 -7.60 28.37
C GLU A 3038 -35.96 -6.22 28.01
N THR A 3039 -36.85 -5.33 27.60
CA THR A 3039 -36.52 -3.92 27.43
C THR A 3039 -36.34 -3.21 28.75
N TYR A 3040 -36.83 -3.78 29.86
CA TYR A 3040 -36.54 -3.20 31.16
C TYR A 3040 -35.07 -3.40 31.51
N LEU A 3041 -34.46 -4.45 30.98
CA LEU A 3041 -33.08 -4.78 31.32
C LEU A 3041 -32.13 -3.60 31.20
N PRO A 3042 -32.14 -2.80 30.13
CA PRO A 3042 -31.28 -1.61 30.14
C PRO A 3042 -31.56 -0.72 31.33
N TYR A 3043 -32.83 -0.54 31.67
CA TYR A 3043 -33.15 0.31 32.81
C TYR A 3043 -32.76 -0.35 34.12
N MET A 3044 -32.99 -1.66 34.24
CA MET A 3044 -32.38 -2.44 35.32
C MET A 3044 -30.93 -2.07 35.54
N ILE A 3045 -30.11 -2.33 34.52
CA ILE A 3045 -28.67 -2.19 34.66
C ILE A 3045 -28.33 -0.75 35.00
N ARG A 3046 -28.90 0.19 34.26
CA ARG A 3046 -28.52 1.58 34.42
C ARG A 3046 -28.88 2.09 35.80
N SER A 3047 -30.11 1.82 36.25
CA SER A 3047 -30.53 2.24 37.58
C SER A 3047 -29.62 1.64 38.65
N LYS A 3048 -29.42 0.32 38.59
CA LYS A 3048 -28.61 -0.33 39.62
C LYS A 3048 -27.21 0.25 39.64
N LEU A 3049 -26.58 0.36 38.49
CA LEU A 3049 -25.19 0.79 38.45
C LEU A 3049 -25.06 2.25 38.84
N LYS A 3050 -26.01 3.08 38.44
CA LYS A 3050 -25.96 4.48 38.84
C LYS A 3050 -26.06 4.62 40.34
N LEU A 3051 -27.06 3.97 40.95
CA LEU A 3051 -27.18 4.04 42.39
C LEU A 3051 -25.95 3.46 43.07
N LEU A 3052 -25.35 2.44 42.48
CA LEU A 3052 -24.12 1.88 43.01
C LEU A 3052 -23.01 2.91 43.03
N LEU A 3053 -22.66 3.44 41.86
CA LEU A 3053 -21.56 4.38 41.76
C LEU A 3053 -21.84 5.67 42.52
N GLN A 3054 -23.11 5.96 42.80
CA GLN A 3054 -23.41 7.09 43.66
C GLN A 3054 -23.03 6.85 45.10
N GLY A 3055 -22.64 5.63 45.46
CA GLY A 3055 -22.21 5.29 46.80
C GLY A 3055 -23.03 4.21 47.47
N GLU A 3056 -24.24 3.95 46.98
CA GLU A 3056 -25.06 2.90 47.57
C GLU A 3056 -24.50 1.53 47.22
N ALA A 3057 -24.56 0.62 48.19
CA ALA A 3057 -24.08 -0.75 48.02
C ALA A 3057 -25.27 -1.70 48.15
N ASP A 3058 -25.69 -2.27 47.02
CA ASP A 3058 -26.82 -3.20 46.97
C ASP A 3058 -26.37 -4.44 46.21
N GLN A 3059 -26.10 -5.51 46.95
CA GLN A 3059 -25.57 -6.72 46.33
C GLN A 3059 -26.56 -7.36 45.37
N SER A 3060 -27.83 -6.97 45.44
CA SER A 3060 -28.85 -7.54 44.57
C SER A 3060 -28.42 -7.48 43.11
N LEU A 3061 -27.91 -6.32 42.69
CA LEU A 3061 -27.39 -6.18 41.34
C LEU A 3061 -26.26 -7.17 41.08
N LEU A 3062 -25.27 -7.20 41.98
CA LEU A 3062 -24.09 -8.01 41.72
C LEU A 3062 -24.39 -9.50 41.89
N THR A 3063 -25.21 -9.85 42.87
CA THR A 3063 -25.59 -11.26 42.99
C THR A 3063 -26.39 -11.69 41.78
N PHE A 3064 -27.29 -10.82 41.31
CA PHE A 3064 -27.99 -11.08 40.07
C PHE A 3064 -27.03 -11.35 38.93
N ILE A 3065 -26.07 -10.45 38.72
CA ILE A 3065 -25.23 -10.56 37.53
C ILE A 3065 -24.32 -11.77 37.63
N ASP A 3066 -23.80 -12.08 38.83
CA ASP A 3066 -22.93 -13.24 38.95
C ASP A 3066 -23.71 -14.53 38.77
N LYS A 3067 -24.96 -14.57 39.23
CA LYS A 3067 -25.76 -15.74 38.92
C LYS A 3067 -26.08 -15.80 37.43
N ALA A 3068 -26.27 -14.65 36.80
CA ALA A 3068 -26.61 -14.64 35.38
C ALA A 3068 -25.46 -15.17 34.54
N MET A 3069 -24.24 -14.69 34.82
CA MET A 3069 -23.07 -15.26 34.15
C MET A 3069 -22.86 -16.71 34.56
N HIS A 3070 -23.36 -17.11 35.73
CA HIS A 3070 -23.42 -18.53 36.05
C HIS A 3070 -24.36 -19.26 35.09
N GLY A 3071 -25.49 -18.64 34.75
CA GLY A 3071 -26.23 -19.09 33.60
C GLY A 3071 -25.41 -18.92 32.34
N GLU A 3072 -25.78 -19.69 31.30
CA GLU A 3072 -24.96 -19.74 30.10
C GLU A 3072 -25.67 -19.27 28.84
N LEU A 3073 -26.95 -18.92 28.92
CA LEU A 3073 -27.66 -18.36 27.78
C LEU A 3073 -28.12 -16.93 28.03
N GLN A 3074 -28.83 -16.69 29.13
CA GLN A 3074 -29.24 -15.35 29.48
C GLN A 3074 -28.04 -14.45 29.73
N LYS A 3075 -26.88 -15.02 30.03
CA LYS A 3075 -25.66 -14.23 30.18
C LYS A 3075 -25.20 -13.66 28.86
N ALA A 3076 -25.47 -14.36 27.75
CA ALA A 3076 -24.86 -14.00 26.47
C ALA A 3076 -25.25 -12.60 26.05
N ILE A 3077 -26.52 -12.24 26.21
CA ILE A 3077 -26.98 -10.91 25.83
C ILE A 3077 -26.30 -9.84 26.67
N LEU A 3078 -26.06 -10.16 27.95
CA LEU A 3078 -25.47 -9.17 28.85
C LEU A 3078 -24.12 -8.71 28.34
N GLU A 3079 -23.19 -9.64 28.16
CA GLU A 3079 -21.92 -9.29 27.55
C GLU A 3079 -22.10 -8.78 26.14
N LEU A 3080 -23.13 -9.26 25.44
CA LEU A 3080 -23.39 -8.82 24.08
C LEU A 3080 -23.69 -7.33 24.00
N HIS A 3081 -24.19 -6.75 25.08
CA HIS A 3081 -24.61 -5.35 25.06
C HIS A 3081 -24.07 -4.52 26.21
N TYR A 3082 -23.63 -5.14 27.30
CA TYR A 3082 -23.29 -4.41 28.52
C TYR A 3082 -21.92 -4.79 29.03
N SER A 3083 -21.08 -5.38 28.17
CA SER A 3083 -19.69 -5.64 28.54
C SER A 3083 -19.05 -4.38 29.07
N GLN A 3084 -19.36 -3.24 28.44
CA GLN A 3084 -19.12 -1.95 29.04
C GLN A 3084 -19.52 -1.95 30.51
N GLU A 3085 -20.81 -2.14 30.76
CA GLU A 3085 -21.32 -2.01 32.11
C GLU A 3085 -20.88 -3.18 32.98
N LEU A 3086 -20.67 -4.35 32.37
CA LEU A 3086 -20.09 -5.47 33.12
C LEU A 3086 -18.76 -5.07 33.73
N SER A 3087 -17.80 -4.74 32.88
CA SER A 3087 -16.50 -4.30 33.37
C SER A 3087 -16.64 -3.12 34.31
N LEU A 3088 -17.55 -2.20 33.99
CA LEU A 3088 -17.74 -1.01 34.79
C LEU A 3088 -18.11 -1.38 36.22
N LEU A 3089 -19.02 -2.34 36.38
CA LEU A 3089 -19.27 -2.91 37.70
C LEU A 3089 -18.00 -3.49 38.27
N TYR A 3090 -17.29 -4.28 37.47
CA TYR A 3090 -16.12 -4.99 37.97
C TYR A 3090 -15.07 -4.07 38.56
N LEU A 3091 -15.13 -2.77 38.27
CA LEU A 3091 -14.26 -1.82 38.95
C LEU A 3091 -14.43 -1.91 40.46
N LEU A 3092 -15.67 -2.08 40.93
CA LEU A 3092 -15.87 -2.32 42.34
C LEU A 3092 -15.24 -3.64 42.76
N GLN A 3093 -15.35 -4.67 41.91
CA GLN A 3093 -14.74 -5.95 42.21
C GLN A 3093 -13.22 -5.92 42.04
N ASP A 3094 -12.69 -4.91 41.38
CA ASP A 3094 -11.25 -4.68 41.21
C ASP A 3094 -10.57 -5.76 40.38
N ASP A 3095 -11.32 -6.74 39.87
CA ASP A 3095 -10.75 -7.80 39.05
C ASP A 3095 -10.37 -7.28 37.67
N VAL A 3096 -9.28 -6.51 37.63
CA VAL A 3096 -8.89 -5.80 36.42
C VAL A 3096 -8.65 -6.74 35.25
N ASP A 3097 -8.36 -8.01 35.52
CA ASP A 3097 -8.24 -8.97 34.42
C ASP A 3097 -9.58 -9.17 33.73
N ARG A 3098 -10.62 -9.49 34.50
CA ARG A 3098 -11.94 -9.70 33.91
C ARG A 3098 -12.54 -8.39 33.42
N ALA A 3099 -12.24 -7.29 34.12
CA ALA A 3099 -12.65 -5.98 33.62
C ALA A 3099 -12.02 -5.70 32.27
N LYS A 3100 -10.74 -6.04 32.12
CA LYS A 3100 -10.05 -5.88 30.85
C LYS A 3100 -10.69 -6.75 29.77
N TYR A 3101 -11.00 -8.00 30.11
CA TYR A 3101 -11.63 -8.87 29.14
C TYR A 3101 -12.97 -8.31 28.68
N TYR A 3102 -13.79 -7.85 29.62
CA TYR A 3102 -15.07 -7.25 29.26
C TYR A 3102 -14.91 -5.97 28.48
N ILE A 3103 -13.91 -5.15 28.80
CA ILE A 3103 -13.77 -3.91 28.03
C ILE A 3103 -13.36 -4.25 26.61
N GLN A 3104 -12.55 -5.30 26.42
CA GLN A 3104 -12.25 -5.74 25.07
C GLN A 3104 -13.50 -6.23 24.37
N ASN A 3105 -14.34 -6.99 25.08
CA ASN A 3105 -15.59 -7.44 24.49
C ASN A 3105 -16.43 -6.26 24.05
N GLY A 3106 -16.53 -5.24 24.91
CA GLY A 3106 -17.32 -4.07 24.58
C GLY A 3106 -16.77 -3.33 23.38
N ILE A 3107 -15.45 -3.16 23.34
CA ILE A 3107 -14.83 -2.48 22.19
C ILE A 3107 -15.17 -3.21 20.91
N GLN A 3108 -14.92 -4.52 20.89
CA GLN A 3108 -15.16 -5.29 19.69
C GLN A 3108 -16.63 -5.26 19.31
N SER A 3109 -17.50 -5.42 20.30
CA SER A 3109 -18.93 -5.47 20.02
C SER A 3109 -19.44 -4.17 19.46
N PHE A 3110 -19.04 -3.05 20.07
CA PHE A 3110 -19.46 -1.75 19.57
C PHE A 3110 -18.94 -1.54 18.16
N MET A 3111 -17.67 -1.86 17.93
CA MET A 3111 -17.11 -1.71 16.60
C MET A 3111 -17.91 -2.49 15.58
N GLN A 3112 -18.20 -3.75 15.88
CA GLN A 3112 -18.98 -4.57 14.97
C GLN A 3112 -20.36 -3.97 14.75
N ASN A 3113 -21.02 -3.58 15.83
CA ASN A 3113 -22.39 -3.10 15.75
C ASN A 3113 -22.49 -1.86 14.88
N TYR A 3114 -21.64 -0.87 15.16
CA TYR A 3114 -21.70 0.37 14.38
C TYR A 3114 -21.43 0.09 12.91
N SER A 3115 -20.43 -0.75 12.62
CA SER A 3115 -20.12 -1.06 11.24
C SER A 3115 -21.33 -1.65 10.52
N SER A 3116 -22.12 -2.46 11.23
CA SER A 3116 -23.30 -3.06 10.62
C SER A 3116 -24.36 -2.03 10.25
N ILE A 3117 -24.29 -0.84 10.79
CA ILE A 3117 -25.32 0.16 10.55
C ILE A 3117 -25.13 0.79 9.18
N ASP A 3118 -26.25 1.17 8.57
CA ASP A 3118 -26.20 1.93 7.33
C ASP A 3118 -25.59 3.30 7.57
N VAL A 3119 -24.91 3.81 6.54
CA VAL A 3119 -24.40 5.17 6.59
C VAL A 3119 -25.54 6.17 6.58
N LEU A 3120 -26.61 5.87 5.84
CA LEU A 3120 -27.69 6.83 5.68
C LEU A 3120 -28.46 7.07 6.96
N LEU A 3121 -28.42 6.13 7.90
CA LEU A 3121 -29.07 6.31 9.20
C LEU A 3121 -28.22 7.22 10.08
N HIS A 3122 -28.08 8.46 9.60
CA HIS A 3122 -27.18 9.42 10.21
C HIS A 3122 -27.46 9.59 11.69
N GLN A 3123 -28.74 9.70 12.06
CA GLN A 3123 -29.12 9.86 13.45
C GLN A 3123 -28.61 8.70 14.29
N SER A 3124 -28.86 7.47 13.83
CA SER A 3124 -28.45 6.30 14.58
C SER A 3124 -26.94 6.25 14.73
N ARG A 3125 -26.22 6.57 13.66
CA ARG A 3125 -24.76 6.56 13.75
C ARG A 3125 -24.28 7.55 14.78
N LEU A 3126 -24.86 8.75 14.79
CA LEU A 3126 -24.54 9.70 15.85
C LEU A 3126 -24.78 9.09 17.21
N THR A 3127 -25.94 8.46 17.36
CA THR A 3127 -26.31 7.86 18.63
C THR A 3127 -25.24 6.90 19.11
N LYS A 3128 -24.83 5.99 18.23
CA LYS A 3128 -23.79 5.03 18.58
C LYS A 3128 -22.50 5.74 18.94
N LEU A 3129 -22.08 6.69 18.11
CA LEU A 3129 -20.76 7.27 18.28
C LEU A 3129 -20.65 8.12 19.53
N GLN A 3130 -21.77 8.65 20.03
CA GLN A 3130 -21.70 9.46 21.24
C GLN A 3130 -21.19 8.65 22.42
N SER A 3131 -21.44 7.35 22.44
CA SER A 3131 -21.17 6.55 23.63
C SER A 3131 -19.70 6.27 23.86
N VAL A 3132 -18.88 6.33 22.82
CA VAL A 3132 -17.54 5.76 22.87
C VAL A 3132 -16.65 6.45 23.89
N GLN A 3133 -16.93 7.71 24.24
CA GLN A 3133 -16.03 8.44 25.12
C GLN A 3133 -15.97 7.80 26.50
N ALA A 3134 -17.12 7.40 27.04
CA ALA A 3134 -17.12 6.77 28.35
C ALA A 3134 -16.32 5.49 28.35
N LEU A 3135 -16.55 4.65 27.34
CA LEU A 3135 -15.79 3.41 27.21
C LEU A 3135 -14.30 3.67 27.17
N THR A 3136 -13.86 4.57 26.29
CA THR A 3136 -12.44 4.77 26.12
C THR A 3136 -11.82 5.35 27.39
N GLU A 3137 -12.52 6.26 28.05
CA GLU A 3137 -11.95 6.85 29.26
C GLU A 3137 -11.89 5.82 30.37
N ILE A 3138 -12.85 4.91 30.41
CA ILE A 3138 -12.78 3.79 31.34
C ILE A 3138 -11.51 3.00 31.10
N GLN A 3139 -11.26 2.65 29.84
CA GLN A 3139 -10.09 1.82 29.54
C GLN A 3139 -8.81 2.56 29.85
N GLU A 3140 -8.78 3.87 29.60
CA GLU A 3140 -7.58 4.64 29.91
C GLU A 3140 -7.36 4.75 31.41
N PHE A 3141 -8.45 4.86 32.17
CA PHE A 3141 -8.34 4.78 33.62
C PHE A 3141 -7.71 3.46 34.03
N ILE A 3142 -8.15 2.37 33.41
CA ILE A 3142 -7.59 1.06 33.71
C ILE A 3142 -6.10 1.06 33.41
N SER A 3143 -5.73 1.56 32.24
CA SER A 3143 -4.33 1.56 31.84
C SER A 3143 -3.48 2.37 32.80
N PHE A 3144 -3.97 3.54 33.22
CA PHE A 3144 -3.22 4.36 34.15
C PHE A 3144 -3.09 3.66 35.50
N ILE A 3145 -4.22 3.32 36.12
CA ILE A 3145 -4.24 2.69 37.42
C ILE A 3145 -3.54 1.35 37.42
N SER A 3146 -3.20 0.82 36.24
CA SER A 3146 -2.49 -0.45 36.17
C SER A 3146 -1.16 -0.38 36.91
N LYS A 3147 -0.25 0.46 36.46
CA LYS A 3147 1.10 0.50 36.99
C LYS A 3147 1.18 1.44 38.19
N GLN A 3148 1.93 1.01 39.21
CA GLN A 3148 1.96 1.72 40.48
C GLN A 3148 2.73 3.04 40.38
N GLY A 3149 3.76 3.08 39.53
CA GLY A 3149 4.69 4.20 39.57
C GLY A 3149 4.05 5.56 39.43
N ASN A 3150 2.89 5.62 38.75
CA ASN A 3150 2.21 6.90 38.59
C ASN A 3150 1.77 7.46 39.94
N LEU A 3151 1.19 6.61 40.78
CA LEU A 3151 0.64 7.09 42.05
C LEU A 3151 1.74 7.62 42.97
N SER A 3152 2.94 7.05 42.89
CA SER A 3152 4.05 7.56 43.68
C SER A 3152 4.32 9.03 43.37
N SER A 3153 4.09 9.45 42.13
CA SER A 3153 4.25 10.84 41.74
C SER A 3153 2.88 11.52 41.64
N GLN A 3154 2.91 12.79 41.25
CA GLN A 3154 1.71 13.56 41.02
C GLN A 3154 1.60 14.06 39.59
N VAL A 3155 2.70 14.13 38.86
CA VAL A 3155 2.65 14.54 37.45
C VAL A 3155 1.73 13.65 36.63
N PRO A 3156 1.78 12.32 36.75
CA PRO A 3156 0.76 11.53 36.03
C PRO A 3156 -0.65 11.88 36.44
N LEU A 3157 -0.86 12.10 37.74
CA LEU A 3157 -2.19 12.48 38.22
C LEU A 3157 -2.65 13.78 37.59
N LYS A 3158 -1.83 14.82 37.70
CA LYS A 3158 -2.22 16.13 37.18
C LYS A 3158 -2.38 16.08 35.67
N ARG A 3159 -1.50 15.33 35.00
CA ARG A 3159 -1.61 15.17 33.56
C ARG A 3159 -2.94 14.57 33.18
N LEU A 3160 -3.31 13.46 33.82
CA LEU A 3160 -4.58 12.82 33.51
C LEU A 3160 -5.74 13.75 33.82
N LEU A 3161 -5.64 14.47 34.94
CA LEU A 3161 -6.71 15.38 35.34
C LEU A 3161 -6.93 16.47 34.30
N ASN A 3162 -5.85 17.15 33.90
CA ASN A 3162 -6.00 18.24 32.95
C ASN A 3162 -6.37 17.72 31.57
N THR A 3163 -5.93 16.51 31.22
CA THR A 3163 -6.38 15.92 29.97
C THR A 3163 -7.88 15.67 30.00
N TRP A 3164 -8.39 15.15 31.13
CA TRP A 3164 -9.81 14.92 31.26
C TRP A 3164 -10.60 16.21 31.14
N THR A 3165 -10.23 17.21 31.94
CA THR A 3165 -10.95 18.47 31.88
C THR A 3165 -10.77 19.15 30.53
N ASN A 3166 -9.71 18.80 29.82
CA ASN A 3166 -9.45 19.40 28.52
C ASN A 3166 -10.54 19.03 27.53
N ARG A 3167 -10.97 17.77 27.53
CA ARG A 3167 -11.94 17.28 26.57
C ARG A 3167 -13.25 16.96 27.27
N TYR A 3168 -14.29 17.68 26.90
CA TYR A 3168 -15.66 17.43 27.31
C TYR A 3168 -16.53 17.29 26.06
N PRO A 3169 -17.66 16.59 26.17
CA PRO A 3169 -18.65 16.63 25.10
C PRO A 3169 -19.09 18.06 24.80
N ASP A 3170 -19.79 18.22 23.69
CA ASP A 3170 -20.31 19.54 23.36
C ASP A 3170 -21.37 19.96 24.36
N ALA A 3171 -21.39 21.26 24.64
CA ALA A 3171 -22.42 21.81 25.52
C ALA A 3171 -23.81 21.75 24.90
N LYS A 3172 -23.92 21.50 23.60
CA LYS A 3172 -25.21 21.52 22.95
C LYS A 3172 -25.49 20.33 22.04
N MET A 3173 -24.48 19.53 21.68
CA MET A 3173 -24.72 18.39 20.81
C MET A 3173 -24.79 17.07 21.59
N ASP A 3174 -25.04 17.14 22.89
CA ASP A 3174 -25.08 15.92 23.67
C ASP A 3174 -26.22 15.98 24.69
N PRO A 3175 -27.12 15.02 24.66
CA PRO A 3175 -28.15 14.93 25.70
C PRO A 3175 -27.53 14.59 27.04
N MET A 3176 -28.25 14.96 28.10
CA MET A 3176 -27.71 14.90 29.45
C MET A 3176 -27.30 13.49 29.85
N ASN A 3177 -27.89 12.47 29.24
CA ASN A 3177 -27.54 11.10 29.58
C ASN A 3177 -26.04 10.87 29.40
N ILE A 3178 -25.49 11.28 28.27
CA ILE A 3178 -24.06 11.11 28.03
C ILE A 3178 -23.26 11.87 29.07
N TRP A 3179 -23.68 13.11 29.32
CA TRP A 3179 -22.98 13.97 30.26
C TRP A 3179 -22.87 13.29 31.62
N ASP A 3180 -24.01 13.02 32.25
CA ASP A 3180 -23.96 12.52 33.61
C ASP A 3180 -23.36 11.13 33.66
N ASP A 3181 -23.56 10.31 32.62
CA ASP A 3181 -22.92 9.00 32.60
C ASP A 3181 -21.41 9.15 32.71
N ILE A 3182 -20.81 9.90 31.77
CA ILE A 3182 -19.35 9.98 31.75
C ILE A 3182 -18.84 10.65 33.00
N ILE A 3183 -19.56 11.66 33.50
CA ILE A 3183 -19.03 12.41 34.64
C ILE A 3183 -19.17 11.61 35.93
N THR A 3184 -20.27 10.87 36.09
CA THR A 3184 -20.36 9.96 37.22
C THR A 3184 -19.25 8.93 37.18
N ASN A 3185 -18.96 8.39 35.99
CA ASN A 3185 -17.85 7.46 35.87
C ASN A 3185 -16.54 8.11 36.28
N ARG A 3186 -16.32 9.35 35.84
CA ARG A 3186 -15.08 10.03 36.18
C ARG A 3186 -14.99 10.33 37.67
N CYS A 3187 -16.11 10.69 38.29
CA CYS A 3187 -16.11 10.93 39.72
C CYS A 3187 -15.78 9.66 40.48
N PHE A 3188 -16.37 8.54 40.05
CA PHE A 3188 -16.05 7.26 40.68
C PHE A 3188 -14.59 6.90 40.47
N PHE A 3189 -14.05 7.22 39.29
CA PHE A 3189 -12.63 7.01 39.05
C PHE A 3189 -11.80 7.85 40.01
N LEU A 3190 -12.21 9.09 40.23
CA LEU A 3190 -11.54 9.94 41.21
C LEU A 3190 -11.56 9.29 42.58
N SER A 3191 -12.71 8.74 42.95
CA SER A 3191 -12.82 8.02 44.21
C SER A 3191 -11.80 6.89 44.29
N LYS A 3192 -11.72 6.08 43.24
CA LYS A 3192 -10.79 4.96 43.26
C LYS A 3192 -9.35 5.43 43.36
N ILE A 3193 -8.99 6.46 42.59
CA ILE A 3193 -7.58 6.86 42.55
C ILE A 3193 -7.16 7.49 43.86
N GLU A 3194 -7.99 8.38 44.42
CA GLU A 3194 -7.65 8.93 45.73
C GLU A 3194 -7.63 7.84 46.78
N GLU A 3195 -8.49 6.82 46.63
CA GLU A 3195 -8.45 5.68 47.52
C GLU A 3195 -7.09 5.00 47.47
N LYS A 3196 -6.61 4.70 46.26
CA LYS A 3196 -5.30 4.07 46.13
C LYS A 3196 -4.19 5.01 46.59
N LEU A 3197 -4.41 6.31 46.47
CA LEU A 3197 -3.45 7.29 46.94
C LEU A 3197 -3.44 7.31 48.46
N ASP A 3226 -0.86 19.57 49.65
CA ASP A 3226 -1.90 18.54 49.66
C ASP A 3226 -2.52 18.37 48.29
N ILE A 3227 -2.07 17.35 47.56
CA ILE A 3227 -2.79 17.03 46.34
C ILE A 3227 -3.86 16.00 46.69
N SER A 3228 -4.90 16.45 47.37
CA SER A 3228 -6.19 15.78 47.41
C SER A 3228 -7.36 16.74 47.29
N SER A 3229 -7.22 17.97 47.76
CA SER A 3229 -8.20 19.01 47.48
C SER A 3229 -8.24 19.35 46.01
N LEU A 3230 -7.15 19.09 45.29
CA LEU A 3230 -7.20 19.16 43.84
C LEU A 3230 -8.26 18.22 43.29
N ILE A 3231 -8.32 17.00 43.83
CA ILE A 3231 -9.27 16.01 43.35
C ILE A 3231 -10.70 16.51 43.54
N ARG A 3232 -11.01 16.95 44.76
CA ARG A 3232 -12.37 17.40 45.06
C ARG A 3232 -12.69 18.67 44.30
N SER A 3233 -11.72 19.58 44.18
CA SER A 3233 -11.94 20.81 43.44
C SER A 3233 -12.27 20.53 41.99
N CYS A 3234 -11.50 19.63 41.36
CA CYS A 3234 -11.78 19.29 39.97
C CYS A 3234 -13.11 18.59 39.83
N LYS A 3235 -13.45 17.73 40.79
CA LYS A 3235 -14.76 17.10 40.77
C LYS A 3235 -15.87 18.15 40.76
N PHE A 3236 -15.80 19.07 41.72
CA PHE A 3236 -16.70 20.21 41.73
C PHE A 3236 -16.67 20.96 40.40
N SER A 3237 -15.48 21.03 39.80
CA SER A 3237 -15.32 21.77 38.56
C SER A 3237 -16.18 21.18 37.45
N MET A 3238 -15.95 19.91 37.10
CA MET A 3238 -16.79 19.44 36.00
C MET A 3238 -18.23 19.26 36.44
N LYS A 3239 -18.51 19.18 37.74
CA LYS A 3239 -19.91 19.14 38.15
C LYS A 3239 -20.62 20.43 37.77
N MET A 3240 -20.06 21.56 38.17
CA MET A 3240 -20.67 22.84 37.79
C MET A 3240 -20.63 23.02 36.28
N LYS A 3241 -19.59 22.49 35.63
CA LYS A 3241 -19.53 22.53 34.17
C LYS A 3241 -20.75 21.86 33.57
N MET A 3242 -21.06 20.65 34.06
CA MET A 3242 -22.28 19.98 33.64
C MET A 3242 -23.50 20.85 33.91
N ILE A 3243 -23.53 21.48 35.07
CA ILE A 3243 -24.72 22.26 35.43
C ILE A 3243 -24.95 23.35 34.39
N ASP A 3244 -23.89 24.05 34.03
CA ASP A 3244 -24.02 25.11 33.03
C ASP A 3244 -24.41 24.54 31.68
N SER A 3245 -23.83 23.41 31.30
CA SER A 3245 -24.19 22.78 30.04
C SER A 3245 -25.67 22.44 30.01
N ALA A 3246 -26.17 21.86 31.10
CA ALA A 3246 -27.57 21.48 31.18
C ALA A 3246 -28.46 22.70 31.07
N ARG A 3247 -28.09 23.78 31.77
CA ARG A 3247 -28.87 25.01 31.65
C ARG A 3247 -28.94 25.46 30.20
N LYS A 3248 -27.81 25.40 29.51
CA LYS A 3248 -27.80 25.76 28.09
C LYS A 3248 -28.66 24.82 27.27
N GLN A 3249 -28.78 23.56 27.71
CA GLN A 3249 -29.66 22.61 27.04
C GLN A 3249 -31.06 22.60 27.62
N ASN A 3250 -31.34 23.46 28.60
CA ASN A 3250 -32.66 23.82 29.10
C ASN A 3250 -33.31 22.76 29.99
N ASN A 3251 -32.64 21.65 30.28
CA ASN A 3251 -33.22 20.65 31.17
C ASN A 3251 -33.18 21.20 32.58
N PHE A 3252 -34.17 22.03 32.89
CA PHE A 3252 -34.10 22.85 34.10
C PHE A 3252 -34.23 21.99 35.34
N SER A 3253 -35.17 21.06 35.35
CA SER A 3253 -35.43 20.29 36.56
C SER A 3253 -34.20 19.49 36.98
N LEU A 3254 -33.61 18.75 36.04
CA LEU A 3254 -32.43 17.97 36.37
C LEU A 3254 -31.28 18.84 36.81
N ALA A 3255 -31.08 19.96 36.12
CA ALA A 3255 -29.98 20.85 36.46
C ALA A 3255 -30.14 21.41 37.86
N MET A 3256 -31.34 21.90 38.19
CA MET A 3256 -31.54 22.48 39.51
C MET A 3256 -31.40 21.42 40.59
N LYS A 3257 -31.91 20.21 40.33
CA LYS A 3257 -31.74 19.13 41.28
C LYS A 3257 -30.26 18.90 41.55
N LEU A 3258 -29.46 18.72 40.50
CA LEU A 3258 -28.07 18.40 40.69
C LEU A 3258 -27.34 19.55 41.36
N LEU A 3259 -27.70 20.78 41.01
CA LEU A 3259 -27.09 21.95 41.65
C LEU A 3259 -27.36 21.93 43.14
N LYS A 3260 -28.60 21.67 43.53
CA LYS A 3260 -28.92 21.52 44.94
C LYS A 3260 -28.08 20.42 45.57
N GLU A 3261 -27.86 19.34 44.83
CA GLU A 3261 -27.02 18.26 45.35
C GLU A 3261 -25.61 18.76 45.64
N LEU A 3262 -25.06 19.56 44.73
CA LEU A 3262 -23.73 20.10 44.98
C LEU A 3262 -23.73 21.16 46.08
N HIS A 3263 -24.90 21.66 46.48
CA HIS A 3263 -24.93 22.73 47.47
C HIS A 3263 -24.36 22.28 48.81
N LYS A 3264 -24.56 21.02 49.18
CA LYS A 3264 -23.93 20.51 50.39
C LYS A 3264 -22.41 20.63 50.27
N GLU A 3265 -21.85 20.16 49.16
CA GLU A 3265 -20.45 20.40 48.89
C GLU A 3265 -20.18 21.88 48.63
N SER A 3266 -21.19 22.65 48.25
CA SER A 3266 -21.00 24.09 48.20
C SER A 3266 -20.88 24.62 49.62
N LYS A 3267 -20.56 25.91 49.74
CA LYS A 3267 -20.30 26.55 51.02
C LYS A 3267 -19.19 25.83 51.78
N THR A 3268 -18.34 25.11 51.07
CA THR A 3268 -17.29 24.34 51.73
C THR A 3268 -15.95 25.04 51.75
N ARG A 3269 -15.61 25.86 50.75
CA ARG A 3269 -14.37 26.60 50.93
C ARG A 3269 -14.61 28.10 51.04
N ASP A 3270 -14.82 28.78 49.91
CA ASP A 3270 -15.48 30.08 49.88
C ASP A 3270 -16.11 30.31 48.52
N ASP A 3271 -15.48 29.70 47.51
CA ASP A 3271 -15.69 30.03 46.11
C ASP A 3271 -16.66 29.08 45.44
N TRP A 3272 -16.68 27.83 45.88
CA TRP A 3272 -17.69 26.92 45.40
C TRP A 3272 -19.08 27.49 45.65
N LEU A 3273 -19.25 28.17 46.78
CA LEU A 3273 -20.53 28.79 47.08
C LEU A 3273 -20.85 29.91 46.08
N VAL A 3274 -19.86 30.76 45.77
CA VAL A 3274 -20.15 31.89 44.90
C VAL A 3274 -20.42 31.41 43.48
N SER A 3275 -19.67 30.41 43.02
CA SER A 3275 -19.98 29.81 41.72
C SER A 3275 -21.36 29.17 41.76
N TRP A 3276 -21.68 28.51 42.86
CA TRP A 3276 -22.99 27.89 43.02
C TRP A 3276 -24.09 28.91 42.84
N VAL A 3277 -23.98 30.05 43.53
CA VAL A 3277 -25.05 31.02 43.49
C VAL A 3277 -25.11 31.69 42.12
N GLN A 3278 -23.95 31.94 41.51
CA GLN A 3278 -23.95 32.49 40.15
C GLN A 3278 -24.69 31.57 39.20
N SER A 3279 -24.36 30.28 39.26
CA SER A 3279 -25.02 29.31 38.40
C SER A 3279 -26.51 29.26 38.69
N TYR A 3280 -26.88 29.28 39.98
CA TYR A 3280 -28.29 29.22 40.33
C TYR A 3280 -29.05 30.40 39.76
N CYS A 3281 -28.47 31.60 39.88
CA CYS A 3281 -29.14 32.77 39.35
C CYS A 3281 -29.28 32.70 37.84
N ARG A 3282 -28.23 32.25 37.15
CA ARG A 3282 -28.32 32.13 35.71
C ARG A 3282 -29.42 31.15 35.31
N LEU A 3283 -29.48 30.01 36.00
CA LEU A 3283 -30.53 29.03 35.74
C LEU A 3283 -31.90 29.67 35.92
N SER A 3284 -32.11 30.31 37.07
CA SER A 3284 -33.42 30.89 37.33
C SER A 3284 -33.77 31.94 36.29
N HIS A 3285 -32.77 32.67 35.79
CA HIS A 3285 -33.00 33.54 34.64
C HIS A 3285 -33.53 32.73 33.47
N CYS A 3286 -32.88 31.61 33.17
CA CYS A 3286 -33.29 30.80 32.04
C CYS A 3286 -34.69 30.25 32.22
N ARG A 3287 -35.03 29.84 33.44
CA ARG A 3287 -36.38 29.33 33.66
C ARG A 3287 -37.42 30.44 33.61
N SER A 3288 -37.01 31.70 33.59
CA SER A 3288 -37.95 32.81 33.65
C SER A 3288 -38.66 33.02 32.32
N ARG A 3289 -39.36 31.98 31.88
CA ARG A 3289 -40.15 32.08 30.66
C ARG A 3289 -41.60 31.65 30.88
N SER A 3290 -42.03 31.59 32.15
CA SER A 3290 -43.45 31.43 32.42
C SER A 3290 -44.20 32.73 32.18
N GLN A 3291 -43.58 33.86 32.54
CA GLN A 3291 -44.09 35.21 32.26
C GLN A 3291 -45.31 35.55 33.10
N GLY A 3292 -45.84 34.59 33.83
CA GLY A 3292 -46.91 34.85 34.77
C GLY A 3292 -46.50 34.39 36.15
N CYS A 3293 -45.57 33.44 36.17
CA CYS A 3293 -44.98 32.93 37.40
C CYS A 3293 -43.49 33.19 37.47
N SER A 3294 -42.90 33.81 36.45
CA SER A 3294 -41.48 34.13 36.49
C SER A 3294 -41.17 35.11 37.61
N GLU A 3295 -42.15 35.91 38.00
CA GLU A 3295 -41.91 36.98 38.96
C GLU A 3295 -41.51 36.42 40.32
N GLN A 3296 -42.29 35.49 40.85
CA GLN A 3296 -41.95 34.88 42.12
C GLN A 3296 -40.69 34.02 42.00
N VAL A 3297 -40.45 33.45 40.82
CA VAL A 3297 -39.20 32.73 40.60
C VAL A 3297 -38.02 33.66 40.81
N LEU A 3298 -38.08 34.84 40.20
CA LEU A 3298 -37.01 35.80 40.37
C LEU A 3298 -36.98 36.35 41.79
N THR A 3299 -38.13 36.36 42.46
CA THR A 3299 -38.15 36.70 43.87
C THR A 3299 -37.31 35.72 44.67
N VAL A 3300 -37.47 34.43 44.39
CA VAL A 3300 -36.64 33.42 45.03
C VAL A 3300 -35.18 33.65 44.69
N LEU A 3301 -34.90 33.95 43.42
CA LEU A 3301 -33.54 34.22 42.99
C LEU A 3301 -32.92 35.34 43.82
N LYS A 3302 -33.61 36.48 43.89
CA LYS A 3302 -33.03 37.65 44.53
C LYS A 3302 -32.93 37.44 46.03
N THR A 3303 -33.84 36.68 46.62
CA THR A 3303 -33.70 36.34 48.04
C THR A 3303 -32.43 35.53 48.26
N VAL A 3304 -32.18 34.57 47.38
CA VAL A 3304 -30.94 33.79 47.49
C VAL A 3304 -29.72 34.71 47.33
N SER A 3305 -29.80 35.62 46.36
CA SER A 3305 -28.71 36.57 46.14
C SER A 3305 -28.45 37.41 47.37
N LEU A 3306 -29.53 37.86 48.02
CA LEU A 3306 -29.40 38.57 49.28
C LEU A 3306 -28.67 37.72 50.32
N LEU A 3307 -28.81 36.40 50.23
CA LEU A 3307 -28.07 35.51 51.11
C LEU A 3307 -26.68 35.32 50.51
N ASP A 3308 -25.85 36.34 50.68
CA ASP A 3308 -24.44 36.30 50.27
C ASP A 3308 -23.60 36.39 51.53
N GLU A 3309 -23.14 35.25 52.00
CA GLU A 3309 -22.35 35.14 53.22
C GLU A 3309 -20.88 34.88 52.97
N ASN A 3310 -20.55 34.05 51.97
CA ASN A 3310 -19.17 33.92 51.55
C ASN A 3310 -18.71 35.09 50.68
N ASN A 3311 -19.64 35.91 50.20
CA ASN A 3311 -19.31 37.05 49.36
C ASN A 3311 -19.78 38.37 49.97
N VAL A 3312 -19.81 38.44 51.29
CA VAL A 3312 -19.99 39.73 51.95
C VAL A 3312 -18.86 40.67 51.52
N SER A 3313 -17.62 40.27 51.79
CA SER A 3313 -16.46 40.95 51.26
C SER A 3313 -15.39 40.01 50.71
N SER A 3314 -15.34 38.76 51.16
CA SER A 3314 -14.46 37.79 50.53
C SER A 3314 -14.92 37.58 49.09
N TYR A 3315 -14.00 37.79 48.15
CA TYR A 3315 -14.27 37.74 46.71
C TYR A 3315 -15.09 38.94 46.27
N LEU A 3316 -15.55 39.74 47.23
CA LEU A 3316 -15.81 41.15 46.95
C LEU A 3316 -14.57 41.98 47.23
N SER A 3317 -13.62 41.44 47.99
CA SER A 3317 -12.28 42.00 48.04
C SER A 3317 -11.74 42.17 46.63
N LYS A 3318 -11.60 41.06 45.91
CA LYS A 3318 -11.40 41.12 44.48
C LYS A 3318 -12.72 41.48 43.82
N ASN A 3319 -12.64 42.08 42.64
CA ASN A 3319 -13.83 42.55 41.93
C ASN A 3319 -14.06 41.84 40.61
N ILE A 3320 -13.06 41.86 39.73
CA ILE A 3320 -13.23 41.27 38.41
C ILE A 3320 -13.52 39.79 38.55
N LEU A 3321 -14.40 39.29 37.68
CA LEU A 3321 -14.69 37.87 37.57
C LEU A 3321 -15.43 37.35 38.80
N ALA A 3322 -15.59 38.20 39.82
CA ALA A 3322 -16.50 37.89 40.91
C ALA A 3322 -17.55 38.97 41.10
N PHE A 3323 -17.14 40.21 41.35
CA PHE A 3323 -18.09 41.25 41.71
C PHE A 3323 -18.88 41.70 40.49
N ARG A 3324 -18.20 41.88 39.37
CA ARG A 3324 -18.86 42.25 38.14
C ARG A 3324 -19.97 41.27 37.80
N ASP A 3325 -19.71 39.98 38.01
CA ASP A 3325 -20.71 38.97 37.74
C ASP A 3325 -21.92 39.15 38.65
N GLN A 3326 -21.67 39.42 39.93
CA GLN A 3326 -22.77 39.67 40.86
C GLN A 3326 -23.62 40.83 40.38
N ASN A 3327 -22.96 41.92 40.00
CA ASN A 3327 -23.69 43.12 39.59
C ASN A 3327 -24.51 42.85 38.34
N ILE A 3328 -23.92 42.19 37.35
CA ILE A 3328 -24.64 41.98 36.10
C ILE A 3328 -25.81 41.04 36.33
N LEU A 3329 -25.62 39.98 37.11
CA LEU A 3329 -26.72 39.07 37.37
C LEU A 3329 -27.85 39.78 38.11
N LEU A 3330 -27.51 40.56 39.12
CA LEU A 3330 -28.55 41.27 39.87
C LEU A 3330 -29.27 42.26 38.99
N GLY A 3331 -28.55 42.97 38.13
CA GLY A 3331 -29.18 43.92 37.23
C GLY A 3331 -30.10 43.24 36.24
N THR A 3332 -29.67 42.10 35.70
CA THR A 3332 -30.55 41.33 34.83
C THR A 3332 -31.81 40.92 35.57
N THR A 3333 -31.66 40.46 36.81
CA THR A 3333 -32.81 40.12 37.63
C THR A 3333 -33.74 41.31 37.77
N TYR A 3334 -33.18 42.46 38.08
CA TYR A 3334 -33.98 43.67 38.23
C TYR A 3334 -34.75 43.95 36.96
N ARG A 3335 -34.08 43.87 35.82
CA ARG A 3335 -34.72 44.16 34.55
C ARG A 3335 -35.83 43.17 34.27
N ILE A 3336 -35.59 41.89 34.58
CA ILE A 3336 -36.61 40.88 34.33
C ILE A 3336 -37.84 41.18 35.15
N ILE A 3337 -37.66 41.47 36.43
CA ILE A 3337 -38.81 41.79 37.27
C ILE A 3337 -39.52 43.02 36.74
N ALA A 3338 -38.75 44.04 36.36
CA ALA A 3338 -39.32 45.30 35.93
C ALA A 3338 -40.15 45.13 34.67
N ASN A 3339 -39.56 44.53 33.64
CA ASN A 3339 -40.31 44.37 32.40
C ASN A 3339 -41.42 43.33 32.54
N ALA A 3340 -41.31 42.42 33.50
CA ALA A 3340 -42.44 41.56 33.81
C ALA A 3340 -43.61 42.37 34.32
N LEU A 3341 -43.35 43.27 35.27
CA LEU A 3341 -44.42 44.15 35.73
C LEU A 3341 -44.91 45.04 34.60
N SER A 3342 -44.01 45.43 33.71
CA SER A 3342 -44.42 46.22 32.55
C SER A 3342 -45.41 45.45 31.69
N SER A 3343 -45.14 44.16 31.47
CA SER A 3343 -46.07 43.32 30.72
C SER A 3343 -47.45 43.33 31.36
N GLU A 3344 -47.54 42.87 32.60
CA GLU A 3344 -48.79 42.91 33.32
C GLU A 3344 -48.60 43.72 34.60
N PRO A 3345 -49.46 44.70 34.87
CA PRO A 3345 -49.26 45.59 36.02
C PRO A 3345 -49.09 44.87 37.36
N ALA A 3346 -48.62 45.62 38.36
CA ALA A 3346 -48.35 45.07 39.68
C ALA A 3346 -49.56 44.40 40.31
N CYS A 3347 -50.74 44.53 39.71
CA CYS A 3347 -51.87 43.72 40.13
C CYS A 3347 -51.50 42.23 40.10
N LEU A 3348 -50.71 41.83 39.11
CA LEU A 3348 -50.16 40.47 39.13
C LEU A 3348 -49.37 40.25 40.41
N ALA A 3349 -48.47 41.18 40.74
CA ALA A 3349 -47.77 41.09 42.02
C ALA A 3349 -48.75 41.17 43.18
N GLU A 3350 -49.78 42.00 43.06
CA GLU A 3350 -50.87 41.98 44.03
C GLU A 3350 -51.54 40.62 44.03
N ILE A 3351 -51.80 40.06 42.85
CA ILE A 3351 -52.29 38.70 42.77
C ILE A 3351 -51.26 37.73 43.37
N GLU A 3352 -49.99 38.03 43.16
CA GLU A 3352 -48.93 37.23 43.77
C GLU A 3352 -48.94 37.43 45.28
N GLU A 3353 -47.99 36.77 45.95
CA GLU A 3353 -47.90 36.85 47.40
C GLU A 3353 -47.73 38.29 47.86
N ASP A 3354 -48.52 38.68 48.86
CA ASP A 3354 -48.41 40.03 49.40
C ASP A 3354 -47.03 40.27 50.00
N LYS A 3355 -46.45 39.24 50.62
CA LYS A 3355 -45.07 39.35 51.07
C LYS A 3355 -44.13 39.55 49.88
N ALA A 3356 -44.40 38.86 48.78
CA ALA A 3356 -43.56 39.03 47.59
C ALA A 3356 -43.62 40.45 47.08
N ARG A 3357 -44.83 41.00 46.92
CA ARG A 3357 -44.94 42.39 46.50
C ARG A 3357 -44.39 43.33 47.56
N ARG A 3358 -44.55 42.99 48.84
CA ARG A 3358 -43.98 43.80 49.90
C ARG A 3358 -42.47 43.91 49.75
N ILE A 3359 -41.81 42.79 49.54
CA ILE A 3359 -40.36 42.78 49.50
C ILE A 3359 -39.82 43.29 48.17
N LEU A 3360 -40.60 43.22 47.09
CA LEU A 3360 -40.15 43.86 45.86
C LEU A 3360 -40.32 45.37 45.97
N GLU A 3361 -41.38 45.82 46.64
CA GLU A 3361 -41.54 47.24 46.91
C GLU A 3361 -40.40 47.73 47.79
N LEU A 3362 -40.01 46.92 48.77
CA LEU A 3362 -38.73 47.10 49.43
C LEU A 3362 -37.62 47.29 48.41
N SER A 3363 -37.45 46.29 47.53
CA SER A 3363 -36.50 46.43 46.44
C SER A 3363 -36.88 47.60 45.53
N GLY A 3364 -38.15 47.93 45.47
CA GLY A 3364 -38.57 49.12 44.77
C GLY A 3364 -37.96 50.36 45.39
N SER A 3365 -37.21 51.12 44.60
CA SER A 3365 -36.53 52.29 45.14
C SER A 3365 -37.54 53.32 45.64
N SER A 3366 -38.50 53.69 44.78
CA SER A 3366 -39.52 54.65 45.19
C SER A 3366 -40.37 54.10 46.32
N SER A 3367 -40.75 52.82 46.24
CA SER A 3367 -41.58 52.16 47.25
C SER A 3367 -42.89 52.92 47.47
N GLU A 3368 -43.44 53.46 46.39
CA GLU A 3368 -44.71 54.16 46.44
C GLU A 3368 -45.77 53.58 45.54
N ASP A 3369 -45.42 53.21 44.31
CA ASP A 3369 -46.39 52.66 43.37
C ASP A 3369 -45.63 51.98 42.23
N SER A 3370 -46.34 51.09 41.53
CA SER A 3370 -45.76 50.41 40.38
C SER A 3370 -45.18 51.40 39.39
N GLU A 3371 -45.96 52.41 39.03
CA GLU A 3371 -45.54 53.39 38.03
C GLU A 3371 -44.27 54.13 38.42
N LYS A 3372 -43.81 53.99 39.66
CA LYS A 3372 -42.57 54.60 40.12
C LYS A 3372 -41.52 53.59 40.48
N VAL A 3373 -41.91 52.48 41.11
CA VAL A 3373 -40.94 51.44 41.39
C VAL A 3373 -40.42 50.82 40.10
N ILE A 3374 -41.13 51.00 38.98
CA ILE A 3374 -40.59 50.56 37.71
C ILE A 3374 -39.31 51.31 37.40
N ALA A 3375 -39.35 52.64 37.49
CA ALA A 3375 -38.15 53.43 37.27
C ALA A 3375 -37.13 53.17 38.37
N GLY A 3376 -37.60 52.90 39.58
CA GLY A 3376 -36.68 52.55 40.65
C GLY A 3376 -35.88 51.30 40.32
N LEU A 3377 -36.57 50.26 39.88
CA LEU A 3377 -35.89 49.03 39.47
C LEU A 3377 -34.99 49.30 38.28
N TYR A 3378 -35.45 50.13 37.35
CA TYR A 3378 -34.66 50.48 36.18
C TYR A 3378 -33.34 51.09 36.60
N GLN A 3379 -33.38 52.06 37.50
CA GLN A 3379 -32.14 52.69 37.92
C GLN A 3379 -31.32 51.76 38.79
N ARG A 3380 -31.96 50.85 39.53
CA ARG A 3380 -31.21 49.82 40.23
C ARG A 3380 -30.33 49.06 39.27
N ALA A 3381 -30.96 48.53 38.21
CA ALA A 3381 -30.23 47.75 37.23
C ALA A 3381 -29.21 48.62 36.52
N PHE A 3382 -29.55 49.87 36.24
CA PHE A 3382 -28.60 50.76 35.59
C PHE A 3382 -27.37 50.96 36.46
N GLN A 3383 -27.57 51.15 37.75
CA GLN A 3383 -26.45 51.28 38.68
C GLN A 3383 -25.60 50.02 38.67
N HIS A 3384 -26.23 48.86 38.69
CA HIS A 3384 -25.45 47.63 38.76
C HIS A 3384 -24.68 47.39 37.48
N LEU A 3385 -25.30 47.69 36.33
CA LEU A 3385 -24.58 47.59 35.08
C LEU A 3385 -23.42 48.58 35.04
N SER A 3386 -23.64 49.80 35.52
CA SER A 3386 -22.59 50.80 35.52
C SER A 3386 -21.42 50.36 36.40
N GLU A 3387 -21.72 49.85 37.59
CA GLU A 3387 -20.66 49.41 38.47
C GLU A 3387 -19.93 48.22 37.87
N ALA A 3388 -20.66 47.30 37.25
CA ALA A 3388 -20.02 46.15 36.63
C ALA A 3388 -19.09 46.58 35.50
N VAL A 3389 -19.54 47.51 34.65
CA VAL A 3389 -18.71 47.90 33.53
C VAL A 3389 -17.50 48.68 34.01
N GLN A 3390 -17.69 49.62 34.94
CA GLN A 3390 -16.56 50.37 35.46
C GLN A 3390 -15.56 49.45 36.15
N ALA A 3391 -16.04 48.36 36.74
CA ALA A 3391 -15.13 47.33 37.22
C ALA A 3391 -14.38 46.69 36.06
N ALA A 3392 -15.11 46.35 34.99
CA ALA A 3392 -14.49 45.77 33.82
C ALA A 3392 -13.54 46.74 33.14
N GLU A 3393 -13.69 48.04 33.40
CA GLU A 3393 -12.78 49.01 32.81
C GLU A 3393 -11.36 48.77 33.28
N GLU A 3394 -11.17 48.48 34.56
CA GLU A 3394 -9.86 48.04 35.05
C GLU A 3394 -9.77 46.54 34.82
N GLU A 3395 -9.46 46.17 33.58
CA GLU A 3395 -9.31 44.77 33.24
C GLU A 3395 -8.06 44.20 33.90
N ALA A 3396 -8.15 42.94 34.33
CA ALA A 3396 -7.03 42.29 34.99
C ALA A 3396 -7.16 40.78 34.87
N PRO A 3405 -9.76 35.19 29.60
CA PRO A 3405 -10.81 36.16 29.94
C PRO A 3405 -11.09 37.14 28.81
N ALA A 3406 -11.62 36.61 27.70
CA ALA A 3406 -11.89 37.42 26.52
C ALA A 3406 -13.37 37.44 26.18
N ALA A 3407 -14.23 37.18 27.14
CA ALA A 3407 -15.66 37.28 26.89
C ALA A 3407 -16.40 38.08 27.94
N GLY A 3408 -16.02 37.96 29.22
CA GLY A 3408 -16.82 38.52 30.28
C GLY A 3408 -17.00 40.03 30.15
N VAL A 3409 -15.92 40.73 29.83
CA VAL A 3409 -16.02 42.17 29.61
C VAL A 3409 -16.99 42.46 28.46
N ILE A 3410 -16.85 41.70 27.37
CA ILE A 3410 -17.77 41.81 26.25
C ILE A 3410 -19.19 41.54 26.71
N ASP A 3411 -19.36 40.53 27.55
CA ASP A 3411 -20.68 40.17 28.03
C ASP A 3411 -21.30 41.33 28.78
N ALA A 3412 -20.54 41.94 29.68
CA ALA A 3412 -21.07 43.07 30.44
C ALA A 3412 -21.42 44.23 29.53
N TYR A 3413 -20.55 44.52 28.56
CA TYR A 3413 -20.79 45.64 27.66
C TYR A 3413 -22.08 45.43 26.90
N MET A 3414 -22.20 44.27 26.25
CA MET A 3414 -23.41 44.00 25.48
C MET A 3414 -24.62 43.93 26.37
N THR A 3415 -24.46 43.52 27.63
CA THR A 3415 -25.62 43.45 28.52
C THR A 3415 -26.14 44.83 28.85
N LEU A 3416 -25.22 45.74 29.20
CA LEU A 3416 -25.63 47.13 29.39
C LEU A 3416 -26.30 47.65 28.13
N ALA A 3417 -25.76 47.28 26.97
CA ALA A 3417 -26.38 47.66 25.71
C ALA A 3417 -27.81 47.14 25.63
N ASP A 3418 -28.01 45.89 26.02
CA ASP A 3418 -29.35 45.31 25.98
C ASP A 3418 -30.29 46.14 26.82
N PHE A 3419 -29.88 46.45 28.05
CA PHE A 3419 -30.75 47.19 28.94
C PHE A 3419 -31.12 48.54 28.34
N CYS A 3420 -30.12 49.32 27.94
CA CYS A 3420 -30.40 50.67 27.48
C CYS A 3420 -31.18 50.66 26.18
N ASP A 3421 -30.82 49.78 25.25
CA ASP A 3421 -31.54 49.69 24.00
C ASP A 3421 -32.99 49.31 24.24
N GLN A 3422 -33.22 48.34 25.12
CA GLN A 3422 -34.57 47.96 25.47
C GLN A 3422 -35.34 49.16 25.97
N GLN A 3423 -34.71 49.94 26.84
CA GLN A 3423 -35.40 51.11 27.39
C GLN A 3423 -35.72 52.13 26.32
N LEU A 3424 -34.77 52.42 25.44
CA LEU A 3424 -35.01 53.40 24.40
C LEU A 3424 -36.11 52.93 23.45
N ARG A 3425 -36.04 51.67 23.05
CA ARG A 3425 -37.06 51.13 22.15
C ARG A 3425 -38.42 51.13 22.80
N LYS A 3426 -38.49 50.81 24.09
CA LYS A 3426 -39.75 50.88 24.81
C LYS A 3426 -40.29 52.30 24.82
N GLU A 3427 -39.40 53.27 25.07
CA GLU A 3427 -39.78 54.67 24.89
C GLU A 3427 -40.26 54.90 23.47
N GLU A 3428 -39.53 54.39 22.50
CA GLU A 3428 -39.95 54.52 21.11
C GLU A 3428 -41.32 53.89 20.93
N GLU A 3429 -42.31 54.73 20.67
CA GLU A 3429 -43.70 54.30 20.62
C GLU A 3429 -44.38 54.78 19.36
N ASN A 3430 -43.60 54.95 18.30
CA ASN A 3430 -44.11 55.44 17.02
C ASN A 3430 -44.74 54.31 16.21
N GLN A 3440 -32.05 59.99 30.40
CA GLN A 3440 -32.01 61.10 29.45
C GLN A 3440 -30.82 61.02 28.52
N ALA A 3441 -29.66 60.62 29.02
CA ALA A 3441 -28.41 60.69 28.25
C ALA A 3441 -27.81 59.31 28.01
N TYR A 3442 -28.64 58.27 28.02
CA TYR A 3442 -28.16 56.92 27.72
C TYR A 3442 -27.41 56.80 26.39
N PRO A 3443 -27.89 57.36 25.27
CA PRO A 3443 -27.31 57.01 23.98
C PRO A 3443 -25.80 57.17 23.88
N ALA A 3444 -25.24 58.22 24.50
CA ALA A 3444 -23.80 58.37 24.49
C ALA A 3444 -23.12 57.17 25.12
N LEU A 3445 -23.63 56.75 26.28
CA LEU A 3445 -23.13 55.53 26.91
C LEU A 3445 -23.29 54.34 25.99
N VAL A 3446 -24.44 54.24 25.33
CA VAL A 3446 -24.73 53.08 24.49
C VAL A 3446 -23.69 52.96 23.39
N VAL A 3447 -23.45 54.06 22.68
CA VAL A 3447 -22.55 54.02 21.55
C VAL A 3447 -21.12 53.83 22.02
N GLU A 3448 -20.76 54.42 23.17
CA GLU A 3448 -19.47 54.12 23.77
C GLU A 3448 -19.30 52.62 23.94
N LYS A 3449 -20.29 51.98 24.53
CA LYS A 3449 -20.18 50.55 24.81
C LYS A 3449 -20.07 49.75 23.53
N MET A 3450 -20.84 50.12 22.51
CA MET A 3450 -20.81 49.34 21.27
C MET A 3450 -19.52 49.54 20.50
N LEU A 3451 -18.95 50.76 20.53
CA LEU A 3451 -17.62 50.93 19.95
C LEU A 3451 -16.60 50.09 20.70
N LYS A 3452 -16.71 50.03 22.02
CA LYS A 3452 -15.80 49.19 22.78
C LYS A 3452 -15.98 47.71 22.42
N ALA A 3453 -17.22 47.28 22.29
CA ALA A 3453 -17.49 45.87 21.98
C ALA A 3453 -16.98 45.51 20.60
N LEU A 3454 -17.19 46.39 19.61
CA LEU A 3454 -16.71 46.11 18.27
C LEU A 3454 -15.19 46.13 18.22
N LYS A 3455 -14.55 46.93 19.08
CA LYS A 3455 -13.12 46.80 19.27
C LYS A 3455 -12.77 45.35 19.62
N LEU A 3456 -13.63 44.72 20.41
CA LEU A 3456 -13.47 43.32 20.72
C LEU A 3456 -14.13 42.48 19.62
N ASN A 3457 -13.97 41.17 19.70
CA ASN A 3457 -14.46 40.27 18.67
C ASN A 3457 -15.86 39.78 19.02
N SER A 3458 -16.81 40.70 18.95
CA SER A 3458 -18.21 40.40 19.23
C SER A 3458 -18.99 40.50 17.93
N ASN A 3459 -19.04 39.38 17.20
CA ASN A 3459 -19.90 39.30 16.03
C ASN A 3459 -21.31 39.74 16.35
N GLU A 3460 -21.82 39.31 17.50
CA GLU A 3460 -23.13 39.71 17.95
C GLU A 3460 -23.27 41.23 17.95
N ALA A 3461 -22.26 41.91 18.49
CA ALA A 3461 -22.30 43.37 18.48
C ALA A 3461 -22.35 43.92 17.06
N ARG A 3462 -21.56 43.33 16.16
CA ARG A 3462 -21.62 43.75 14.77
C ARG A 3462 -23.03 43.63 14.24
N LEU A 3463 -23.72 42.55 14.60
CA LEU A 3463 -25.11 42.40 14.21
C LEU A 3463 -25.98 43.51 14.78
N LYS A 3464 -25.56 44.13 15.87
CA LYS A 3464 -26.28 45.25 16.45
C LYS A 3464 -25.81 46.59 15.92
N PHE A 3465 -24.70 46.62 15.19
CA PHE A 3465 -24.15 47.87 14.68
C PHE A 3465 -25.16 48.73 13.91
N PRO A 3466 -26.03 48.17 13.08
CA PRO A 3466 -27.04 49.01 12.45
C PRO A 3466 -27.90 49.76 13.44
N ARG A 3467 -28.13 49.20 14.63
CA ARG A 3467 -28.84 49.95 15.66
C ARG A 3467 -28.11 51.24 15.97
N LEU A 3468 -26.80 51.16 16.13
CA LEU A 3468 -26.00 52.37 16.22
C LEU A 3468 -26.27 53.27 15.03
N LEU A 3469 -26.30 52.68 13.84
CA LEU A 3469 -26.50 53.48 12.64
C LEU A 3469 -27.81 54.24 12.70
N GLN A 3470 -28.91 53.57 13.05
CA GLN A 3470 -30.19 54.25 13.08
C GLN A 3470 -30.31 55.16 14.27
N ILE A 3471 -29.57 54.90 15.35
CA ILE A 3471 -29.81 55.68 16.55
C ILE A 3471 -29.13 57.04 16.46
N ILE A 3472 -28.03 57.15 15.72
CA ILE A 3472 -27.24 58.38 15.75
C ILE A 3472 -28.00 59.53 15.11
N GLU A 3473 -28.75 59.26 14.04
CA GLU A 3473 -29.54 60.32 13.43
C GLU A 3473 -30.52 60.91 14.43
N ARG A 3474 -31.01 60.11 15.36
CA ARG A 3474 -31.90 60.59 16.39
C ARG A 3474 -31.06 61.08 17.56
N TYR A 3475 -31.30 62.31 17.97
CA TYR A 3475 -30.57 62.93 19.08
C TYR A 3475 -29.06 62.78 18.91
N PRO A 3476 -28.51 63.40 17.86
CA PRO A 3476 -27.07 63.37 17.54
C PRO A 3476 -26.25 64.40 18.30
N GLU A 3477 -26.90 65.21 19.14
CA GLU A 3477 -26.21 66.21 19.92
C GLU A 3477 -25.07 65.60 20.72
N GLU A 3478 -25.37 64.51 21.43
CA GLU A 3478 -24.36 63.82 22.23
C GLU A 3478 -23.95 62.51 21.58
N THR A 3479 -24.55 62.22 20.42
CA THR A 3479 -24.24 60.99 19.69
C THR A 3479 -23.53 61.30 18.37
N LEU A 3480 -22.46 62.08 18.45
CA LEU A 3480 -21.69 62.45 17.26
C LEU A 3480 -20.23 62.68 17.59
N SER A 3481 -19.98 63.41 18.67
CA SER A 3481 -18.62 63.70 19.11
C SER A 3481 -17.97 62.48 19.75
N LEU A 3482 -18.77 61.64 20.39
CA LEU A 3482 -18.27 60.44 21.03
C LEU A 3482 -18.35 59.23 20.11
N MET A 3483 -18.87 59.45 18.90
CA MET A 3483 -19.00 58.38 17.92
C MET A 3483 -17.98 58.53 16.80
N THR A 3484 -17.76 59.77 16.36
CA THR A 3484 -16.81 60.04 15.30
C THR A 3484 -15.38 59.99 15.81
N LYS A 3485 -15.21 60.21 17.11
CA LYS A 3485 -13.88 60.19 17.72
C LYS A 3485 -13.54 58.78 18.21
N GLU A 3486 -14.49 57.86 18.10
CA GLU A 3486 -14.28 56.49 18.54
C GLU A 3486 -14.51 55.50 17.39
N ILE A 3487 -14.82 56.04 16.21
CA ILE A 3487 -15.06 55.21 15.04
C ILE A 3487 -13.74 54.67 14.49
N SER A 3488 -12.69 55.48 14.51
CA SER A 3488 -11.41 55.02 13.99
C SER A 3488 -10.79 53.94 14.88
N SER A 3489 -11.28 53.81 16.10
CA SER A 3489 -10.69 52.84 17.03
C SER A 3489 -10.83 51.42 16.52
N VAL A 3490 -12.03 51.05 16.07
CA VAL A 3490 -12.35 49.66 15.77
C VAL A 3490 -11.60 49.21 14.52
N PRO A 3491 -11.21 47.94 14.43
CA PRO A 3491 -10.68 47.42 13.17
C PRO A 3491 -11.70 47.55 12.07
N CYS A 3492 -11.24 47.98 10.89
CA CYS A 3492 -12.17 48.40 9.86
C CYS A 3492 -12.75 47.23 9.08
N TRP A 3493 -12.09 46.07 9.05
CA TRP A 3493 -12.54 44.99 8.19
C TRP A 3493 -13.89 44.44 8.62
N GLN A 3494 -14.45 45.02 9.67
CA GLN A 3494 -15.84 44.76 10.01
C GLN A 3494 -16.71 45.59 9.07
N PHE A 3495 -17.99 45.72 9.39
CA PHE A 3495 -18.94 46.60 8.74
C PHE A 3495 -19.38 46.04 7.40
N ILE A 3496 -18.79 44.92 6.97
CA ILE A 3496 -19.02 44.43 5.61
C ILE A 3496 -20.50 44.23 5.36
N SER A 3497 -21.15 43.51 6.27
CA SER A 3497 -22.58 43.25 6.13
C SER A 3497 -23.37 44.54 5.98
N TRP A 3498 -22.89 45.62 6.59
CA TRP A 3498 -23.62 46.87 6.59
C TRP A 3498 -23.08 47.89 5.60
N ILE A 3499 -22.16 47.51 4.72
CA ILE A 3499 -21.55 48.52 3.84
C ILE A 3499 -22.62 49.28 3.08
N SER A 3500 -23.59 48.55 2.53
CA SER A 3500 -24.63 49.18 1.72
C SER A 3500 -25.30 50.32 2.47
N HIS A 3501 -25.42 50.19 3.78
CA HIS A 3501 -26.06 51.24 4.56
C HIS A 3501 -25.21 52.51 4.58
N MET A 3502 -23.91 52.37 4.89
CA MET A 3502 -23.11 53.57 5.09
C MET A 3502 -23.07 54.42 3.83
N VAL A 3503 -22.88 53.78 2.67
CA VAL A 3503 -22.86 54.54 1.43
C VAL A 3503 -24.15 55.34 1.31
N ALA A 3504 -25.27 54.72 1.66
CA ALA A 3504 -26.56 55.41 1.61
C ALA A 3504 -26.53 56.68 2.45
N LEU A 3505 -26.01 56.60 3.66
CA LEU A 3505 -26.03 57.77 4.52
C LEU A 3505 -24.95 58.78 4.16
N LEU A 3506 -24.22 58.56 3.08
CA LEU A 3506 -23.19 59.53 2.72
C LEU A 3506 -23.74 60.80 2.17
N ASP A 3507 -25.05 61.00 2.28
CA ASP A 3507 -25.68 62.24 1.85
C ASP A 3507 -26.22 63.03 3.04
N LYS A 3508 -27.06 62.42 3.85
CA LYS A 3508 -27.64 63.11 4.99
C LYS A 3508 -26.58 63.41 6.03
N ASP A 3509 -26.76 64.53 6.74
CA ASP A 3509 -25.83 64.93 7.78
C ASP A 3509 -25.61 63.78 8.75
N GLN A 3510 -24.43 63.78 9.36
CA GLN A 3510 -23.73 62.67 10.03
C GLN A 3510 -23.13 61.78 8.96
N ALA A 3511 -23.26 62.13 7.68
CA ALA A 3511 -22.51 61.43 6.64
C ALA A 3511 -21.04 61.38 6.99
N VAL A 3512 -20.51 62.46 7.57
CA VAL A 3512 -19.15 62.43 8.12
C VAL A 3512 -19.30 61.94 9.55
N ALA A 3513 -19.46 60.63 9.68
CA ALA A 3513 -19.27 59.94 10.94
C ALA A 3513 -18.49 58.66 10.77
N VAL A 3514 -18.49 58.07 9.56
CA VAL A 3514 -17.69 56.91 9.23
C VAL A 3514 -16.74 57.19 8.08
N GLN A 3515 -16.73 58.43 7.58
CA GLN A 3515 -16.01 58.76 6.35
C GLN A 3515 -14.57 58.28 6.38
N HIS A 3516 -13.90 58.47 7.53
CA HIS A 3516 -12.55 57.95 7.68
C HIS A 3516 -12.50 56.45 7.48
N SER A 3517 -13.44 55.73 8.11
CA SER A 3517 -13.47 54.29 7.98
C SER A 3517 -13.73 53.88 6.54
N VAL A 3518 -14.61 54.61 5.85
CA VAL A 3518 -14.91 54.31 4.46
C VAL A 3518 -13.66 54.46 3.61
N GLU A 3519 -12.94 55.58 3.79
CA GLU A 3519 -11.70 55.77 3.06
C GLU A 3519 -10.72 54.64 3.37
N GLU A 3520 -10.62 54.27 4.65
CA GLU A 3520 -9.69 53.22 5.03
C GLU A 3520 -10.03 51.92 4.34
N ILE A 3521 -11.30 51.53 4.38
CA ILE A 3521 -11.67 50.24 3.82
C ILE A 3521 -11.49 50.23 2.32
N THR A 3522 -11.78 51.37 1.66
CA THR A 3522 -11.54 51.46 0.23
C THR A 3522 -10.07 51.24 -0.08
N ASP A 3523 -9.20 51.98 0.61
CA ASP A 3523 -7.77 51.82 0.39
C ASP A 3523 -7.29 50.43 0.80
N ASN A 3524 -8.02 49.76 1.67
CA ASN A 3524 -7.59 48.50 2.24
C ASN A 3524 -8.15 47.32 1.45
N TYR A 3525 -9.47 47.21 1.39
CA TYR A 3525 -10.13 46.06 0.81
C TYR A 3525 -11.09 46.55 -0.25
N PRO A 3526 -10.60 46.77 -1.45
CA PRO A 3526 -11.49 47.09 -2.57
C PRO A 3526 -12.35 45.89 -2.92
N GLN A 3527 -13.20 46.04 -3.94
CA GLN A 3527 -14.12 45.01 -4.40
C GLN A 3527 -15.24 44.81 -3.38
N ALA A 3528 -15.10 45.42 -2.21
CA ALA A 3528 -16.12 45.31 -1.19
C ALA A 3528 -17.16 46.40 -1.31
N ILE A 3529 -16.74 47.58 -1.75
CA ILE A 3529 -17.63 48.73 -1.82
C ILE A 3529 -18.00 49.05 -3.25
N VAL A 3530 -17.21 48.61 -4.23
CA VAL A 3530 -17.40 49.05 -5.60
C VAL A 3530 -18.83 48.80 -6.05
N TYR A 3531 -19.35 47.60 -5.78
CA TYR A 3531 -20.73 47.32 -6.18
C TYR A 3531 -21.72 48.18 -5.41
N PRO A 3532 -21.75 48.17 -4.08
CA PRO A 3532 -22.67 49.07 -3.39
C PRO A 3532 -22.38 50.53 -3.66
N PHE A 3533 -21.11 50.91 -3.81
CA PHE A 3533 -20.81 52.29 -4.12
C PHE A 3533 -21.47 52.69 -5.43
N ILE A 3534 -21.39 51.84 -6.44
CA ILE A 3534 -22.09 52.12 -7.68
C ILE A 3534 -23.59 52.17 -7.44
N ILE A 3535 -24.09 51.19 -6.67
CA ILE A 3535 -25.53 51.06 -6.48
C ILE A 3535 -26.12 52.34 -5.94
N SER A 3536 -25.48 52.91 -4.92
CA SER A 3536 -26.00 54.13 -4.33
C SER A 3536 -25.56 55.36 -5.11
N SER A 3537 -24.25 55.47 -5.36
CA SER A 3537 -23.68 56.65 -6.02
C SER A 3537 -24.37 56.94 -7.34
N GLU A 3538 -24.78 55.89 -8.06
CA GLU A 3538 -25.47 56.09 -9.32
C GLU A 3538 -26.78 56.83 -9.12
N SER A 3539 -27.32 56.88 -7.91
CA SER A 3539 -28.62 57.50 -7.70
C SER A 3539 -28.65 58.12 -6.30
N TYR A 3540 -28.34 59.42 -6.24
CA TYR A 3540 -28.71 60.28 -5.13
C TYR A 3540 -28.17 61.69 -5.43
N SER A 3541 -28.56 62.62 -4.58
CA SER A 3541 -28.11 64.00 -4.61
C SER A 3541 -27.48 64.36 -3.27
N PHE A 3542 -27.18 65.63 -3.09
CA PHE A 3542 -26.60 66.13 -1.85
C PHE A 3542 -27.38 67.34 -1.37
N LYS A 3543 -27.42 67.50 -0.06
CA LYS A 3543 -28.31 68.44 0.60
C LYS A 3543 -27.58 69.71 0.99
N ASP A 3544 -28.23 70.85 0.77
CA ASP A 3544 -27.80 72.17 1.24
C ASP A 3544 -26.58 72.68 0.46
N THR A 3545 -25.96 71.82 -0.33
CA THR A 3545 -24.87 72.13 -1.26
C THR A 3545 -23.80 73.03 -0.63
N SER A 3546 -23.72 73.07 0.70
CA SER A 3546 -22.64 73.76 1.39
C SER A 3546 -21.83 72.81 2.24
N THR A 3547 -22.46 72.12 3.18
CA THR A 3547 -21.83 71.01 3.86
C THR A 3547 -21.97 69.72 3.07
N GLY A 3548 -22.82 69.71 2.06
CA GLY A 3548 -22.87 68.59 1.15
C GLY A 3548 -21.80 68.59 0.10
N HIS A 3549 -20.97 69.63 0.07
CA HIS A 3549 -19.91 69.73 -0.94
C HIS A 3549 -18.61 69.07 -0.51
N LYS A 3550 -18.29 69.10 0.79
CA LYS A 3550 -17.30 68.16 1.28
C LYS A 3550 -17.74 66.74 0.98
N ASN A 3551 -19.04 66.49 1.00
CA ASN A 3551 -19.53 65.18 0.58
C ASN A 3551 -19.34 64.96 -0.91
N LYS A 3552 -19.57 66.00 -1.72
CA LYS A 3552 -19.33 65.89 -3.15
C LYS A 3552 -17.89 65.48 -3.42
N GLU A 3553 -16.95 66.22 -2.84
CA GLU A 3553 -15.55 65.91 -3.07
C GLU A 3553 -15.20 64.54 -2.51
N PHE A 3554 -15.77 64.19 -1.36
CA PHE A 3554 -15.49 62.90 -0.76
C PHE A 3554 -15.90 61.78 -1.70
N VAL A 3555 -17.13 61.83 -2.21
CA VAL A 3555 -17.63 60.75 -3.04
C VAL A 3555 -16.89 60.72 -4.37
N ALA A 3556 -16.59 61.89 -4.95
CA ALA A 3556 -15.87 61.91 -6.21
C ALA A 3556 -14.47 61.34 -6.05
N ARG A 3557 -13.78 61.73 -5.00
CA ARG A 3557 -12.42 61.26 -4.80
C ARG A 3557 -12.39 59.79 -4.42
N ILE A 3558 -13.40 59.32 -3.69
CA ILE A 3558 -13.51 57.88 -3.43
C ILE A 3558 -13.72 57.14 -4.74
N LYS A 3559 -14.62 57.66 -5.59
CA LYS A 3559 -14.80 57.11 -6.92
C LYS A 3559 -13.47 57.02 -7.64
N SER A 3560 -12.64 58.05 -7.48
CA SER A 3560 -11.31 58.01 -8.05
C SER A 3560 -10.50 56.84 -7.47
N LYS A 3561 -10.43 56.75 -6.15
CA LYS A 3561 -9.65 55.68 -5.56
C LYS A 3561 -10.27 54.31 -5.71
N LEU A 3562 -11.40 54.17 -6.39
CA LEU A 3562 -11.96 52.83 -6.54
C LEU A 3562 -11.95 52.31 -7.95
N ASP A 3563 -12.16 53.15 -8.96
CA ASP A 3563 -12.18 52.68 -10.34
C ASP A 3563 -10.86 52.93 -11.06
N GLN A 3564 -9.75 52.94 -10.32
CA GLN A 3564 -8.45 52.99 -10.97
C GLN A 3564 -8.26 51.79 -11.90
N GLY A 3565 -8.81 50.64 -11.55
CA GLY A 3565 -8.82 49.53 -12.49
C GLY A 3565 -9.66 49.82 -13.72
N GLY A 3566 -10.87 50.34 -13.50
CA GLY A 3566 -11.75 50.72 -14.58
C GLY A 3566 -12.33 49.53 -15.34
N VAL A 3567 -11.67 48.38 -15.24
CA VAL A 3567 -12.12 47.20 -15.96
C VAL A 3567 -13.46 46.71 -15.40
N ILE A 3568 -13.83 47.16 -14.21
CA ILE A 3568 -15.13 46.82 -13.66
C ILE A 3568 -16.24 47.30 -14.57
N GLN A 3569 -16.10 48.52 -15.09
CA GLN A 3569 -17.10 49.04 -16.01
C GLN A 3569 -17.21 48.17 -17.25
N ASP A 3570 -16.06 47.77 -17.81
CA ASP A 3570 -16.06 46.87 -18.94
C ASP A 3570 -16.80 45.58 -18.61
N PHE A 3571 -16.50 45.02 -17.44
CA PHE A 3571 -17.14 43.77 -17.04
C PHE A 3571 -18.65 43.93 -16.96
N ILE A 3572 -19.12 45.02 -16.36
CA ILE A 3572 -20.55 45.23 -16.22
C ILE A 3572 -21.20 45.40 -17.59
N ASN A 3573 -20.59 46.23 -18.43
CA ASN A 3573 -21.15 46.45 -19.76
C ASN A 3573 -21.06 45.20 -20.62
N ALA A 3574 -20.24 44.23 -20.22
CA ALA A 3574 -20.31 42.94 -20.87
C ALA A 3574 -21.49 42.13 -20.35
N LEU A 3575 -21.63 42.06 -19.03
CA LEU A 3575 -22.70 41.28 -18.43
C LEU A 3575 -24.06 41.71 -18.97
N ASP A 3576 -24.41 42.98 -18.76
CA ASP A 3576 -25.73 43.45 -19.17
C ASP A 3576 -25.96 43.25 -20.65
N GLN A 3577 -24.89 43.26 -21.44
CA GLN A 3577 -25.03 43.28 -22.89
C GLN A 3577 -25.74 42.04 -23.40
N LEU A 3578 -25.66 40.93 -22.68
CA LEU A 3578 -26.22 39.69 -23.17
C LEU A 3578 -27.68 39.50 -22.79
N SER A 3579 -28.29 40.46 -22.11
CA SER A 3579 -29.68 40.31 -21.68
C SER A 3579 -30.61 40.30 -22.88
N ASN A 3580 -31.90 40.09 -22.60
CA ASN A 3580 -32.92 40.05 -23.64
C ASN A 3580 -33.40 41.46 -23.97
N PRO A 3581 -32.92 42.03 -25.07
CA PRO A 3581 -33.26 43.43 -25.37
C PRO A 3581 -34.75 43.65 -25.53
N GLU A 3582 -35.48 42.66 -26.04
CA GLU A 3582 -36.93 42.77 -26.10
C GLU A 3582 -37.50 42.98 -24.71
N LEU A 3583 -37.05 42.18 -23.76
CA LEU A 3583 -37.49 42.36 -22.38
C LEU A 3583 -37.07 43.72 -21.85
N LEU A 3584 -35.86 44.17 -22.20
CA LEU A 3584 -35.39 45.46 -21.72
C LEU A 3584 -36.32 46.57 -22.19
N PHE A 3585 -36.65 46.57 -23.47
CA PHE A 3585 -37.54 47.61 -23.99
C PHE A 3585 -38.93 47.48 -23.40
N LYS A 3586 -39.40 46.25 -23.21
CA LYS A 3586 -40.71 46.06 -22.58
C LYS A 3586 -40.72 46.73 -21.21
N ASP A 3587 -39.69 46.46 -20.42
CA ASP A 3587 -39.62 47.05 -19.08
C ASP A 3587 -39.53 48.56 -19.15
N TRP A 3588 -38.68 49.09 -20.03
CA TRP A 3588 -38.51 50.53 -20.10
C TRP A 3588 -39.80 51.20 -20.53
N SER A 3589 -40.50 50.59 -21.48
CA SER A 3589 -41.79 51.11 -21.92
C SER A 3589 -42.81 51.08 -20.79
N ASN A 3590 -42.82 49.99 -20.02
CA ASN A 3590 -43.73 49.93 -18.88
C ASN A 3590 -43.41 51.03 -17.89
N ASP A 3591 -42.12 51.29 -17.67
CA ASP A 3591 -41.73 52.37 -16.78
C ASP A 3591 -42.21 53.71 -17.29
N VAL A 3592 -41.90 54.02 -18.55
CA VAL A 3592 -42.25 55.32 -19.09
C VAL A 3592 -43.75 55.47 -19.25
N ARG A 3593 -44.49 54.35 -19.17
CA ARG A 3593 -45.94 54.45 -19.13
C ARG A 3593 -46.39 55.27 -17.93
N ALA A 3594 -45.71 55.10 -16.79
CA ALA A 3594 -46.07 55.85 -15.60
C ALA A 3594 -45.89 57.34 -15.80
N GLU A 3595 -44.97 57.75 -16.67
CA GLU A 3595 -44.80 59.16 -16.98
C GLU A 3595 -46.09 59.72 -17.57
N LEU A 3596 -46.58 60.79 -16.96
CA LEU A 3596 -47.85 61.42 -17.30
C LEU A 3596 -49.04 60.48 -17.17
N ALA A 3597 -48.84 59.28 -16.61
CA ALA A 3597 -49.97 58.45 -16.25
C ALA A 3597 -50.65 58.98 -14.99
N LYS A 3598 -49.87 59.46 -14.03
CA LYS A 3598 -50.42 60.03 -12.81
C LYS A 3598 -49.72 61.32 -12.39
N THR A 3599 -48.96 61.94 -13.27
CA THR A 3599 -48.18 63.13 -12.93
C THR A 3599 -48.41 64.22 -13.97
N PRO A 3600 -48.26 65.48 -13.59
CA PRO A 3600 -48.28 66.55 -14.61
C PRO A 3600 -47.03 66.57 -15.46
N VAL A 3601 -45.88 66.23 -14.88
CA VAL A 3601 -44.64 66.13 -15.67
C VAL A 3601 -43.67 65.13 -15.08
N ASN A 3602 -43.36 64.09 -15.86
CA ASN A 3602 -42.18 63.26 -15.60
C ASN A 3602 -41.44 62.88 -16.87
N LYS A 3603 -41.90 63.32 -18.04
CA LYS A 3603 -41.17 63.15 -19.29
C LYS A 3603 -40.34 64.38 -19.63
N LYS A 3604 -40.92 65.58 -19.54
CA LYS A 3604 -40.22 66.79 -19.92
C LYS A 3604 -39.18 67.18 -18.89
N ASN A 3605 -39.51 67.05 -17.61
CA ASN A 3605 -38.56 67.41 -16.57
C ASN A 3605 -37.31 66.54 -16.66
N ILE A 3606 -37.49 65.24 -16.89
CA ILE A 3606 -36.36 64.33 -17.07
C ILE A 3606 -36.65 63.40 -18.23
N GLU A 3607 -35.73 63.34 -19.18
CA GLU A 3607 -35.79 62.43 -20.31
C GLU A 3607 -34.73 61.36 -20.24
N LYS A 3608 -34.05 61.22 -19.09
CA LYS A 3608 -32.90 60.33 -19.02
C LYS A 3608 -33.27 58.92 -19.46
N MET A 3609 -34.45 58.46 -19.10
CA MET A 3609 -34.88 57.10 -19.45
C MET A 3609 -34.93 56.92 -20.95
N TYR A 3610 -35.29 57.97 -21.69
CA TYR A 3610 -35.36 57.87 -23.13
C TYR A 3610 -34.00 57.45 -23.70
N GLU A 3611 -32.95 58.17 -23.31
CA GLU A 3611 -31.65 57.81 -23.82
C GLU A 3611 -31.06 56.60 -23.12
N ARG A 3612 -31.53 56.23 -21.93
CA ARG A 3612 -31.19 54.91 -21.40
C ARG A 3612 -31.59 53.83 -22.39
N MET A 3613 -32.85 53.86 -22.80
CA MET A 3613 -33.32 52.90 -23.79
C MET A 3613 -32.57 53.08 -25.11
N TYR A 3614 -32.32 54.33 -25.50
CA TYR A 3614 -31.68 54.59 -26.79
C TYR A 3614 -30.28 54.02 -26.84
N ALA A 3615 -29.46 54.31 -25.82
CA ALA A 3615 -28.14 53.71 -25.74
C ALA A 3615 -28.25 52.20 -25.63
N ALA A 3616 -29.27 51.72 -24.94
CA ALA A 3616 -29.49 50.29 -24.85
C ALA A 3616 -29.92 49.69 -26.18
N LEU A 3617 -30.55 50.49 -27.04
CA LEU A 3617 -31.08 49.98 -28.31
C LEU A 3617 -30.88 51.04 -29.39
N GLY A 3618 -29.98 50.77 -30.32
CA GLY A 3618 -29.70 51.68 -31.42
C GLY A 3618 -28.37 52.39 -31.24
N ASP A 3619 -27.94 53.01 -32.34
CA ASP A 3619 -26.74 53.84 -32.34
C ASP A 3619 -25.53 53.03 -31.92
N PRO A 3620 -24.99 52.18 -32.79
CA PRO A 3620 -23.97 51.22 -32.36
C PRO A 3620 -22.68 51.87 -31.91
N LYS A 3621 -22.73 52.57 -30.77
CA LYS A 3621 -21.57 53.19 -30.18
C LYS A 3621 -21.17 52.56 -28.85
N ALA A 3622 -22.07 51.84 -28.20
CA ALA A 3622 -21.78 51.27 -26.89
C ALA A 3622 -20.60 50.31 -27.00
N PRO A 3623 -19.60 50.43 -26.13
CA PRO A 3623 -18.44 49.53 -26.22
C PRO A 3623 -18.79 48.06 -26.07
N GLY A 3624 -19.73 47.73 -25.18
CA GLY A 3624 -20.10 46.34 -24.99
C GLY A 3624 -20.79 45.72 -26.19
N LEU A 3625 -21.25 46.55 -27.13
CA LEU A 3625 -21.94 46.04 -28.30
C LEU A 3625 -21.07 45.05 -29.05
N GLY A 3626 -21.55 43.82 -29.16
CA GLY A 3626 -20.96 42.84 -30.02
C GLY A 3626 -21.91 42.46 -31.14
N ALA A 3627 -22.58 41.32 -30.96
CA ALA A 3627 -23.41 40.77 -32.03
C ALA A 3627 -24.90 40.74 -31.69
N PHE A 3628 -25.28 40.18 -30.54
CA PHE A 3628 -26.68 39.89 -30.31
C PHE A 3628 -27.53 41.16 -30.29
N ARG A 3629 -27.14 42.13 -29.46
CA ARG A 3629 -27.86 43.39 -29.44
C ARG A 3629 -27.75 44.11 -30.78
N ARG A 3630 -26.56 44.13 -31.34
CA ARG A 3630 -26.35 44.83 -32.61
C ARG A 3630 -27.25 44.29 -33.70
N LYS A 3631 -27.63 43.01 -33.60
CA LYS A 3631 -28.54 42.44 -34.59
C LYS A 3631 -29.89 43.14 -34.58
N PHE A 3632 -30.28 43.70 -33.44
CA PHE A 3632 -31.62 44.27 -33.32
C PHE A 3632 -31.62 45.77 -33.13
N ILE A 3633 -30.49 46.38 -32.76
CA ILE A 3633 -30.41 47.84 -32.76
C ILE A 3633 -30.71 48.37 -34.15
N GLN A 3634 -30.36 47.61 -35.17
CA GLN A 3634 -30.62 47.97 -36.55
C GLN A 3634 -31.92 47.40 -37.06
N THR A 3635 -32.73 46.78 -36.20
CA THR A 3635 -34.06 46.36 -36.58
C THR A 3635 -35.17 47.03 -35.81
N PHE A 3636 -34.94 47.45 -34.57
CA PHE A 3636 -35.98 48.09 -33.79
C PHE A 3636 -35.50 49.44 -33.29
N GLY A 3637 -34.19 49.55 -33.07
CA GLY A 3637 -33.62 50.84 -32.79
C GLY A 3637 -33.17 51.58 -34.01
N LYS A 3638 -33.40 51.04 -35.21
CA LYS A 3638 -32.91 51.70 -36.42
C LYS A 3638 -33.47 53.11 -36.53
N GLU A 3639 -34.79 53.24 -36.42
CA GLU A 3639 -35.51 54.50 -36.44
C GLU A 3639 -36.61 54.60 -35.41
N PHE A 3640 -37.19 53.50 -34.97
CA PHE A 3640 -38.46 53.53 -34.25
C PHE A 3640 -38.36 54.40 -33.00
N ASP A 3641 -37.33 54.19 -32.19
CA ASP A 3641 -37.12 55.04 -31.03
C ASP A 3641 -36.88 56.49 -31.46
N LYS A 3642 -35.91 56.69 -32.35
CA LYS A 3642 -35.48 58.05 -32.70
C LYS A 3642 -36.48 58.75 -33.61
N HIS A 3643 -37.05 58.04 -34.57
CA HIS A 3643 -38.08 58.64 -35.43
C HIS A 3643 -39.30 59.05 -34.61
N PHE A 3644 -39.75 58.18 -33.72
CA PHE A 3644 -40.82 58.55 -32.81
C PHE A 3644 -40.24 59.36 -31.66
N GLY A 3645 -39.56 60.45 -32.02
CA GLY A 3645 -38.92 61.40 -31.14
C GLY A 3645 -37.46 61.06 -30.88
N LYS A 3646 -36.63 62.07 -30.95
CA LYS A 3646 -35.25 61.98 -30.48
C LYS A 3646 -35.20 62.60 -29.10
N GLY A 3647 -36.27 62.35 -28.34
CA GLY A 3647 -36.60 63.11 -27.16
C GLY A 3647 -37.80 63.96 -27.55
N GLY A 3648 -37.74 64.50 -28.77
CA GLY A 3648 -38.70 65.45 -29.28
C GLY A 3648 -40.17 65.07 -29.17
N SER A 3649 -40.60 64.05 -29.90
CA SER A 3649 -42.02 63.70 -29.95
C SER A 3649 -42.50 63.26 -28.58
N LYS A 3650 -41.56 63.05 -27.66
CA LYS A 3650 -41.88 62.64 -26.31
C LYS A 3650 -41.20 63.53 -25.26
N LEU A 3651 -40.83 64.76 -25.63
CA LEU A 3651 -40.40 65.70 -24.60
C LEU A 3651 -41.56 65.96 -23.65
N LEU A 3652 -42.61 66.59 -24.17
CA LEU A 3652 -43.87 66.71 -23.46
C LEU A 3652 -45.06 66.44 -24.38
N ARG A 3653 -44.82 66.19 -25.66
CA ARG A 3653 -45.89 65.87 -26.59
C ARG A 3653 -46.46 64.52 -26.17
N MET A 3654 -47.53 64.56 -25.39
CA MET A 3654 -48.00 63.41 -24.64
C MET A 3654 -49.21 62.79 -25.31
N LYS A 3655 -49.25 61.46 -25.32
CA LYS A 3655 -50.33 60.71 -25.94
C LYS A 3655 -51.08 59.87 -24.94
N LEU A 3656 -50.37 59.12 -24.09
CA LEU A 3656 -50.92 58.34 -22.99
C LEU A 3656 -51.76 57.17 -23.50
N SER A 3657 -52.00 57.15 -24.79
CA SER A 3657 -52.61 56.01 -25.45
C SER A 3657 -51.82 55.58 -26.67
N ASP A 3658 -51.32 56.54 -27.45
CA ASP A 3658 -50.44 56.19 -28.56
C ASP A 3658 -49.09 55.72 -28.06
N PHE A 3659 -48.69 56.11 -26.86
CA PHE A 3659 -47.57 55.46 -26.22
C PHE A 3659 -47.85 53.98 -26.04
N ASN A 3660 -49.05 53.65 -25.59
CA ASN A 3660 -49.44 52.24 -25.52
C ASN A 3660 -49.39 51.60 -26.90
N ASP A 3661 -49.84 52.34 -27.92
CA ASP A 3661 -49.84 51.79 -29.27
C ASP A 3661 -48.43 51.47 -29.74
N ILE A 3662 -47.53 52.44 -29.65
CA ILE A 3662 -46.15 52.21 -30.10
C ILE A 3662 -45.53 51.08 -29.30
N THR A 3663 -45.75 51.07 -27.98
CA THR A 3663 -45.16 50.03 -27.16
C THR A 3663 -45.64 48.66 -27.58
N ASN A 3664 -46.96 48.48 -27.71
CA ASN A 3664 -47.47 47.16 -28.01
C ASN A 3664 -47.08 46.72 -29.42
N MET A 3665 -47.13 47.64 -30.39
CA MET A 3665 -46.79 47.25 -31.75
C MET A 3665 -45.32 46.85 -31.85
N LEU A 3666 -44.43 47.66 -31.29
CA LEU A 3666 -43.02 47.30 -31.33
C LEU A 3666 -42.75 46.03 -30.54
N LEU A 3667 -43.45 45.86 -29.41
CA LEU A 3667 -43.25 44.68 -28.59
C LEU A 3667 -43.66 43.43 -29.32
N LEU A 3668 -44.80 43.46 -30.00
CA LEU A 3668 -45.20 42.29 -30.78
C LEU A 3668 -44.26 42.06 -31.95
N LYS A 3669 -43.80 43.13 -32.60
CA LYS A 3669 -42.85 42.98 -33.69
C LYS A 3669 -41.59 42.27 -33.22
N MET A 3670 -41.06 42.70 -32.08
CA MET A 3670 -39.84 42.10 -31.59
C MET A 3670 -40.07 40.74 -30.95
N ASN A 3671 -41.26 40.49 -30.39
CA ASN A 3671 -41.57 39.16 -29.90
C ASN A 3671 -41.60 38.17 -31.04
N LYS A 3672 -42.20 38.56 -32.17
CA LYS A 3672 -42.07 37.77 -33.38
C LYS A 3672 -40.62 37.65 -33.79
N ASP A 3673 -39.87 38.74 -33.68
CA ASP A 3673 -38.47 38.79 -34.12
C ASP A 3673 -37.50 38.62 -32.97
N SER A 3674 -37.93 37.98 -31.87
CA SER A 3674 -37.08 37.87 -30.70
C SER A 3674 -35.83 37.06 -30.98
N LYS A 3675 -35.97 35.98 -31.75
CA LYS A 3675 -34.91 35.00 -31.91
C LYS A 3675 -34.40 34.62 -30.52
N PRO A 3676 -35.20 33.85 -29.76
CA PRO A 3676 -34.87 33.58 -28.36
C PRO A 3676 -33.50 32.94 -28.19
N PRO A 3677 -33.01 32.13 -29.16
CA PRO A 3677 -31.62 31.68 -29.06
C PRO A 3677 -30.66 32.81 -28.78
N GLY A 3678 -30.13 32.84 -27.57
CA GLY A 3678 -29.10 33.80 -27.24
C GLY A 3678 -27.82 33.46 -27.97
N ASN A 3679 -27.23 34.45 -28.63
CA ASN A 3679 -25.98 34.22 -29.32
C ASN A 3679 -24.92 33.74 -28.35
N LEU A 3680 -24.15 32.75 -28.77
CA LEU A 3680 -23.11 32.20 -27.92
C LEU A 3680 -22.07 33.27 -27.62
N LYS A 3681 -21.41 33.12 -26.46
CA LYS A 3681 -20.47 34.14 -26.02
C LYS A 3681 -19.37 34.36 -27.04
N GLU A 3682 -19.10 33.35 -27.86
CA GLU A 3682 -18.09 33.51 -28.90
C GLU A 3682 -18.41 34.68 -29.82
N CYS A 3683 -19.69 34.98 -30.02
CA CYS A 3683 -20.08 35.99 -30.97
C CYS A 3683 -20.75 37.21 -30.34
N SER A 3684 -21.68 36.99 -29.42
CA SER A 3684 -22.48 38.11 -28.95
C SER A 3684 -21.61 39.14 -28.21
N PRO A 3685 -20.99 38.81 -27.06
CA PRO A 3685 -20.31 39.86 -26.30
C PRO A 3685 -18.80 39.91 -26.50
N TRP A 3686 -18.17 40.96 -25.96
CA TRP A 3686 -16.75 40.87 -25.63
C TRP A 3686 -16.50 39.73 -24.67
N MET A 3687 -17.49 39.40 -23.84
CA MET A 3687 -17.30 38.62 -22.63
C MET A 3687 -16.29 37.50 -22.84
N SER A 3688 -16.51 36.71 -23.89
CA SER A 3688 -15.60 35.61 -24.21
C SER A 3688 -14.21 36.13 -24.55
N ASP A 3689 -14.14 37.29 -25.19
CA ASP A 3689 -12.87 37.80 -25.68
C ASP A 3689 -11.89 38.06 -24.54
N PHE A 3690 -12.38 38.05 -23.31
CA PHE A 3690 -11.53 38.19 -22.14
C PHE A 3690 -10.36 37.22 -22.17
N LYS A 3691 -9.17 37.74 -21.92
CA LYS A 3691 -8.00 36.93 -21.64
C LYS A 3691 -7.32 37.49 -20.40
N VAL A 3692 -6.59 36.63 -19.70
CA VAL A 3692 -5.86 37.08 -18.52
C VAL A 3692 -4.73 37.99 -18.95
N GLU A 3693 -4.64 39.17 -18.35
CA GLU A 3693 -3.58 40.13 -18.62
C GLU A 3693 -2.78 40.38 -17.36
N PHE A 3694 -1.46 40.34 -17.48
CA PHE A 3694 -0.59 40.65 -16.37
C PHE A 3694 -0.68 42.12 -16.00
N LEU A 3695 -0.14 42.45 -14.83
CA LEU A 3695 0.03 43.82 -14.35
C LEU A 3695 -1.28 44.57 -14.21
N ARG A 3696 -2.41 43.91 -14.41
CA ARG A 3696 -3.71 44.54 -14.44
C ARG A 3696 -4.53 44.10 -13.23
N ASN A 3697 -5.23 45.06 -12.62
CA ASN A 3697 -6.03 44.79 -11.45
C ASN A 3697 -7.13 43.78 -11.78
N GLU A 3698 -7.00 42.57 -11.24
CA GLU A 3698 -7.94 41.51 -11.54
C GLU A 3698 -9.19 41.64 -10.68
N LEU A 3699 -10.24 40.94 -11.10
CA LEU A 3699 -11.54 41.01 -10.45
C LEU A 3699 -11.82 39.68 -9.77
N GLU A 3700 -12.07 39.75 -8.46
CA GLU A 3700 -12.53 38.59 -7.73
C GLU A 3700 -13.88 38.13 -8.25
N ILE A 3701 -14.26 36.91 -7.87
CA ILE A 3701 -15.66 36.54 -8.01
C ILE A 3701 -16.42 37.48 -7.08
N PRO A 3702 -17.40 38.21 -7.59
CA PRO A 3702 -18.07 39.21 -6.75
C PRO A 3702 -18.78 38.56 -5.58
N GLY A 3703 -18.89 39.30 -4.49
CA GLY A 3703 -19.50 38.78 -3.29
C GLY A 3703 -18.70 37.68 -2.62
N GLN A 3704 -17.37 37.81 -2.61
CA GLN A 3704 -16.52 36.86 -1.91
C GLN A 3704 -16.20 37.29 -0.50
N TYR A 3705 -16.66 38.46 -0.08
CA TYR A 3705 -16.35 38.97 1.24
C TYR A 3705 -17.52 38.67 2.16
N ASP A 3706 -17.34 37.68 3.02
CA ASP A 3706 -18.22 37.46 4.16
C ASP A 3706 -17.48 37.98 5.39
N GLY A 3707 -17.78 39.21 5.78
CA GLY A 3707 -17.08 39.83 6.89
C GLY A 3707 -17.51 39.29 8.24
N ARG A 3708 -18.03 38.07 8.26
CA ARG A 3708 -18.58 37.50 9.48
C ARG A 3708 -17.48 37.21 10.48
N GLY A 3709 -17.05 38.22 11.21
CA GLY A 3709 -16.09 38.06 12.27
C GLY A 3709 -14.74 37.53 11.83
N LYS A 3710 -14.17 38.12 10.78
CA LYS A 3710 -12.86 37.67 10.34
C LYS A 3710 -12.21 38.72 9.47
N PRO A 3711 -10.90 38.91 9.56
CA PRO A 3711 -10.21 39.78 8.60
C PRO A 3711 -10.21 39.15 7.23
N LEU A 3712 -9.54 39.78 6.27
CA LEU A 3712 -9.72 39.40 4.87
C LEU A 3712 -8.45 38.78 4.29
N PRO A 3713 -8.35 37.46 4.23
CA PRO A 3713 -7.26 36.84 3.46
C PRO A 3713 -7.51 37.04 1.97
N GLU A 3714 -6.47 36.78 1.19
CA GLU A 3714 -6.47 37.13 -0.22
C GLU A 3714 -6.46 35.90 -1.12
N TYR A 3715 -7.32 34.93 -0.79
CA TYR A 3715 -7.48 33.73 -1.59
C TYR A 3715 -8.83 33.71 -2.31
N HIS A 3716 -9.49 34.86 -2.38
CA HIS A 3716 -10.77 34.94 -3.06
C HIS A 3716 -10.64 34.54 -4.51
N VAL A 3717 -11.54 33.68 -4.97
CA VAL A 3717 -11.46 33.20 -6.33
C VAL A 3717 -11.79 34.35 -7.28
N ARG A 3718 -10.98 34.51 -8.32
CA ARG A 3718 -11.09 35.61 -9.24
C ARG A 3718 -11.42 35.10 -10.64
N ILE A 3719 -11.80 36.03 -11.50
CA ILE A 3719 -12.12 35.69 -12.88
C ILE A 3719 -10.91 35.08 -13.56
N ALA A 3720 -11.08 33.88 -14.12
CA ALA A 3720 -9.99 33.21 -14.81
C ALA A 3720 -10.48 32.46 -16.04
N GLY A 3721 -11.53 32.95 -16.70
CA GLY A 3721 -12.00 32.35 -17.94
C GLY A 3721 -13.50 32.11 -17.91
N PHE A 3722 -14.02 31.78 -19.10
CA PHE A 3722 -15.45 31.59 -19.26
C PHE A 3722 -15.71 30.45 -20.23
N ASP A 3723 -16.99 30.11 -20.38
CA ASP A 3723 -17.39 29.01 -21.25
C ASP A 3723 -18.35 29.52 -22.31
N GLU A 3724 -18.50 28.73 -23.36
CA GLU A 3724 -19.44 29.02 -24.45
C GLU A 3724 -20.73 28.24 -24.28
N ARG A 3725 -21.46 28.50 -23.20
CA ARG A 3725 -22.71 27.81 -22.93
C ARG A 3725 -23.77 28.85 -22.57
N VAL A 3726 -24.42 29.43 -23.57
CA VAL A 3726 -25.54 30.31 -23.34
C VAL A 3726 -26.76 29.41 -23.13
N THR A 3727 -27.07 29.13 -21.87
CA THR A 3727 -28.25 28.35 -21.53
C THR A 3727 -29.26 29.23 -20.80
N VAL A 3728 -30.51 29.13 -21.21
CA VAL A 3728 -31.57 30.03 -20.75
C VAL A 3728 -32.60 29.20 -19.99
N MET A 3729 -32.77 29.51 -18.72
CA MET A 3729 -33.81 28.85 -17.93
C MET A 3729 -35.18 29.28 -18.41
N ALA A 3730 -36.09 28.31 -18.50
CA ALA A 3730 -37.45 28.54 -18.97
C ALA A 3730 -38.20 29.33 -17.91
N SER A 3731 -38.24 30.65 -18.07
CA SER A 3731 -38.91 31.51 -17.12
C SER A 3731 -39.40 32.76 -17.82
N LEU A 3732 -40.35 33.45 -17.17
CA LEU A 3732 -40.95 34.62 -17.79
C LEU A 3732 -39.91 35.70 -18.06
N ARG A 3733 -39.02 35.95 -17.11
CA ARG A 3733 -38.04 37.00 -17.32
C ARG A 3733 -36.83 36.52 -18.11
N ARG A 3734 -36.87 35.29 -18.61
CA ARG A 3734 -35.88 34.78 -19.54
C ARG A 3734 -34.45 34.90 -19.02
N PRO A 3735 -34.12 34.24 -17.92
CA PRO A 3735 -32.76 34.34 -17.39
C PRO A 3735 -31.82 33.39 -18.12
N LYS A 3736 -30.63 33.89 -18.43
CA LYS A 3736 -29.58 33.09 -19.02
C LYS A 3736 -28.59 32.68 -17.95
N ARG A 3737 -28.11 31.45 -18.04
CA ARG A 3737 -27.17 30.90 -17.08
C ARG A 3737 -25.80 30.75 -17.73
N ILE A 3738 -24.76 31.16 -17.01
CA ILE A 3738 -23.40 31.15 -17.51
C ILE A 3738 -22.51 30.40 -16.53
N ILE A 3739 -21.24 30.30 -16.89
CA ILE A 3739 -20.27 29.52 -16.11
C ILE A 3739 -19.01 30.34 -15.96
N ILE A 3740 -18.45 30.34 -14.75
CA ILE A 3740 -17.28 31.12 -14.43
C ILE A 3740 -16.13 30.17 -14.12
N ARG A 3741 -15.00 30.39 -14.77
CA ARG A 3741 -13.79 29.59 -14.53
C ARG A 3741 -12.89 30.35 -13.58
N GLY A 3742 -12.71 29.81 -12.38
CA GLY A 3742 -11.89 30.46 -11.39
C GLY A 3742 -10.45 29.99 -11.40
N HIS A 3743 -9.58 30.80 -10.81
CA HIS A 3743 -8.16 30.49 -10.83
C HIS A 3743 -7.80 29.35 -9.91
N ASP A 3744 -8.77 28.72 -9.26
CA ASP A 3744 -8.54 27.46 -8.56
C ASP A 3744 -8.79 26.27 -9.46
N GLU A 3745 -8.98 26.51 -10.75
CA GLU A 3745 -9.40 25.49 -11.71
C GLU A 3745 -10.68 24.79 -11.27
N ARG A 3746 -11.58 25.55 -10.66
CA ARG A 3746 -12.94 25.11 -10.43
C ARG A 3746 -13.90 26.09 -11.10
N GLU A 3747 -15.08 25.60 -11.43
CA GLU A 3747 -16.04 26.38 -12.18
C GLU A 3747 -17.27 26.66 -11.34
N HIS A 3748 -17.90 27.79 -11.61
CA HIS A 3748 -19.02 28.25 -10.81
C HIS A 3748 -20.14 28.73 -11.70
N PRO A 3749 -21.23 28.00 -11.79
CA PRO A 3749 -22.36 28.45 -12.59
C PRO A 3749 -22.98 29.69 -11.97
N PHE A 3750 -23.59 30.51 -12.83
CA PHE A 3750 -24.20 31.73 -12.36
C PHE A 3750 -25.40 32.06 -13.23
N LEU A 3751 -26.35 32.76 -12.63
CA LEU A 3751 -27.60 33.13 -13.29
C LEU A 3751 -27.67 34.64 -13.35
N VAL A 3752 -27.91 35.16 -14.54
CA VAL A 3752 -27.92 36.60 -14.78
C VAL A 3752 -29.36 37.07 -14.78
N LYS A 3753 -29.68 37.98 -13.85
CA LYS A 3753 -31.01 38.57 -13.77
C LYS A 3753 -30.93 39.99 -14.31
N GLY A 3754 -31.48 40.19 -15.50
CA GLY A 3754 -31.52 41.53 -16.07
C GLY A 3754 -32.67 42.34 -15.50
N GLY A 3755 -32.39 43.61 -15.25
CA GLY A 3755 -33.43 44.56 -14.93
C GLY A 3755 -34.21 44.30 -13.65
N GLU A 3756 -33.54 43.98 -12.55
CA GLU A 3756 -34.21 43.85 -11.27
C GLU A 3756 -33.31 44.37 -10.16
N ASP A 3757 -33.93 44.57 -8.99
CA ASP A 3757 -33.31 45.17 -7.83
C ASP A 3757 -33.13 44.12 -6.73
N LEU A 3758 -32.02 43.39 -6.81
CA LEU A 3758 -31.77 42.31 -5.86
C LEU A 3758 -31.50 42.82 -4.46
N ARG A 3759 -31.36 44.13 -4.28
CA ARG A 3759 -31.04 44.69 -2.97
C ARG A 3759 -31.99 44.16 -1.91
N GLN A 3760 -33.29 44.18 -2.20
CA GLN A 3760 -34.26 43.56 -1.32
C GLN A 3760 -33.87 42.13 -1.00
N ASP A 3761 -33.56 41.35 -2.03
CA ASP A 3761 -33.25 39.95 -1.80
C ASP A 3761 -31.90 39.78 -1.14
N GLN A 3762 -30.98 40.72 -1.38
CA GLN A 3762 -29.71 40.68 -0.66
C GLN A 3762 -29.92 40.83 0.83
N ARG A 3763 -30.73 41.82 1.23
CA ARG A 3763 -31.06 41.96 2.63
C ARG A 3763 -31.81 40.74 3.14
N VAL A 3764 -32.64 40.13 2.28
CA VAL A 3764 -33.34 38.91 2.67
C VAL A 3764 -32.33 37.84 3.04
N GLU A 3765 -31.31 37.66 2.21
CA GLU A 3765 -30.28 36.68 2.50
C GLU A 3765 -29.55 37.02 3.78
N GLN A 3766 -29.33 38.31 4.03
CA GLN A 3766 -28.73 38.71 5.29
C GLN A 3766 -29.57 38.25 6.47
N LEU A 3767 -30.88 38.51 6.40
CA LEU A 3767 -31.77 38.03 7.44
C LEU A 3767 -31.68 36.52 7.58
N PHE A 3768 -31.59 35.81 6.46
CA PHE A 3768 -31.58 34.36 6.53
C PHE A 3768 -30.32 33.83 7.19
N GLN A 3769 -29.16 34.40 6.85
CA GLN A 3769 -27.94 33.97 7.52
C GLN A 3769 -27.99 34.30 9.00
N VAL A 3770 -28.62 35.43 9.34
CA VAL A 3770 -28.84 35.72 10.76
C VAL A 3770 -29.68 34.62 11.39
N MET A 3771 -30.71 34.17 10.67
CA MET A 3771 -31.59 33.14 11.20
C MET A 3771 -30.78 31.88 11.47
N ASN A 3772 -29.94 31.52 10.51
CA ASN A 3772 -29.12 30.34 10.63
C ASN A 3772 -28.20 30.44 11.83
N GLY A 3773 -27.59 31.61 12.01
CA GLY A 3773 -26.79 31.83 13.20
C GLY A 3773 -27.61 31.62 14.46
N ILE A 3774 -28.86 32.09 14.45
CA ILE A 3774 -29.72 31.94 15.62
C ILE A 3774 -29.96 30.47 15.91
N LEU A 3775 -30.21 29.67 14.88
CA LEU A 3775 -30.50 28.27 15.09
C LEU A 3775 -29.34 27.55 15.78
N ALA A 3776 -28.13 28.08 15.65
CA ALA A 3776 -26.98 27.46 16.29
C ALA A 3776 -27.14 27.44 17.80
N GLN A 3777 -27.67 28.52 18.37
CA GLN A 3777 -27.73 28.65 19.82
C GLN A 3777 -28.84 27.82 20.44
N ASP A 3778 -29.45 26.91 19.71
CA ASP A 3778 -30.38 25.96 20.28
C ASP A 3778 -29.73 24.58 20.26
N SER A 3779 -29.62 23.98 21.44
CA SER A 3779 -29.14 22.61 21.53
C SER A 3779 -30.05 21.68 20.74
N ALA A 3780 -31.37 21.84 20.90
CA ALA A 3780 -32.30 20.93 20.26
C ALA A 3780 -32.18 20.99 18.74
N CYS A 3781 -32.21 22.19 18.18
CA CYS A 3781 -32.14 22.32 16.73
C CYS A 3781 -30.81 21.81 16.21
N SER A 3782 -29.72 22.08 16.93
CA SER A 3782 -28.43 21.56 16.53
C SER A 3782 -28.44 20.03 16.52
N GLN A 3783 -29.04 19.43 17.54
CA GLN A 3783 -29.18 17.97 17.58
C GLN A 3783 -29.93 17.49 16.35
N ARG A 3784 -30.93 18.23 15.93
CA ARG A 3784 -31.64 17.92 14.70
C ARG A 3784 -30.97 18.54 13.48
N ALA A 3785 -29.95 19.37 13.70
CA ALA A 3785 -29.12 19.92 12.62
C ALA A 3785 -29.95 20.72 11.62
N LEU A 3786 -31.00 21.38 12.09
CA LEU A 3786 -31.79 22.23 11.21
C LEU A 3786 -30.96 23.41 10.75
N GLN A 3787 -30.98 23.66 9.44
CA GLN A 3787 -30.23 24.78 8.88
C GLN A 3787 -30.82 25.13 7.53
N LEU A 3788 -31.34 26.34 7.41
CA LEU A 3788 -31.77 26.84 6.12
C LEU A 3788 -30.60 26.91 5.16
N ARG A 3789 -30.86 26.60 3.90
CA ARG A 3789 -29.86 26.72 2.86
C ARG A 3789 -30.02 28.05 2.15
N THR A 3790 -28.94 28.81 2.07
CA THR A 3790 -28.95 30.13 1.48
C THR A 3790 -27.93 30.17 0.35
N TYR A 3791 -28.33 30.71 -0.79
CA TYR A 3791 -27.46 30.88 -1.93
C TYR A 3791 -27.04 32.34 -2.03
N SER A 3792 -25.79 32.57 -2.41
CA SER A 3792 -25.27 33.92 -2.48
C SER A 3792 -26.02 34.72 -3.54
N VAL A 3793 -26.18 36.01 -3.27
CA VAL A 3793 -26.82 36.95 -4.19
C VAL A 3793 -25.97 38.20 -4.25
N VAL A 3794 -25.53 38.56 -5.45
CA VAL A 3794 -24.65 39.69 -5.66
C VAL A 3794 -25.29 40.62 -6.69
N PRO A 3795 -25.92 41.70 -6.24
CA PRO A 3795 -26.39 42.71 -7.19
C PRO A 3795 -25.25 43.61 -7.63
N MET A 3796 -25.39 44.17 -8.83
CA MET A 3796 -24.42 45.14 -9.30
C MET A 3796 -25.11 46.42 -9.72
N THR A 3797 -26.34 46.32 -10.18
CA THR A 3797 -27.04 47.46 -10.73
C THR A 3797 -28.49 47.37 -10.33
N SER A 3798 -29.16 48.53 -10.34
CA SER A 3798 -30.61 48.52 -10.19
C SER A 3798 -31.28 47.67 -11.25
N ARG A 3799 -30.59 47.43 -12.37
CA ARG A 3799 -31.11 46.56 -13.41
C ARG A 3799 -30.18 45.38 -13.69
N LEU A 3800 -29.26 45.07 -12.78
CA LEU A 3800 -28.38 43.94 -13.03
C LEU A 3800 -27.79 43.43 -11.72
N GLY A 3801 -27.73 42.11 -11.60
CA GLY A 3801 -27.13 41.48 -10.45
C GLY A 3801 -26.81 40.03 -10.76
N LEU A 3802 -26.39 39.31 -9.72
CA LEU A 3802 -26.02 37.92 -9.89
C LEU A 3802 -26.47 37.09 -8.70
N ILE A 3803 -26.78 35.83 -8.98
CA ILE A 3803 -27.03 34.82 -7.95
C ILE A 3803 -26.28 33.57 -8.34
N GLU A 3804 -25.99 32.74 -7.35
CA GLU A 3804 -25.38 31.45 -7.64
C GLU A 3804 -26.42 30.53 -8.26
N TRP A 3805 -26.03 29.85 -9.32
CA TRP A 3805 -26.89 28.81 -9.86
C TRP A 3805 -26.90 27.62 -8.93
N LEU A 3806 -28.00 26.87 -8.97
CA LEU A 3806 -28.14 25.67 -8.16
C LEU A 3806 -27.97 24.46 -9.06
N GLU A 3807 -27.22 23.48 -8.58
CA GLU A 3807 -26.79 22.34 -9.38
C GLU A 3807 -27.47 21.08 -8.91
N ASN A 3808 -27.76 20.19 -9.86
CA ASN A 3808 -28.53 18.97 -9.60
C ASN A 3808 -29.83 19.31 -8.91
N THR A 3809 -30.52 20.30 -9.46
CA THR A 3809 -31.69 20.89 -8.81
C THR A 3809 -32.77 21.17 -9.84
N VAL A 3810 -34.02 20.92 -9.47
CA VAL A 3810 -35.16 21.18 -10.34
C VAL A 3810 -36.25 21.88 -9.54
N THR A 3811 -37.09 22.62 -10.25
CA THR A 3811 -38.19 23.25 -9.56
C THR A 3811 -39.24 22.21 -9.17
N LEU A 3812 -40.02 22.55 -8.14
CA LEU A 3812 -41.03 21.63 -7.65
C LEU A 3812 -42.04 21.30 -8.73
N LYS A 3813 -42.48 22.30 -9.48
CA LYS A 3813 -43.49 22.06 -10.50
C LYS A 3813 -43.02 21.05 -11.53
N ASP A 3814 -41.79 21.24 -12.02
CA ASP A 3814 -41.25 20.31 -13.00
C ASP A 3814 -41.10 18.92 -12.41
N LEU A 3815 -40.60 18.85 -11.17
CA LEU A 3815 -40.49 17.56 -10.51
C LEU A 3815 -41.82 16.84 -10.52
N LEU A 3816 -42.89 17.56 -10.17
CA LEU A 3816 -44.22 16.94 -10.20
C LEU A 3816 -44.59 16.51 -11.61
N LEU A 3817 -44.50 17.44 -12.55
CA LEU A 3817 -45.04 17.21 -13.89
C LEU A 3817 -44.23 16.18 -14.67
N ASN A 3818 -43.04 15.82 -14.21
CA ASN A 3818 -42.24 14.83 -14.89
C ASN A 3818 -42.53 13.42 -14.42
N THR A 3819 -43.55 13.23 -13.61
CA THR A 3819 -43.73 11.96 -12.93
C THR A 3819 -45.02 11.24 -13.27
N MET A 3820 -46.14 11.95 -13.37
CA MET A 3820 -47.34 11.28 -13.83
C MET A 3820 -47.16 10.85 -15.29
N SER A 3821 -47.95 9.87 -15.69
CA SER A 3821 -47.83 9.34 -17.05
C SER A 3821 -48.09 10.44 -18.06
N GLN A 3822 -47.35 10.37 -19.18
CA GLN A 3822 -47.43 11.41 -20.19
C GLN A 3822 -48.86 11.64 -20.65
N GLU A 3823 -49.61 10.56 -20.83
CA GLU A 3823 -51.03 10.73 -21.16
C GLU A 3823 -51.77 11.40 -20.01
N GLU A 3824 -51.47 11.00 -18.78
CA GLU A 3824 -52.07 11.68 -17.63
C GLU A 3824 -51.54 13.11 -17.52
N LYS A 3825 -50.27 13.30 -17.87
CA LYS A 3825 -49.69 14.64 -17.89
C LYS A 3825 -50.52 15.55 -18.78
N ALA A 3826 -50.77 15.13 -20.02
CA ALA A 3826 -51.57 15.93 -20.92
C ALA A 3826 -53.00 16.06 -20.43
N ALA A 3827 -53.58 14.97 -19.92
CA ALA A 3827 -54.96 15.00 -19.48
C ALA A 3827 -55.17 16.05 -18.40
N TYR A 3828 -54.33 16.01 -17.37
CA TYR A 3828 -54.37 17.07 -16.37
C TYR A 3828 -54.09 18.44 -17.00
N LEU A 3829 -53.08 18.50 -17.85
CA LEU A 3829 -52.73 19.76 -18.49
C LEU A 3829 -53.85 20.24 -19.39
N SER A 3830 -54.43 19.35 -20.19
CA SER A 3830 -55.46 19.71 -21.15
C SER A 3830 -56.67 18.80 -20.93
N ASP A 3831 -57.77 19.40 -20.48
CA ASP A 3831 -59.04 18.71 -20.32
C ASP A 3831 -60.14 19.70 -20.00
N PRO A 3832 -61.39 19.41 -20.40
CA PRO A 3832 -62.51 20.14 -19.80
C PRO A 3832 -62.58 19.97 -18.30
N ARG A 3833 -62.05 18.86 -17.79
CA ARG A 3833 -61.97 18.61 -16.36
C ARG A 3833 -60.58 18.93 -15.80
N ALA A 3834 -59.78 19.67 -16.55
CA ALA A 3834 -58.51 20.12 -16.01
C ALA A 3834 -58.76 20.98 -14.79
N PRO A 3835 -58.11 20.70 -13.66
CA PRO A 3835 -58.34 21.48 -12.44
C PRO A 3835 -58.14 22.97 -12.69
N PRO A 3836 -57.22 23.39 -13.58
CA PRO A 3836 -57.26 24.78 -14.01
C PRO A 3836 -58.59 25.14 -14.64
N CYS A 3837 -58.96 24.37 -15.67
CA CYS A 3837 -60.23 24.62 -16.34
C CYS A 3837 -61.39 24.40 -15.39
N GLU A 3838 -61.29 23.40 -14.52
CA GLU A 3838 -62.34 23.15 -13.54
C GLU A 3838 -62.53 24.36 -12.64
N TYR A 3839 -61.43 24.90 -12.13
CA TYR A 3839 -61.52 26.07 -11.26
C TYR A 3839 -62.11 27.25 -12.01
N LYS A 3840 -61.66 27.46 -13.25
CA LYS A 3840 -62.17 28.58 -14.03
C LYS A 3840 -63.67 28.46 -14.23
N ASP A 3841 -64.12 27.28 -14.68
CA ASP A 3841 -65.53 27.07 -14.97
C ASP A 3841 -66.37 27.16 -13.71
N TRP A 3842 -65.88 26.58 -12.62
CA TRP A 3842 -66.63 26.66 -11.37
C TRP A 3842 -66.74 28.09 -10.90
N LEU A 3843 -65.64 28.84 -10.97
CA LEU A 3843 -65.66 30.23 -10.55
C LEU A 3843 -66.66 31.02 -11.38
N THR A 3844 -66.56 30.93 -12.70
CA THR A 3844 -67.47 31.68 -13.55
C THR A 3844 -68.90 31.18 -13.43
N LYS A 3845 -69.09 29.95 -12.94
CA LYS A 3845 -70.45 29.45 -12.74
C LYS A 3845 -71.18 30.26 -11.69
N MET A 3846 -70.51 30.58 -10.59
CA MET A 3846 -71.06 31.46 -9.57
C MET A 3846 -70.29 32.77 -9.45
N SER A 3847 -69.69 33.22 -10.55
CA SER A 3847 -69.13 34.56 -10.61
C SER A 3847 -69.08 34.97 -12.08
N GLY A 3848 -70.06 35.79 -12.49
CA GLY A 3848 -70.11 36.22 -13.87
C GLY A 3848 -68.87 37.00 -14.28
N LYS A 3849 -68.72 37.16 -15.58
CA LYS A 3849 -67.59 37.85 -16.22
C LYS A 3849 -66.27 37.47 -15.54
N HIS A 3850 -65.96 36.18 -15.63
CA HIS A 3850 -64.76 35.61 -15.07
C HIS A 3850 -63.55 36.50 -15.31
N ASP A 3851 -62.92 36.93 -14.23
CA ASP A 3851 -61.83 37.90 -14.29
C ASP A 3851 -61.14 37.88 -12.93
N VAL A 3852 -60.23 38.83 -12.72
CA VAL A 3852 -59.66 39.01 -11.40
C VAL A 3852 -60.74 39.36 -10.39
N GLY A 3853 -61.73 40.15 -10.80
CA GLY A 3853 -62.83 40.49 -9.93
C GLY A 3853 -63.79 39.37 -9.67
N ALA A 3854 -63.65 38.24 -10.37
CA ALA A 3854 -64.51 37.10 -10.09
C ALA A 3854 -64.30 36.62 -8.66
N TYR A 3855 -63.05 36.54 -8.22
CA TYR A 3855 -62.78 36.20 -6.83
C TYR A 3855 -63.47 37.17 -5.89
N MET A 3856 -63.52 38.45 -6.27
CA MET A 3856 -64.26 39.42 -5.48
C MET A 3856 -65.70 39.00 -5.32
N LEU A 3857 -66.39 38.74 -6.44
CA LEU A 3857 -67.75 38.23 -6.37
C LEU A 3857 -67.79 36.90 -5.66
N MET A 3858 -66.74 36.11 -5.77
CA MET A 3858 -66.74 34.77 -5.19
C MET A 3858 -66.80 34.85 -3.67
N TYR A 3859 -65.80 35.47 -3.05
CA TYR A 3859 -65.90 35.74 -1.61
C TYR A 3859 -67.16 36.51 -1.26
N LYS A 3860 -67.67 37.32 -2.19
CA LYS A 3860 -68.94 37.98 -1.91
C LYS A 3860 -70.06 36.96 -1.71
N GLY A 3861 -70.09 35.92 -2.53
CA GLY A 3861 -71.22 35.03 -2.53
C GLY A 3861 -70.96 33.57 -2.23
N ALA A 3862 -69.72 33.11 -2.39
CA ALA A 3862 -69.44 31.69 -2.23
C ALA A 3862 -69.70 31.24 -0.80
N ASN A 3863 -70.35 30.09 -0.66
CA ASN A 3863 -70.62 29.52 0.64
C ASN A 3863 -69.52 28.56 1.05
N ARG A 3864 -69.38 28.38 2.36
CA ARG A 3864 -68.35 27.50 2.90
C ARG A 3864 -68.49 26.09 2.35
N THR A 3865 -69.63 25.46 2.61
CA THR A 3865 -69.78 24.04 2.31
C THR A 3865 -69.68 23.75 0.83
N GLU A 3866 -70.30 24.59 -0.01
CA GLU A 3866 -70.23 24.38 -1.44
C GLU A 3866 -68.79 24.46 -1.93
N THR A 3867 -68.04 25.43 -1.41
CA THR A 3867 -66.63 25.54 -1.77
C THR A 3867 -65.86 24.33 -1.31
N VAL A 3868 -66.15 23.83 -0.11
CA VAL A 3868 -65.49 22.63 0.38
C VAL A 3868 -65.73 21.47 -0.57
N THR A 3869 -66.98 21.30 -0.99
CA THR A 3869 -67.32 20.20 -1.89
C THR A 3869 -66.62 20.35 -3.23
N SER A 3870 -66.64 21.56 -3.78
CA SER A 3870 -66.00 21.78 -5.08
C SER A 3870 -64.50 21.51 -4.99
N PHE A 3871 -63.88 21.94 -3.90
CA PHE A 3871 -62.46 21.65 -3.71
C PHE A 3871 -62.22 20.16 -3.58
N ARG A 3872 -63.11 19.47 -2.86
CA ARG A 3872 -63.02 18.02 -2.76
C ARG A 3872 -63.01 17.40 -4.14
N LYS A 3873 -63.92 17.83 -5.00
CA LYS A 3873 -64.01 17.25 -6.33
C LYS A 3873 -62.75 17.54 -7.13
N ARG A 3874 -62.35 18.81 -7.20
CA ARG A 3874 -61.23 19.17 -8.05
C ARG A 3874 -59.93 18.58 -7.53
N GLU A 3875 -59.82 18.32 -6.23
CA GLU A 3875 -58.65 17.61 -5.75
C GLU A 3875 -58.74 16.12 -6.05
N SER A 3876 -59.95 15.56 -6.04
CA SER A 3876 -60.11 14.19 -6.51
C SER A 3876 -59.72 14.06 -7.97
N LYS A 3877 -59.76 15.16 -8.72
CA LYS A 3877 -59.45 15.15 -10.14
C LYS A 3877 -57.96 14.96 -10.44
N VAL A 3878 -57.14 14.68 -9.44
CA VAL A 3878 -55.70 14.54 -9.68
C VAL A 3878 -55.17 13.37 -8.86
N PRO A 3879 -54.21 12.61 -9.37
CA PRO A 3879 -53.60 11.56 -8.55
C PRO A 3879 -52.93 12.14 -7.32
N ALA A 3880 -52.95 11.37 -6.24
CA ALA A 3880 -52.45 11.84 -4.95
C ALA A 3880 -51.05 11.33 -4.63
N ASP A 3881 -50.61 10.25 -5.25
CA ASP A 3881 -49.30 9.66 -4.96
C ASP A 3881 -48.19 10.34 -5.74
N LEU A 3882 -48.45 11.51 -6.32
CA LEU A 3882 -47.50 12.13 -7.23
C LEU A 3882 -46.14 12.31 -6.57
N LEU A 3883 -46.11 12.95 -5.40
CA LEU A 3883 -44.84 13.19 -4.74
C LEU A 3883 -44.18 11.89 -4.33
N LYS A 3884 -44.94 10.97 -3.75
CA LYS A 3884 -44.36 9.73 -3.29
C LYS A 3884 -43.86 8.88 -4.45
N ARG A 3885 -44.65 8.80 -5.51
CA ARG A 3885 -44.19 8.08 -6.69
C ARG A 3885 -42.95 8.72 -7.27
N ALA A 3886 -42.92 10.04 -7.27
CA ALA A 3886 -41.73 10.76 -7.73
C ALA A 3886 -40.51 10.33 -6.94
N PHE A 3887 -40.63 10.36 -5.61
CA PHE A 3887 -39.48 10.04 -4.78
C PHE A 3887 -39.03 8.61 -4.98
N VAL A 3888 -39.98 7.67 -4.93
CA VAL A 3888 -39.60 6.26 -5.05
C VAL A 3888 -38.99 6.00 -6.42
N ARG A 3889 -39.50 6.66 -7.46
CA ARG A 3889 -38.96 6.47 -8.80
C ARG A 3889 -37.52 6.94 -8.87
N MET A 3890 -37.25 8.12 -8.34
CA MET A 3890 -35.90 8.65 -8.40
C MET A 3890 -34.97 8.02 -7.37
N SER A 3891 -35.51 7.31 -6.39
CA SER A 3891 -34.68 6.67 -5.38
C SER A 3891 -34.24 5.30 -5.87
N THR A 3892 -33.49 4.60 -5.03
CA THR A 3892 -33.05 3.24 -5.34
C THR A 3892 -33.23 2.25 -4.20
N SER A 3893 -33.37 2.69 -2.96
CA SER A 3893 -33.47 1.79 -1.83
C SER A 3893 -34.47 2.36 -0.83
N PRO A 3894 -35.22 1.50 -0.14
CA PRO A 3894 -36.19 2.02 0.83
C PRO A 3894 -35.54 2.83 1.93
N GLU A 3895 -34.34 2.44 2.35
CA GLU A 3895 -33.64 3.17 3.40
C GLU A 3895 -33.31 4.59 2.95
N ALA A 3896 -32.71 4.72 1.76
CA ALA A 3896 -32.43 6.05 1.23
C ALA A 3896 -33.72 6.81 1.01
N PHE A 3897 -34.75 6.13 0.51
CA PHE A 3897 -36.05 6.75 0.34
C PHE A 3897 -36.51 7.41 1.63
N LEU A 3898 -36.54 6.64 2.71
CA LEU A 3898 -37.07 7.16 3.96
C LEU A 3898 -36.20 8.28 4.51
N ALA A 3899 -34.89 8.10 4.48
CA ALA A 3899 -34.00 9.13 5.01
C ALA A 3899 -34.20 10.44 4.26
N LEU A 3900 -34.18 10.38 2.93
CA LEU A 3900 -34.34 11.59 2.14
C LEU A 3900 -35.71 12.19 2.35
N ARG A 3901 -36.73 11.35 2.50
CA ARG A 3901 -38.08 11.86 2.71
C ARG A 3901 -38.16 12.65 4.00
N SER A 3902 -37.60 12.10 5.07
CA SER A 3902 -37.57 12.81 6.34
C SER A 3902 -36.80 14.12 6.21
N HIS A 3903 -35.66 14.09 5.53
CA HIS A 3903 -34.89 15.30 5.30
C HIS A 3903 -35.72 16.34 4.59
N PHE A 3904 -36.42 15.92 3.53
CA PHE A 3904 -37.27 16.81 2.77
C PHE A 3904 -38.32 17.47 3.64
N ALA A 3905 -39.02 16.65 4.43
CA ALA A 3905 -40.07 17.20 5.27
C ALA A 3905 -39.51 18.21 6.26
N SER A 3906 -38.38 17.86 6.88
CA SER A 3906 -37.75 18.77 7.82
C SER A 3906 -37.46 20.12 7.17
N SER A 3907 -36.77 20.08 6.03
CA SER A 3907 -36.39 21.31 5.37
C SER A 3907 -37.62 22.12 4.98
N HIS A 3908 -38.65 21.45 4.45
CA HIS A 3908 -39.82 22.18 4.00
C HIS A 3908 -40.52 22.87 5.16
N ALA A 3909 -40.68 22.16 6.28
CA ALA A 3909 -41.32 22.78 7.43
C ALA A 3909 -40.54 23.97 7.93
N LEU A 3910 -39.21 23.83 7.99
CA LEU A 3910 -38.38 24.93 8.43
C LEU A 3910 -38.56 26.13 7.52
N ILE A 3911 -38.57 25.90 6.22
CA ILE A 3911 -38.75 27.00 5.28
C ILE A 3911 -40.11 27.66 5.49
N CYS A 3912 -41.14 26.84 5.67
CA CYS A 3912 -42.48 27.39 5.82
C CYS A 3912 -42.54 28.33 7.02
N ILE A 3913 -42.04 27.87 8.16
CA ILE A 3913 -42.11 28.72 9.35
C ILE A 3913 -41.28 29.97 9.16
N SER A 3914 -40.07 29.83 8.61
CA SER A 3914 -39.22 30.98 8.38
C SER A 3914 -39.94 32.03 7.54
N HIS A 3915 -40.53 31.60 6.43
CA HIS A 3915 -41.20 32.54 5.55
C HIS A 3915 -42.40 33.18 6.23
N TRP A 3916 -43.18 32.40 6.97
CA TRP A 3916 -44.32 32.99 7.64
C TRP A 3916 -43.88 34.08 8.59
N ILE A 3917 -42.79 33.83 9.33
CA ILE A 3917 -42.27 34.86 10.21
C ILE A 3917 -41.96 36.12 9.42
N LEU A 3918 -41.39 35.96 8.24
CA LEU A 3918 -41.03 37.09 7.41
C LEU A 3918 -42.15 37.53 6.48
N GLY A 3919 -43.29 36.85 6.50
CA GLY A 3919 -44.43 37.30 5.75
C GLY A 3919 -44.21 37.44 4.25
N ILE A 3920 -44.05 36.31 3.56
CA ILE A 3920 -44.01 36.27 2.10
C ILE A 3920 -44.94 35.14 1.69
N GLY A 3921 -46.18 35.47 1.33
CA GLY A 3921 -47.16 34.44 1.05
C GLY A 3921 -47.38 34.16 -0.43
N ASP A 3922 -46.34 34.28 -1.23
CA ASP A 3922 -46.42 34.07 -2.67
C ASP A 3922 -45.62 32.82 -2.98
N ARG A 3923 -46.29 31.67 -2.91
CA ARG A 3923 -45.63 30.38 -3.11
C ARG A 3923 -46.26 29.69 -4.31
N HIS A 3924 -45.47 29.50 -5.35
CA HIS A 3924 -45.87 28.73 -6.50
C HIS A 3924 -45.29 27.33 -6.37
N LEU A 3925 -45.37 26.55 -7.43
CA LEU A 3925 -44.53 25.39 -7.57
C LEU A 3925 -43.29 25.69 -8.38
N ASN A 3926 -43.11 26.96 -8.79
CA ASN A 3926 -41.92 27.41 -9.50
C ASN A 3926 -41.03 28.25 -8.60
N ASN A 3927 -41.22 28.16 -7.29
CA ASN A 3927 -40.37 28.91 -6.37
C ASN A 3927 -39.90 28.02 -5.22
N PHE A 3928 -39.70 26.74 -5.50
CA PHE A 3928 -39.23 25.79 -4.50
C PHE A 3928 -38.23 24.88 -5.21
N MET A 3929 -36.98 25.28 -5.19
CA MET A 3929 -35.92 24.52 -5.82
C MET A 3929 -35.67 23.28 -4.98
N VAL A 3930 -35.47 22.14 -5.63
CA VAL A 3930 -35.27 20.88 -4.91
C VAL A 3930 -34.04 20.20 -5.48
N ALA A 3931 -33.15 19.78 -4.58
CA ALA A 3931 -31.97 19.02 -4.96
C ALA A 3931 -32.29 17.54 -4.91
N MET A 3932 -32.20 16.87 -6.06
CA MET A 3932 -32.51 15.46 -6.11
C MET A 3932 -31.59 14.65 -5.22
N GLU A 3933 -30.32 15.03 -5.17
CA GLU A 3933 -29.34 14.27 -4.40
C GLU A 3933 -29.69 14.20 -2.92
N THR A 3934 -30.31 15.25 -2.38
CA THR A 3934 -30.54 15.33 -0.95
C THR A 3934 -31.97 15.67 -0.58
N GLY A 3935 -32.71 16.36 -1.43
CA GLY A 3935 -34.05 16.77 -1.06
C GLY A 3935 -34.11 18.01 -0.21
N GLY A 3936 -32.99 18.68 0.02
CA GLY A 3936 -33.03 19.96 0.70
C GLY A 3936 -33.71 21.00 -0.17
N VAL A 3937 -34.94 21.32 0.17
CA VAL A 3937 -35.70 22.30 -0.59
C VAL A 3937 -35.20 23.70 -0.25
N ILE A 3938 -35.30 24.61 -1.20
CA ILE A 3938 -34.85 25.98 -1.04
C ILE A 3938 -35.88 26.92 -1.65
N GLY A 3939 -36.16 28.01 -0.96
CA GLY A 3939 -37.08 29.02 -1.47
C GLY A 3939 -36.31 30.09 -2.24
N ILE A 3940 -36.91 30.52 -3.35
CA ILE A 3940 -36.33 31.54 -4.22
C ILE A 3940 -37.43 32.53 -4.60
N ASP A 3941 -37.04 33.52 -5.40
CA ASP A 3941 -37.97 34.51 -5.96
C ASP A 3941 -38.74 35.24 -4.86
N PHE A 3942 -37.99 36.01 -4.08
CA PHE A 3942 -38.58 36.77 -2.98
C PHE A 3942 -39.05 38.12 -3.50
N GLY A 3943 -40.36 38.29 -3.60
CA GLY A 3943 -40.90 39.52 -4.15
C GLY A 3943 -41.72 40.28 -3.12
N HIS A 3944 -41.80 39.76 -1.91
CA HIS A 3944 -42.60 40.37 -0.87
C HIS A 3944 -41.82 40.31 0.43
N ALA A 3945 -42.40 40.91 1.46
CA ALA A 3945 -41.82 40.90 2.80
C ALA A 3945 -42.86 41.39 3.80
N PHE A 3946 -43.05 40.64 4.89
CA PHE A 3946 -43.80 41.12 6.03
C PHE A 3946 -45.25 41.39 5.64
N GLY A 3947 -45.89 40.36 5.10
CA GLY A 3947 -47.24 40.51 4.63
C GLY A 3947 -47.39 41.44 3.47
N SER A 3948 -46.30 41.70 2.74
CA SER A 3948 -46.35 42.60 1.61
C SER A 3948 -47.45 42.21 0.62
N ALA A 3949 -47.51 40.92 0.27
CA ALA A 3949 -48.49 40.48 -0.70
C ALA A 3949 -49.91 40.77 -0.25
N THR A 3950 -50.20 40.47 1.01
CA THR A 3950 -51.58 40.50 1.48
C THR A 3950 -52.20 41.89 1.34
N GLN A 3951 -51.48 42.93 1.75
CA GLN A 3951 -52.08 44.25 1.81
C GLN A 3951 -52.47 44.77 0.44
N PHE A 3952 -51.75 44.39 -0.60
CA PHE A 3952 -51.89 45.06 -1.88
C PHE A 3952 -52.22 44.14 -3.04
N LEU A 3953 -52.28 42.84 -2.82
CA LEU A 3953 -52.74 41.96 -3.88
C LEU A 3953 -54.22 42.26 -4.16
N PRO A 3954 -54.59 42.54 -5.40
CA PRO A 3954 -56.01 42.84 -5.68
C PRO A 3954 -56.92 41.70 -5.25
N VAL A 3955 -56.48 40.47 -5.45
CA VAL A 3955 -57.09 39.30 -4.81
C VAL A 3955 -56.26 39.00 -3.55
N PRO A 3956 -56.81 39.16 -2.36
CA PRO A 3956 -56.01 38.96 -1.16
C PRO A 3956 -55.54 37.52 -1.06
N GLU A 3957 -54.34 37.36 -0.51
CA GLU A 3957 -53.71 36.06 -0.38
C GLU A 3957 -53.61 35.74 1.11
N LEU A 3958 -54.03 34.55 1.50
CA LEU A 3958 -54.34 34.32 2.90
C LEU A 3958 -53.43 33.31 3.58
N MET A 3959 -53.08 32.21 2.91
CA MET A 3959 -52.36 31.16 3.62
C MET A 3959 -50.99 31.66 4.06
N PRO A 3960 -50.47 31.14 5.16
CA PRO A 3960 -49.12 31.53 5.56
C PRO A 3960 -48.06 30.92 4.66
N PHE A 3961 -48.27 29.70 4.18
CA PHE A 3961 -47.32 29.01 3.33
C PHE A 3961 -48.06 27.90 2.61
N ARG A 3962 -47.33 27.08 1.86
CA ARG A 3962 -47.94 26.05 1.05
C ARG A 3962 -47.83 24.70 1.73
N LEU A 3963 -48.97 24.04 1.90
CA LEU A 3963 -49.03 22.66 2.39
C LEU A 3963 -50.25 22.02 1.72
N THR A 3964 -50.02 21.37 0.59
CA THR A 3964 -51.11 20.93 -0.26
C THR A 3964 -51.55 19.52 0.13
N ARG A 3965 -52.48 18.98 -0.66
CA ARG A 3965 -52.82 17.57 -0.52
C ARG A 3965 -51.60 16.69 -0.75
N GLN A 3966 -50.73 17.09 -1.67
CA GLN A 3966 -49.54 16.29 -1.94
C GLN A 3966 -48.62 16.23 -0.73
N PHE A 3967 -48.41 17.35 -0.05
CA PHE A 3967 -47.48 17.38 1.07
C PHE A 3967 -47.95 16.47 2.18
N ILE A 3968 -49.21 16.60 2.60
CA ILE A 3968 -49.74 15.71 3.60
C ILE A 3968 -49.75 14.28 3.07
N ASN A 3969 -49.95 14.11 1.76
CA ASN A 3969 -49.91 12.78 1.16
C ASN A 3969 -48.53 12.16 1.31
N LEU A 3970 -47.50 12.98 1.44
CA LEU A 3970 -46.18 12.43 1.69
C LEU A 3970 -46.16 11.73 3.05
N MET A 3971 -46.72 12.36 4.05
CA MET A 3971 -46.86 11.80 5.40
C MET A 3971 -48.24 11.18 5.63
N LEU A 3972 -48.69 10.27 4.76
CA LEU A 3972 -49.97 9.62 5.04
C LEU A 3972 -49.96 8.82 6.33
N PRO A 3973 -48.99 7.95 6.60
CA PRO A 3973 -49.05 7.18 7.85
C PRO A 3973 -49.06 8.05 9.09
N MET A 3974 -48.35 9.19 9.06
CA MET A 3974 -48.30 10.12 10.17
C MET A 3974 -48.77 11.46 9.63
N LYS A 3975 -50.05 11.78 9.82
CA LYS A 3975 -50.68 12.81 9.02
C LYS A 3975 -50.03 14.19 9.17
N GLU A 3976 -50.20 14.86 10.31
CA GLU A 3976 -49.60 16.17 10.49
C GLU A 3976 -49.10 16.42 11.91
N THR A 3977 -49.35 15.52 12.85
CA THR A 3977 -49.02 15.75 14.24
C THR A 3977 -47.64 15.25 14.60
N GLY A 3978 -46.84 14.86 13.61
CA GLY A 3978 -45.53 14.30 13.88
C GLY A 3978 -44.38 15.21 13.52
N LEU A 3979 -43.59 14.76 12.55
CA LEU A 3979 -42.28 15.35 12.29
C LEU A 3979 -42.37 16.84 12.05
N MET A 3980 -43.19 17.25 11.08
CA MET A 3980 -43.22 18.67 10.72
C MET A 3980 -43.68 19.50 11.90
N TYR A 3981 -44.70 19.04 12.62
CA TYR A 3981 -45.23 19.79 13.74
C TYR A 3981 -44.15 19.97 14.80
N SER A 3982 -43.47 18.87 15.15
CA SER A 3982 -42.43 18.94 16.17
C SER A 3982 -41.33 19.91 15.75
N ILE A 3983 -40.86 19.79 14.53
CA ILE A 3983 -39.74 20.62 14.09
C ILE A 3983 -40.12 22.08 14.10
N MET A 3984 -41.30 22.40 13.58
CA MET A 3984 -41.68 23.80 13.54
C MET A 3984 -41.89 24.36 14.94
N VAL A 3985 -42.42 23.54 15.85
CA VAL A 3985 -42.55 24.00 17.23
C VAL A 3985 -41.17 24.33 17.80
N HIS A 3986 -40.22 23.44 17.57
CA HIS A 3986 -38.85 23.69 18.05
C HIS A 3986 -38.33 25.00 17.49
N ALA A 3987 -38.48 25.19 16.17
CA ALA A 3987 -37.94 26.38 15.54
C ALA A 3987 -38.58 27.63 16.12
N LEU A 3988 -39.89 27.63 16.26
CA LEU A 3988 -40.56 28.84 16.73
C LEU A 3988 -40.18 29.14 18.17
N ARG A 3989 -40.08 28.10 19.01
CA ARG A 3989 -39.67 28.35 20.39
C ARG A 3989 -38.27 28.95 20.43
N ALA A 3990 -37.35 28.38 19.64
CA ALA A 3990 -35.99 28.93 19.61
C ALA A 3990 -36.00 30.37 19.13
N PHE A 3991 -36.88 30.69 18.18
CA PHE A 3991 -36.98 32.06 17.72
C PHE A 3991 -37.45 32.99 18.83
N ARG A 3992 -38.51 32.59 19.52
CA ARG A 3992 -39.05 33.40 20.59
C ARG A 3992 -38.13 33.46 21.80
N SER A 3993 -37.08 32.64 21.83
CA SER A 3993 -36.11 32.71 22.91
C SER A 3993 -35.56 34.13 23.05
N ASP A 3994 -34.86 34.62 22.03
CA ASP A 3994 -34.26 35.96 22.05
C ASP A 3994 -34.66 36.72 20.81
N PRO A 3995 -35.92 37.13 20.71
CA PRO A 3995 -36.37 37.87 19.51
C PRO A 3995 -35.71 39.24 19.36
N GLY A 3996 -35.22 39.84 20.44
CA GLY A 3996 -34.73 41.20 20.37
C GLY A 3996 -33.63 41.38 19.34
N LEU A 3997 -32.67 40.46 19.31
CA LEU A 3997 -31.66 40.47 18.27
C LEU A 3997 -32.31 40.41 16.90
N LEU A 3998 -33.20 39.44 16.71
CA LEU A 3998 -33.91 39.32 15.44
C LEU A 3998 -34.76 40.55 15.18
N THR A 3999 -35.34 41.13 16.24
CA THR A 3999 -36.16 42.31 16.07
C THR A 3999 -35.36 43.44 15.47
N ASN A 4000 -34.22 43.76 16.08
CA ASN A 4000 -33.31 44.74 15.51
C ASN A 4000 -32.93 44.35 14.09
N THR A 4001 -32.63 43.08 13.89
CA THR A 4001 -32.12 42.64 12.60
C THR A 4001 -33.10 42.98 11.49
N MET A 4002 -34.37 42.63 11.67
CA MET A 4002 -35.33 42.93 10.60
C MET A 4002 -35.63 44.42 10.55
N ASP A 4003 -35.89 45.04 11.71
CA ASP A 4003 -36.42 46.39 11.70
C ASP A 4003 -35.44 47.36 11.07
N VAL A 4004 -34.15 47.07 11.18
CA VAL A 4004 -33.18 47.87 10.44
C VAL A 4004 -33.49 47.83 8.96
N PHE A 4005 -33.66 46.63 8.41
CA PHE A 4005 -34.04 46.53 7.01
C PHE A 4005 -35.32 47.29 6.72
N VAL A 4006 -36.28 47.20 7.64
CA VAL A 4006 -37.64 47.65 7.33
C VAL A 4006 -37.65 49.14 7.01
N LYS A 4007 -36.96 49.93 7.82
CA LYS A 4007 -37.03 51.37 7.74
C LYS A 4007 -36.20 51.96 6.61
N GLU A 4008 -35.79 51.16 5.64
CA GLU A 4008 -34.87 51.62 4.62
C GLU A 4008 -35.62 52.20 3.43
N PRO A 4009 -35.36 53.45 3.04
CA PRO A 4009 -36.07 54.05 1.91
C PRO A 4009 -35.74 53.40 0.59
N SER A 4010 -34.73 52.54 0.54
CA SER A 4010 -34.41 51.79 -0.67
C SER A 4010 -35.52 50.84 -1.07
N PHE A 4011 -36.59 50.75 -0.27
CA PHE A 4011 -37.71 49.84 -0.53
C PHE A 4011 -38.98 50.62 -0.22
N ASP A 4012 -39.49 51.31 -1.23
CA ASP A 4012 -40.61 52.22 -1.08
C ASP A 4012 -41.86 51.63 -1.72
N TRP A 4013 -42.95 52.38 -1.63
CA TRP A 4013 -44.20 51.93 -2.22
C TRP A 4013 -44.10 51.84 -3.73
N LYS A 4014 -43.61 52.90 -4.38
CA LYS A 4014 -43.42 52.83 -5.83
C LYS A 4014 -42.40 51.78 -6.20
N ASN A 4015 -41.42 51.54 -5.34
CA ASN A 4015 -40.46 50.47 -5.59
C ASN A 4015 -41.17 49.13 -5.68
N PHE A 4016 -42.01 48.83 -4.69
CA PHE A 4016 -42.77 47.59 -4.74
C PHE A 4016 -43.69 47.56 -5.94
N GLU A 4017 -44.29 48.70 -6.29
CA GLU A 4017 -45.19 48.77 -7.42
C GLU A 4017 -44.47 48.41 -8.71
N GLN A 4018 -43.32 49.04 -8.95
CA GLN A 4018 -42.58 48.75 -10.17
C GLN A 4018 -42.06 47.33 -10.17
N LYS A 4019 -41.74 46.79 -9.00
CA LYS A 4019 -41.38 45.37 -8.96
C LYS A 4019 -42.55 44.50 -9.40
N MET A 4020 -43.76 44.84 -8.94
CA MET A 4020 -44.96 44.20 -9.46
C MET A 4020 -45.01 44.30 -10.97
N LEU A 4021 -44.74 45.49 -11.50
CA LEU A 4021 -44.64 45.62 -12.96
C LEU A 4021 -43.49 44.79 -13.49
N LYS A 4022 -42.36 44.78 -12.79
CA LYS A 4022 -41.21 43.95 -13.16
C LYS A 4022 -41.49 42.49 -12.80
N LYS A 4023 -42.58 41.97 -13.36
CA LYS A 4023 -43.09 40.65 -13.02
C LYS A 4023 -44.14 40.31 -14.06
N GLY A 4024 -44.51 39.03 -14.11
CA GLY A 4024 -45.54 38.57 -15.00
C GLY A 4024 -46.78 39.43 -14.99
N GLY A 4025 -47.55 39.42 -13.90
CA GLY A 4025 -47.32 38.54 -12.77
C GLY A 4025 -48.64 38.18 -12.12
N SER A 4026 -48.70 38.28 -10.79
CA SER A 4026 -49.98 38.13 -10.11
C SER A 4026 -50.95 39.22 -10.56
N TRP A 4027 -50.45 40.44 -10.70
CA TRP A 4027 -51.25 41.54 -11.23
C TRP A 4027 -50.29 42.59 -11.78
N ILE A 4028 -50.36 42.84 -13.08
CA ILE A 4028 -49.70 43.99 -13.68
C ILE A 4028 -50.68 44.93 -14.34
N GLN A 4029 -51.97 44.57 -14.39
CA GLN A 4029 -52.98 45.41 -15.01
C GLN A 4029 -53.17 46.72 -14.24
N GLU A 4030 -53.07 46.68 -12.92
CA GLU A 4030 -53.34 47.85 -12.09
C GLU A 4030 -52.06 48.67 -11.96
N ILE A 4031 -52.05 49.84 -12.58
CA ILE A 4031 -50.95 50.78 -12.42
C ILE A 4031 -51.57 52.11 -11.99
N ASN A 4032 -52.84 52.32 -12.36
CA ASN A 4032 -53.52 53.57 -12.04
C ASN A 4032 -53.69 53.74 -10.54
N VAL A 4033 -54.08 52.67 -9.84
CA VAL A 4033 -54.37 52.77 -8.42
C VAL A 4033 -53.07 52.59 -7.64
N ALA A 4034 -52.39 53.70 -7.35
CA ALA A 4034 -51.15 53.67 -6.57
C ALA A 4034 -51.16 54.89 -5.64
N GLU A 4035 -51.75 54.70 -4.46
CA GLU A 4035 -51.74 55.72 -3.42
C GLU A 4035 -51.56 55.11 -2.04
N LYS A 4036 -51.14 53.86 -1.96
CA LYS A 4036 -51.32 53.07 -0.74
C LYS A 4036 -50.51 53.64 0.41
N ASN A 4037 -51.13 53.65 1.58
CA ASN A 4037 -50.40 53.95 2.80
C ASN A 4037 -49.29 52.92 3.00
N TRP A 4038 -48.12 53.41 3.42
CA TRP A 4038 -46.95 52.55 3.51
C TRP A 4038 -46.15 53.01 4.72
N TYR A 4039 -46.39 52.38 5.86
CA TYR A 4039 -45.69 52.77 7.08
C TYR A 4039 -44.96 51.57 7.62
N PRO A 4040 -43.64 51.61 7.68
CA PRO A 4040 -42.87 50.46 8.17
C PRO A 4040 -43.24 50.07 9.59
N ARG A 4041 -43.71 51.01 10.39
CA ARG A 4041 -43.87 50.76 11.82
C ARG A 4041 -44.86 49.63 12.07
N GLN A 4042 -45.96 49.58 11.32
CA GLN A 4042 -46.87 48.45 11.45
C GLN A 4042 -46.23 47.17 10.93
N LYS A 4043 -45.44 47.28 9.87
CA LYS A 4043 -44.77 46.08 9.35
C LYS A 4043 -43.87 45.46 10.40
N ILE A 4044 -43.36 46.26 11.33
CA ILE A 4044 -42.57 45.72 12.42
C ILE A 4044 -43.44 45.30 13.58
N CYS A 4045 -44.48 46.08 13.86
CA CYS A 4045 -45.36 45.77 14.99
C CYS A 4045 -46.01 44.41 14.79
N TYR A 4046 -46.39 44.09 13.56
CA TYR A 4046 -47.01 42.80 13.29
C TYR A 4046 -46.04 41.67 13.56
N ALA A 4047 -44.81 41.78 13.07
CA ALA A 4047 -43.83 40.74 13.33
C ALA A 4047 -43.57 40.61 14.82
N LYS A 4048 -43.50 41.74 15.51
CA LYS A 4048 -43.29 41.70 16.96
C LYS A 4048 -44.45 40.99 17.65
N ARG A 4049 -45.67 41.28 17.22
CA ARG A 4049 -46.82 40.61 17.80
C ARG A 4049 -46.77 39.12 17.54
N LYS A 4050 -46.37 38.74 16.33
CA LYS A 4050 -46.25 37.33 16.00
C LYS A 4050 -45.24 36.64 16.89
N LEU A 4051 -44.08 37.26 17.08
CA LEU A 4051 -43.05 36.65 17.92
C LEU A 4051 -43.50 36.57 19.37
N ALA A 4052 -44.11 37.64 19.88
CA ALA A 4052 -44.55 37.67 21.26
C ALA A 4052 -45.62 36.63 21.55
N GLY A 4053 -46.30 36.15 20.52
CA GLY A 4053 -47.37 35.20 20.70
C GLY A 4053 -48.72 35.80 20.42
N ALA A 4054 -49.22 35.59 19.21
CA ALA A 4054 -50.50 36.12 18.80
C ALA A 4054 -51.15 35.14 17.84
N ASN A 4055 -52.47 35.10 17.87
CA ASN A 4055 -53.19 34.25 16.95
C ASN A 4055 -52.87 34.69 15.53
N PRO A 4056 -52.34 33.81 14.68
CA PRO A 4056 -52.09 34.21 13.29
C PRO A 4056 -53.34 34.68 12.59
N ALA A 4057 -54.51 34.18 13.00
CA ALA A 4057 -55.74 34.71 12.45
C ALA A 4057 -55.89 36.19 12.76
N VAL A 4058 -55.58 36.60 13.99
CA VAL A 4058 -55.69 37.99 14.37
C VAL A 4058 -54.74 38.84 13.53
N ILE A 4059 -53.51 38.37 13.38
CA ILE A 4059 -52.52 39.12 12.62
C ILE A 4059 -52.95 39.25 11.17
N THR A 4060 -53.43 38.16 10.58
CA THR A 4060 -53.86 38.20 9.20
C THR A 4060 -55.06 39.13 9.01
N CYS A 4061 -56.00 39.08 9.95
CA CYS A 4061 -57.16 39.96 9.85
C CYS A 4061 -56.75 41.42 9.96
N ASP A 4062 -55.83 41.72 10.88
CA ASP A 4062 -55.31 43.08 10.99
C ASP A 4062 -54.63 43.48 9.70
N GLU A 4063 -53.86 42.57 9.12
CA GLU A 4063 -53.20 42.84 7.85
C GLU A 4063 -54.21 43.22 6.78
N LEU A 4064 -55.26 42.42 6.66
CA LEU A 4064 -56.27 42.69 5.63
C LEU A 4064 -56.97 44.01 5.89
N LEU A 4065 -57.30 44.28 7.16
CA LEU A 4065 -57.94 45.55 7.48
C LEU A 4065 -57.06 46.72 7.08
N LEU A 4066 -55.77 46.64 7.40
CA LEU A 4066 -54.88 47.72 7.02
C LEU A 4066 -54.77 47.85 5.50
N GLY A 4067 -54.72 46.72 4.81
CA GLY A 4067 -54.50 46.74 3.38
C GLY A 4067 -55.75 46.84 2.53
N HIS A 4068 -56.86 46.27 3.01
CA HIS A 4068 -58.05 46.18 2.19
C HIS A 4068 -59.29 46.54 2.99
N GLU A 4069 -59.19 47.55 3.83
CA GLU A 4069 -60.38 48.10 4.46
C GLU A 4069 -61.33 48.68 3.41
N LYS A 4070 -60.80 49.18 2.30
CA LYS A 4070 -61.61 49.51 1.13
C LYS A 4070 -61.79 48.27 0.24
N ALA A 4071 -62.28 47.21 0.87
CA ALA A 4071 -62.77 46.05 0.14
C ALA A 4071 -64.27 45.97 0.34
N PRO A 4072 -65.08 46.07 -0.73
CA PRO A 4072 -66.53 45.95 -0.55
C PRO A 4072 -66.94 44.62 0.06
N ALA A 4073 -66.12 43.58 -0.08
CA ALA A 4073 -66.37 42.29 0.57
C ALA A 4073 -65.47 42.09 1.78
N PHE A 4074 -64.84 43.16 2.28
CA PHE A 4074 -63.94 43.09 3.42
C PHE A 4074 -64.42 42.14 4.49
N ARG A 4075 -65.72 42.23 4.81
CA ARG A 4075 -66.27 41.40 5.87
C ARG A 4075 -66.18 39.92 5.51
N ASP A 4076 -66.34 39.59 4.23
CA ASP A 4076 -66.20 38.20 3.81
C ASP A 4076 -64.79 37.70 4.07
N TYR A 4077 -63.80 38.51 3.72
CA TYR A 4077 -62.41 38.14 3.98
C TYR A 4077 -62.20 37.94 5.47
N VAL A 4078 -62.73 38.85 6.29
CA VAL A 4078 -62.56 38.73 7.73
C VAL A 4078 -63.16 37.43 8.23
N ALA A 4079 -64.39 37.13 7.80
CA ALA A 4079 -65.05 35.92 8.25
C ALA A 4079 -64.27 34.68 7.84
N VAL A 4080 -63.76 34.66 6.62
CA VAL A 4080 -62.96 33.51 6.18
C VAL A 4080 -61.72 33.38 7.02
N ALA A 4081 -61.00 34.50 7.21
CA ALA A 4081 -59.79 34.48 8.00
C ALA A 4081 -60.07 34.09 9.44
N ARG A 4082 -61.14 34.64 10.01
CA ARG A 4082 -61.53 34.22 11.35
C ARG A 4082 -61.98 32.76 11.33
N GLY A 4083 -62.72 32.38 10.30
CA GLY A 4083 -63.14 31.00 10.17
C GLY A 4083 -64.26 30.63 11.12
N SER A 4084 -64.57 29.33 11.13
CA SER A 4084 -65.64 28.79 11.95
C SER A 4084 -65.11 28.42 13.33
N LYS A 4085 -65.84 28.81 14.36
CA LYS A 4085 -65.43 28.50 15.72
C LYS A 4085 -65.48 27.00 15.99
N ASP A 4086 -66.40 26.28 15.34
CA ASP A 4086 -66.53 24.86 15.62
C ASP A 4086 -65.52 24.04 14.83
N HIS A 4087 -65.49 24.20 13.51
CA HIS A 4087 -64.65 23.34 12.68
C HIS A 4087 -63.20 23.80 12.72
N ASN A 4088 -62.94 25.02 12.25
CA ASN A 4088 -61.60 25.57 12.25
C ASN A 4088 -61.16 25.78 13.68
N ILE A 4089 -60.18 25.02 14.15
CA ILE A 4089 -59.70 25.28 15.49
C ILE A 4089 -58.66 26.38 15.37
N ARG A 4090 -59.16 27.60 15.18
CA ARG A 4090 -58.31 28.78 15.21
C ARG A 4090 -58.95 29.98 15.89
N ALA A 4091 -60.26 29.99 16.07
CA ALA A 4091 -60.95 31.03 16.81
C ALA A 4091 -61.22 30.61 18.25
N GLN A 4092 -60.76 29.43 18.64
CA GLN A 4092 -61.02 28.88 19.95
C GLN A 4092 -59.95 29.26 20.97
N GLU A 4093 -59.25 30.36 20.72
CA GLU A 4093 -58.13 30.76 21.57
C GLU A 4093 -58.16 32.27 21.74
N PRO A 4094 -57.54 32.77 22.81
CA PRO A 4094 -57.37 34.22 22.94
C PRO A 4094 -56.47 34.75 21.83
N GLU A 4095 -56.57 36.06 21.61
CA GLU A 4095 -55.96 36.66 20.43
C GLU A 4095 -54.45 36.60 20.50
N SER A 4096 -53.87 36.75 21.68
CA SER A 4096 -52.43 36.83 21.84
C SER A 4096 -52.01 36.09 23.10
N GLY A 4097 -50.72 36.17 23.42
CA GLY A 4097 -50.20 35.50 24.59
C GLY A 4097 -50.26 33.99 24.50
N LEU A 4098 -50.49 33.44 23.32
CA LEU A 4098 -50.69 32.01 23.19
C LEU A 4098 -49.37 31.27 23.33
N SER A 4099 -49.47 30.02 23.78
CA SER A 4099 -48.34 29.12 23.69
C SER A 4099 -48.02 28.90 22.22
N GLU A 4100 -46.74 28.98 21.88
CA GLU A 4100 -46.34 28.86 20.49
C GLU A 4100 -46.83 27.56 19.88
N GLU A 4101 -46.96 26.52 20.69
CA GLU A 4101 -47.50 25.26 20.21
C GLU A 4101 -48.93 25.42 19.77
N THR A 4102 -49.75 26.01 20.64
CA THR A 4102 -51.10 26.42 20.25
C THR A 4102 -51.02 27.30 19.02
N GLN A 4103 -50.07 28.22 18.99
CA GLN A 4103 -49.89 29.06 17.81
C GLN A 4103 -49.53 28.21 16.61
N VAL A 4104 -48.63 27.23 16.79
CA VAL A 4104 -48.27 26.35 15.69
C VAL A 4104 -49.49 25.57 15.22
N LYS A 4105 -50.27 25.04 16.15
CA LYS A 4105 -51.47 24.31 15.77
C LYS A 4105 -52.40 25.19 14.95
N CYS A 4106 -52.57 26.44 15.39
CA CYS A 4106 -53.43 27.36 14.67
C CYS A 4106 -52.92 27.60 13.27
N LEU A 4107 -51.62 27.86 13.14
CA LEU A 4107 -51.06 28.11 11.82
C LEU A 4107 -51.25 26.91 10.91
N MET A 4108 -50.98 25.71 11.44
CA MET A 4108 -51.12 24.51 10.64
C MET A 4108 -52.57 24.32 10.20
N ASP A 4109 -53.50 24.49 11.13
CA ASP A 4109 -54.91 24.30 10.80
C ASP A 4109 -55.36 25.28 9.73
N GLN A 4110 -54.94 26.54 9.86
CA GLN A 4110 -55.28 27.52 8.84
C GLN A 4110 -54.66 27.15 7.50
N ALA A 4111 -53.44 26.62 7.53
CA ALA A 4111 -52.74 26.29 6.29
C ALA A 4111 -53.39 25.15 5.53
N THR A 4112 -54.34 24.44 6.14
CA THR A 4112 -54.95 23.28 5.52
C THR A 4112 -56.42 23.47 5.20
N ASP A 4113 -56.99 24.63 5.50
CA ASP A 4113 -58.42 24.81 5.35
C ASP A 4113 -58.82 24.85 3.87
N PRO A 4114 -59.64 23.92 3.40
CA PRO A 4114 -60.24 24.10 2.07
C PRO A 4114 -61.05 25.37 1.97
N ASN A 4115 -61.68 25.77 3.08
CA ASN A 4115 -62.42 27.02 3.10
C ASN A 4115 -61.51 28.20 2.79
N ILE A 4116 -60.21 28.02 2.94
CA ILE A 4116 -59.22 28.95 2.42
C ILE A 4116 -58.64 28.45 1.12
N LEU A 4117 -58.22 27.19 1.11
CA LEU A 4117 -57.57 26.63 -0.07
C LEU A 4117 -58.50 26.64 -1.27
N GLY A 4118 -59.70 26.12 -1.11
CA GLY A 4118 -60.59 25.93 -2.24
C GLY A 4118 -60.99 27.20 -2.94
N ARG A 4119 -60.90 28.34 -2.27
CA ARG A 4119 -61.38 29.59 -2.82
C ARG A 4119 -60.28 30.63 -2.81
N THR A 4120 -59.10 30.26 -3.31
CA THR A 4120 -58.00 31.19 -3.41
C THR A 4120 -57.69 31.52 -4.85
N TRP A 4121 -56.74 32.43 -5.04
CA TRP A 4121 -56.38 32.91 -6.35
C TRP A 4121 -55.68 31.84 -7.16
N GLU A 4122 -56.13 31.65 -8.40
CA GLU A 4122 -55.67 30.52 -9.19
C GLU A 4122 -54.17 30.56 -9.43
N GLY A 4123 -53.60 31.76 -9.48
CA GLY A 4123 -52.17 31.84 -9.68
C GLY A 4123 -51.35 31.36 -8.51
N TRP A 4124 -52.00 31.01 -7.41
CA TRP A 4124 -51.36 30.28 -6.35
C TRP A 4124 -51.50 28.77 -6.50
N GLU A 4125 -52.33 28.32 -7.42
CA GLU A 4125 -52.47 26.90 -7.77
C GLU A 4125 -52.88 26.09 -6.55
N PRO A 4126 -54.09 26.27 -6.06
CA PRO A 4126 -54.49 25.61 -4.81
C PRO A 4126 -54.53 24.09 -4.90
N TRP A 4127 -55.29 23.56 -5.86
CA TRP A 4127 -55.58 22.14 -5.87
C TRP A 4127 -54.31 21.31 -5.90
N MET A 4128 -53.31 21.78 -6.64
CA MET A 4128 -52.09 21.02 -6.78
C MET A 4128 -51.23 21.25 -5.56
N UNK A 4129 5.97 -49.71 -23.38
CA UNK A 4129 6.47 -50.64 -24.39
C UNK A 4129 7.94 -50.94 -24.16
N UNK A 4130 8.70 -49.92 -23.78
CA UNK A 4130 10.13 -50.07 -23.56
C UNK A 4130 10.59 -49.31 -22.32
N UNK A 4131 9.73 -49.24 -21.31
CA UNK A 4131 10.06 -48.49 -20.10
C UNK A 4131 11.15 -49.13 -19.27
N UNK A 4132 11.74 -50.24 -19.72
CA UNK A 4132 12.73 -50.96 -18.93
C UNK A 4132 14.14 -50.40 -19.07
N UNK A 4133 14.27 -49.14 -19.46
CA UNK A 4133 15.60 -48.54 -19.58
C UNK A 4133 16.31 -48.51 -18.23
N UNK A 4134 15.58 -48.19 -17.17
CA UNK A 4134 16.16 -48.13 -15.83
C UNK A 4134 16.62 -49.51 -15.35
N UNK A 4135 29.52 -3.61 -17.91
CA UNK A 4135 30.12 -3.35 -16.62
C UNK A 4135 29.06 -2.94 -15.60
N UNK A 4136 29.44 -2.96 -14.32
CA UNK A 4136 28.58 -2.50 -13.24
C UNK A 4136 29.38 -1.57 -12.34
N UNK A 4137 28.76 -0.46 -11.94
CA UNK A 4137 29.45 0.52 -11.10
C UNK A 4137 30.03 -0.14 -9.87
N UNK A 4138 29.24 -0.95 -9.18
CA UNK A 4138 29.76 -1.71 -8.06
C UNK A 4138 30.86 -2.67 -8.52
N UNK A 4139 30.60 -3.40 -9.61
CA UNK A 4139 31.61 -4.32 -10.12
C UNK A 4139 32.85 -3.57 -10.54
N UNK A 4140 32.68 -2.40 -11.16
CA UNK A 4140 33.85 -1.59 -11.52
C UNK A 4140 34.63 -1.18 -10.29
N UNK A 4141 33.94 -0.80 -9.21
CA UNK A 4141 34.63 -0.40 -7.99
C UNK A 4141 35.39 -1.56 -7.39
N UNK A 4142 34.76 -2.74 -7.33
CA UNK A 4142 35.45 -3.90 -6.79
C UNK A 4142 36.64 -4.26 -7.65
N UNK A 4143 36.50 -4.15 -8.97
CA UNK A 4143 37.61 -4.44 -9.86
C UNK A 4143 38.77 -3.48 -9.64
N UNK A 4144 38.46 -2.19 -9.48
CA UNK A 4144 39.51 -1.21 -9.22
C UNK A 4144 40.21 -1.53 -7.91
N UNK A 4145 39.44 -1.88 -6.87
CA UNK A 4145 40.03 -2.25 -5.60
C UNK A 4145 40.94 -3.46 -5.76
N UNK A 4146 40.50 -4.46 -6.52
CA UNK A 4146 41.31 -5.64 -6.77
C UNK A 4146 42.60 -5.27 -7.47
N UNK A 4147 42.49 -4.49 -8.55
CA UNK A 4147 43.68 -4.07 -9.26
C UNK A 4147 44.64 -3.35 -8.35
N UNK A 4148 44.11 -2.56 -7.42
CA UNK A 4148 44.96 -1.97 -6.39
C UNK A 4148 45.62 -3.05 -5.55
N UNK A 4149 44.87 -4.08 -5.19
CA UNK A 4149 45.38 -5.11 -4.30
C UNK A 4149 45.92 -6.34 -5.03
N UNK A 4150 45.66 -6.47 -6.32
CA UNK A 4150 46.21 -7.55 -7.14
C UNK A 4150 45.81 -8.93 -6.58
N UNK A 4151 44.51 -9.20 -6.62
CA UNK A 4151 44.00 -10.49 -6.19
C UNK A 4151 42.75 -10.82 -7.00
N UNK A 4152 42.60 -12.10 -7.35
CA UNK A 4152 41.43 -12.52 -8.11
C UNK A 4152 40.15 -12.34 -7.32
N UNK A 4153 40.18 -12.67 -6.04
CA UNK A 4153 39.01 -12.55 -5.16
C UNK A 4153 37.84 -13.37 -5.68
N UNK A 4154 38.04 -14.68 -5.71
CA UNK A 4154 37.00 -15.60 -6.15
C UNK A 4154 35.79 -15.55 -5.23
#